data_6BZO
#
_entry.id   6BZO
#
_cell.length_a   1
_cell.length_b   1
_cell.length_c   1
_cell.angle_alpha   90.00
_cell.angle_beta   90.00
_cell.angle_gamma   90.00
#
_symmetry.space_group_name_H-M   'P 1'
#
loop_
_entity.id
_entity.type
_entity.pdbx_description
1 polymer 'DNA-directed RNA polymerase subunit alpha'
2 polymer 'DNA-directed RNA polymerase subunit beta'
3 polymer "DNA-directed RNA polymerase subunit beta'"
4 polymer 'DNA-directed RNA polymerase subunit omega'
5 polymer 'RNA polymerase sigma factor SigA'
6 polymer 'RNA polymerase-binding protein RbpA'
7 polymer 'DNA (32-MER)'
8 polymer 'DNA (26-MER)'
9 non-polymer Fidaxomicin
10 non-polymer 'ZINC ION'
11 non-polymer 'MAGNESIUM ION'
12 water water
#
loop_
_entity_poly.entity_id
_entity_poly.type
_entity_poly.pdbx_seq_one_letter_code
_entity_poly.pdbx_strand_id
1 'polypeptide(L)'
;MLISQRPTLSEDVLTDNRSQFVIEPLEPGFGYTLGNSLRRTLLSSIPGAAVTSIRIDGVLHEFTTVPGVKEDVTEIILNL
KSLVVSSEEDEPVTMYLRKQGPGEVTAGDIVPPAGVTVHNPGMHIATLNDKGKLEVELVVERGRGYVPAVQNRASGAEIG
RIPVDSIYSPVLKVTYKVDATRVEQRTDFDKLILDVETKNSISPRDALASAGKTLVELFGLARELNVEAEGIEIGPSPAE
ADHIASFALPIDDLDLTVRSYNCLKREGVHTVGELVARTESDLLDIRNFGQKSIDEVKIKLHQLGLSLKDSPPSFDPSEV
AGYDVATGTWSTEGAYDEQDYAETEQL
;
A,B
2 'polypeptide(L)'
;MADSRQSKTAASPSPSRPQSSSNNSVPGAPNRVSFAKLREPLEVPGLLDVQTDSFEWLIGSPRWRESAAERGDVNPVGGL
EEVLYELSPIEDFSGSMSLSFSDPRFDDVKAPVDECKDKDMTYAAPLFVTAEFINNNTGEIKSQTVFMGDFPMMTEKGTF
IINGTERVVVSQLVRSPGVYFDETIDKSTDKTLHSVKVIPSRGAWLEFDVDKRDTVGVRIDRKRRQPVTVLLKALGWTSE
QIVERFGFSEIMRSTLEKDNTVGTDEALLDIYRKLRPGEPPTKESAQTLLENLFFKEKRYDLARVGRYKVNKKLGLHVGE
PITSSTLTEEDVVATIEYLVRLHEGQTTMTVPGGVEVPVETDDIDHFGNRRLRTVGELIQNQIRVGMSRMERVVRERMTT
QDVEAITPQTLINIRPVVAAIKEFFGTSQLSQFMDQNNPLSGLTHKRRLSALGPGGLSRERAGLEVRDVHPSHYGRMCPI
ETPEGPNIGLIGSLSVYARVNPFGFIETPYRKVVDGVVSDEIVYLTADEEDRHVVAQANSPIDADGRFVEPRVLVRRKAG
EVEYVPSSEVDYMDVSPRQMVSVATAMIPFLEHDDANRALMGANMQRQAVPLVRSEAPLVGTGMELRAAIDAGDVVVAEE
SGVIEEVSADYITVMHDNGTRRTYRMRKFARSNHGTCANQCPIVDAGDRVEAGQVIADGPCTDDGEMALGKNLLVAIMPW
EGHNYEDAIILSNRLVEEDVLTSIHIEEHEIDARDTKLGAEEITRDIPNISDEVLADLDERGIVRIGAEVRDGDILVGKV
TPKGETELTPEERLLRAIFGEKAREVRDTSLKVPHGESGKVIGIRVFSREDEDELPAGVNELVRVYVAQKRKISDGDKLA
GRHGNKGVIGKILPVEDMPFLADGTPVDIILNTHGVPRRMNIGQILETHLGWCAHSGWKVDAAKGVPDWAARLPDELLEA
QPNAIVSTPVFDGAQEAELQGLLSCTLPNRDGDVLVDADGKAMLFDGRSGEPFPYPVTVGYMYIMKLHHLVDDKIHARST
GPYSMITQQPLGGKAQFGGQRFGEMECWAMQAYGAAYTLQELLTIKSDDTVGRVKVYEAIVKGENIPEPGIPESFKVLLK
ELQSLCLNVEVLSSDGAAIELREGEDEDLERAAANLGINLSRNESASVEDLALARHGGSGA
;
C
3 'polypeptide(L)'
;MLDVNFFDELRIGLATAEDIRQWSYGEVKKPETINYRTLKPEKDGLFCEKIFGPTRDWECYCGKYKRVRFKGIICERCGV
EVTRAKVRRERMGHIELAAPVTHIWYFKGVPSRLGYLLDLAPKDLEKIIYFAAYVITSVDEEMRHNELSTLEAEMAVERK
AVEDQRDGELEARAQKLEADLAELEAEGAKADARRKVRDGGEREMRQIRDRAQRELDRLEDIWSTFTKLAPKQLIVDENL
YRELVDRYGEYFTGAMGAESIQKLIENFDIDAEAESLRDVIRNGKGQKKLRALKRLKVVAAFQQSGNSPMGMVLDAVPVI
PPELRPMVQLDGGRFATSDLNDLYRRVINRNNRLKRLIDLGAPEIIVNNEKRMLQESVDALFDNGRRGRPVTGPGNRPLK
SLSDLLKGKQGRFRQNLLGKRVDYSGRSVIVVGPQLKLHQCGLPKLMALELFKPFVMKRLVDLNHAQNIKSAKRMVERQR
PQVWDVLEEVIAEHPVLLNRAPTLHRLGIQAFEPMLVEGKAIQLHPLVCEAFNADFDGDQMAVHLPLSAEAQAEARILML
SSNNILSPASGRPLAMPRLDMVTGLYYLTTEVPGDTGEYQPASGDHPETGVYSSPAEAIMAADRGVLSVRAKIKVRLTQL
RPPVEIEAELFGHSGWQPGDAWMAETTLGRVMFNELLPLGYPFVNKQMHKKVQAAIINDLAERYPMIVVAQTVDKLKDAG
FYWATRSGVTVSMADVLVPPRKKEILDHYEERADKVEKQFQRGALNHDERNEALVEIWKEATDEVGQALREHYPDDNPII
TIVDSGATGNFTQTRTLAGMKGLVTNPKGEFIPRPVKSSFREGLTVLEYFINTHGARKGLADTALRTADSGYLTRRLVDV
SQDVIVREHDCQTERGIVVELAERAPDGTLIRDPYIETSAYARTLGTDAVDEAGNVIVERGQDLGDPEIDALLAAGITQV
KVRSVLTCATSTGVCATCYGRSMATGKLVDIGEAVGIVAAQSIGEPGTQLTMRTFHQGGVGEDITGGLPRVQELFEARVP
RGKAPIADVTGRVRLEDGERFYKITIVPDDGGEEVVYDKISKRQRLRVFKHEDGSERVLSDGDHVEVGQQLMEGSADPHE
VLRVQGPREVQIHLVREVQEVYRAQGVSIHDKHIEVIVRQMLRRVTIIDSGSTEFLPGSLIDRAEFEAENRRVVAEGGEP
AAGRPVLMGITKASLATDSWLSAASFQETTRVLTDAAINCRSDKLNGLKENVIIGKLIPAGTGINRYRNIAVQPTEEARA
AAYTIPSYEDQYYSPDFGAATGAAVPLDDYGYSDYRHHHHHHHH
;
D
4 'polypeptide(L)'
;GSISQSDASLAAVPAVDQFDPSSGASGGYDTPLGITNPPIDELLDRVSSKYALVIYAAKRARQINDYYNQLGEGILEYVG
PLVEPGLQEKPLSIALREIHADLLEHTEGE
;
E
5 'polypeptide(L)'
;GPHMAATKASTATDEPVKRTATKSPAASASGAKTGAKRTAAKSASGSPPAKRATKPAARSVKPASAPQDTTTSTIPKRKT
RAAAKSAAAKAPSARGHATKPRAPKDAQHEAATDPEDALDSVEELDAEPDLDVEPGEDLDLDAADLNLDDLEDDVAPDAD
DDLDSGDDEDHEDLEAEAAVAPGQTADDDEEIAEPTEKDKASGDFVWDEDESEALRQARKDAELTASADSVRAYLKQIGK
VALLNAEEEVELAKRIEAGLYATQLMTELSERGEKLPAAQRRDMMWICRDGDRAKNHLLEANLRLVVSLAKRYTGRGMAF
LDLIQEGNLGLIRAVEKFDYTKGYKFSTYATWWIRQAITRAMADQARTIRIPVHMVEVINKLGRIQRELLQDLGREPTPE
ELAKEMDITPEKVLEIQQYAREPISLDQTIGDEGDSQLGDFIEDSEAVVAVDAVSFTLLQDQLQSVLDTLSEREAGVVRL
RFGLTDGQPRTLDEIGQVYGVTRERIRQIESKTMSKLRHPSRSQVLRDYLD
;
F
6 'polypeptide(L)'
;MADRVLRGSRLGAVSYETDRNHDLAPRQIARYRTDNGEEFEVPFADDAEIPGTWLCRNGMEGTLIEGDLPEPKKVKPPRT
HWDMLLERRSIEELEELLKERLELIRSRRRG
;
J
7 'polydeoxyribonucleotide'
;(DG)(DC)(DT)(DT)(DG)(DA)(DC)(DA)(DA)(DA)(DA)(DG)(DT)(DG)(DT)(DT)(DA)(DA)(DA)(DT)
(DT)(DG)(DT)(DG)(DC)(DT)(DA)(DT)(DA)(DC)(DT)
;
O
8 'polydeoxyribonucleotide'
;(DA)(DG)(DC)(DA)(DC)(DA)(DA)(DT)(DT)(DT)(DA)(DA)(DC)(DA)(DC)(DT)(DT)(DT)(DT)(DG)
(DT)(DC)(DA)(DA)(DG)(DC)
;
P
#
# COMPACT_ATOMS: atom_id res chain seq x y z
N MET A 1 -19.63 14.28 68.91
CA MET A 1 -19.02 13.79 70.14
C MET A 1 -17.50 13.84 70.07
N LEU A 2 -16.97 13.77 68.84
CA LEU A 2 -15.54 13.75 68.58
C LEU A 2 -14.82 12.82 69.56
N ILE A 3 -15.16 11.55 69.49
CA ILE A 3 -14.53 10.53 70.32
C ILE A 3 -13.03 10.72 70.28
N SER A 4 -12.41 10.88 71.45
CA SER A 4 -11.04 11.37 71.55
C SER A 4 -10.15 10.27 72.11
N GLN A 5 -9.27 9.74 71.28
CA GLN A 5 -8.22 8.83 71.70
C GLN A 5 -7.22 8.74 70.55
N ARG A 6 -6.23 7.88 70.68
CA ARG A 6 -5.14 7.81 69.73
C ARG A 6 -5.05 6.40 69.13
N PRO A 7 -4.98 6.27 67.82
CA PRO A 7 -4.73 4.95 67.23
C PRO A 7 -3.43 4.37 67.74
N THR A 8 -3.42 3.06 67.99
CA THR A 8 -2.26 2.37 68.54
C THR A 8 -1.89 1.22 67.63
N LEU A 9 -0.67 1.24 67.12
CA LEU A 9 -0.20 0.22 66.19
C LEU A 9 0.49 -0.90 66.96
N SER A 10 -0.08 -2.09 66.92
CA SER A 10 0.52 -3.27 67.53
C SER A 10 0.88 -4.27 66.44
N GLU A 11 1.77 -5.20 66.79
CA GLU A 11 2.36 -6.13 65.84
C GLU A 11 2.12 -7.57 66.29
N ASP A 12 1.65 -8.39 65.36
CA ASP A 12 1.48 -9.83 65.59
C ASP A 12 2.38 -10.57 64.60
N VAL A 13 3.35 -11.32 65.12
CA VAL A 13 4.31 -12.03 64.29
C VAL A 13 3.75 -13.40 63.96
N LEU A 14 3.77 -13.74 62.67
CA LEU A 14 3.28 -15.04 62.20
C LEU A 14 4.42 -16.00 61.88
N THR A 15 5.45 -15.53 61.17
CA THR A 15 6.58 -16.37 60.79
C THR A 15 7.85 -15.53 60.89
N ASP A 16 8.93 -16.04 60.33
CA ASP A 16 10.22 -15.34 60.43
C ASP A 16 10.20 -14.04 59.64
N ASN A 17 9.72 -14.08 58.41
CA ASN A 17 9.80 -12.94 57.49
C ASN A 17 8.41 -12.49 57.05
N ARG A 18 7.47 -12.41 57.99
CA ARG A 18 6.14 -11.90 57.69
C ARG A 18 5.44 -11.62 59.01
N SER A 19 4.51 -10.68 58.98
CA SER A 19 3.82 -10.28 60.20
C SER A 19 2.70 -9.31 59.87
N GLN A 20 1.72 -9.24 60.78
CA GLN A 20 0.58 -8.36 60.66
C GLN A 20 0.71 -7.20 61.63
N PHE A 21 0.13 -6.06 61.25
CA PHE A 21 0.16 -4.86 62.07
C PHE A 21 -1.25 -4.32 62.18
N VAL A 22 -1.79 -4.26 63.40
CA VAL A 22 -3.15 -3.81 63.64
C VAL A 22 -3.11 -2.38 64.17
N ILE A 23 -3.83 -1.50 63.50
CA ILE A 23 -3.92 -0.08 63.85
C ILE A 23 -5.39 0.25 64.03
N GLU A 24 -5.73 0.82 65.18
CA GLU A 24 -7.10 1.19 65.50
C GLU A 24 -7.07 2.10 66.72
N PRO A 25 -8.13 2.91 66.90
CA PRO A 25 -9.21 3.01 65.93
C PRO A 25 -9.01 4.15 64.94
N LEU A 26 -9.71 4.11 63.81
CA LEU A 26 -9.62 5.15 62.80
C LEU A 26 -11.02 5.62 62.44
N GLU A 27 -11.10 6.83 61.90
CA GLU A 27 -12.38 7.37 61.49
C GLU A 27 -12.95 6.54 60.35
N PRO A 28 -14.28 6.34 60.31
CA PRO A 28 -14.86 5.51 59.25
C PRO A 28 -14.46 6.03 57.88
N GLY A 29 -14.25 5.10 56.95
CA GLY A 29 -13.77 5.44 55.63
C GLY A 29 -12.30 5.77 55.56
N PHE A 30 -11.57 5.72 56.67
CA PHE A 30 -10.17 6.09 56.71
C PHE A 30 -9.24 4.89 56.76
N GLY A 31 -9.77 3.69 56.98
CA GLY A 31 -8.90 2.51 57.07
C GLY A 31 -8.33 2.12 55.72
N TYR A 32 -9.21 1.94 54.73
CA TYR A 32 -8.76 1.51 53.41
C TYR A 32 -7.68 2.43 52.88
N THR A 33 -7.91 3.75 52.96
CA THR A 33 -6.98 4.68 52.35
C THR A 33 -5.63 4.62 53.04
N LEU A 34 -5.62 4.52 54.38
CA LEU A 34 -4.36 4.45 55.11
C LEU A 34 -3.60 3.18 54.75
N GLY A 35 -4.28 2.05 54.77
CA GLY A 35 -3.63 0.80 54.38
C GLY A 35 -3.05 0.87 52.99
N ASN A 36 -3.84 1.39 52.03
CA ASN A 36 -3.35 1.51 50.66
C ASN A 36 -2.15 2.43 50.58
N SER A 37 -2.15 3.52 51.35
CA SER A 37 -1.04 4.46 51.28
C SER A 37 0.22 3.89 51.90
N LEU A 38 0.08 3.03 52.90
CA LEU A 38 1.27 2.34 53.42
C LEU A 38 1.77 1.30 52.43
N ARG A 39 0.86 0.50 51.86
CA ARG A 39 1.28 -0.52 50.89
C ARG A 39 1.93 0.10 49.67
N ARG A 40 1.41 1.23 49.20
CA ARG A 40 1.91 1.86 47.99
C ARG A 40 3.33 2.39 48.15
N THR A 41 3.75 2.65 49.39
CA THR A 41 5.13 3.04 49.66
C THR A 41 6.02 1.84 49.95
N LEU A 42 5.51 0.88 50.72
CA LEU A 42 6.32 -0.29 51.05
C LEU A 42 6.87 -0.96 49.80
N LEU A 43 6.07 -1.04 48.75
CA LEU A 43 6.46 -1.75 47.52
C LEU A 43 7.36 -0.94 46.59
N SER A 44 7.64 0.32 46.89
CA SER A 44 8.40 1.12 45.93
C SER A 44 9.56 1.90 46.53
N SER A 45 9.49 2.22 47.82
CA SER A 45 10.45 3.15 48.42
C SER A 45 11.11 2.54 49.65
N ILE A 46 11.57 1.31 49.54
CA ILE A 46 12.35 0.66 50.60
C ILE A 46 13.77 0.47 50.09
N PRO A 47 14.78 1.05 50.74
CA PRO A 47 16.15 0.94 50.22
C PRO A 47 16.73 -0.44 50.47
N GLY A 48 17.42 -0.96 49.46
CA GLY A 48 18.07 -2.25 49.59
C GLY A 48 19.29 -2.33 48.69
N ALA A 49 19.90 -3.50 48.68
CA ALA A 49 21.10 -3.76 47.89
C ALA A 49 20.80 -4.79 46.81
N ALA A 50 21.64 -4.79 45.78
CA ALA A 50 21.51 -5.76 44.71
C ALA A 50 22.71 -5.65 43.78
N VAL A 51 23.15 -6.79 43.25
CA VAL A 51 24.31 -6.80 42.37
C VAL A 51 23.99 -6.03 41.10
N THR A 52 24.90 -5.16 40.70
CA THR A 52 24.70 -4.32 39.52
C THR A 52 25.29 -4.97 38.27
N SER A 53 26.59 -5.25 38.29
CA SER A 53 27.27 -5.83 37.14
C SER A 53 28.20 -6.94 37.60
N ILE A 54 28.46 -7.88 36.70
CA ILE A 54 29.31 -9.03 36.98
C ILE A 54 30.30 -9.20 35.83
N ARG A 55 31.42 -9.81 36.14
CA ARG A 55 32.45 -10.08 35.13
C ARG A 55 32.98 -11.50 35.30
N ILE A 56 33.06 -12.22 34.19
CA ILE A 56 33.58 -13.57 34.14
C ILE A 56 34.81 -13.59 33.24
N ASP A 57 35.78 -14.44 33.59
CA ASP A 57 37.07 -14.40 32.90
C ASP A 57 36.94 -14.90 31.46
N GLY A 58 36.40 -16.09 31.28
CA GLY A 58 36.41 -16.72 29.97
C GLY A 58 35.39 -16.20 28.98
N VAL A 59 34.56 -15.25 29.37
CA VAL A 59 33.47 -14.75 28.54
C VAL A 59 33.66 -13.26 28.32
N LEU A 60 33.55 -12.82 27.07
CA LEU A 60 33.65 -11.40 26.75
C LEU A 60 32.28 -10.72 26.88
N HIS A 61 31.24 -11.34 26.33
CA HIS A 61 29.90 -10.76 26.34
C HIS A 61 28.93 -11.77 26.96
N GLU A 62 27.64 -11.47 26.84
CA GLU A 62 26.62 -12.20 27.59
C GLU A 62 25.95 -13.31 26.78
N PHE A 63 26.16 -13.34 25.46
CA PHE A 63 25.49 -14.31 24.59
C PHE A 63 26.37 -15.51 24.27
N THR A 64 27.28 -15.88 25.17
CA THR A 64 28.17 -17.01 24.95
C THR A 64 27.97 -18.05 26.05
N THR A 65 28.76 -19.12 25.98
CA THR A 65 28.71 -20.20 26.96
C THR A 65 30.10 -20.46 27.50
N VAL A 66 30.17 -20.87 28.77
CA VAL A 66 31.44 -21.13 29.43
C VAL A 66 31.73 -22.63 29.33
N PRO A 67 32.98 -23.02 29.07
CA PRO A 67 33.27 -24.45 28.90
C PRO A 67 33.13 -25.21 30.22
N GLY A 68 32.32 -26.26 30.21
CA GLY A 68 32.16 -27.11 31.37
C GLY A 68 30.82 -26.95 32.06
N VAL A 69 30.35 -25.70 32.18
CA VAL A 69 29.09 -25.46 32.84
C VAL A 69 27.94 -26.05 32.01
N LYS A 70 26.79 -26.20 32.66
CA LYS A 70 25.61 -26.74 32.00
C LYS A 70 24.78 -25.64 31.32
N GLU A 71 24.48 -24.57 32.05
CA GLU A 71 23.73 -23.45 31.51
C GLU A 71 24.65 -22.42 30.89
N ASP A 72 24.16 -21.74 29.86
CA ASP A 72 24.92 -20.71 29.18
C ASP A 72 24.99 -19.48 30.09
N VAL A 73 25.56 -18.39 29.56
CA VAL A 73 25.82 -17.24 30.43
C VAL A 73 24.54 -16.52 30.80
N THR A 74 23.63 -16.33 29.83
CA THR A 74 22.40 -15.61 30.14
C THR A 74 21.52 -16.36 31.14
N GLU A 75 21.71 -17.67 31.23
CA GLU A 75 20.98 -18.43 32.25
C GLU A 75 21.59 -18.18 33.62
N ILE A 76 22.91 -18.13 33.72
CA ILE A 76 23.53 -17.78 34.99
C ILE A 76 23.11 -16.37 35.39
N ILE A 77 22.98 -15.47 34.42
CA ILE A 77 22.51 -14.11 34.70
C ILE A 77 21.12 -14.15 35.32
N LEU A 78 20.20 -14.88 34.68
CA LEU A 78 18.85 -14.97 35.22
C LEU A 78 18.86 -15.56 36.63
N ASN A 79 19.60 -16.67 36.81
CA ASN A 79 19.66 -17.26 38.14
C ASN A 79 20.25 -16.28 39.15
N LEU A 80 21.13 -15.40 38.70
CA LEU A 80 21.73 -14.39 39.56
C LEU A 80 20.85 -13.16 39.73
N LYS A 81 19.68 -13.14 39.10
CA LYS A 81 18.76 -12.03 39.32
C LYS A 81 17.84 -12.26 40.50
N SER A 82 18.00 -13.39 41.21
CA SER A 82 17.22 -13.69 42.41
C SER A 82 18.06 -13.63 43.68
N LEU A 83 19.33 -13.25 43.59
CA LEU A 83 20.17 -13.16 44.77
C LEU A 83 19.64 -12.12 45.74
N VAL A 84 19.50 -12.50 47.00
CA VAL A 84 19.04 -11.60 48.05
C VAL A 84 20.23 -11.19 48.92
N VAL A 85 20.86 -10.08 48.57
CA VAL A 85 22.05 -9.60 49.26
C VAL A 85 21.70 -8.29 49.96
N SER A 86 22.34 -8.06 51.10
CA SER A 86 22.06 -6.89 51.95
C SER A 86 23.37 -6.18 52.24
N SER A 87 23.74 -5.25 51.36
CA SER A 87 24.95 -4.46 51.55
C SER A 87 24.77 -3.45 52.66
N GLU A 88 25.81 -3.26 53.45
CA GLU A 88 25.78 -2.34 54.58
C GLU A 88 26.38 -0.98 54.23
N GLU A 89 27.56 -0.96 53.62
CA GLU A 89 28.27 0.28 53.34
C GLU A 89 27.85 0.80 51.97
N ASP A 90 27.87 2.13 51.83
CA ASP A 90 27.42 2.78 50.60
C ASP A 90 28.62 2.99 49.69
N GLU A 91 28.90 1.99 48.86
CA GLU A 91 29.92 2.07 47.82
C GLU A 91 29.91 0.79 47.01
N PRO A 92 30.42 0.83 45.78
CA PRO A 92 30.39 -0.38 44.93
C PRO A 92 31.39 -1.44 45.37
N VAL A 93 31.14 -2.06 46.51
CA VAL A 93 32.00 -3.15 46.96
C VAL A 93 31.74 -4.39 46.09
N THR A 94 32.80 -5.17 45.88
CA THR A 94 32.74 -6.34 45.01
C THR A 94 32.77 -7.63 45.82
N MET A 95 32.24 -8.68 45.21
CA MET A 95 32.26 -10.03 45.75
C MET A 95 32.90 -10.96 44.73
N TYR A 96 33.50 -12.04 45.23
CA TYR A 96 34.20 -12.99 44.36
C TYR A 96 33.57 -14.37 44.47
N LEU A 97 33.67 -15.14 43.40
CA LEU A 97 33.21 -16.53 43.37
C LEU A 97 34.17 -17.34 42.52
N ARG A 98 34.67 -18.45 43.06
CA ARG A 98 35.58 -19.32 42.35
C ARG A 98 35.30 -20.76 42.73
N LYS A 99 35.05 -21.61 41.73
CA LYS A 99 34.76 -23.01 41.94
C LYS A 99 35.44 -23.84 40.84
N GLN A 100 35.87 -25.03 41.21
CA GLN A 100 36.50 -25.96 40.29
C GLN A 100 35.93 -27.35 40.52
N GLY A 101 36.07 -28.21 39.51
CA GLY A 101 35.64 -29.59 39.61
C GLY A 101 34.14 -29.72 39.49
N PRO A 102 33.66 -30.97 39.41
CA PRO A 102 32.21 -31.18 39.23
C PRO A 102 31.46 -30.87 40.51
N GLY A 103 30.29 -30.28 40.35
CA GLY A 103 29.48 -29.94 41.51
C GLY A 103 28.47 -28.86 41.14
N GLU A 104 27.97 -28.19 42.16
CA GLU A 104 27.00 -27.13 41.93
C GLU A 104 27.46 -25.84 42.61
N VAL A 105 27.54 -24.77 41.84
CA VAL A 105 27.91 -23.45 42.34
C VAL A 105 26.61 -22.81 42.83
N THR A 106 26.39 -22.88 44.14
CA THR A 106 25.22 -22.33 44.81
C THR A 106 25.57 -20.98 45.43
N ALA A 107 24.59 -20.08 45.43
CA ALA A 107 24.84 -18.72 45.91
C ALA A 107 25.60 -18.69 47.23
N GLY A 108 25.38 -19.70 48.07
CA GLY A 108 26.08 -19.79 49.35
C GLY A 108 27.56 -20.08 49.23
N ASP A 109 28.07 -20.11 48.00
CA ASP A 109 29.49 -20.38 47.75
C ASP A 109 30.24 -19.13 47.32
N ILE A 110 29.69 -17.96 47.59
CA ILE A 110 30.34 -16.69 47.27
C ILE A 110 31.02 -16.17 48.53
N VAL A 111 32.21 -15.62 48.36
CA VAL A 111 32.96 -15.02 49.47
C VAL A 111 32.60 -13.55 49.57
N PRO A 112 31.69 -13.17 50.46
CA PRO A 112 31.28 -11.77 50.55
C PRO A 112 32.23 -10.99 51.44
N PRO A 113 32.76 -9.88 50.96
CA PRO A 113 33.66 -9.06 51.79
C PRO A 113 32.93 -8.51 53.01
N ALA A 114 33.71 -7.98 53.94
CA ALA A 114 33.15 -7.43 55.16
C ALA A 114 32.20 -6.28 54.84
N GLY A 115 30.96 -6.38 55.32
CA GLY A 115 29.93 -5.38 55.09
C GLY A 115 28.70 -5.91 54.38
N VAL A 116 28.88 -6.91 53.52
CA VAL A 116 27.76 -7.47 52.78
C VAL A 116 27.49 -8.88 53.29
N THR A 117 26.44 -9.52 52.78
CA THR A 117 26.09 -10.87 53.19
C THR A 117 25.04 -11.43 52.26
N VAL A 118 25.06 -12.75 52.10
CA VAL A 118 24.07 -13.47 51.30
C VAL A 118 23.09 -14.13 52.25
N HIS A 119 21.80 -13.95 51.98
CA HIS A 119 20.75 -14.37 52.90
C HIS A 119 20.03 -15.63 52.46
N ASN A 120 20.34 -16.18 51.29
CA ASN A 120 19.78 -17.44 50.83
C ASN A 120 20.90 -18.34 50.35
N PRO A 121 21.64 -18.96 51.28
CA PRO A 121 22.77 -19.80 50.87
C PRO A 121 22.35 -21.09 50.17
N GLY A 122 21.06 -21.34 50.02
CA GLY A 122 20.58 -22.51 49.32
C GLY A 122 20.23 -22.29 47.87
N MET A 123 20.42 -21.08 47.35
CA MET A 123 20.12 -20.81 45.96
C MET A 123 21.09 -21.57 45.05
N HIS A 124 20.63 -21.86 43.84
CA HIS A 124 21.40 -22.61 42.86
C HIS A 124 21.77 -21.68 41.71
N ILE A 125 23.06 -21.53 41.46
CA ILE A 125 23.55 -20.62 40.43
C ILE A 125 23.87 -21.38 39.14
N ALA A 126 24.70 -22.42 39.23
CA ALA A 126 25.05 -23.19 38.04
C ALA A 126 25.60 -24.53 38.46
N THR A 127 25.86 -25.40 37.47
CA THR A 127 26.42 -26.71 37.74
C THR A 127 27.58 -26.99 36.82
N LEU A 128 28.62 -27.64 37.35
CA LEU A 128 29.85 -27.89 36.65
C LEU A 128 30.15 -29.39 36.62
N ASN A 129 31.04 -29.77 35.70
CA ASN A 129 31.55 -31.12 35.57
C ASN A 129 33.07 -31.11 35.79
N ASP A 130 33.70 -32.25 35.53
CA ASP A 130 35.13 -32.38 35.80
C ASP A 130 35.95 -31.34 35.06
N LYS A 131 35.48 -30.91 33.89
CA LYS A 131 36.20 -29.93 33.08
C LYS A 131 35.72 -28.51 33.32
N GLY A 132 34.86 -28.29 34.31
CA GLY A 132 34.30 -26.97 34.57
C GLY A 132 35.08 -26.21 35.63
N LYS A 133 35.30 -24.93 35.35
CA LYS A 133 35.97 -24.02 36.28
C LYS A 133 35.32 -22.66 36.14
N LEU A 134 34.61 -22.24 37.18
CA LEU A 134 33.78 -21.03 37.13
C LEU A 134 34.34 -19.99 38.07
N GLU A 135 34.72 -18.84 37.51
CA GLU A 135 35.23 -17.71 38.30
C GLU A 135 34.50 -16.46 37.84
N VAL A 136 33.87 -15.76 38.78
CA VAL A 136 33.07 -14.58 38.47
C VAL A 136 33.15 -13.61 39.63
N GLU A 137 33.30 -12.32 39.31
CA GLU A 137 33.30 -11.27 40.32
C GLU A 137 32.10 -10.36 40.09
N LEU A 138 31.34 -10.13 41.15
CA LEU A 138 30.10 -9.36 41.10
C LEU A 138 30.32 -8.03 41.79
N VAL A 139 29.48 -7.05 41.42
CA VAL A 139 29.54 -5.72 42.01
C VAL A 139 28.21 -5.46 42.71
N VAL A 140 28.24 -5.39 44.04
CA VAL A 140 27.07 -5.07 44.84
C VAL A 140 27.02 -3.56 45.01
N GLU A 141 25.81 -3.02 45.10
CA GLU A 141 25.64 -1.57 45.20
C GLU A 141 24.46 -1.28 46.12
N ARG A 142 24.01 -0.03 46.11
CA ARG A 142 22.90 0.42 46.94
C ARG A 142 21.91 1.19 46.09
N GLY A 143 20.69 1.31 46.58
CA GLY A 143 19.66 2.03 45.87
C GLY A 143 18.29 1.44 46.18
N ARG A 144 17.27 2.10 45.63
CA ARG A 144 15.88 1.73 45.84
C ARG A 144 15.16 1.64 44.51
N GLY A 145 13.97 1.05 44.56
CA GLY A 145 13.13 0.94 43.37
C GLY A 145 13.59 -0.17 42.46
N TYR A 146 13.82 0.17 41.19
CA TYR A 146 14.32 -0.79 40.21
C TYR A 146 14.95 0.01 39.07
N VAL A 147 16.23 -0.23 38.82
CA VAL A 147 16.99 0.51 37.82
C VAL A 147 17.42 -0.46 36.73
N PRO A 148 17.08 -0.21 35.47
CA PRO A 148 17.48 -1.12 34.40
C PRO A 148 19.00 -1.16 34.25
N ALA A 149 19.46 -2.10 33.42
CA ALA A 149 20.89 -2.29 33.24
C ALA A 149 21.54 -1.01 32.73
N VAL A 150 22.45 -0.46 33.53
CA VAL A 150 23.17 0.76 33.15
C VAL A 150 24.11 0.45 31.99
N GLN A 151 23.86 1.09 30.85
CA GLN A 151 24.61 0.78 29.63
C GLN A 151 26.11 0.76 29.91
N ASN A 152 26.80 -0.17 29.24
CA ASN A 152 28.24 -0.30 29.42
C ASN A 152 28.99 0.88 28.79
N ARG A 153 28.61 1.25 27.58
CA ARG A 153 29.23 2.40 26.92
C ARG A 153 29.01 3.67 27.73
N ALA A 154 27.89 3.77 28.45
CA ALA A 154 27.65 4.94 29.29
C ALA A 154 28.80 5.15 30.27
N SER A 155 29.20 4.09 30.97
CA SER A 155 30.38 4.15 31.83
C SER A 155 31.62 3.79 31.04
N GLY A 156 32.78 3.99 31.67
CA GLY A 156 34.04 3.68 31.04
C GLY A 156 34.55 2.28 31.37
N ALA A 157 33.71 1.27 31.19
CA ALA A 157 34.07 -0.08 31.55
C ALA A 157 34.77 -0.77 30.38
N GLU A 158 35.52 -1.83 30.71
CA GLU A 158 36.20 -2.61 29.69
C GLU A 158 35.20 -3.49 28.94
N ILE A 159 35.73 -4.30 28.03
CA ILE A 159 34.89 -5.22 27.26
C ILE A 159 34.34 -6.32 28.16
N GLY A 160 35.09 -6.71 29.19
CA GLY A 160 34.68 -7.84 30.01
C GLY A 160 33.43 -7.56 30.82
N ARG A 161 33.41 -6.44 31.53
CA ARG A 161 32.32 -6.16 32.45
C ARG A 161 30.97 -6.27 31.75
N ILE A 162 29.99 -6.81 32.45
CA ILE A 162 28.66 -7.05 31.91
C ILE A 162 27.64 -6.39 32.83
N PRO A 163 26.82 -5.46 32.34
CA PRO A 163 25.77 -4.89 33.20
C PRO A 163 24.65 -5.87 33.43
N VAL A 164 23.94 -5.66 34.53
CA VAL A 164 22.80 -6.49 34.91
C VAL A 164 21.74 -5.62 35.56
N ASP A 165 20.48 -6.03 35.41
CA ASP A 165 19.39 -5.33 36.07
C ASP A 165 19.50 -5.47 37.59
N SER A 166 19.00 -4.47 38.29
CA SER A 166 19.06 -4.43 39.75
C SER A 166 17.67 -4.24 40.30
N ILE A 167 17.32 -5.04 41.31
CA ILE A 167 16.01 -4.98 41.95
C ILE A 167 16.25 -4.76 43.44
N TYR A 168 16.27 -3.50 43.84
CA TYR A 168 16.37 -3.15 45.26
C TYR A 168 14.96 -3.09 45.83
N SER A 169 14.53 -4.18 46.47
CA SER A 169 13.21 -4.21 47.07
C SER A 169 13.17 -5.27 48.17
N PRO A 170 13.44 -4.90 49.42
CA PRO A 170 13.39 -5.90 50.50
C PRO A 170 12.00 -6.49 50.69
N VAL A 171 10.94 -5.74 50.42
CA VAL A 171 9.58 -6.22 50.63
C VAL A 171 9.18 -7.14 49.50
N LEU A 172 8.37 -8.14 49.82
CA LEU A 172 7.95 -9.15 48.86
C LEU A 172 6.46 -9.09 48.57
N LYS A 173 5.62 -9.00 49.59
CA LYS A 173 4.18 -8.97 49.41
C LYS A 173 3.52 -8.25 50.57
N VAL A 174 2.68 -7.26 50.24
CA VAL A 174 1.99 -6.45 51.24
C VAL A 174 0.51 -6.44 50.90
N THR A 175 -0.33 -6.66 51.90
CA THR A 175 -1.77 -6.57 51.74
C THR A 175 -2.38 -6.00 53.02
N TYR A 176 -3.70 -5.87 53.03
CA TYR A 176 -4.39 -5.36 54.20
C TYR A 176 -5.86 -5.74 54.13
N LYS A 177 -6.61 -5.30 55.13
CA LYS A 177 -8.06 -5.47 55.18
C LYS A 177 -8.60 -4.75 56.41
N VAL A 178 -9.86 -4.34 56.38
CA VAL A 178 -10.44 -3.56 57.45
C VAL A 178 -11.60 -4.33 58.06
N ASP A 179 -11.90 -4.00 59.32
CA ASP A 179 -13.07 -4.53 60.03
C ASP A 179 -13.83 -3.32 60.56
N ALA A 180 -14.70 -2.77 59.73
CA ALA A 180 -15.47 -1.58 60.08
C ALA A 180 -16.66 -2.00 60.92
N THR A 181 -16.54 -1.86 62.25
CA THR A 181 -17.66 -2.16 63.13
C THR A 181 -18.86 -1.28 62.77
N ARG A 182 -18.71 0.02 62.91
CA ARG A 182 -19.72 0.99 62.50
C ARG A 182 -21.11 0.57 62.97
N VAL A 183 -21.20 0.17 64.25
CA VAL A 183 -22.49 -0.12 64.84
C VAL A 183 -23.39 1.10 64.68
N GLU A 184 -24.58 0.90 64.12
CA GLU A 184 -25.42 2.01 63.66
C GLU A 184 -26.10 2.69 64.85
N GLN A 185 -25.29 3.34 65.68
CA GLN A 185 -25.79 4.38 66.57
C GLN A 185 -24.85 5.58 66.62
N ARG A 186 -24.04 5.78 65.58
CA ARG A 186 -23.21 6.97 65.39
C ARG A 186 -21.95 6.96 66.24
N THR A 187 -21.53 5.79 66.73
CA THR A 187 -20.22 5.62 67.36
C THR A 187 -19.48 4.52 66.58
N ASP A 188 -18.61 4.92 65.67
CA ASP A 188 -17.99 3.99 64.72
C ASP A 188 -16.48 4.16 64.75
N PHE A 189 -15.80 3.25 64.05
CA PHE A 189 -14.36 3.26 63.95
C PHE A 189 -13.95 2.16 62.97
N ASP A 190 -12.68 2.14 62.61
CA ASP A 190 -12.13 1.13 61.73
C ASP A 190 -11.03 0.36 62.46
N LYS A 191 -10.47 -0.64 61.76
CA LYS A 191 -9.40 -1.45 62.33
C LYS A 191 -8.59 -2.01 61.16
N LEU A 192 -7.46 -1.39 60.86
CA LEU A 192 -6.66 -1.78 59.71
C LEU A 192 -5.63 -2.81 60.14
N ILE A 193 -5.57 -3.94 59.44
CA ILE A 193 -4.60 -4.98 59.75
C ILE A 193 -3.73 -5.18 58.50
N LEU A 194 -2.64 -4.44 58.43
CA LEU A 194 -1.65 -4.64 57.39
C LEU A 194 -1.01 -6.02 57.54
N ASP A 195 -0.48 -6.54 56.44
CA ASP A 195 0.18 -7.84 56.44
C ASP A 195 1.36 -7.75 55.48
N VAL A 196 2.57 -7.95 55.99
CA VAL A 196 3.80 -7.69 55.25
C VAL A 196 4.65 -8.94 55.24
N GLU A 197 5.31 -9.20 54.10
CA GLU A 197 6.21 -10.34 53.96
C GLU A 197 7.40 -9.88 53.13
N THR A 198 8.60 -10.04 53.67
CA THR A 198 9.83 -9.56 53.05
C THR A 198 10.69 -10.74 52.60
N LYS A 199 11.73 -10.42 51.84
CA LYS A 199 12.62 -11.43 51.27
C LYS A 199 13.82 -11.70 52.18
N ASN A 200 13.57 -11.96 53.46
CA ASN A 200 14.56 -12.38 54.43
C ASN A 200 15.73 -11.40 54.55
N SER A 201 15.66 -10.24 53.90
CA SER A 201 16.72 -9.26 53.98
C SER A 201 16.55 -8.35 55.20
N ILE A 202 15.34 -7.83 55.40
CA ILE A 202 15.02 -6.98 56.52
C ILE A 202 13.69 -7.41 57.11
N SER A 203 13.61 -7.46 58.44
CA SER A 203 12.37 -7.85 59.08
C SER A 203 11.25 -6.87 58.73
N PRO A 204 10.00 -7.28 58.89
CA PRO A 204 8.89 -6.38 58.55
C PRO A 204 8.89 -5.11 59.35
N ARG A 205 9.32 -5.16 60.62
CA ARG A 205 9.35 -3.96 61.45
C ARG A 205 10.16 -2.86 60.79
N ASP A 206 11.34 -3.21 60.27
CA ASP A 206 12.20 -2.20 59.64
C ASP A 206 11.57 -1.66 58.36
N ALA A 207 10.99 -2.53 57.55
CA ALA A 207 10.30 -2.07 56.35
C ALA A 207 9.21 -1.07 56.69
N LEU A 208 8.37 -1.40 57.67
CA LEU A 208 7.28 -0.51 58.04
C LEU A 208 7.79 0.78 58.64
N ALA A 209 8.89 0.72 59.40
CA ALA A 209 9.46 1.94 59.97
C ALA A 209 10.01 2.85 58.88
N SER A 210 10.69 2.27 57.89
CA SER A 210 11.19 3.08 56.78
C SER A 210 10.05 3.68 55.98
N ALA A 211 8.97 2.92 55.78
CA ALA A 211 7.80 3.48 55.10
C ALA A 211 7.20 4.64 55.89
N GLY A 212 7.04 4.45 57.21
CA GLY A 212 6.53 5.52 58.03
C GLY A 212 7.41 6.76 57.99
N LYS A 213 8.73 6.57 58.00
CA LYS A 213 9.64 7.71 57.91
C LYS A 213 9.49 8.41 56.56
N THR A 214 9.43 7.64 55.47
CA THR A 214 9.30 8.26 54.16
C THR A 214 7.99 9.02 54.01
N LEU A 215 6.93 8.55 54.66
CA LEU A 215 5.65 9.26 54.60
C LEU A 215 5.62 10.47 55.52
N VAL A 216 6.22 10.38 56.72
CA VAL A 216 6.21 11.51 57.63
C VAL A 216 7.10 12.63 57.11
N GLU A 217 8.29 12.30 56.62
CA GLU A 217 9.21 13.33 56.15
C GLU A 217 8.75 13.97 54.85
N LEU A 218 7.59 13.57 54.32
CA LEU A 218 7.05 14.14 53.09
C LEU A 218 5.65 14.71 53.25
N PHE A 219 4.89 14.26 54.25
CA PHE A 219 3.63 14.91 54.61
C PHE A 219 3.85 16.17 55.44
N GLY A 220 5.06 16.37 55.97
CA GLY A 220 5.32 17.56 56.77
C GLY A 220 5.41 18.82 55.94
N LEU A 221 5.86 18.68 54.68
CA LEU A 221 5.91 19.84 53.80
C LEU A 221 4.53 20.43 53.53
N ALA A 222 3.45 19.71 53.84
CA ALA A 222 2.13 20.26 53.88
C ALA A 222 1.68 20.62 55.29
N ARG A 223 2.56 20.41 56.27
CA ARG A 223 2.27 20.73 57.67
C ARG A 223 2.45 22.22 57.89
N GLU A 224 2.58 22.65 59.15
CA GLU A 224 2.64 24.07 59.48
C GLU A 224 3.69 24.80 58.66
N LEU A 225 4.53 24.05 57.94
CA LEU A 225 5.41 24.66 56.95
C LEU A 225 4.67 25.63 56.06
N ASN A 226 3.37 25.42 55.87
CA ASN A 226 2.55 26.34 55.09
C ASN A 226 1.46 26.97 55.97
N MET B 1 19.76 7.75 51.92
CA MET B 1 18.99 8.03 50.73
C MET B 1 18.44 9.46 50.76
N LEU B 2 18.41 10.10 49.60
CA LEU B 2 17.93 11.47 49.47
C LEU B 2 17.00 11.56 48.26
N ILE B 3 15.94 12.36 48.40
CA ILE B 3 14.93 12.43 47.36
C ILE B 3 15.47 13.03 46.07
N SER B 4 16.63 13.69 46.12
CA SER B 4 17.25 14.28 44.95
C SER B 4 16.43 15.41 44.34
N GLN B 5 15.54 16.00 45.13
CA GLN B 5 14.64 17.06 44.71
C GLN B 5 13.91 17.56 45.95
N ARG B 6 13.02 18.52 45.75
CA ARG B 6 12.15 18.88 46.86
C ARG B 6 10.80 19.37 46.36
N PRO B 7 9.71 18.73 46.75
CA PRO B 7 8.39 19.21 46.35
C PRO B 7 8.04 20.49 47.10
N THR B 8 7.51 21.47 46.37
CA THR B 8 7.16 22.76 46.93
C THR B 8 5.65 22.92 46.94
N LEU B 9 5.10 23.34 48.08
CA LEU B 9 3.69 23.64 48.21
C LEU B 9 3.48 25.10 47.82
N SER B 10 2.85 25.32 46.67
CA SER B 10 2.64 26.65 46.12
C SER B 10 1.14 26.91 46.08
N GLU B 11 0.63 27.63 47.08
CA GLU B 11 -0.79 27.87 47.20
C GLU B 11 -1.29 28.72 46.03
N ASP B 12 -2.61 28.88 45.97
CA ASP B 12 -3.25 29.73 44.97
C ASP B 12 -4.62 30.10 45.49
N VAL B 13 -4.97 31.38 45.41
CA VAL B 13 -6.16 31.91 46.07
C VAL B 13 -7.21 32.19 45.00
N LEU B 14 -8.23 31.35 44.97
CA LEU B 14 -9.46 31.62 44.24
C LEU B 14 -10.39 32.43 45.16
N THR B 15 -11.68 32.46 44.86
CA THR B 15 -12.64 33.19 45.69
C THR B 15 -12.37 32.94 47.16
N ASP B 16 -12.80 33.88 48.01
CA ASP B 16 -12.27 34.06 49.37
C ASP B 16 -11.90 32.76 50.06
N ASN B 17 -12.70 31.71 49.89
CA ASN B 17 -12.47 30.45 50.57
C ASN B 17 -12.55 29.28 49.59
N ARG B 18 -11.87 29.40 48.47
CA ARG B 18 -11.79 28.32 47.48
C ARG B 18 -10.36 28.12 46.99
N SER B 19 -9.41 28.05 47.92
CA SER B 19 -8.01 27.96 47.53
C SER B 19 -7.79 26.74 46.64
N GLN B 20 -6.61 26.70 45.99
CA GLN B 20 -6.28 25.57 45.12
C GLN B 20 -4.77 25.33 45.19
N PHE B 21 -4.35 24.41 46.04
CA PHE B 21 -2.93 24.17 46.24
C PHE B 21 -2.40 23.20 45.20
N VAL B 22 -1.11 23.33 44.89
CA VAL B 22 -0.41 22.41 44.01
C VAL B 22 0.92 22.02 44.64
N ILE B 23 1.33 20.78 44.44
CA ILE B 23 2.58 20.25 44.98
C ILE B 23 3.40 19.69 43.83
N GLU B 24 4.63 20.14 43.71
CA GLU B 24 5.50 19.70 42.63
C GLU B 24 6.96 19.80 43.08
N PRO B 25 7.85 18.99 42.51
CA PRO B 25 7.54 17.86 41.65
C PRO B 25 7.69 16.54 42.40
N LEU B 26 6.63 15.73 42.46
CA LEU B 26 6.68 14.48 43.20
C LEU B 26 7.23 13.36 42.34
N GLU B 27 8.02 12.48 42.95
CA GLU B 27 8.62 11.38 42.21
C GLU B 27 7.62 10.24 42.04
N PRO B 28 7.60 9.61 40.87
CA PRO B 28 6.53 8.66 40.56
C PRO B 28 6.72 7.33 41.27
N GLY B 29 5.62 6.82 41.82
CA GLY B 29 4.37 7.54 41.81
C GLY B 29 3.90 7.88 43.22
N PHE B 30 3.97 9.17 43.56
CA PHE B 30 3.51 9.64 44.87
C PHE B 30 2.30 10.54 44.80
N GLY B 31 1.87 10.95 43.61
CA GLY B 31 0.66 11.72 43.47
C GLY B 31 -0.51 11.08 44.18
N TYR B 32 -0.84 9.84 43.79
CA TYR B 32 -1.98 9.16 44.37
C TYR B 32 -1.71 8.68 45.79
N THR B 33 -0.45 8.35 46.09
CA THR B 33 -0.14 7.77 47.40
C THR B 33 -0.54 8.72 48.52
N LEU B 34 -0.39 10.03 48.31
CA LEU B 34 -0.73 11.01 49.33
C LEU B 34 -1.92 11.89 48.95
N GLY B 35 -2.33 11.93 47.69
CA GLY B 35 -3.47 12.75 47.32
C GLY B 35 -4.75 12.28 47.98
N ASN B 36 -5.07 11.00 47.83
CA ASN B 36 -6.30 10.48 48.43
C ASN B 36 -6.25 10.57 49.95
N SER B 37 -5.08 10.36 50.55
CA SER B 37 -4.96 10.48 52.00
C SER B 37 -5.22 11.90 52.46
N LEU B 38 -4.63 12.89 51.77
CA LEU B 38 -4.91 14.29 52.08
C LEU B 38 -6.41 14.58 51.94
N ARG B 39 -7.01 14.11 50.86
CA ARG B 39 -8.43 14.33 50.65
C ARG B 39 -9.24 13.80 51.82
N ARG B 40 -9.05 12.52 52.15
CA ARG B 40 -9.84 11.90 53.21
C ARG B 40 -9.61 12.57 54.55
N THR B 41 -8.36 12.96 54.85
CA THR B 41 -8.08 13.61 56.11
C THR B 41 -8.77 14.97 56.17
N LEU B 42 -8.60 15.80 55.14
CA LEU B 42 -9.29 17.09 55.11
C LEU B 42 -10.78 16.91 55.29
N LEU B 43 -11.35 15.88 54.66
CA LEU B 43 -12.80 15.71 54.71
C LEU B 43 -13.28 15.28 56.08
N SER B 44 -12.68 14.24 56.65
CA SER B 44 -13.18 13.62 57.87
C SER B 44 -12.09 13.47 58.92
N SER B 45 -11.31 14.54 59.16
CA SER B 45 -10.30 14.49 60.20
C SER B 45 -10.17 15.79 61.00
N ILE B 46 -11.00 16.79 60.75
CA ILE B 46 -10.90 18.08 61.42
C ILE B 46 -12.06 18.22 62.38
N PRO B 47 -11.84 18.67 63.62
CA PRO B 47 -12.96 18.91 64.53
C PRO B 47 -13.81 20.08 64.06
N GLY B 48 -15.04 20.09 64.54
CA GLY B 48 -15.94 21.19 64.23
C GLY B 48 -17.30 20.95 64.85
N ALA B 49 -18.04 22.04 65.01
CA ALA B 49 -19.34 22.01 65.66
C ALA B 49 -20.45 22.13 64.63
N ALA B 50 -21.58 21.51 64.95
CA ALA B 50 -22.75 21.55 64.07
C ALA B 50 -23.99 21.22 64.87
N VAL B 51 -25.14 21.42 64.24
CA VAL B 51 -26.43 21.14 64.85
C VAL B 51 -26.75 19.66 64.69
N THR B 52 -27.33 19.07 65.73
CA THR B 52 -27.67 17.65 65.74
C THR B 52 -29.17 17.40 65.62
N SER B 53 -29.96 17.98 66.51
CA SER B 53 -31.41 17.77 66.49
C SER B 53 -32.10 19.04 66.96
N ILE B 54 -33.30 19.27 66.43
CA ILE B 54 -34.08 20.46 66.73
C ILE B 54 -35.51 20.03 67.03
N ARG B 55 -36.33 20.99 67.46
CA ARG B 55 -37.72 20.74 67.76
C ARG B 55 -38.53 22.01 67.52
N ILE B 56 -39.62 21.90 66.78
CA ILE B 56 -40.45 23.03 66.38
C ILE B 56 -41.79 22.91 67.09
N ASP B 57 -42.19 23.99 67.76
CA ASP B 57 -43.44 24.00 68.50
C ASP B 57 -44.61 23.78 67.55
N GLY B 58 -45.33 22.68 67.75
CA GLY B 58 -46.51 22.38 66.97
C GLY B 58 -46.29 21.44 65.81
N VAL B 59 -45.39 20.47 65.95
CA VAL B 59 -45.07 19.54 64.87
C VAL B 59 -45.10 18.11 65.42
N LEU B 60 -45.55 17.95 66.67
CA LEU B 60 -45.51 16.67 67.35
C LEU B 60 -45.92 15.52 66.43
N HIS B 61 -47.13 15.59 65.90
CA HIS B 61 -47.64 14.55 65.00
C HIS B 61 -47.80 15.06 63.57
N GLU B 62 -48.31 16.28 63.40
CA GLU B 62 -48.30 16.94 62.11
C GLU B 62 -46.86 17.25 61.73
N PHE B 63 -46.31 16.50 60.78
CA PHE B 63 -44.89 16.56 60.50
C PHE B 63 -44.53 17.32 59.23
N THR B 64 -45.51 17.85 58.49
CA THR B 64 -45.21 18.76 57.38
C THR B 64 -46.24 19.90 57.38
N THR B 65 -45.99 20.90 58.21
CA THR B 65 -46.68 22.19 58.14
C THR B 65 -46.14 23.06 59.26
N VAL B 66 -46.30 24.37 59.10
CA VAL B 66 -45.97 25.33 60.16
C VAL B 66 -46.85 26.55 59.98
N PRO B 67 -47.66 26.92 60.97
CA PRO B 67 -48.58 28.05 60.79
C PRO B 67 -47.83 29.36 60.60
N GLY B 68 -48.18 30.09 59.55
CA GLY B 68 -47.65 31.42 59.33
C GLY B 68 -46.26 31.50 58.75
N VAL B 69 -45.75 30.41 58.18
CA VAL B 69 -44.43 30.39 57.57
C VAL B 69 -44.53 29.77 56.19
N LYS B 70 -43.87 30.40 55.20
CA LYS B 70 -43.94 29.89 53.84
C LYS B 70 -43.29 28.53 53.71
N GLU B 71 -42.14 28.33 54.36
CA GLU B 71 -41.43 27.07 54.28
C GLU B 71 -42.11 26.00 55.14
N ASP B 72 -42.20 24.80 54.59
CA ASP B 72 -42.77 23.67 55.32
C ASP B 72 -41.75 23.14 56.33
N VAL B 73 -42.10 22.04 56.99
CA VAL B 73 -41.21 21.46 57.99
C VAL B 73 -40.08 20.68 57.36
N THR B 74 -40.27 20.18 56.14
CA THR B 74 -39.24 19.41 55.45
C THR B 74 -38.29 20.30 54.66
N GLU B 75 -38.31 21.60 54.89
CA GLU B 75 -37.42 22.55 54.24
C GLU B 75 -36.63 23.37 55.23
N ILE B 76 -37.23 23.72 56.37
CA ILE B 76 -36.49 24.39 57.43
C ILE B 76 -35.28 23.56 57.83
N ILE B 77 -35.48 22.25 57.94
CA ILE B 77 -34.38 21.36 58.36
C ILE B 77 -33.20 21.53 57.43
N LEU B 78 -33.39 21.26 56.14
CA LEU B 78 -32.29 21.42 55.21
C LEU B 78 -31.92 22.88 54.99
N ASN B 79 -32.63 23.81 55.63
CA ASN B 79 -32.26 25.20 55.64
C ASN B 79 -31.35 25.53 56.82
N LEU B 80 -31.51 24.82 57.94
CA LEU B 80 -30.65 25.03 59.10
C LEU B 80 -29.32 24.31 58.95
N LYS B 81 -29.36 23.05 58.50
CA LYS B 81 -28.17 22.21 58.39
C LYS B 81 -26.98 23.01 57.87
N SER B 82 -27.19 23.82 56.84
CA SER B 82 -26.12 24.64 56.28
C SER B 82 -26.01 25.97 57.02
N LEU B 83 -25.91 25.90 58.34
CA LEU B 83 -25.76 27.07 59.21
C LEU B 83 -24.42 26.93 59.93
N VAL B 84 -23.38 27.55 59.37
CA VAL B 84 -22.05 27.43 59.96
C VAL B 84 -22.08 27.95 61.40
N VAL B 85 -21.47 27.20 62.31
CA VAL B 85 -21.46 27.54 63.73
C VAL B 85 -20.23 26.93 64.36
N SER B 86 -19.72 27.57 65.41
CA SER B 86 -18.55 27.09 66.12
C SER B 86 -18.84 27.04 67.61
N SER B 87 -18.37 25.98 68.26
CA SER B 87 -18.56 25.78 69.69
C SER B 87 -17.25 25.31 70.31
N GLU B 88 -17.16 25.44 71.63
CA GLU B 88 -15.97 25.00 72.36
C GLU B 88 -16.26 24.21 73.62
N GLU B 89 -17.49 24.23 74.14
CA GLU B 89 -17.87 23.47 75.33
C GLU B 89 -18.45 22.14 74.86
N ASP B 90 -17.59 21.13 74.74
CA ASP B 90 -18.04 19.88 74.12
C ASP B 90 -19.11 19.23 74.99
N GLU B 91 -20.36 19.44 74.61
CA GLU B 91 -21.53 18.80 75.22
C GLU B 91 -22.76 19.33 74.50
N PRO B 92 -23.87 18.60 74.52
CA PRO B 92 -25.12 19.17 73.97
C PRO B 92 -25.46 20.50 74.62
N VAL B 93 -25.40 21.58 73.84
CA VAL B 93 -25.61 22.93 74.33
C VAL B 93 -26.76 23.53 73.51
N THR B 94 -27.96 23.48 74.06
CA THR B 94 -29.15 23.90 73.32
C THR B 94 -29.18 25.41 73.18
N MET B 95 -29.75 25.88 72.07
CA MET B 95 -30.01 27.28 71.83
C MET B 95 -31.48 27.45 71.46
N TYR B 96 -31.95 28.70 71.52
CA TYR B 96 -33.34 29.02 71.25
C TYR B 96 -33.42 30.12 70.20
N LEU B 97 -34.28 29.94 69.22
CA LEU B 97 -34.52 30.94 68.18
C LEU B 97 -36.03 31.19 68.11
N ARG B 98 -36.45 32.40 68.47
CA ARG B 98 -37.87 32.74 68.44
C ARG B 98 -38.05 34.11 67.82
N LYS B 99 -39.22 34.31 67.21
CA LYS B 99 -39.56 35.58 66.59
C LYS B 99 -41.04 35.64 66.26
N GLN B 100 -41.68 36.76 66.59
CA GLN B 100 -43.11 36.93 66.36
C GLN B 100 -43.36 38.02 65.32
N GLY B 101 -44.61 38.11 64.88
CA GLY B 101 -45.01 39.10 63.92
C GLY B 101 -44.50 38.81 62.52
N PRO B 102 -45.16 39.38 61.51
CA PRO B 102 -44.73 39.14 60.13
C PRO B 102 -43.32 39.66 59.89
N GLY B 103 -42.47 38.80 59.34
CA GLY B 103 -41.11 39.21 59.05
C GLY B 103 -40.26 38.03 58.68
N GLU B 104 -39.06 38.33 58.18
CA GLU B 104 -38.10 37.31 57.80
C GLU B 104 -37.09 37.09 58.92
N VAL B 105 -36.99 35.85 59.38
CA VAL B 105 -36.03 35.47 60.40
C VAL B 105 -34.67 35.26 59.75
N THR B 106 -33.60 35.60 60.45
CA THR B 106 -32.26 35.41 59.95
C THR B 106 -31.38 34.84 61.06
N ALA B 107 -30.15 34.47 60.68
CA ALA B 107 -29.23 33.87 61.64
C ALA B 107 -29.04 34.73 62.87
N GLY B 108 -28.86 36.04 62.68
CA GLY B 108 -28.67 36.91 63.82
C GLY B 108 -29.86 37.04 64.74
N ASP B 109 -31.00 36.42 64.40
CA ASP B 109 -32.18 36.48 65.25
C ASP B 109 -32.08 35.56 66.45
N ILE B 110 -31.13 34.64 66.47
CA ILE B 110 -30.94 33.69 67.56
C ILE B 110 -29.84 34.19 68.47
N VAL B 111 -30.01 34.00 69.78
CA VAL B 111 -29.04 34.46 70.76
C VAL B 111 -28.24 33.26 71.25
N PRO B 112 -27.00 33.09 70.81
CA PRO B 112 -26.22 31.92 71.20
C PRO B 112 -25.74 32.04 72.63
N PRO B 113 -25.76 30.93 73.39
CA PRO B 113 -25.24 30.98 74.76
C PRO B 113 -23.73 31.17 74.80
N ALA B 114 -23.17 31.18 76.00
CA ALA B 114 -21.73 31.39 76.16
C ALA B 114 -20.95 30.21 75.62
N GLY B 115 -20.00 30.49 74.71
CA GLY B 115 -19.12 29.49 74.14
C GLY B 115 -19.39 29.18 72.68
N VAL B 116 -20.63 29.38 72.22
CA VAL B 116 -20.98 29.10 70.84
C VAL B 116 -21.25 30.41 70.13
N THR B 117 -21.04 30.40 68.81
CA THR B 117 -21.18 31.60 68.00
C THR B 117 -21.64 31.22 66.60
N VAL B 118 -22.09 32.22 65.85
CA VAL B 118 -22.53 32.04 64.48
C VAL B 118 -21.59 32.84 63.57
N HIS B 119 -21.36 32.32 62.37
CA HIS B 119 -20.42 32.92 61.43
C HIS B 119 -21.09 33.53 60.21
N ASN B 120 -22.43 33.44 60.09
CA ASN B 120 -23.15 34.02 58.96
C ASN B 120 -24.51 34.49 59.44
N PRO B 121 -24.57 35.67 60.07
CA PRO B 121 -25.85 36.14 60.61
C PRO B 121 -26.88 36.44 59.53
N GLY B 122 -26.45 36.75 58.31
CA GLY B 122 -27.38 37.16 57.27
C GLY B 122 -27.99 36.01 56.50
N MET B 123 -28.08 34.83 57.13
CA MET B 123 -28.64 33.67 56.47
C MET B 123 -30.17 33.64 56.62
N HIS B 124 -30.85 33.33 55.53
CA HIS B 124 -32.30 33.21 55.54
C HIS B 124 -32.72 31.86 56.13
N ILE B 125 -33.61 31.90 57.12
CA ILE B 125 -34.05 30.70 57.82
C ILE B 125 -35.53 30.43 57.61
N ALA B 126 -36.36 31.47 57.64
CA ALA B 126 -37.80 31.31 57.47
C ALA B 126 -38.43 32.69 57.35
N THR B 127 -39.71 32.70 56.96
CA THR B 127 -40.48 33.94 56.87
C THR B 127 -41.85 33.73 57.47
N LEU B 128 -42.19 34.53 58.48
CA LEU B 128 -43.47 34.42 59.17
C LEU B 128 -44.46 35.36 58.50
N ASN B 129 -45.54 34.78 57.98
CA ASN B 129 -46.51 35.53 57.18
C ASN B 129 -47.00 36.78 57.92
N ASP B 130 -47.68 36.59 59.04
CA ASP B 130 -48.17 37.71 59.82
C ASP B 130 -48.81 37.22 61.12
N LYS B 131 -48.61 37.96 62.21
CA LYS B 131 -49.28 37.70 63.48
C LYS B 131 -49.10 36.25 63.92
N GLY B 132 -47.98 35.65 63.53
CA GLY B 132 -47.65 34.29 63.92
C GLY B 132 -46.22 34.18 64.38
N LYS B 133 -46.00 33.75 65.63
CA LYS B 133 -44.66 33.67 66.19
C LYS B 133 -44.15 32.24 66.11
N LEU B 134 -42.88 32.11 65.72
CA LEU B 134 -42.21 30.82 65.64
C LEU B 134 -41.20 30.71 66.77
N GLU B 135 -41.06 29.49 67.31
CA GLU B 135 -40.10 29.20 68.36
C GLU B 135 -39.47 27.84 68.08
N VAL B 136 -38.14 27.79 68.11
CA VAL B 136 -37.40 26.57 67.79
C VAL B 136 -36.27 26.41 68.80
N GLU B 137 -35.97 25.15 69.11
CA GLU B 137 -34.95 24.79 70.10
C GLU B 137 -33.94 23.88 69.43
N LEU B 138 -32.72 24.36 69.27
CA LEU B 138 -31.66 23.64 68.58
C LEU B 138 -30.68 23.04 69.57
N VAL B 139 -29.94 22.04 69.12
CA VAL B 139 -28.88 21.42 69.90
C VAL B 139 -27.61 21.40 69.07
N VAL B 140 -26.53 21.92 69.64
CA VAL B 140 -25.26 22.07 68.93
C VAL B 140 -24.21 21.24 69.66
N GLU B 141 -23.35 20.56 68.89
CA GLU B 141 -22.30 19.75 69.50
C GLU B 141 -21.18 19.57 68.48
N ARG B 142 -20.04 19.12 68.98
CA ARG B 142 -18.84 18.99 68.17
C ARG B 142 -18.71 17.57 67.61
N GLY B 143 -17.73 17.41 66.74
CA GLY B 143 -17.49 16.12 66.12
C GLY B 143 -16.64 16.29 64.87
N ARG B 144 -16.55 15.21 64.10
CA ARG B 144 -15.79 15.18 62.86
C ARG B 144 -16.56 14.41 61.81
N GLY B 145 -16.16 14.60 60.56
CA GLY B 145 -16.77 13.89 59.46
C GLY B 145 -18.22 14.29 59.25
N TYR B 146 -18.99 13.37 58.68
CA TYR B 146 -20.41 13.59 58.39
C TYR B 146 -21.19 12.43 59.00
N VAL B 147 -21.88 12.69 60.10
CA VAL B 147 -22.70 11.70 60.78
C VAL B 147 -24.15 11.88 60.34
N PRO B 148 -24.78 10.88 59.73
CA PRO B 148 -26.18 11.05 59.31
C PRO B 148 -27.09 11.27 60.51
N ALA B 149 -28.39 11.40 60.26
CA ALA B 149 -29.32 11.70 61.35
C ALA B 149 -29.21 10.61 62.41
N VAL B 150 -28.72 10.98 63.59
CA VAL B 150 -28.50 10.03 64.68
C VAL B 150 -29.85 9.77 65.33
N GLN B 151 -30.52 8.68 64.93
CA GLN B 151 -31.80 8.31 65.52
C GLN B 151 -31.62 8.05 67.01
N ASN B 152 -32.10 8.96 67.85
CA ASN B 152 -31.87 8.86 69.28
C ASN B 152 -32.43 7.54 69.81
N ARG B 153 -32.06 7.22 71.05
CA ARG B 153 -32.52 5.99 71.67
C ARG B 153 -33.86 6.18 72.38
N ALA B 154 -34.80 6.76 71.66
CA ALA B 154 -36.19 6.87 72.08
C ALA B 154 -37.17 6.37 71.01
N SER B 155 -36.88 6.63 69.74
CA SER B 155 -37.71 6.18 68.62
C SER B 155 -39.19 6.30 68.94
N GLY B 156 -39.56 7.46 69.49
CA GLY B 156 -40.91 7.69 69.94
C GLY B 156 -40.99 8.18 71.37
N ALA B 157 -40.07 7.74 72.22
CA ALA B 157 -40.03 8.18 73.61
C ALA B 157 -39.55 9.62 73.77
N GLU B 158 -39.36 10.35 72.68
CA GLU B 158 -38.96 11.74 72.73
C GLU B 158 -40.15 12.66 72.52
N ILE B 159 -39.98 13.92 72.91
CA ILE B 159 -41.05 14.89 72.82
C ILE B 159 -41.43 15.22 71.38
N GLY B 160 -40.58 14.86 70.43
CA GLY B 160 -40.82 15.16 69.03
C GLY B 160 -39.72 16.00 68.40
N ARG B 161 -38.50 15.85 68.92
CA ARG B 161 -37.37 16.60 68.40
C ARG B 161 -36.85 15.92 67.14
N ILE B 162 -36.92 16.62 66.01
CA ILE B 162 -36.49 16.03 64.74
C ILE B 162 -34.97 15.87 64.76
N PRO B 163 -34.44 14.67 64.50
CA PRO B 163 -32.99 14.52 64.38
C PRO B 163 -32.52 14.77 62.95
N VAL B 164 -31.55 15.68 62.79
CA VAL B 164 -31.09 16.09 61.47
C VAL B 164 -29.68 15.59 61.25
N ASP B 165 -29.33 15.36 59.99
CA ASP B 165 -27.97 15.01 59.63
C ASP B 165 -27.02 16.13 60.03
N SER B 166 -25.82 15.77 60.46
CA SER B 166 -24.84 16.72 60.96
C SER B 166 -23.67 16.83 60.01
N ILE B 167 -23.13 18.04 59.88
CA ILE B 167 -21.98 18.31 59.02
C ILE B 167 -20.94 18.98 59.91
N TYR B 168 -20.01 18.18 60.46
CA TYR B 168 -19.01 18.72 61.36
C TYR B 168 -17.82 19.30 60.60
N SER B 169 -17.37 18.63 59.56
CA SER B 169 -16.15 19.01 58.87
C SER B 169 -16.22 20.47 58.43
N PRO B 170 -15.20 21.29 58.72
CA PRO B 170 -15.23 22.67 58.22
C PRO B 170 -15.17 22.77 56.71
N VAL B 171 -14.49 21.84 56.05
CA VAL B 171 -14.45 21.82 54.59
C VAL B 171 -15.74 21.21 54.05
N LEU B 172 -16.04 21.51 52.78
CA LEU B 172 -17.29 21.12 52.17
C LEU B 172 -17.13 20.33 50.89
N LYS B 173 -15.97 20.35 50.26
CA LYS B 173 -15.76 19.69 48.98
C LYS B 173 -14.26 19.67 48.69
N VAL B 174 -13.78 18.53 48.22
CA VAL B 174 -12.36 18.37 47.91
C VAL B 174 -12.21 17.53 46.65
N THR B 175 -11.25 17.89 45.81
CA THR B 175 -10.96 17.15 44.60
C THR B 175 -9.48 17.28 44.28
N TYR B 176 -9.00 16.44 43.38
CA TYR B 176 -7.58 16.43 43.05
C TYR B 176 -7.39 15.73 41.71
N LYS B 177 -6.19 15.87 41.17
CA LYS B 177 -5.78 15.21 39.94
C LYS B 177 -4.30 15.46 39.72
N VAL B 178 -3.62 14.48 39.13
CA VAL B 178 -2.18 14.53 38.99
C VAL B 178 -1.82 14.81 37.53
N ASP B 179 -0.54 15.12 37.30
CA ASP B 179 -0.04 15.41 35.97
C ASP B 179 1.30 14.71 35.80
N ALA B 180 2.01 15.05 34.73
CA ALA B 180 3.24 14.38 34.31
C ALA B 180 4.32 15.39 33.96
N THR B 181 4.53 16.36 34.84
CA THR B 181 5.46 17.45 34.54
C THR B 181 6.86 16.93 34.29
N ARG B 182 7.50 17.46 33.24
CA ARG B 182 8.94 17.32 33.02
C ARG B 182 9.36 15.86 32.93
N VAL B 183 8.87 15.19 31.88
CA VAL B 183 9.10 13.76 31.70
C VAL B 183 10.53 13.45 31.27
N GLU B 184 11.32 14.46 30.92
CA GLU B 184 12.68 14.25 30.43
C GLU B 184 13.74 14.85 31.34
N GLN B 185 13.53 16.08 31.81
CA GLN B 185 14.44 16.65 32.82
C GLN B 185 14.11 16.12 34.20
N ARG B 186 12.82 16.03 34.54
CA ARG B 186 12.39 15.42 35.78
C ARG B 186 12.01 13.95 35.60
N THR B 187 12.08 13.43 34.38
CA THR B 187 11.87 12.02 34.08
C THR B 187 10.53 11.51 34.63
N ASP B 188 9.45 12.10 34.11
CA ASP B 188 8.09 11.63 34.37
C ASP B 188 7.76 11.66 35.86
N PHE B 189 7.73 12.87 36.42
CA PHE B 189 7.32 13.04 37.80
C PHE B 189 5.82 13.34 37.85
N ASP B 190 5.32 13.73 39.03
CA ASP B 190 3.92 14.04 39.22
C ASP B 190 3.74 15.48 39.69
N LYS B 191 2.55 16.01 39.44
CA LYS B 191 2.19 17.37 39.86
C LYS B 191 0.79 17.31 40.46
N LEU B 192 0.72 17.12 41.77
CA LEU B 192 -0.58 17.05 42.44
C LEU B 192 -1.27 18.41 42.39
N ILE B 193 -2.60 18.38 42.30
CA ILE B 193 -3.39 19.60 42.25
C ILE B 193 -4.64 19.45 43.09
N LEU B 194 -4.62 20.02 44.29
CA LEU B 194 -5.78 19.96 45.17
C LEU B 194 -6.75 21.09 44.86
N ASP B 195 -7.98 20.95 45.36
CA ASP B 195 -8.99 21.97 45.20
C ASP B 195 -9.99 21.80 46.33
N VAL B 196 -9.96 22.71 47.31
CA VAL B 196 -10.66 22.53 48.56
C VAL B 196 -11.56 23.75 48.77
N GLU B 197 -12.88 23.51 48.79
CA GLU B 197 -13.84 24.52 49.20
C GLU B 197 -14.08 24.40 50.70
N THR B 198 -13.94 25.51 51.42
CA THR B 198 -14.04 25.51 52.87
C THR B 198 -15.21 26.37 53.31
N LYS B 199 -16.04 25.82 54.20
CA LYS B 199 -17.02 26.61 54.92
C LYS B 199 -16.32 27.80 55.57
N ASN B 200 -17.06 28.88 55.85
CA ASN B 200 -16.42 30.11 56.30
C ASN B 200 -16.07 30.09 57.78
N SER B 201 -15.98 28.90 58.38
CA SER B 201 -15.56 28.79 59.77
C SER B 201 -14.06 28.96 59.92
N ILE B 202 -13.29 28.60 58.90
CA ILE B 202 -11.83 28.76 58.94
C ILE B 202 -11.32 28.79 57.51
N SER B 203 -10.23 29.52 57.29
CA SER B 203 -9.65 29.66 55.98
C SER B 203 -9.32 28.28 55.39
N PRO B 204 -9.13 28.20 54.07
CA PRO B 204 -8.75 26.92 53.47
C PRO B 204 -7.27 26.61 53.56
N ARG B 205 -6.51 27.43 54.27
CA ARG B 205 -5.08 27.24 54.49
C ARG B 205 -4.77 26.82 55.91
N ASP B 206 -5.62 27.19 56.86
CA ASP B 206 -5.56 26.72 58.23
C ASP B 206 -6.40 25.46 58.45
N ALA B 207 -6.96 24.92 57.37
CA ALA B 207 -7.71 23.66 57.43
C ALA B 207 -7.03 22.59 56.60
N LEU B 208 -5.81 22.85 56.15
CA LEU B 208 -4.92 21.87 55.52
C LEU B 208 -3.72 21.57 56.40
N ALA B 209 -3.10 22.61 56.97
CA ALA B 209 -2.00 22.39 57.90
C ALA B 209 -2.44 21.49 59.05
N SER B 210 -3.66 21.70 59.55
CA SER B 210 -4.17 20.85 60.62
C SER B 210 -4.30 19.41 60.16
N ALA B 211 -4.69 19.19 58.91
CA ALA B 211 -4.74 17.85 58.37
C ALA B 211 -3.33 17.25 58.30
N GLY B 212 -2.38 18.03 57.80
CA GLY B 212 -0.99 17.57 57.79
C GLY B 212 -0.53 17.16 59.18
N LYS B 213 -0.92 17.94 60.20
CA LYS B 213 -0.54 17.61 61.57
C LYS B 213 -1.19 16.29 61.99
N THR B 214 -2.52 16.22 61.94
CA THR B 214 -3.21 15.02 62.38
C THR B 214 -2.81 13.79 61.58
N LEU B 215 -2.14 13.99 60.43
CA LEU B 215 -1.68 12.85 59.64
C LEU B 215 -0.25 12.49 59.95
N VAL B 216 0.58 13.49 60.29
CA VAL B 216 1.96 13.23 60.66
C VAL B 216 2.01 12.63 62.05
N GLU B 217 0.97 12.81 62.84
CA GLU B 217 0.87 12.19 64.15
C GLU B 217 0.19 10.83 64.08
N LEU B 218 -0.14 10.37 62.88
CA LEU B 218 -0.71 9.05 62.65
C LEU B 218 0.22 8.14 61.86
N PHE B 219 0.95 8.68 60.90
CA PHE B 219 2.01 7.92 60.24
C PHE B 219 3.25 7.79 61.11
N GLY B 220 3.37 8.60 62.16
CA GLY B 220 4.49 8.46 63.07
C GLY B 220 4.40 7.19 63.89
N LEU B 221 3.17 6.79 64.27
CA LEU B 221 2.96 5.55 65.00
C LEU B 221 3.79 4.42 64.40
N ALA B 222 3.75 4.28 63.07
CA ALA B 222 4.58 3.28 62.41
C ALA B 222 6.06 3.67 62.50
N ARG B 223 6.39 4.89 62.11
CA ARG B 223 7.79 5.31 62.09
C ARG B 223 8.43 5.24 63.47
N GLU B 224 7.62 5.19 64.54
CA GLU B 224 8.13 4.98 65.89
C GLU B 224 8.12 3.50 66.25
N LEU B 225 8.68 2.68 65.36
CA LEU B 225 8.91 1.26 65.61
C LEU B 225 10.39 0.92 65.59
N ASN B 226 11.17 1.55 64.73
CA ASN B 226 12.62 1.41 64.74
C ASN B 226 13.21 2.75 64.27
N VAL B 227 13.53 3.61 65.25
CA VAL B 227 13.96 4.97 64.94
C VAL B 227 15.15 4.94 63.98
N GLU B 228 16.13 4.08 64.27
CA GLU B 228 17.31 3.95 63.42
C GLU B 228 16.95 3.19 62.16
N ALA B 229 16.25 3.85 61.24
CA ALA B 229 15.86 3.27 59.96
C ALA B 229 16.49 4.07 58.84
N GLU B 230 16.13 3.75 57.60
CA GLU B 230 16.69 4.42 56.42
C GLU B 230 15.61 4.52 55.36
N GLY B 231 14.93 5.67 55.32
CA GLY B 231 13.96 5.96 54.30
C GLY B 231 14.45 7.01 53.33
N ILE B 232 13.51 7.60 52.61
CA ILE B 232 13.82 8.69 51.68
C ILE B 232 13.78 10.00 52.45
N GLU B 233 14.81 10.82 52.28
CA GLU B 233 14.96 12.05 53.02
C GLU B 233 14.85 13.26 52.11
N ILE B 234 14.27 14.33 52.63
CA ILE B 234 14.12 15.59 51.91
C ILE B 234 15.20 16.59 52.29
N GLY B 235 15.42 16.77 53.59
CA GLY B 235 16.44 17.67 54.08
C GLY B 235 15.83 18.95 54.62
N PRO B 236 16.56 20.05 54.48
CA PRO B 236 16.05 21.35 54.98
C PRO B 236 15.20 22.06 53.93
N SER B 237 14.39 22.99 54.42
CA SER B 237 13.54 23.78 53.55
C SER B 237 14.35 24.74 52.69
N ASN C 24 1.98 -39.64 26.36
CA ASN C 24 1.44 -40.90 25.85
C ASN C 24 2.21 -41.36 24.62
N SER C 25 2.77 -42.56 24.69
CA SER C 25 3.54 -43.14 23.58
C SER C 25 4.77 -42.29 23.28
N VAL C 26 5.39 -41.74 24.33
CA VAL C 26 6.64 -41.02 24.20
C VAL C 26 7.46 -41.25 25.47
N PRO C 27 8.73 -41.64 25.35
CA PRO C 27 9.46 -42.14 26.53
C PRO C 27 9.42 -41.20 27.73
N GLY C 28 9.84 -39.95 27.56
CA GLY C 28 9.98 -39.05 28.69
C GLY C 28 9.16 -37.78 28.59
N ALA C 29 7.96 -37.88 28.06
CA ALA C 29 7.08 -36.73 27.95
C ALA C 29 6.45 -36.40 29.30
N PRO C 30 6.04 -35.15 29.49
CA PRO C 30 5.35 -34.80 30.74
C PRO C 30 3.97 -35.42 30.79
N ASN C 31 3.41 -35.44 32.00
CA ASN C 31 2.09 -36.02 32.23
C ASN C 31 1.05 -34.91 32.13
N ARG C 32 0.40 -34.81 30.99
CA ARG C 32 -0.63 -33.81 30.74
C ARG C 32 -1.99 -34.50 30.81
N VAL C 33 -2.67 -34.37 31.95
CA VAL C 33 -4.01 -34.91 32.08
C VAL C 33 -4.87 -34.42 30.93
N SER C 34 -5.77 -35.29 30.47
CA SER C 34 -6.64 -34.96 29.35
C SER C 34 -8.10 -35.00 29.79
N PHE C 35 -8.91 -34.16 29.17
CA PHE C 35 -10.35 -34.13 29.41
C PHE C 35 -11.14 -34.94 28.39
N ALA C 36 -10.47 -35.53 27.41
CA ALA C 36 -11.16 -36.22 26.33
C ALA C 36 -11.98 -37.38 26.88
N LYS C 37 -12.86 -37.92 26.03
CA LYS C 37 -13.72 -39.02 26.39
C LYS C 37 -13.58 -40.22 25.46
N LEU C 38 -13.18 -40.01 24.21
CA LEU C 38 -13.11 -41.07 23.21
C LEU C 38 -11.68 -41.60 23.14
N ARG C 39 -11.48 -42.60 22.29
CA ARG C 39 -10.16 -43.15 22.06
C ARG C 39 -9.57 -42.58 20.78
N GLU C 40 -8.33 -42.96 20.49
CA GLU C 40 -7.63 -42.52 19.29
C GLU C 40 -7.04 -43.74 18.59
N PRO C 41 -7.89 -44.54 17.94
CA PRO C 41 -7.40 -45.80 17.36
C PRO C 41 -6.16 -45.63 16.52
N LEU C 42 -6.08 -44.57 15.74
CA LEU C 42 -4.92 -44.25 14.91
C LEU C 42 -4.18 -43.08 15.53
N GLU C 43 -2.86 -43.20 15.63
CA GLU C 43 -2.02 -42.13 16.16
C GLU C 43 -1.48 -41.29 15.02
N VAL C 44 -1.26 -40.00 15.31
CA VAL C 44 -0.89 -39.02 14.29
C VAL C 44 0.24 -39.55 13.44
N PRO C 45 0.25 -39.27 12.14
CA PRO C 45 1.34 -39.74 11.28
C PRO C 45 2.61 -38.94 11.46
N GLY C 46 3.58 -39.18 10.56
CA GLY C 46 4.83 -38.45 10.56
C GLY C 46 4.69 -37.09 9.90
N LEU C 47 4.16 -36.13 10.65
CA LEU C 47 3.69 -34.85 10.12
C LEU C 47 4.54 -34.34 8.97
N LEU C 48 5.86 -34.54 9.05
CA LEU C 48 6.75 -34.13 7.98
C LEU C 48 6.84 -35.15 6.85
N ASP C 49 5.99 -36.19 6.86
CA ASP C 49 6.08 -37.22 5.84
C ASP C 49 5.85 -36.63 4.45
N VAL C 50 4.92 -35.69 4.34
CA VAL C 50 4.55 -35.14 3.04
C VAL C 50 5.74 -34.54 2.31
N GLN C 51 6.86 -34.34 3.00
CA GLN C 51 8.06 -33.80 2.40
C GLN C 51 9.17 -34.83 2.26
N THR C 52 9.44 -35.62 3.30
CA THR C 52 10.53 -36.58 3.21
C THR C 52 10.09 -37.82 2.45
N ASP C 53 9.12 -38.55 2.98
CA ASP C 53 8.63 -39.73 2.27
C ASP C 53 8.11 -39.37 0.89
N SER C 54 7.84 -38.09 0.65
CA SER C 54 7.48 -37.64 -0.69
C SER C 54 8.70 -37.46 -1.57
N PHE C 55 9.79 -36.92 -1.01
CA PHE C 55 10.98 -36.74 -1.82
C PHE C 55 11.47 -38.10 -2.27
N GLU C 56 12.23 -38.80 -1.42
CA GLU C 56 12.18 -40.26 -1.24
C GLU C 56 11.67 -41.06 -2.43
N TRP C 57 11.58 -40.44 -3.59
CA TRP C 57 11.07 -41.08 -4.80
C TRP C 57 11.79 -40.62 -6.05
N LEU C 58 12.49 -39.48 -6.00
CA LEU C 58 13.37 -39.05 -7.07
C LEU C 58 14.72 -39.74 -6.94
N ILE C 59 15.33 -39.65 -5.76
CA ILE C 59 16.51 -40.45 -5.46
C ILE C 59 16.19 -41.92 -5.68
N GLY C 60 15.19 -42.43 -4.98
CA GLY C 60 14.85 -43.84 -5.04
C GLY C 60 15.37 -44.70 -3.91
N SER C 61 15.72 -44.12 -2.76
CA SER C 61 16.29 -44.86 -1.64
C SER C 61 15.48 -46.12 -1.35
N PRO C 62 16.13 -47.20 -0.93
CA PRO C 62 15.40 -48.47 -0.68
C PRO C 62 14.25 -48.31 0.30
N ARG C 63 14.28 -47.29 1.15
CA ARG C 63 13.16 -47.03 2.06
C ARG C 63 11.85 -46.97 1.29
N TRP C 64 11.75 -46.01 0.36
CA TRP C 64 10.57 -45.95 -0.51
C TRP C 64 10.40 -47.22 -1.32
N ARG C 65 11.49 -47.86 -1.74
CA ARG C 65 11.38 -49.14 -2.45
C ARG C 65 10.46 -50.10 -1.69
N GLU C 66 10.76 -50.33 -0.41
CA GLU C 66 9.93 -51.23 0.37
C GLU C 66 8.57 -50.60 0.67
N SER C 67 8.54 -49.30 0.96
CA SER C 67 7.26 -48.67 1.25
C SER C 67 6.29 -48.90 0.10
N ALA C 68 6.61 -48.41 -1.09
CA ALA C 68 5.79 -48.68 -2.27
C ALA C 68 6.20 -49.97 -2.96
N ALA C 69 6.46 -51.01 -2.17
CA ALA C 69 6.60 -52.38 -2.65
C ALA C 69 5.83 -53.37 -1.80
N GLU C 70 5.53 -53.05 -0.55
CA GLU C 70 4.78 -53.90 0.36
C GLU C 70 3.29 -53.68 0.27
N ARG C 71 2.87 -52.45 -0.01
CA ARG C 71 1.46 -52.11 -0.23
C ARG C 71 1.21 -52.03 -1.74
N GLY C 72 0.96 -53.19 -2.34
CA GLY C 72 0.78 -53.25 -3.77
C GLY C 72 2.01 -52.77 -4.51
N ASP C 73 1.80 -51.95 -5.54
CA ASP C 73 2.90 -51.35 -6.28
C ASP C 73 3.83 -52.45 -6.82
N VAL C 74 3.26 -53.26 -7.72
CA VAL C 74 3.95 -54.45 -8.23
C VAL C 74 5.39 -54.12 -8.61
N ASN C 75 5.58 -53.12 -9.46
CA ASN C 75 6.92 -52.73 -9.91
C ASN C 75 7.16 -51.25 -9.69
N PRO C 76 8.03 -50.88 -8.75
CA PRO C 76 8.32 -49.47 -8.52
C PRO C 76 9.49 -48.98 -9.35
N VAL C 77 9.45 -47.70 -9.69
CA VAL C 77 10.54 -47.05 -10.42
C VAL C 77 10.73 -45.65 -9.88
N GLY C 78 11.96 -45.30 -9.55
CA GLY C 78 12.28 -44.03 -8.94
C GLY C 78 11.88 -42.83 -9.78
N GLY C 79 12.10 -41.64 -9.24
CA GLY C 79 11.76 -40.44 -9.98
C GLY C 79 12.69 -40.19 -11.15
N LEU C 80 14.00 -40.38 -10.94
CA LEU C 80 14.95 -40.20 -12.02
C LEU C 80 14.80 -41.29 -13.07
N GLU C 81 14.71 -42.55 -12.62
CA GLU C 81 14.56 -43.66 -13.56
C GLU C 81 13.38 -43.46 -14.49
N GLU C 82 12.29 -42.88 -13.99
CA GLU C 82 11.12 -42.64 -14.83
C GLU C 82 11.37 -41.54 -15.85
N VAL C 83 12.45 -40.79 -15.72
CA VAL C 83 12.81 -39.79 -16.71
C VAL C 83 13.73 -40.39 -17.75
N LEU C 84 14.81 -41.04 -17.29
CA LEU C 84 15.74 -41.68 -18.21
C LEU C 84 15.02 -42.68 -19.11
N TYR C 85 14.19 -43.55 -18.51
CA TYR C 85 13.49 -44.57 -19.28
C TYR C 85 12.48 -43.98 -20.25
N GLU C 86 12.22 -42.67 -20.18
CA GLU C 86 11.49 -41.99 -21.25
C GLU C 86 12.41 -41.26 -22.20
N LEU C 87 13.64 -40.98 -21.77
CA LEU C 87 14.63 -40.34 -22.64
C LEU C 87 15.32 -41.38 -23.52
N SER C 88 15.94 -42.37 -22.89
CA SER C 88 16.60 -43.44 -23.63
C SER C 88 15.59 -44.18 -24.50
N PRO C 89 16.02 -44.73 -25.64
CA PRO C 89 17.40 -44.60 -26.13
C PRO C 89 17.56 -43.50 -27.16
N ILE C 90 18.48 -42.57 -26.92
CA ILE C 90 18.71 -41.47 -27.85
C ILE C 90 18.94 -42.03 -29.24
N GLU C 91 18.15 -41.56 -30.21
CA GLU C 91 18.22 -42.06 -31.56
C GLU C 91 18.11 -40.89 -32.54
N ASP C 92 19.09 -40.77 -33.43
CA ASP C 92 19.09 -39.70 -34.41
C ASP C 92 18.17 -40.05 -35.57
N PHE C 93 17.95 -39.07 -36.46
CA PHE C 93 17.13 -39.31 -37.64
C PHE C 93 17.82 -40.24 -38.64
N SER C 94 19.15 -40.32 -38.60
CA SER C 94 19.85 -41.23 -39.50
C SER C 94 19.64 -42.68 -39.09
N GLY C 95 19.34 -42.94 -37.82
CA GLY C 95 19.17 -44.29 -37.35
C GLY C 95 20.42 -45.14 -37.40
N SER C 96 21.59 -44.51 -37.30
CA SER C 96 22.86 -45.24 -37.39
C SER C 96 23.54 -45.43 -36.03
N MET C 97 23.06 -44.76 -34.98
CA MET C 97 23.67 -44.89 -33.67
C MET C 97 22.64 -44.53 -32.61
N SER C 98 22.93 -44.93 -31.37
CA SER C 98 21.99 -44.76 -30.27
C SER C 98 22.75 -44.54 -28.96
N LEU C 99 22.19 -43.70 -28.11
CA LEU C 99 22.71 -43.48 -26.76
C LEU C 99 21.66 -43.88 -25.73
N SER C 100 22.10 -44.50 -24.65
CA SER C 100 21.19 -45.00 -23.63
C SER C 100 21.74 -44.66 -22.25
N PHE C 101 20.83 -44.39 -21.31
CA PHE C 101 21.15 -44.09 -19.93
C PHE C 101 20.54 -45.14 -19.02
N SER C 102 21.10 -45.26 -17.82
CA SER C 102 20.54 -46.19 -16.84
C SER C 102 21.29 -46.01 -15.51
N ASP C 103 20.82 -46.75 -14.51
CA ASP C 103 21.47 -46.89 -13.20
C ASP C 103 21.89 -45.55 -12.63
N PRO C 104 20.95 -44.67 -12.29
CA PRO C 104 21.30 -43.41 -11.61
C PRO C 104 21.50 -43.66 -10.12
N ARG C 105 22.70 -43.34 -9.63
CA ARG C 105 23.04 -43.54 -8.23
C ARG C 105 23.73 -42.30 -7.69
N PHE C 106 23.67 -42.13 -6.38
CA PHE C 106 24.25 -40.99 -5.69
C PHE C 106 25.39 -41.42 -4.80
N ASP C 107 26.44 -40.59 -4.74
CA ASP C 107 27.53 -40.79 -3.79
C ASP C 107 27.10 -40.27 -2.42
N ASP C 108 28.05 -40.15 -1.51
CA ASP C 108 27.80 -39.57 -0.19
C ASP C 108 28.01 -38.07 -0.23
N VAL C 109 27.28 -37.36 0.63
CA VAL C 109 27.39 -35.91 0.66
C VAL C 109 28.83 -35.51 0.97
N LYS C 110 29.23 -34.34 0.46
CA LYS C 110 30.59 -33.86 0.66
C LYS C 110 30.75 -33.23 2.04
N ALA C 111 29.96 -32.21 2.34
CA ALA C 111 30.06 -31.52 3.62
C ALA C 111 28.77 -31.68 4.41
N PRO C 112 28.87 -31.94 5.72
CA PRO C 112 27.66 -32.08 6.54
C PRO C 112 26.86 -30.78 6.58
N VAL C 113 25.61 -30.90 7.04
CA VAL C 113 24.67 -29.78 7.00
C VAL C 113 25.31 -28.54 7.64
N ASP C 114 25.69 -28.67 8.92
CA ASP C 114 26.18 -27.52 9.66
C ASP C 114 27.23 -26.75 8.87
N GLU C 115 28.30 -27.43 8.45
CA GLU C 115 29.35 -26.76 7.69
C GLU C 115 28.79 -26.08 6.45
N CYS C 116 27.93 -26.76 5.71
CA CYS C 116 27.33 -26.16 4.53
C CYS C 116 26.54 -24.91 4.86
N LYS C 117 25.95 -24.87 6.06
CA LYS C 117 25.23 -23.68 6.49
C LYS C 117 26.14 -22.54 6.89
N ASP C 118 27.42 -22.83 7.19
CA ASP C 118 28.35 -21.82 7.66
C ASP C 118 29.17 -21.24 6.51
N LYS C 119 29.71 -22.09 5.65
CA LYS C 119 30.55 -21.65 4.56
C LYS C 119 29.77 -21.19 3.33
N ASP C 120 28.43 -21.16 3.41
CA ASP C 120 27.59 -20.67 2.33
C ASP C 120 27.65 -21.55 1.09
N MET C 121 28.05 -22.81 1.23
CA MET C 121 28.09 -23.75 0.13
C MET C 121 26.83 -24.61 0.14
N THR C 122 26.31 -24.91 -1.05
CA THR C 122 25.07 -25.65 -1.16
C THR C 122 25.26 -27.10 -0.74
N TYR C 123 24.24 -27.65 -0.08
CA TYR C 123 24.30 -28.99 0.49
C TYR C 123 23.78 -29.96 -0.56
N ALA C 124 24.68 -30.70 -1.20
CA ALA C 124 24.32 -31.57 -2.31
C ALA C 124 25.16 -32.84 -2.25
N ALA C 125 25.01 -33.67 -3.26
CA ALA C 125 25.77 -34.90 -3.42
C ALA C 125 25.96 -35.17 -4.90
N PRO C 126 26.96 -35.98 -5.27
CA PRO C 126 27.21 -36.23 -6.69
C PRO C 126 26.21 -37.23 -7.27
N LEU C 127 25.90 -37.04 -8.55
CA LEU C 127 24.98 -37.91 -9.27
C LEU C 127 25.71 -38.60 -10.41
N PHE C 128 25.56 -39.92 -10.49
CA PHE C 128 26.21 -40.73 -11.51
C PHE C 128 25.18 -41.54 -12.28
N VAL C 129 25.27 -41.50 -13.61
CA VAL C 129 24.37 -42.23 -14.49
C VAL C 129 25.20 -43.01 -15.49
N THR C 130 24.97 -44.32 -15.57
CA THR C 130 25.70 -45.15 -16.51
C THR C 130 25.16 -44.93 -17.92
N ALA C 131 26.02 -44.42 -18.80
CA ALA C 131 25.66 -44.12 -20.18
C ALA C 131 26.41 -45.05 -21.13
N GLU C 132 25.74 -45.41 -22.22
CA GLU C 132 26.31 -46.35 -23.19
C GLU C 132 25.92 -45.93 -24.61
N PHE C 133 26.89 -45.97 -25.51
CA PHE C 133 26.67 -45.65 -26.91
C PHE C 133 26.83 -46.91 -27.76
N ILE C 134 25.99 -47.05 -28.77
CA ILE C 134 26.02 -48.22 -29.64
C ILE C 134 25.89 -47.76 -31.09
N ASN C 135 26.71 -48.35 -31.96
CA ASN C 135 26.66 -48.06 -33.38
C ASN C 135 25.75 -49.05 -34.10
N ASN C 136 25.14 -48.60 -35.19
CA ASN C 136 24.29 -49.46 -35.98
C ASN C 136 25.03 -50.13 -37.13
N ASN C 137 26.02 -49.45 -37.72
CA ASN C 137 26.83 -50.07 -38.75
C ASN C 137 27.43 -51.38 -38.25
N THR C 138 28.25 -51.30 -37.20
CA THR C 138 28.86 -52.46 -36.56
C THR C 138 28.47 -52.60 -35.10
N GLY C 139 28.44 -51.49 -34.35
CA GLY C 139 28.01 -51.50 -32.97
C GLY C 139 29.14 -51.64 -31.97
N GLU C 140 29.08 -50.87 -30.89
CA GLU C 140 30.04 -50.94 -29.81
C GLU C 140 29.31 -51.00 -28.48
N ILE C 141 30.02 -51.43 -27.44
CA ILE C 141 29.43 -51.64 -26.13
C ILE C 141 30.07 -50.69 -25.13
N LYS C 142 30.47 -49.51 -25.60
CA LYS C 142 31.12 -48.53 -24.74
C LYS C 142 30.17 -48.09 -23.62
N SER C 143 30.45 -48.55 -22.40
CA SER C 143 29.75 -48.11 -21.20
C SER C 143 30.67 -47.20 -20.40
N GLN C 144 30.16 -46.03 -20.01
CA GLN C 144 30.96 -45.02 -19.35
C GLN C 144 30.11 -44.33 -18.29
N THR C 145 30.59 -44.35 -17.04
CA THR C 145 29.89 -43.69 -15.95
C THR C 145 30.09 -42.18 -16.06
N VAL C 146 29.02 -41.47 -16.42
CA VAL C 146 29.07 -40.03 -16.68
C VAL C 146 28.64 -39.30 -15.42
N PHE C 147 29.47 -38.36 -14.97
CA PHE C 147 29.15 -37.54 -13.81
C PHE C 147 28.17 -36.45 -14.24
N MET C 148 26.94 -36.52 -13.72
CA MET C 148 25.91 -35.55 -14.10
C MET C 148 26.01 -34.25 -13.31
N GLY C 149 26.59 -34.27 -12.12
CA GLY C 149 26.83 -33.06 -11.36
C GLY C 149 26.33 -33.18 -9.95
N ASP C 150 26.30 -32.05 -9.26
CA ASP C 150 25.79 -32.00 -7.90
C ASP C 150 24.28 -31.91 -7.88
N PHE C 151 23.68 -32.51 -6.87
CA PHE C 151 22.24 -32.59 -6.71
C PHE C 151 21.90 -32.27 -5.25
N PRO C 152 21.09 -31.24 -5.00
CA PRO C 152 20.74 -30.92 -3.61
C PRO C 152 19.94 -32.05 -2.97
N MET C 153 20.28 -32.35 -1.72
CA MET C 153 19.59 -33.37 -0.95
C MET C 153 18.70 -32.73 0.11
N MET C 154 17.76 -33.51 0.63
CA MET C 154 16.81 -33.05 1.62
C MET C 154 17.32 -33.39 3.01
N THR C 155 17.44 -32.36 3.86
CA THR C 155 17.89 -32.58 5.23
C THR C 155 16.92 -33.48 5.98
N GLU C 156 17.32 -33.89 7.18
CA GLU C 156 16.48 -34.78 7.97
C GLU C 156 15.18 -34.08 8.38
N LYS C 157 15.19 -32.75 8.47
CA LYS C 157 13.99 -32.02 8.82
C LYS C 157 13.07 -31.77 7.64
N GLY C 158 13.53 -32.01 6.41
CA GLY C 158 12.72 -31.81 5.24
C GLY C 158 12.94 -30.51 4.50
N THR C 159 14.06 -29.83 4.72
CA THR C 159 14.35 -28.58 4.05
C THR C 159 15.63 -28.72 3.24
N PHE C 160 15.85 -27.77 2.33
CA PHE C 160 17.03 -27.73 1.49
C PHE C 160 17.93 -26.59 1.92
N ILE C 161 19.24 -26.75 1.71
CA ILE C 161 20.22 -25.73 2.00
C ILE C 161 20.83 -25.27 0.68
N ILE C 162 20.60 -24.00 0.34
CA ILE C 162 21.08 -23.43 -0.91
C ILE C 162 21.89 -22.18 -0.57
N ASN C 163 23.18 -22.20 -0.93
CA ASN C 163 24.07 -21.08 -0.66
C ASN C 163 24.05 -20.68 0.81
N GLY C 164 23.77 -21.63 1.70
CA GLY C 164 23.71 -21.38 3.12
C GLY C 164 22.35 -21.03 3.66
N THR C 165 21.43 -20.56 2.82
CA THR C 165 20.09 -20.26 3.28
C THR C 165 19.23 -21.52 3.25
N GLU C 166 18.38 -21.67 4.28
CA GLU C 166 17.51 -22.84 4.39
C GLU C 166 16.19 -22.52 3.71
N ARG C 167 15.95 -23.15 2.56
CA ARG C 167 14.75 -22.95 1.77
C ARG C 167 13.86 -24.19 1.82
N VAL C 168 12.61 -24.01 1.43
CA VAL C 168 11.61 -25.06 1.44
C VAL C 168 10.85 -25.01 0.13
N VAL C 169 10.53 -26.18 -0.42
CA VAL C 169 9.68 -26.31 -1.60
C VAL C 169 8.25 -26.57 -1.13
N VAL C 170 7.30 -25.91 -1.76
CA VAL C 170 5.90 -25.96 -1.35
C VAL C 170 5.09 -26.66 -2.42
N SER C 171 4.35 -27.70 -2.01
CA SER C 171 3.53 -28.44 -2.96
C SER C 171 2.51 -27.50 -3.63
N GLN C 172 2.03 -27.92 -4.80
CA GLN C 172 1.18 -27.07 -5.61
C GLN C 172 -0.06 -27.83 -6.06
N LEU C 173 -1.22 -27.20 -5.90
CA LEU C 173 -2.47 -27.79 -6.37
C LEU C 173 -2.67 -27.51 -7.85
N VAL C 174 -3.00 -28.54 -8.61
CA VAL C 174 -3.28 -28.39 -10.04
C VAL C 174 -4.32 -29.41 -10.44
N ARG C 175 -5.25 -28.99 -11.31
CA ARG C 175 -6.22 -29.92 -11.83
C ARG C 175 -5.52 -31.02 -12.62
N SER C 176 -6.01 -32.25 -12.46
CA SER C 176 -5.29 -33.41 -12.99
C SER C 176 -5.68 -33.66 -14.45
N PRO C 177 -4.71 -33.95 -15.30
CA PRO C 177 -5.03 -34.21 -16.71
C PRO C 177 -5.99 -35.38 -16.84
N GLY C 178 -6.97 -35.22 -17.72
CA GLY C 178 -7.96 -36.26 -17.92
C GLY C 178 -9.16 -35.74 -18.70
N VAL C 179 -10.31 -36.37 -18.47
CA VAL C 179 -11.54 -36.03 -19.17
C VAL C 179 -12.47 -35.33 -18.20
N TYR C 180 -12.96 -34.16 -18.60
CA TYR C 180 -13.91 -33.39 -17.80
C TYR C 180 -15.14 -33.09 -18.64
N PHE C 181 -16.30 -33.55 -18.18
CA PHE C 181 -17.58 -33.21 -18.78
C PHE C 181 -18.18 -32.02 -18.04
N ASP C 182 -19.21 -31.42 -18.66
CA ASP C 182 -19.92 -30.33 -18.00
C ASP C 182 -21.14 -30.00 -18.84
N GLU C 183 -22.03 -29.19 -18.26
CA GLU C 183 -23.28 -28.82 -18.90
C GLU C 183 -23.53 -27.33 -18.65
N THR C 184 -24.22 -26.70 -19.60
CA THR C 184 -24.52 -25.28 -19.51
C THR C 184 -25.91 -25.01 -20.05
N ILE C 185 -26.45 -23.85 -19.70
CA ILE C 185 -27.78 -23.43 -20.13
C ILE C 185 -27.64 -22.16 -20.95
N ASP C 186 -28.30 -22.13 -22.11
CA ASP C 186 -28.28 -20.98 -22.99
C ASP C 186 -29.49 -20.10 -22.71
N LYS C 187 -29.27 -18.77 -22.71
CA LYS C 187 -30.35 -17.84 -22.41
C LYS C 187 -31.29 -17.64 -23.58
N SER C 188 -30.83 -17.90 -24.80
CA SER C 188 -31.67 -17.70 -25.98
C SER C 188 -32.85 -18.67 -25.97
N THR C 189 -32.56 -19.98 -26.00
CA THR C 189 -33.60 -21.00 -26.01
C THR C 189 -33.76 -21.73 -24.69
N ASP C 190 -32.79 -21.62 -23.79
CA ASP C 190 -32.92 -22.14 -22.43
C ASP C 190 -32.91 -23.68 -22.41
N LYS C 191 -32.10 -24.28 -23.27
CA LYS C 191 -31.93 -25.72 -23.28
C LYS C 191 -30.66 -26.10 -22.50
N THR C 192 -30.27 -27.36 -22.57
CA THR C 192 -29.09 -27.86 -21.88
C THR C 192 -28.08 -28.36 -22.91
N LEU C 193 -26.88 -27.79 -22.90
CA LEU C 193 -25.83 -28.13 -23.83
C LEU C 193 -24.68 -28.74 -23.04
N HIS C 194 -24.31 -29.97 -23.37
CA HIS C 194 -23.35 -30.75 -22.58
C HIS C 194 -22.04 -30.84 -23.35
N SER C 195 -21.01 -30.17 -22.84
CA SER C 195 -19.69 -30.16 -23.43
C SER C 195 -18.77 -31.13 -22.71
N VAL C 196 -17.69 -31.51 -23.39
CA VAL C 196 -16.64 -32.35 -22.83
C VAL C 196 -15.29 -31.74 -23.18
N LYS C 197 -14.25 -32.21 -22.49
CA LYS C 197 -12.90 -31.75 -22.79
C LYS C 197 -11.91 -32.80 -22.30
N VAL C 198 -10.79 -32.90 -23.02
CA VAL C 198 -9.74 -33.87 -22.70
C VAL C 198 -8.45 -33.08 -22.58
N ILE C 199 -8.00 -32.87 -21.35
CA ILE C 199 -6.83 -32.03 -21.10
C ILE C 199 -5.67 -32.90 -20.65
N PRO C 200 -4.72 -33.20 -21.53
CA PRO C 200 -3.53 -33.95 -21.12
C PRO C 200 -2.39 -33.00 -20.75
N SER C 201 -1.31 -33.59 -20.26
CA SER C 201 -0.08 -32.85 -20.01
C SER C 201 0.74 -32.77 -21.28
N ARG C 202 0.94 -31.55 -21.79
CA ARG C 202 1.72 -31.32 -23.00
C ARG C 202 1.13 -32.04 -24.21
N GLY C 203 -0.08 -31.64 -24.59
CA GLY C 203 -0.74 -32.20 -25.74
C GLY C 203 -1.69 -31.22 -26.41
N ALA C 204 -2.77 -31.75 -26.97
CA ALA C 204 -3.79 -30.98 -27.65
C ALA C 204 -5.15 -31.20 -27.01
N TRP C 205 -6.01 -30.20 -27.11
CA TRP C 205 -7.34 -30.22 -26.51
C TRP C 205 -8.38 -30.37 -27.61
N LEU C 206 -9.41 -31.17 -27.34
CA LEU C 206 -10.49 -31.41 -28.31
C LEU C 206 -11.81 -31.52 -27.55
N GLU C 207 -12.52 -30.41 -27.43
CA GLU C 207 -13.84 -30.40 -26.81
C GLU C 207 -14.86 -30.99 -27.77
N PHE C 208 -15.78 -31.79 -27.24
CA PHE C 208 -16.90 -32.30 -28.03
C PHE C 208 -18.17 -31.51 -27.71
N ASP C 209 -18.18 -30.26 -28.16
CA ASP C 209 -19.30 -29.37 -27.89
C ASP C 209 -20.60 -29.96 -28.43
N VAL C 210 -21.72 -29.45 -27.91
CA VAL C 210 -23.05 -29.74 -28.44
C VAL C 210 -23.80 -28.41 -28.53
N ASP C 211 -23.84 -27.84 -29.72
CA ASP C 211 -24.31 -26.47 -29.90
C ASP C 211 -25.73 -26.31 -29.39
N LYS C 212 -26.17 -25.04 -29.32
CA LYS C 212 -27.58 -24.76 -29.09
C LYS C 212 -28.46 -25.58 -30.02
N ARG C 213 -28.14 -25.55 -31.31
CA ARG C 213 -28.69 -26.50 -32.27
C ARG C 213 -27.82 -27.75 -32.28
N ASP C 214 -28.00 -28.60 -33.27
CA ASP C 214 -27.12 -29.75 -33.44
C ASP C 214 -25.89 -29.35 -34.24
N THR C 215 -24.91 -30.25 -34.30
CA THR C 215 -25.02 -31.58 -33.70
C THR C 215 -23.91 -31.89 -32.71
N VAL C 216 -22.69 -31.48 -33.01
CA VAL C 216 -21.52 -31.80 -32.19
C VAL C 216 -20.55 -30.62 -32.20
N GLY C 217 -19.51 -30.76 -31.37
CA GLY C 217 -18.55 -29.70 -31.14
C GLY C 217 -17.11 -30.15 -31.30
N VAL C 218 -16.85 -30.99 -32.30
CA VAL C 218 -15.63 -31.78 -32.43
C VAL C 218 -14.38 -30.90 -32.52
N ARG C 219 -14.52 -29.61 -32.26
CA ARG C 219 -13.50 -28.64 -32.64
C ARG C 219 -12.18 -28.93 -31.93
N ILE C 220 -11.42 -29.85 -32.52
CA ILE C 220 -10.16 -30.30 -31.94
C ILE C 220 -9.12 -29.18 -32.02
N ASP C 221 -8.22 -29.16 -31.04
CA ASP C 221 -7.10 -28.22 -31.02
C ASP C 221 -7.56 -26.79 -31.25
N ARG C 222 -8.81 -26.50 -30.91
CA ARG C 222 -9.40 -25.16 -31.03
C ARG C 222 -9.31 -24.63 -32.46
N LYS C 223 -9.89 -25.38 -33.40
CA LYS C 223 -10.03 -24.88 -34.78
C LYS C 223 -11.51 -24.96 -35.18
N ARG C 224 -12.29 -24.04 -34.59
CA ARG C 224 -13.58 -23.54 -35.01
C ARG C 224 -14.71 -24.55 -35.01
N ARG C 225 -14.43 -25.83 -35.30
CA ARG C 225 -15.36 -26.93 -35.05
C ARG C 225 -14.93 -28.16 -35.84
N GLN C 226 -15.66 -29.27 -35.65
CA GLN C 226 -15.71 -30.33 -36.65
C GLN C 226 -16.92 -31.22 -36.33
N PRO C 227 -17.37 -32.02 -37.29
CA PRO C 227 -18.43 -33.00 -37.01
C PRO C 227 -17.89 -34.34 -36.56
N VAL C 228 -18.58 -34.95 -35.60
CA VAL C 228 -18.03 -36.15 -34.94
C VAL C 228 -17.77 -37.24 -35.96
N THR C 229 -18.63 -37.36 -36.98
CA THR C 229 -18.45 -38.37 -38.00
C THR C 229 -17.18 -38.15 -38.82
N VAL C 230 -16.68 -36.92 -38.89
CA VAL C 230 -15.45 -36.63 -39.63
C VAL C 230 -14.26 -37.30 -38.95
N LEU C 231 -14.00 -36.91 -37.70
CA LEU C 231 -12.87 -37.50 -36.96
C LEU C 231 -13.04 -39.01 -36.79
N LEU C 232 -14.27 -39.43 -36.46
CA LEU C 232 -14.53 -40.86 -36.29
C LEU C 232 -14.23 -41.65 -37.57
N LYS C 233 -14.83 -41.26 -38.69
CA LYS C 233 -14.53 -41.94 -39.95
C LYS C 233 -13.04 -41.84 -40.28
N ALA C 234 -12.47 -40.65 -40.18
CA ALA C 234 -11.05 -40.47 -40.45
C ALA C 234 -10.19 -41.39 -39.61
N LEU C 235 -10.72 -41.87 -38.49
CA LEU C 235 -10.01 -42.86 -37.67
C LEU C 235 -10.07 -44.25 -38.29
N GLY C 236 -10.74 -44.41 -39.43
CA GLY C 236 -10.90 -45.70 -40.05
C GLY C 236 -12.19 -46.39 -39.67
N TRP C 237 -13.31 -45.68 -39.80
CA TRP C 237 -14.63 -46.19 -39.44
C TRP C 237 -15.57 -46.06 -40.62
N THR C 238 -16.23 -47.16 -40.97
CA THR C 238 -17.24 -47.14 -42.03
C THR C 238 -18.47 -46.37 -41.56
N SER C 239 -19.13 -45.70 -42.50
CA SER C 239 -20.34 -44.95 -42.17
C SER C 239 -21.43 -45.85 -41.58
N GLU C 240 -21.31 -47.17 -41.71
CA GLU C 240 -22.30 -48.07 -41.14
C GLU C 240 -22.02 -48.35 -39.67
N GLN C 241 -20.75 -48.58 -39.32
CA GLN C 241 -20.39 -48.84 -37.93
C GLN C 241 -20.80 -47.69 -37.03
N ILE C 242 -20.67 -46.45 -37.52
CA ILE C 242 -21.08 -45.29 -36.74
C ILE C 242 -22.56 -45.40 -36.35
N VAL C 243 -23.43 -45.56 -37.34
CA VAL C 243 -24.86 -45.70 -37.06
C VAL C 243 -25.15 -46.96 -36.25
N GLU C 244 -24.29 -47.97 -36.32
CA GLU C 244 -24.49 -49.18 -35.54
C GLU C 244 -24.24 -48.92 -34.06
N ARG C 245 -23.03 -48.48 -33.70
CA ARG C 245 -22.70 -48.26 -32.30
C ARG C 245 -23.40 -47.03 -31.74
N PHE C 246 -23.41 -45.93 -32.49
CA PHE C 246 -23.83 -44.64 -31.97
C PHE C 246 -25.23 -44.25 -32.41
N GLY C 247 -26.12 -45.21 -32.63
CA GLY C 247 -27.45 -44.91 -33.13
C GLY C 247 -28.54 -44.94 -32.08
N PHE C 248 -28.19 -44.96 -30.79
CA PHE C 248 -29.15 -45.29 -29.74
C PHE C 248 -29.94 -44.13 -29.12
N SER C 249 -29.40 -42.91 -28.90
CA SER C 249 -28.23 -42.23 -29.51
C SER C 249 -28.47 -41.96 -30.99
N GLU C 250 -29.56 -41.24 -31.27
CA GLU C 250 -29.90 -40.83 -32.62
C GLU C 250 -29.43 -39.41 -32.94
N ILE C 251 -29.03 -38.62 -31.94
CA ILE C 251 -28.66 -37.23 -32.20
C ILE C 251 -27.50 -37.16 -33.19
N MET C 252 -26.65 -38.18 -33.25
CA MET C 252 -25.56 -38.20 -34.20
C MET C 252 -26.02 -38.60 -35.60
N ARG C 253 -27.25 -39.08 -35.75
CA ARG C 253 -27.81 -39.31 -37.08
C ARG C 253 -27.80 -38.03 -37.90
N SER C 254 -28.23 -36.92 -37.30
CA SER C 254 -28.20 -35.65 -38.01
C SER C 254 -26.77 -35.21 -38.31
N THR C 255 -25.84 -35.48 -37.39
CA THR C 255 -24.44 -35.18 -37.66
C THR C 255 -23.98 -35.91 -38.91
N LEU C 256 -24.29 -37.19 -39.01
CA LEU C 256 -23.84 -37.97 -40.18
C LEU C 256 -24.55 -37.49 -41.43
N GLU C 257 -25.84 -37.17 -41.33
CA GLU C 257 -26.58 -36.71 -42.50
C GLU C 257 -25.97 -35.44 -43.04
N LYS C 258 -25.85 -34.42 -42.20
CA LYS C 258 -25.33 -33.12 -42.61
C LYS C 258 -23.80 -33.06 -42.64
N ASP C 259 -23.12 -34.20 -42.52
CA ASP C 259 -21.66 -34.15 -42.57
C ASP C 259 -21.17 -33.76 -43.96
N ASN C 260 -21.89 -34.17 -45.00
CA ASN C 260 -21.61 -33.75 -46.38
C ASN C 260 -20.40 -34.46 -46.96
N THR C 261 -19.68 -35.23 -46.14
CA THR C 261 -18.47 -35.89 -46.57
C THR C 261 -18.64 -37.41 -46.50
N VAL C 262 -18.21 -38.10 -47.56
CA VAL C 262 -18.28 -39.55 -47.65
C VAL C 262 -16.88 -40.06 -47.95
N GLY C 263 -16.38 -40.96 -47.13
CA GLY C 263 -15.07 -41.54 -47.30
C GLY C 263 -14.11 -41.09 -46.20
N THR C 264 -12.89 -41.64 -46.27
CA THR C 264 -11.87 -41.36 -45.26
C THR C 264 -11.09 -40.09 -45.60
N ASP C 265 -10.46 -40.07 -46.78
CA ASP C 265 -9.67 -38.90 -47.16
C ASP C 265 -10.54 -37.72 -47.55
N GLU C 266 -11.78 -37.98 -47.99
CA GLU C 266 -12.69 -36.90 -48.37
C GLU C 266 -12.92 -35.94 -47.22
N ALA C 267 -12.80 -36.44 -45.99
CA ALA C 267 -12.93 -35.58 -44.81
C ALA C 267 -11.62 -35.49 -44.06
N LEU C 268 -10.68 -36.40 -44.30
CA LEU C 268 -9.37 -36.32 -43.68
C LEU C 268 -8.65 -35.07 -44.16
N LEU C 269 -8.65 -34.84 -45.48
CA LEU C 269 -8.03 -33.64 -46.01
C LEU C 269 -8.78 -32.39 -45.58
N ASP C 270 -10.08 -32.52 -45.29
CA ASP C 270 -10.83 -31.36 -44.79
C ASP C 270 -10.41 -31.02 -43.36
N ILE C 271 -10.26 -32.04 -42.52
CA ILE C 271 -9.67 -31.84 -41.20
C ILE C 271 -8.32 -31.16 -41.32
N TYR C 272 -7.47 -31.65 -42.24
CA TYR C 272 -6.16 -31.04 -42.40
C TYR C 272 -6.27 -29.58 -42.83
N ARG C 273 -7.21 -29.28 -43.72
CA ARG C 273 -7.49 -27.89 -44.08
C ARG C 273 -7.80 -27.06 -42.85
N LYS C 274 -8.85 -27.44 -42.11
CA LYS C 274 -9.23 -26.69 -40.93
C LYS C 274 -8.06 -26.58 -39.95
N LEU C 275 -7.12 -27.51 -40.00
CA LEU C 275 -5.98 -27.48 -39.08
C LEU C 275 -4.93 -26.45 -39.51
N ARG C 276 -4.45 -26.54 -40.74
CA ARG C 276 -3.34 -25.68 -41.15
C ARG C 276 -3.67 -24.20 -40.98
N PRO C 277 -4.59 -23.63 -41.80
CA PRO C 277 -5.19 -24.11 -43.03
C PRO C 277 -4.36 -23.76 -44.26
N GLY C 278 -4.98 -23.79 -45.43
CA GLY C 278 -4.36 -23.28 -46.64
C GLY C 278 -3.07 -23.97 -47.04
N GLU C 279 -3.15 -25.26 -47.36
CA GLU C 279 -2.00 -26.01 -47.85
C GLU C 279 -2.52 -27.17 -48.68
N PRO C 280 -1.76 -27.62 -49.68
CA PRO C 280 -2.22 -28.73 -50.51
C PRO C 280 -2.31 -30.02 -49.73
N PRO C 281 -3.46 -30.68 -49.75
CA PRO C 281 -3.62 -31.94 -49.04
C PRO C 281 -2.79 -33.05 -49.68
N THR C 282 -2.34 -33.98 -48.86
CA THR C 282 -1.53 -35.10 -49.33
C THR C 282 -1.88 -36.33 -48.51
N LYS C 283 -1.04 -37.37 -48.61
CA LYS C 283 -1.17 -38.52 -47.72
C LYS C 283 -0.51 -38.27 -46.37
N GLU C 284 0.53 -37.42 -46.33
CA GLU C 284 1.09 -37.02 -45.05
C GLU C 284 0.10 -36.17 -44.27
N SER C 285 -0.38 -35.08 -44.88
CA SER C 285 -1.32 -34.19 -44.22
C SER C 285 -2.60 -34.88 -43.80
N ALA C 286 -2.79 -36.15 -44.18
CA ALA C 286 -4.00 -36.89 -43.84
C ALA C 286 -3.80 -37.88 -42.70
N GLN C 287 -2.76 -38.72 -42.77
CA GLN C 287 -2.53 -39.73 -41.76
C GLN C 287 -1.37 -39.42 -40.83
N THR C 288 -0.32 -38.75 -41.33
CA THR C 288 0.82 -38.44 -40.47
C THR C 288 0.40 -37.50 -39.36
N LEU C 289 -0.45 -36.51 -39.68
CA LEU C 289 -0.85 -35.54 -38.67
C LEU C 289 -1.59 -36.24 -37.55
N LEU C 290 -2.69 -36.92 -37.88
CA LEU C 290 -3.47 -37.62 -36.88
C LEU C 290 -2.59 -38.57 -36.05
N GLU C 291 -1.64 -39.24 -36.71
CA GLU C 291 -0.76 -40.15 -35.98
C GLU C 291 0.41 -39.44 -35.32
N ASN C 292 0.46 -38.11 -35.40
CA ASN C 292 1.52 -37.32 -34.76
C ASN C 292 0.96 -36.27 -33.82
N LEU C 293 -0.27 -36.48 -33.35
CA LEU C 293 -0.88 -35.58 -32.37
C LEU C 293 -1.54 -36.31 -31.21
N PHE C 294 -1.87 -37.59 -31.36
CA PHE C 294 -2.54 -38.37 -30.33
C PHE C 294 -1.91 -39.73 -30.09
N PHE C 295 -1.22 -40.31 -31.07
CA PHE C 295 -0.71 -41.67 -30.98
C PHE C 295 0.80 -41.73 -31.15
N LYS C 296 1.46 -40.58 -31.19
CA LYS C 296 2.92 -40.48 -31.24
C LYS C 296 3.37 -40.00 -29.86
N GLU C 297 3.85 -40.92 -29.04
CA GLU C 297 4.10 -40.63 -27.64
C GLU C 297 5.39 -39.83 -27.46
N LYS C 298 5.53 -38.74 -28.21
CA LYS C 298 6.62 -37.79 -28.00
C LYS C 298 6.18 -36.34 -28.08
N ARG C 299 4.99 -36.04 -28.61
CA ARG C 299 4.43 -34.70 -28.64
C ARG C 299 3.15 -34.59 -27.85
N TYR C 300 2.39 -35.68 -27.73
CA TYR C 300 1.16 -35.73 -26.95
C TYR C 300 1.27 -36.92 -26.00
N ASP C 301 1.38 -36.64 -24.71
CA ASP C 301 1.48 -37.71 -23.71
C ASP C 301 0.85 -37.24 -22.41
N LEU C 302 -0.23 -37.89 -22.00
CA LEU C 302 -0.85 -37.62 -20.72
C LEU C 302 -0.16 -38.47 -19.65
N ALA C 303 0.29 -37.81 -18.59
CA ALA C 303 1.15 -38.46 -17.62
C ALA C 303 0.47 -39.71 -17.04
N ARG C 304 1.27 -40.49 -16.32
CA ARG C 304 0.79 -41.75 -15.76
C ARG C 304 -0.49 -41.58 -14.95
N VAL C 305 -0.79 -40.35 -14.52
CA VAL C 305 -2.04 -40.11 -13.81
C VAL C 305 -3.22 -40.08 -14.77
N GLY C 306 -3.14 -39.22 -15.79
CA GLY C 306 -4.24 -39.11 -16.74
C GLY C 306 -4.65 -40.45 -17.30
N ARG C 307 -3.67 -41.29 -17.68
CA ARG C 307 -3.98 -42.63 -18.16
C ARG C 307 -4.77 -43.44 -17.14
N TYR C 308 -4.79 -43.00 -15.88
CA TYR C 308 -5.56 -43.64 -14.83
C TYR C 308 -6.92 -42.97 -14.60
N LYS C 309 -6.94 -41.64 -14.53
CA LYS C 309 -8.22 -40.94 -14.38
C LYS C 309 -9.14 -41.18 -15.57
N VAL C 310 -8.57 -41.46 -16.74
CA VAL C 310 -9.41 -41.73 -17.90
C VAL C 310 -9.99 -43.12 -17.82
N ASN C 311 -9.16 -44.12 -17.56
CA ASN C 311 -9.66 -45.48 -17.42
C ASN C 311 -10.75 -45.52 -16.36
N LYS C 312 -10.48 -44.91 -15.20
CA LYS C 312 -11.47 -44.88 -14.13
C LYS C 312 -12.76 -44.22 -14.58
N LYS C 313 -12.66 -43.04 -15.20
CA LYS C 313 -13.87 -42.32 -15.59
C LYS C 313 -14.70 -43.10 -16.59
N LEU C 314 -14.05 -43.81 -17.51
CA LEU C 314 -14.74 -44.39 -18.66
C LEU C 314 -15.13 -45.85 -18.46
N GLY C 315 -14.31 -46.64 -17.78
CA GLY C 315 -14.52 -48.07 -17.72
C GLY C 315 -13.65 -48.80 -18.70
N LEU C 316 -12.40 -48.37 -18.79
CA LEU C 316 -11.40 -48.93 -19.68
C LEU C 316 -10.64 -50.05 -18.96
N HIS C 317 -9.42 -50.34 -19.41
CA HIS C 317 -8.60 -51.45 -18.95
C HIS C 317 -8.41 -51.46 -17.43
N VAL C 318 -9.16 -50.62 -16.70
CA VAL C 318 -8.88 -50.26 -15.32
C VAL C 318 -8.30 -51.42 -14.52
N GLY C 319 -8.82 -52.63 -14.71
CA GLY C 319 -8.14 -53.76 -14.11
C GLY C 319 -7.04 -54.24 -15.02
N GLU C 320 -5.83 -53.76 -14.76
CA GLU C 320 -4.67 -53.94 -15.64
C GLU C 320 -3.44 -53.30 -15.01
N PRO C 321 -2.25 -53.87 -15.18
CA PRO C 321 -1.04 -53.15 -14.81
C PRO C 321 -0.70 -52.07 -15.84
N ILE C 322 -1.68 -51.75 -16.68
CA ILE C 322 -1.51 -50.95 -17.88
C ILE C 322 -0.60 -49.75 -17.65
N THR C 323 0.33 -49.52 -18.57
CA THR C 323 1.24 -48.38 -18.52
C THR C 323 1.45 -47.89 -19.94
N SER C 324 0.89 -46.73 -20.26
CA SER C 324 1.06 -46.13 -21.59
C SER C 324 0.61 -44.68 -21.52
N SER C 325 0.89 -43.94 -22.59
CA SER C 325 0.57 -42.53 -22.64
C SER C 325 -0.06 -42.10 -23.96
N THR C 326 -0.32 -43.02 -24.88
CA THR C 326 -0.95 -42.70 -26.15
C THR C 326 -2.47 -42.72 -25.96
N LEU C 327 -3.14 -41.69 -26.48
CA LEU C 327 -4.60 -41.63 -26.43
C LEU C 327 -5.16 -42.58 -27.48
N THR C 328 -5.24 -43.85 -27.11
CA THR C 328 -5.68 -44.89 -28.04
C THR C 328 -7.03 -44.52 -28.64
N GLU C 329 -7.23 -44.92 -29.90
CA GLU C 329 -8.47 -44.61 -30.60
C GLU C 329 -9.68 -44.98 -29.75
N GLU C 330 -9.70 -46.22 -29.24
CA GLU C 330 -10.84 -46.72 -28.48
C GLU C 330 -11.37 -45.68 -27.50
N ASP C 331 -10.52 -45.27 -26.54
CA ASP C 331 -10.92 -44.29 -25.54
C ASP C 331 -11.73 -43.18 -26.17
N VAL C 332 -11.18 -42.52 -27.19
CA VAL C 332 -11.88 -41.41 -27.83
C VAL C 332 -13.31 -41.81 -28.17
N VAL C 333 -13.46 -42.85 -29.00
CA VAL C 333 -14.80 -43.26 -29.41
C VAL C 333 -15.71 -43.35 -28.19
N ALA C 334 -15.23 -44.02 -27.13
CA ALA C 334 -16.02 -44.15 -25.92
C ALA C 334 -16.56 -42.80 -25.48
N THR C 335 -15.65 -41.88 -25.13
CA THR C 335 -16.11 -40.60 -24.61
C THR C 335 -17.12 -39.97 -25.56
N ILE C 336 -16.91 -40.14 -26.87
CA ILE C 336 -17.82 -39.57 -27.84
C ILE C 336 -19.25 -39.99 -27.50
N GLU C 337 -19.51 -41.29 -27.53
CA GLU C 337 -20.85 -41.76 -27.19
C GLU C 337 -21.23 -41.34 -25.79
N TYR C 338 -20.26 -41.38 -24.86
CA TYR C 338 -20.52 -40.88 -23.52
C TYR C 338 -21.20 -39.51 -23.59
N LEU C 339 -20.59 -38.58 -24.31
CA LEU C 339 -21.17 -37.25 -24.44
C LEU C 339 -22.62 -37.33 -24.92
N VAL C 340 -22.85 -38.06 -26.01
CA VAL C 340 -24.20 -38.12 -26.55
C VAL C 340 -25.14 -38.76 -25.55
N ARG C 341 -24.64 -39.70 -24.75
CA ARG C 341 -25.48 -40.30 -23.72
C ARG C 341 -25.84 -39.29 -22.65
N LEU C 342 -24.92 -38.38 -22.32
CA LEU C 342 -25.21 -37.38 -21.31
C LEU C 342 -26.36 -36.48 -21.74
N HIS C 343 -26.24 -35.86 -22.92
CA HIS C 343 -27.30 -34.98 -23.40
C HIS C 343 -28.42 -35.80 -24.04
N GLU C 344 -28.82 -36.87 -23.36
CA GLU C 344 -30.02 -37.62 -23.72
C GLU C 344 -30.85 -37.84 -22.46
N GLY C 345 -30.16 -37.95 -21.33
CA GLY C 345 -30.78 -38.24 -20.06
C GLY C 345 -30.62 -39.70 -19.67
N GLN C 346 -29.62 -39.99 -18.85
CA GLN C 346 -29.33 -41.33 -18.40
C GLN C 346 -28.49 -41.25 -17.12
N THR C 347 -28.25 -42.40 -16.53
CA THR C 347 -27.44 -42.49 -15.32
C THR C 347 -26.17 -43.30 -15.54
N THR C 348 -26.28 -44.51 -16.05
CA THR C 348 -25.16 -45.42 -16.21
C THR C 348 -24.68 -45.45 -17.66
N MET C 349 -23.45 -45.92 -17.84
CA MET C 349 -22.85 -46.08 -19.15
C MET C 349 -21.96 -47.30 -19.14
N THR C 350 -21.92 -48.01 -20.27
CA THR C 350 -21.10 -49.21 -20.40
C THR C 350 -20.42 -49.19 -21.76
N VAL C 351 -19.44 -50.08 -21.92
CA VAL C 351 -18.67 -50.17 -23.16
C VAL C 351 -18.26 -51.62 -23.34
N PRO C 352 -18.16 -52.13 -24.57
CA PRO C 352 -17.79 -53.54 -24.77
C PRO C 352 -16.56 -53.94 -23.97
N GLY C 353 -16.73 -54.88 -23.04
CA GLY C 353 -15.65 -55.35 -22.20
C GLY C 353 -15.28 -54.43 -21.05
N GLY C 354 -15.92 -53.27 -20.94
CA GLY C 354 -15.61 -52.32 -19.89
C GLY C 354 -16.59 -52.36 -18.74
N VAL C 355 -16.10 -52.04 -17.55
CA VAL C 355 -16.95 -52.02 -16.37
C VAL C 355 -17.91 -50.85 -16.45
N GLU C 356 -19.19 -51.12 -16.20
CA GLU C 356 -20.21 -50.08 -16.30
C GLU C 356 -19.90 -48.94 -15.33
N VAL C 357 -19.99 -47.71 -15.83
CA VAL C 357 -19.68 -46.52 -15.03
C VAL C 357 -20.94 -45.68 -14.98
N PRO C 358 -21.06 -44.82 -13.96
CA PRO C 358 -22.18 -43.87 -13.93
C PRO C 358 -21.89 -42.63 -14.75
N VAL C 359 -22.95 -42.08 -15.33
CA VAL C 359 -22.85 -40.91 -16.20
C VAL C 359 -23.24 -39.68 -15.38
N GLU C 360 -22.32 -38.73 -15.28
CA GLU C 360 -22.59 -37.48 -14.58
C GLU C 360 -21.53 -36.46 -14.94
N THR C 361 -21.92 -35.19 -14.93
CA THR C 361 -20.97 -34.11 -15.19
C THR C 361 -20.00 -33.98 -14.01
N ASP C 362 -18.72 -33.88 -14.33
CA ASP C 362 -17.71 -33.78 -13.29
C ASP C 362 -17.61 -32.35 -12.77
N ASP C 363 -16.99 -32.21 -11.59
CA ASP C 363 -16.79 -30.91 -10.96
C ASP C 363 -15.30 -30.60 -10.91
N ILE C 364 -14.95 -29.36 -11.22
CA ILE C 364 -13.55 -28.99 -11.35
C ILE C 364 -12.90 -28.79 -9.99
N ASP C 365 -13.67 -28.31 -9.01
CA ASP C 365 -13.10 -28.02 -7.69
C ASP C 365 -13.09 -29.23 -6.76
N HIS C 366 -13.90 -30.25 -7.05
CA HIS C 366 -13.94 -31.44 -6.20
C HIS C 366 -12.53 -31.98 -6.00
N PHE C 367 -12.19 -32.31 -4.76
CA PHE C 367 -10.84 -32.73 -4.44
C PHE C 367 -10.48 -34.07 -5.07
N GLY C 368 -11.37 -34.68 -5.84
CA GLY C 368 -11.05 -35.86 -6.62
C GLY C 368 -10.54 -35.58 -8.01
N ASN C 369 -10.50 -34.31 -8.42
CA ASN C 369 -10.01 -33.90 -9.72
C ASN C 369 -8.96 -32.80 -9.59
N ARG C 370 -8.26 -32.76 -8.46
CA ARG C 370 -7.32 -31.68 -8.17
C ARG C 370 -6.14 -32.28 -7.41
N ARG C 371 -5.08 -32.60 -8.13
CA ARG C 371 -3.95 -33.31 -7.54
C ARG C 371 -2.95 -32.31 -6.96
N LEU C 372 -1.98 -32.84 -6.22
CA LEU C 372 -1.01 -32.03 -5.48
C LEU C 372 0.40 -32.43 -5.91
N ARG C 373 0.98 -31.66 -6.82
CA ARG C 373 2.37 -31.88 -7.22
C ARG C 373 3.27 -31.51 -6.05
N THR C 374 3.89 -32.52 -5.44
CA THR C 374 4.72 -32.31 -4.26
C THR C 374 6.13 -31.89 -4.69
N VAL C 375 7.07 -31.92 -3.73
CA VAL C 375 8.44 -31.50 -4.02
C VAL C 375 9.13 -32.47 -4.95
N GLY C 376 8.63 -33.71 -5.05
CA GLY C 376 9.23 -34.67 -5.96
C GLY C 376 8.95 -34.37 -7.42
N GLU C 377 7.67 -34.22 -7.77
CA GLU C 377 7.33 -33.99 -9.17
C GLU C 377 7.85 -32.65 -9.68
N LEU C 378 7.98 -31.65 -8.80
CA LEU C 378 8.52 -30.37 -9.26
C LEU C 378 9.97 -30.49 -9.68
N ILE C 379 10.76 -31.24 -8.89
CA ILE C 379 12.14 -31.47 -9.27
C ILE C 379 12.21 -32.36 -10.50
N GLN C 380 11.30 -33.34 -10.60
CA GLN C 380 11.35 -34.22 -11.77
C GLN C 380 11.04 -33.43 -13.03
N ASN C 381 10.09 -32.49 -12.93
CA ASN C 381 9.75 -31.64 -14.06
C ASN C 381 10.94 -30.78 -14.46
N GLN C 382 11.65 -30.21 -13.48
CA GLN C 382 12.83 -29.42 -13.83
C GLN C 382 13.91 -30.28 -14.45
N ILE C 383 14.12 -31.49 -13.92
CA ILE C 383 15.11 -32.40 -14.50
C ILE C 383 14.73 -32.72 -15.94
N ARG C 384 13.44 -32.93 -16.21
CA ARG C 384 13.01 -33.23 -17.55
C ARG C 384 13.23 -32.05 -18.48
N VAL C 385 12.90 -30.84 -18.03
CA VAL C 385 13.06 -29.68 -18.89
C VAL C 385 14.53 -29.44 -19.16
N GLY C 386 15.40 -29.87 -18.24
CA GLY C 386 16.83 -29.77 -18.49
C GLY C 386 17.30 -30.81 -19.50
N MET C 387 16.90 -32.06 -19.29
CA MET C 387 17.19 -33.11 -20.25
C MET C 387 16.73 -32.72 -21.65
N SER C 388 15.65 -31.95 -21.75
CA SER C 388 15.15 -31.54 -23.05
C SER C 388 15.93 -30.37 -23.61
N ARG C 389 17.08 -30.08 -23.02
CA ARG C 389 18.09 -29.18 -23.55
C ARG C 389 19.41 -29.90 -23.74
N MET C 390 19.78 -30.75 -22.78
CA MET C 390 20.98 -31.58 -22.90
C MET C 390 20.77 -32.74 -23.85
N GLU C 391 19.53 -33.03 -24.21
CA GLU C 391 19.23 -34.08 -25.18
C GLU C 391 19.40 -33.57 -26.60
N ARG C 392 18.79 -32.43 -26.94
CA ARG C 392 18.96 -31.88 -28.27
C ARG C 392 20.26 -31.10 -28.32
N VAL C 393 21.32 -31.72 -27.81
CA VAL C 393 22.69 -31.25 -28.00
C VAL C 393 23.63 -32.39 -28.39
N VAL C 394 23.22 -33.64 -28.21
CA VAL C 394 23.97 -34.80 -28.64
C VAL C 394 23.59 -35.19 -30.05
N ARG C 395 22.29 -35.36 -30.29
CA ARG C 395 21.81 -35.72 -31.62
C ARG C 395 22.09 -34.62 -32.63
N GLU C 396 22.43 -33.43 -32.16
CA GLU C 396 22.88 -32.35 -33.04
C GLU C 396 24.39 -32.37 -33.22
N ARG C 397 25.12 -32.80 -32.19
CA ARG C 397 26.56 -33.06 -32.29
C ARG C 397 26.84 -34.55 -32.44
N MET C 398 25.88 -35.30 -32.97
CA MET C 398 26.02 -36.72 -33.23
C MET C 398 26.29 -37.03 -34.69
N THR C 399 25.85 -36.16 -35.60
CA THR C 399 26.08 -36.31 -37.03
C THR C 399 27.31 -35.54 -37.47
N THR C 400 27.48 -34.31 -36.98
CA THR C 400 28.58 -33.44 -37.37
C THR C 400 29.82 -33.68 -36.52
N GLN C 401 29.95 -34.85 -35.92
CA GLN C 401 31.14 -35.26 -35.18
C GLN C 401 31.87 -36.34 -35.95
N ASP C 402 33.09 -36.63 -35.53
CA ASP C 402 33.91 -37.67 -36.15
C ASP C 402 33.42 -39.03 -35.66
N VAL C 403 32.68 -39.73 -36.52
CA VAL C 403 32.11 -41.02 -36.13
C VAL C 403 33.23 -42.01 -35.81
N GLU C 404 32.94 -42.91 -34.88
CA GLU C 404 33.91 -43.93 -34.45
C GLU C 404 35.02 -43.31 -33.61
N ALA C 405 35.01 -41.98 -33.49
CA ALA C 405 35.95 -41.27 -32.62
C ALA C 405 35.26 -40.69 -31.39
N ILE C 406 33.96 -40.92 -31.23
CA ILE C 406 33.18 -40.35 -30.13
C ILE C 406 33.03 -41.40 -29.04
N THR C 407 33.14 -40.96 -27.79
CA THR C 407 32.93 -41.78 -26.61
C THR C 407 31.73 -41.26 -25.84
N PRO C 408 31.05 -42.12 -25.07
CA PRO C 408 29.82 -41.67 -24.38
C PRO C 408 29.96 -40.32 -23.70
N GLN C 409 31.08 -40.07 -23.04
CA GLN C 409 31.26 -38.79 -22.36
C GLN C 409 31.44 -37.63 -23.34
N THR C 410 31.93 -37.90 -24.55
CA THR C 410 32.15 -36.84 -25.52
C THR C 410 30.85 -36.19 -25.97
N LEU C 411 29.71 -36.87 -25.82
CA LEU C 411 28.43 -36.33 -26.24
C LEU C 411 27.65 -35.68 -25.10
N ILE C 412 27.91 -36.05 -23.86
CA ILE C 412 27.11 -35.64 -22.72
C ILE C 412 27.63 -34.29 -22.25
N ASN C 413 26.91 -33.22 -22.56
CA ASN C 413 27.20 -31.89 -22.06
C ASN C 413 26.23 -31.62 -20.90
N ILE C 414 26.66 -31.97 -19.69
CA ILE C 414 25.75 -31.99 -18.56
C ILE C 414 25.36 -30.59 -18.13
N ARG C 415 26.24 -29.61 -18.32
CA ARG C 415 26.05 -28.26 -17.79
C ARG C 415 24.61 -27.76 -17.84
N PRO C 416 23.88 -27.88 -18.95
CA PRO C 416 22.49 -27.38 -18.98
C PRO C 416 21.63 -27.91 -17.85
N VAL C 417 21.85 -29.15 -17.41
CA VAL C 417 20.99 -29.73 -16.38
C VAL C 417 21.26 -29.07 -15.03
N VAL C 418 22.54 -28.94 -14.67
CA VAL C 418 22.87 -28.30 -13.40
C VAL C 418 22.39 -26.86 -13.41
N ALA C 419 22.50 -26.19 -14.58
CA ALA C 419 22.02 -24.83 -14.69
C ALA C 419 20.51 -24.75 -14.48
N ALA C 420 19.76 -25.68 -15.07
CA ALA C 420 18.32 -25.71 -14.86
C ALA C 420 17.99 -25.95 -13.40
N ILE C 421 18.70 -26.85 -12.74
CA ILE C 421 18.43 -27.12 -11.34
C ILE C 421 18.68 -25.88 -10.50
N LYS C 422 19.85 -25.25 -10.67
CA LYS C 422 20.15 -24.02 -9.93
C LYS C 422 19.16 -22.91 -10.26
N GLU C 423 18.62 -22.89 -11.47
CA GLU C 423 17.61 -21.90 -11.85
C GLU C 423 16.25 -22.23 -11.27
N PHE C 424 16.04 -23.46 -10.83
CA PHE C 424 14.83 -23.78 -10.09
C PHE C 424 14.98 -23.43 -8.62
N PHE C 425 15.99 -23.99 -7.96
CA PHE C 425 16.15 -23.73 -6.53
C PHE C 425 16.35 -22.25 -6.23
N GLY C 426 16.70 -21.45 -7.24
CA GLY C 426 16.68 -20.00 -7.12
C GLY C 426 15.74 -19.40 -8.14
N THR C 427 15.20 -18.23 -7.82
CA THR C 427 14.36 -17.45 -8.72
C THR C 427 13.04 -18.14 -9.03
N SER C 428 12.73 -19.25 -8.37
CA SER C 428 11.46 -19.95 -8.54
C SER C 428 10.51 -19.56 -7.42
N GLN C 429 9.29 -19.18 -7.79
CA GLN C 429 8.30 -18.72 -6.83
C GLN C 429 7.67 -19.84 -6.03
N LEU C 430 8.23 -21.04 -6.08
CA LEU C 430 7.81 -22.14 -5.22
C LEU C 430 8.92 -22.64 -4.31
N SER C 431 10.08 -22.00 -4.32
CA SER C 431 11.18 -22.30 -3.40
C SER C 431 11.35 -21.09 -2.50
N GLN C 432 10.79 -21.16 -1.31
CA GLN C 432 10.69 -20.00 -0.43
C GLN C 432 11.58 -20.15 0.79
N PHE C 433 12.13 -19.02 1.26
CA PHE C 433 12.93 -19.05 2.47
C PHE C 433 12.10 -19.57 3.63
N MET C 434 12.64 -20.56 4.34
CA MET C 434 11.90 -21.21 5.42
C MET C 434 11.53 -20.19 6.48
N ASP C 435 10.24 -19.87 6.60
CA ASP C 435 9.78 -18.89 7.58
C ASP C 435 9.91 -19.49 8.97
N GLN C 436 11.02 -19.23 9.65
CA GLN C 436 11.34 -19.89 10.91
C GLN C 436 11.68 -18.82 11.96
N ASN C 437 10.66 -18.31 12.64
CA ASN C 437 10.83 -17.57 13.88
C ASN C 437 10.33 -18.35 15.08
N ASN C 438 9.93 -19.60 14.89
CA ASN C 438 9.62 -20.52 15.97
C ASN C 438 9.29 -21.89 15.38
N PRO C 439 9.32 -22.96 16.17
CA PRO C 439 9.12 -24.30 15.62
C PRO C 439 7.83 -24.44 14.81
N LEU C 440 6.72 -23.89 15.29
CA LEU C 440 5.44 -24.12 14.62
C LEU C 440 5.38 -23.38 13.28
N SER C 441 5.92 -22.17 13.21
CA SER C 441 5.98 -21.48 11.93
C SER C 441 6.74 -22.29 10.89
N GLY C 442 7.88 -22.87 11.29
CA GLY C 442 8.61 -23.73 10.38
C GLY C 442 7.82 -24.96 9.98
N LEU C 443 7.15 -25.60 10.95
CA LEU C 443 6.43 -26.83 10.65
C LEU C 443 5.26 -26.55 9.71
N THR C 444 4.59 -25.41 9.87
CA THR C 444 3.45 -25.08 9.02
C THR C 444 3.84 -24.37 7.74
N HIS C 445 5.11 -23.97 7.57
CA HIS C 445 5.53 -23.50 6.26
C HIS C 445 5.60 -24.67 5.28
N LYS C 446 6.10 -25.81 5.74
CA LYS C 446 5.84 -27.06 5.05
C LYS C 446 4.38 -27.45 5.23
N ARG C 447 3.96 -28.48 4.50
CA ARG C 447 2.58 -28.96 4.56
C ARG C 447 1.61 -27.97 3.94
N ARG C 448 2.09 -26.83 3.45
CA ARG C 448 1.26 -25.83 2.81
C ARG C 448 1.04 -26.18 1.34
N LEU C 449 -0.12 -25.79 0.83
CA LEU C 449 -0.47 -26.02 -0.56
C LEU C 449 -1.02 -24.73 -1.15
N SER C 450 -0.33 -24.19 -2.15
CA SER C 450 -0.70 -22.93 -2.78
C SER C 450 -1.17 -23.21 -4.20
N ALA C 451 -2.43 -22.89 -4.48
CA ALA C 451 -2.98 -23.10 -5.82
C ALA C 451 -2.38 -22.15 -6.85
N LEU C 452 -1.74 -21.08 -6.40
CA LEU C 452 -1.10 -20.14 -7.31
C LEU C 452 0.34 -20.58 -7.59
N GLY C 453 1.01 -19.84 -8.47
CA GLY C 453 2.37 -20.14 -8.83
C GLY C 453 2.48 -20.60 -10.27
N PRO C 454 3.68 -21.01 -10.68
CA PRO C 454 3.87 -21.48 -12.05
C PRO C 454 3.01 -22.69 -12.36
N GLY C 455 2.67 -22.84 -13.63
CA GLY C 455 1.89 -23.97 -14.09
C GLY C 455 0.47 -24.03 -13.58
N GLY C 456 0.05 -23.08 -12.75
CA GLY C 456 -1.31 -23.05 -12.24
C GLY C 456 -1.98 -21.72 -12.46
N LEU C 457 -3.13 -21.51 -11.84
CA LEU C 457 -3.87 -20.27 -12.01
C LEU C 457 -3.08 -19.11 -11.38
N SER C 458 -3.63 -17.91 -11.51
CA SER C 458 -3.01 -16.69 -11.01
C SER C 458 -3.84 -16.15 -9.84
N ARG C 459 -3.45 -14.98 -9.35
CA ARG C 459 -4.11 -14.39 -8.20
C ARG C 459 -5.20 -13.41 -8.58
N GLU C 460 -5.14 -12.83 -9.77
CA GLU C 460 -6.15 -11.88 -10.23
C GLU C 460 -7.02 -12.43 -11.34
N ARG C 461 -6.68 -13.59 -11.90
CA ARG C 461 -7.43 -14.22 -12.98
C ARG C 461 -8.06 -15.54 -12.53
N ALA C 462 -8.61 -15.55 -11.31
CA ALA C 462 -9.28 -16.74 -10.79
C ALA C 462 -10.45 -16.28 -9.93
N GLY C 463 -11.66 -16.42 -10.46
CA GLY C 463 -12.84 -15.97 -9.75
C GLY C 463 -12.95 -16.57 -8.36
N LEU C 464 -13.92 -16.07 -7.61
CA LEU C 464 -14.12 -16.52 -6.24
C LEU C 464 -14.85 -17.85 -6.20
N GLU C 465 -14.33 -18.84 -6.91
CA GLU C 465 -14.85 -20.21 -6.86
C GLU C 465 -13.83 -21.21 -6.37
N VAL C 466 -12.55 -21.05 -6.73
CA VAL C 466 -11.51 -21.89 -6.14
C VAL C 466 -11.18 -21.49 -4.71
N ARG C 467 -11.72 -20.38 -4.24
CA ARG C 467 -11.48 -19.94 -2.86
C ARG C 467 -12.45 -20.57 -1.88
N ASP C 468 -13.72 -20.70 -2.27
CA ASP C 468 -14.72 -21.26 -1.37
C ASP C 468 -14.34 -22.68 -0.96
N VAL C 469 -14.76 -23.06 0.25
CA VAL C 469 -14.44 -24.38 0.78
C VAL C 469 -15.43 -25.39 0.21
N HIS C 470 -14.92 -26.52 -0.25
CA HIS C 470 -15.73 -27.56 -0.84
C HIS C 470 -16.00 -28.67 0.18
N PRO C 471 -17.19 -29.25 0.17
CA PRO C 471 -17.50 -30.30 1.16
C PRO C 471 -16.60 -31.52 1.07
N SER C 472 -15.69 -31.54 0.10
CA SER C 472 -14.70 -32.60 0.04
C SER C 472 -13.43 -32.28 0.82
N HIS C 473 -13.17 -31.00 1.07
CA HIS C 473 -12.01 -30.61 1.88
C HIS C 473 -12.01 -31.25 3.26
N TYR C 474 -13.13 -31.82 3.71
CA TYR C 474 -13.20 -32.39 5.04
C TYR C 474 -12.25 -33.58 5.16
N GLY C 475 -11.15 -33.39 5.89
CA GLY C 475 -10.19 -34.44 6.11
C GLY C 475 -8.91 -34.30 5.30
N ARG C 476 -8.87 -33.38 4.35
CA ARG C 476 -7.70 -33.19 3.50
C ARG C 476 -7.09 -31.80 3.66
N MET C 477 -7.88 -30.74 3.51
CA MET C 477 -7.41 -29.37 3.65
C MET C 477 -8.21 -28.68 4.75
N CYS C 478 -7.51 -28.00 5.65
CA CYS C 478 -8.18 -27.36 6.78
C CYS C 478 -8.92 -26.12 6.29
N PRO C 479 -10.16 -25.91 6.72
CA PRO C 479 -10.90 -24.71 6.29
C PRO C 479 -10.63 -23.50 7.16
N ILE C 480 -10.09 -23.73 8.36
CA ILE C 480 -9.85 -22.63 9.29
C ILE C 480 -8.59 -21.87 8.92
N GLU C 481 -7.48 -22.60 8.74
CA GLU C 481 -6.17 -21.97 8.58
C GLU C 481 -6.02 -21.44 7.16
N THR C 482 -5.79 -20.14 7.02
CA THR C 482 -5.51 -19.53 5.73
C THR C 482 -5.15 -18.06 5.92
N PRO C 483 -4.32 -17.50 5.03
CA PRO C 483 -3.95 -16.08 5.17
C PRO C 483 -5.18 -15.17 5.10
N GLU C 484 -5.01 -13.96 5.62
CA GLU C 484 -6.09 -12.98 5.63
C GLU C 484 -6.01 -12.00 4.48
N GLY C 485 -4.85 -11.85 3.84
CA GLY C 485 -4.69 -10.90 2.77
C GLY C 485 -5.46 -11.32 1.54
N PRO C 486 -4.99 -10.90 0.37
CA PRO C 486 -5.64 -11.27 -0.90
C PRO C 486 -5.25 -12.67 -1.36
N ASN C 487 -5.27 -13.63 -0.44
CA ASN C 487 -4.92 -15.00 -0.74
C ASN C 487 -5.88 -16.01 -0.09
N ILE C 488 -6.98 -15.54 0.48
CA ILE C 488 -7.90 -16.43 1.17
C ILE C 488 -8.37 -17.51 0.21
N GLY C 489 -8.14 -18.77 0.59
CA GLY C 489 -8.54 -19.91 -0.21
C GLY C 489 -7.51 -20.38 -1.22
N LEU C 490 -6.62 -19.48 -1.66
CA LEU C 490 -5.59 -19.88 -2.61
C LEU C 490 -4.45 -20.63 -1.93
N ILE C 491 -4.14 -20.30 -0.68
CA ILE C 491 -3.06 -20.94 0.06
C ILE C 491 -3.67 -21.60 1.30
N GLY C 492 -3.69 -22.92 1.32
CA GLY C 492 -4.21 -23.65 2.45
C GLY C 492 -3.17 -24.55 3.08
N SER C 493 -3.56 -25.36 4.06
CA SER C 493 -2.63 -26.24 4.73
C SER C 493 -3.24 -27.63 4.88
N LEU C 494 -2.40 -28.65 4.74
CA LEU C 494 -2.84 -30.03 4.89
C LEU C 494 -3.46 -30.26 6.26
N SER C 495 -4.21 -31.34 6.38
CA SER C 495 -4.83 -31.72 7.64
C SER C 495 -3.82 -32.51 8.47
N VAL C 496 -4.28 -33.14 9.55
CA VAL C 496 -3.40 -33.90 10.43
C VAL C 496 -3.22 -35.32 9.90
N TYR C 497 -4.33 -36.06 9.81
CA TYR C 497 -4.28 -37.47 9.47
C TYR C 497 -4.14 -37.72 7.98
N ALA C 498 -4.22 -36.69 7.14
CA ALA C 498 -4.23 -36.90 5.71
C ALA C 498 -2.89 -37.47 5.23
N ARG C 499 -2.90 -37.96 4.00
CA ARG C 499 -1.73 -38.58 3.38
C ARG C 499 -1.86 -38.47 1.88
N VAL C 500 -0.72 -38.33 1.21
CA VAL C 500 -0.70 -38.09 -0.23
C VAL C 500 -0.61 -39.42 -0.96
N ASN C 501 -1.53 -39.63 -1.92
CA ASN C 501 -1.56 -40.84 -2.73
C ASN C 501 -0.28 -40.95 -3.56
N PRO C 502 -0.05 -42.09 -4.22
CA PRO C 502 1.12 -42.18 -5.12
C PRO C 502 1.00 -41.31 -6.35
N PHE C 503 -0.21 -40.88 -6.72
CA PHE C 503 -0.41 -40.02 -7.88
C PHE C 503 -0.45 -38.55 -7.55
N GLY C 504 -0.93 -38.19 -6.36
CA GLY C 504 -1.01 -36.80 -5.96
C GLY C 504 -2.36 -36.41 -5.41
N PHE C 505 -3.21 -37.40 -5.16
CA PHE C 505 -4.51 -37.18 -4.55
C PHE C 505 -4.40 -37.40 -3.04
N ILE C 506 -5.09 -36.55 -2.29
CA ILE C 506 -4.98 -36.56 -0.83
C ILE C 506 -5.95 -37.57 -0.25
N GLU C 507 -5.46 -38.43 0.62
CA GLU C 507 -6.25 -39.48 1.24
C GLU C 507 -6.63 -39.08 2.67
N THR C 508 -7.44 -39.92 3.31
CA THR C 508 -7.83 -39.72 4.70
C THR C 508 -8.20 -41.08 5.27
N PRO C 509 -7.88 -41.35 6.52
CA PRO C 509 -8.15 -42.69 7.07
C PRO C 509 -9.55 -42.80 7.65
N TYR C 510 -10.28 -43.87 7.33
CA TYR C 510 -11.56 -44.15 7.96
C TYR C 510 -11.53 -45.55 8.57
N ARG C 511 -12.43 -45.79 9.51
CA ARG C 511 -12.63 -47.11 10.08
C ARG C 511 -13.90 -47.70 9.49
N LYS C 512 -13.78 -48.87 8.87
CA LYS C 512 -14.92 -49.49 8.19
C LYS C 512 -15.75 -50.27 9.20
N VAL C 513 -17.03 -49.95 9.28
CA VAL C 513 -17.96 -50.62 10.17
C VAL C 513 -18.82 -51.56 9.35
N VAL C 514 -18.94 -52.81 9.80
CA VAL C 514 -19.66 -53.85 9.07
C VAL C 514 -20.82 -54.31 9.94
N ASP C 515 -22.04 -54.06 9.47
CA ASP C 515 -23.24 -54.47 10.19
C ASP C 515 -23.37 -53.76 11.54
N GLY C 516 -23.08 -52.46 11.54
CA GLY C 516 -23.16 -51.70 12.78
C GLY C 516 -22.17 -52.10 13.84
N VAL C 517 -21.10 -52.80 13.46
CA VAL C 517 -20.07 -53.23 14.41
C VAL C 517 -18.78 -52.52 14.01
N VAL C 518 -18.52 -51.38 14.64
CA VAL C 518 -17.33 -50.59 14.33
C VAL C 518 -16.09 -51.44 14.57
N SER C 519 -15.34 -51.70 13.50
CA SER C 519 -14.12 -52.48 13.57
C SER C 519 -12.92 -51.54 13.69
N ASP C 520 -11.71 -52.10 13.57
CA ASP C 520 -10.49 -51.31 13.60
C ASP C 520 -9.73 -51.36 12.28
N GLU C 521 -10.34 -51.87 11.22
CA GLU C 521 -9.70 -51.92 9.92
C GLU C 521 -9.61 -50.53 9.31
N ILE C 522 -8.51 -49.83 9.55
CA ILE C 522 -8.33 -48.50 8.98
C ILE C 522 -8.05 -48.62 7.48
N VAL C 523 -8.68 -47.74 6.70
CA VAL C 523 -8.59 -47.78 5.25
C VAL C 523 -8.52 -46.35 4.74
N TYR C 524 -7.41 -45.99 4.11
CA TYR C 524 -7.23 -44.65 3.56
C TYR C 524 -8.08 -44.50 2.31
N LEU C 525 -9.10 -43.65 2.37
CA LEU C 525 -9.94 -43.37 1.22
C LEU C 525 -9.48 -42.08 0.54
N THR C 526 -9.56 -42.04 -0.78
CA THR C 526 -9.30 -40.83 -1.53
C THR C 526 -10.57 -39.98 -1.57
N ALA C 527 -10.57 -38.93 -2.38
CA ALA C 527 -11.75 -38.08 -2.51
C ALA C 527 -12.79 -38.66 -3.47
N ASP C 528 -12.37 -39.52 -4.39
CA ASP C 528 -13.29 -40.09 -5.37
C ASP C 528 -14.17 -41.16 -4.74
N GLU C 529 -13.56 -42.19 -4.17
CA GLU C 529 -14.29 -43.32 -3.62
C GLU C 529 -14.87 -43.05 -2.24
N GLU C 530 -14.91 -41.79 -1.81
CA GLU C 530 -15.57 -41.46 -0.54
C GLU C 530 -17.03 -41.11 -0.72
N ASP C 531 -17.36 -40.33 -1.77
CA ASP C 531 -18.74 -39.93 -1.99
C ASP C 531 -19.63 -41.12 -2.28
N ARG C 532 -19.12 -42.11 -3.03
CA ARG C 532 -19.93 -43.27 -3.37
C ARG C 532 -20.42 -44.00 -2.13
N HIS C 533 -19.70 -43.90 -1.03
CA HIS C 533 -20.02 -44.61 0.20
C HIS C 533 -20.72 -43.68 1.19
N VAL C 534 -20.93 -44.15 2.40
CA VAL C 534 -21.63 -43.41 3.45
C VAL C 534 -20.71 -43.35 4.67
N VAL C 535 -20.37 -42.14 5.09
CA VAL C 535 -19.40 -41.93 6.15
C VAL C 535 -20.14 -41.60 7.44
N ALA C 536 -19.73 -42.26 8.52
CA ALA C 536 -20.35 -42.04 9.83
C ALA C 536 -19.76 -40.78 10.45
N GLN C 537 -20.13 -40.51 11.71
CA GLN C 537 -19.65 -39.36 12.44
C GLN C 537 -18.62 -39.79 13.48
N ALA C 538 -17.75 -38.85 13.85
CA ALA C 538 -16.63 -39.19 14.72
C ALA C 538 -17.09 -39.57 16.11
N ASN C 539 -17.93 -38.74 16.72
CA ASN C 539 -18.38 -38.94 18.10
C ASN C 539 -19.78 -39.55 18.06
N SER C 540 -19.83 -40.88 17.94
CA SER C 540 -21.08 -41.61 17.96
C SER C 540 -21.09 -42.59 19.14
N PRO C 541 -22.25 -42.83 19.74
CA PRO C 541 -22.31 -43.67 20.94
C PRO C 541 -22.02 -45.14 20.66
N ILE C 542 -20.75 -45.47 20.46
CA ILE C 542 -20.35 -46.87 20.35
C ILE C 542 -20.31 -47.47 21.75
N ASP C 543 -20.75 -48.73 21.87
CA ASP C 543 -20.86 -49.39 23.17
C ASP C 543 -19.90 -50.57 23.23
N ALA C 544 -18.65 -50.27 23.57
CA ALA C 544 -17.69 -51.26 24.03
C ALA C 544 -17.35 -52.33 22.99
N ASP C 545 -18.06 -52.33 21.87
CA ASP C 545 -17.81 -53.31 20.82
C ASP C 545 -17.66 -52.67 19.44
N GLY C 546 -18.42 -51.61 19.17
CA GLY C 546 -18.48 -51.03 17.84
C GLY C 546 -19.91 -51.00 17.35
N ARG C 547 -20.86 -51.09 18.27
CA ARG C 547 -22.27 -51.07 17.96
C ARG C 547 -22.83 -49.67 18.26
N PHE C 548 -23.54 -49.11 17.29
CA PHE C 548 -24.15 -47.79 17.46
C PHE C 548 -25.33 -47.91 18.41
N VAL C 549 -25.12 -47.50 19.66
CA VAL C 549 -26.13 -47.69 20.71
C VAL C 549 -27.50 -47.27 20.21
N GLU C 550 -27.60 -46.05 19.68
CA GLU C 550 -28.88 -45.55 19.19
C GLU C 550 -29.20 -46.17 17.83
N PRO C 551 -30.44 -46.05 17.39
CA PRO C 551 -30.87 -46.75 16.17
C PRO C 551 -30.44 -46.04 14.89
N ARG C 552 -30.28 -44.72 14.95
CA ARG C 552 -29.89 -43.94 13.79
C ARG C 552 -28.56 -43.24 14.05
N VAL C 553 -28.03 -42.62 13.00
CA VAL C 553 -26.70 -42.02 13.04
C VAL C 553 -26.63 -40.91 12.00
N LEU C 554 -25.85 -39.88 12.31
CA LEU C 554 -25.51 -38.85 11.34
C LEU C 554 -24.60 -39.44 10.25
N VAL C 555 -24.61 -38.81 9.09
CA VAL C 555 -23.82 -39.31 7.96
C VAL C 555 -23.38 -38.17 7.06
N ARG C 556 -22.58 -38.49 6.04
CA ARG C 556 -22.24 -37.57 4.96
C ARG C 556 -22.41 -38.32 3.64
N ARG C 557 -23.54 -38.10 2.97
CA ARG C 557 -23.82 -38.84 1.75
C ARG C 557 -23.04 -38.26 0.57
N LYS C 558 -23.15 -38.93 -0.58
CA LYS C 558 -22.34 -38.61 -1.74
C LYS C 558 -22.35 -37.11 -2.04
N ALA C 559 -23.53 -36.55 -2.32
CA ALA C 559 -23.63 -35.15 -2.75
C ALA C 559 -22.79 -34.24 -1.87
N GLY C 560 -22.86 -34.42 -0.55
CA GLY C 560 -22.15 -33.56 0.37
C GLY C 560 -23.04 -33.06 1.47
N GLU C 561 -24.34 -33.32 1.35
CA GLU C 561 -25.29 -32.89 2.36
C GLU C 561 -25.05 -33.63 3.67
N VAL C 562 -25.72 -33.15 4.72
CA VAL C 562 -25.63 -33.78 6.03
C VAL C 562 -26.95 -34.47 6.32
N GLU C 563 -27.05 -35.74 5.97
CA GLU C 563 -28.29 -36.50 6.10
C GLU C 563 -28.31 -37.21 7.45
N TYR C 564 -29.26 -38.14 7.61
CA TYR C 564 -29.44 -38.88 8.85
C TYR C 564 -30.00 -40.24 8.47
N VAL C 565 -29.37 -41.31 8.94
CA VAL C 565 -29.66 -42.63 8.37
C VAL C 565 -29.79 -43.65 9.49
N PRO C 566 -30.24 -44.88 9.19
CA PRO C 566 -30.24 -45.94 10.20
C PRO C 566 -28.88 -46.59 10.35
N SER C 567 -28.69 -47.23 11.50
CA SER C 567 -27.38 -47.81 11.82
C SER C 567 -27.19 -49.15 11.13
N SER C 568 -27.43 -49.18 9.83
CA SER C 568 -27.16 -50.34 8.98
C SER C 568 -26.38 -49.96 7.73
N GLU C 569 -26.65 -48.79 7.16
CA GLU C 569 -25.97 -48.36 5.95
C GLU C 569 -24.58 -47.81 6.25
N VAL C 570 -24.38 -47.27 7.45
CA VAL C 570 -23.09 -46.71 7.82
C VAL C 570 -22.01 -47.78 7.68
N ASP C 571 -21.08 -47.55 6.77
CA ASP C 571 -19.95 -48.46 6.55
C ASP C 571 -18.63 -47.90 7.04
N TYR C 572 -18.42 -46.59 6.94
CA TYR C 572 -17.19 -45.96 7.39
C TYR C 572 -17.49 -44.96 8.49
N MET C 573 -16.45 -44.64 9.27
CA MET C 573 -16.56 -43.65 10.33
C MET C 573 -15.19 -43.00 10.53
N ASP C 574 -15.20 -41.71 10.86
CA ASP C 574 -13.94 -41.02 11.10
C ASP C 574 -13.17 -41.70 12.23
N VAL C 575 -11.84 -41.57 12.19
CA VAL C 575 -11.02 -42.19 13.22
C VAL C 575 -11.10 -41.40 14.52
N SER C 576 -11.28 -40.09 14.44
CA SER C 576 -11.43 -39.23 15.60
C SER C 576 -11.82 -37.84 15.11
N PRO C 577 -12.39 -37.02 16.00
CA PRO C 577 -12.69 -35.64 15.59
C PRO C 577 -11.42 -34.88 15.29
N ARG C 578 -11.54 -33.61 14.91
CA ARG C 578 -10.41 -32.76 14.56
C ARG C 578 -9.70 -33.23 13.30
N GLN C 579 -10.27 -34.18 12.55
CA GLN C 579 -9.71 -34.54 11.26
C GLN C 579 -9.68 -33.33 10.32
N MET C 580 -10.75 -32.53 10.32
CA MET C 580 -10.79 -31.37 9.45
C MET C 580 -9.73 -30.34 9.81
N VAL C 581 -9.25 -30.35 11.05
CA VAL C 581 -8.40 -29.28 11.58
C VAL C 581 -6.96 -29.57 11.21
N SER C 582 -6.23 -28.52 10.85
CA SER C 582 -4.81 -28.63 10.52
C SER C 582 -4.00 -28.75 11.81
N VAL C 583 -2.67 -28.65 11.68
CA VAL C 583 -1.82 -28.75 12.86
C VAL C 583 -1.86 -27.47 13.67
N ALA C 584 -1.63 -26.32 13.01
CA ALA C 584 -1.61 -25.06 13.74
C ALA C 584 -2.94 -24.78 14.41
N THR C 585 -4.05 -25.29 13.85
CA THR C 585 -5.36 -25.07 14.44
C THR C 585 -5.65 -26.03 15.59
N ALA C 586 -5.08 -27.22 15.54
CA ALA C 586 -5.39 -28.24 16.55
C ALA C 586 -4.77 -27.93 17.90
N MET C 587 -4.23 -26.73 18.09
CA MET C 587 -3.60 -26.34 19.34
C MET C 587 -4.36 -25.23 20.06
N ILE C 588 -5.57 -24.91 19.60
CA ILE C 588 -6.41 -23.89 20.22
C ILE C 588 -7.37 -24.58 21.18
N PRO C 589 -7.31 -24.30 22.48
CA PRO C 589 -8.29 -24.89 23.40
C PRO C 589 -9.66 -24.26 23.22
N PHE C 590 -10.69 -25.10 23.31
CA PHE C 590 -12.07 -24.66 23.15
C PHE C 590 -12.30 -24.03 21.78
N LEU C 591 -11.87 -24.74 20.74
CA LEU C 591 -12.06 -24.23 19.39
C LEU C 591 -13.54 -24.22 19.00
N GLU C 592 -14.31 -25.18 19.51
CA GLU C 592 -15.74 -25.24 19.17
C GLU C 592 -16.54 -24.14 19.82
N HIS C 593 -15.90 -23.18 20.48
CA HIS C 593 -16.59 -22.04 21.07
C HIS C 593 -16.22 -20.72 20.39
N ASP C 594 -15.28 -20.73 19.46
CA ASP C 594 -14.85 -19.52 18.77
C ASP C 594 -15.47 -19.45 17.39
N ASP C 595 -15.64 -18.22 16.90
CA ASP C 595 -16.13 -18.04 15.54
C ASP C 595 -15.02 -18.36 14.54
N ALA C 596 -15.42 -18.55 13.28
CA ALA C 596 -14.44 -18.93 12.27
C ALA C 596 -13.44 -17.81 12.01
N ASN C 597 -13.90 -16.56 12.03
CA ASN C 597 -12.99 -15.43 11.84
C ASN C 597 -11.92 -15.39 12.92
N ARG C 598 -12.35 -15.41 14.18
CA ARG C 598 -11.40 -15.32 15.28
C ARG C 598 -10.54 -16.57 15.37
N ALA C 599 -11.11 -17.74 15.06
CA ALA C 599 -10.30 -18.95 15.05
C ALA C 599 -9.23 -18.89 13.96
N LEU C 600 -9.59 -18.36 12.79
CA LEU C 600 -8.61 -18.20 11.72
C LEU C 600 -7.51 -17.22 12.14
N MET C 601 -7.89 -16.10 12.74
CA MET C 601 -6.88 -15.14 13.18
C MET C 601 -5.98 -15.75 14.25
N GLY C 602 -6.54 -16.54 15.16
CA GLY C 602 -5.71 -17.21 16.15
C GLY C 602 -4.76 -18.21 15.53
N ALA C 603 -5.23 -18.98 14.54
CA ALA C 603 -4.38 -19.94 13.88
C ALA C 603 -3.27 -19.26 13.08
N ASN C 604 -3.53 -18.05 12.58
CA ASN C 604 -2.53 -17.32 11.82
C ASN C 604 -1.62 -16.47 12.69
N MET C 605 -1.98 -16.25 13.95
CA MET C 605 -1.18 -15.43 14.85
C MET C 605 -0.31 -16.26 15.78
N GLN C 606 -0.19 -17.56 15.54
CA GLN C 606 0.73 -18.40 16.29
C GLN C 606 2.05 -18.64 15.57
N ARG C 607 2.02 -18.73 14.24
CA ARG C 607 3.25 -18.83 13.47
C ARG C 607 4.01 -17.51 13.40
N GLN C 608 3.56 -16.50 14.15
CA GLN C 608 4.22 -15.21 14.20
C GLN C 608 4.82 -14.91 15.57
N ALA C 609 4.59 -15.75 16.56
CA ALA C 609 5.13 -15.51 17.89
C ALA C 609 6.66 -15.48 17.84
N VAL C 610 7.26 -15.08 18.95
CA VAL C 610 8.71 -15.03 19.05
C VAL C 610 9.16 -15.93 20.19
N PRO C 611 10.38 -16.48 20.15
CA PRO C 611 10.87 -17.34 21.23
C PRO C 611 11.46 -16.49 22.35
N LEU C 612 10.92 -16.65 23.56
CA LEU C 612 11.34 -15.85 24.70
C LEU C 612 12.66 -16.42 25.25
N VAL C 613 13.06 -15.96 26.43
CA VAL C 613 14.29 -16.44 27.04
C VAL C 613 14.07 -17.61 27.98
N ARG C 614 12.87 -17.75 28.54
CA ARG C 614 12.56 -18.85 29.46
C ARG C 614 11.72 -19.94 28.82
N SER C 615 10.79 -19.59 27.93
CA SER C 615 10.03 -20.57 27.16
C SER C 615 9.26 -21.51 28.09
N GLU C 616 8.29 -20.93 28.79
CA GLU C 616 7.46 -21.68 29.73
C GLU C 616 6.29 -22.32 29.02
N ALA C 617 5.97 -23.56 29.43
CA ALA C 617 4.92 -24.32 28.78
C ALA C 617 3.55 -23.76 29.14
N PRO C 618 2.53 -24.03 28.33
CA PRO C 618 1.19 -23.51 28.61
C PRO C 618 0.46 -24.37 29.62
N LEU C 619 -0.31 -23.71 30.49
CA LEU C 619 -0.96 -24.40 31.58
C LEU C 619 -2.12 -25.26 31.11
N VAL C 620 -2.80 -24.86 30.04
CA VAL C 620 -3.95 -25.59 29.51
C VAL C 620 -3.89 -25.54 27.99
N GLY C 621 -3.53 -26.65 27.37
CA GLY C 621 -3.45 -26.76 25.92
C GLY C 621 -4.20 -28.00 25.45
N THR C 622 -3.75 -28.53 24.31
CA THR C 622 -4.30 -29.74 23.72
C THR C 622 -3.19 -30.75 23.51
N GLY C 623 -3.56 -31.92 22.99
CA GLY C 623 -2.58 -32.98 22.81
C GLY C 623 -1.57 -32.74 21.72
N MET C 624 -1.77 -31.74 20.88
CA MET C 624 -0.87 -31.48 19.75
C MET C 624 0.37 -30.70 20.15
N GLU C 625 0.56 -30.42 21.44
CA GLU C 625 1.78 -29.76 21.89
C GLU C 625 2.98 -30.70 21.81
N LEU C 626 2.91 -31.81 22.55
CA LEU C 626 4.07 -32.68 22.67
C LEU C 626 4.39 -33.40 21.36
N ARG C 627 3.38 -33.60 20.51
CA ARG C 627 3.56 -34.38 19.29
C ARG C 627 3.83 -33.52 18.08
N ALA C 628 4.02 -32.20 18.27
CA ALA C 628 4.35 -31.30 17.19
C ALA C 628 5.66 -30.57 17.41
N ALA C 629 6.30 -30.75 18.57
CA ALA C 629 7.65 -30.23 18.78
C ALA C 629 8.71 -31.24 18.41
N ILE C 630 8.53 -32.50 18.79
CA ILE C 630 9.50 -33.53 18.43
C ILE C 630 9.54 -33.75 16.92
N ASP C 631 8.47 -33.36 16.21
CA ASP C 631 8.46 -33.46 14.76
C ASP C 631 8.87 -32.17 14.07
N ALA C 632 8.87 -31.04 14.78
CA ALA C 632 9.28 -29.78 14.16
C ALA C 632 10.74 -29.78 13.75
N GLY C 633 11.55 -30.64 14.35
CA GLY C 633 12.95 -30.73 14.00
C GLY C 633 13.87 -29.78 14.73
N ASP C 634 13.42 -29.20 15.85
CA ASP C 634 14.25 -28.32 16.66
C ASP C 634 14.43 -28.85 18.08
N VAL C 635 14.11 -30.12 18.30
CA VAL C 635 14.27 -30.76 19.60
C VAL C 635 15.23 -31.94 19.41
N VAL C 636 16.40 -31.86 20.03
CA VAL C 636 17.42 -32.89 19.85
C VAL C 636 16.91 -34.18 20.48
N VAL C 637 16.53 -35.14 19.64
CA VAL C 637 15.89 -36.37 20.08
C VAL C 637 16.94 -37.46 20.20
N ALA C 638 16.99 -38.12 21.35
CA ALA C 638 17.89 -39.25 21.54
C ALA C 638 17.66 -40.28 20.44
N GLU C 639 18.74 -40.65 19.75
CA GLU C 639 18.62 -41.55 18.61
C GLU C 639 18.45 -43.00 19.06
N GLU C 640 19.43 -43.53 19.78
CA GLU C 640 19.39 -44.90 20.26
C GLU C 640 19.44 -44.92 21.78
N SER C 641 18.61 -45.77 22.37
CA SER C 641 18.48 -45.82 23.83
C SER C 641 19.82 -46.10 24.49
N GLY C 642 20.35 -45.12 25.21
CA GLY C 642 21.62 -45.28 25.90
C GLY C 642 21.61 -44.72 27.30
N VAL C 643 22.75 -44.18 27.75
CA VAL C 643 22.87 -43.57 29.06
C VAL C 643 23.75 -42.35 28.95
N ILE C 644 23.31 -41.24 29.55
CA ILE C 644 24.11 -40.02 29.51
C ILE C 644 25.49 -40.28 30.09
N GLU C 645 26.49 -39.60 29.54
CA GLU C 645 27.87 -39.78 30.00
C GLU C 645 28.47 -38.43 30.35
N GLU C 646 28.08 -37.38 29.62
CA GLU C 646 28.65 -36.06 29.84
C GLU C 646 27.80 -35.00 29.13
N VAL C 647 27.46 -33.93 29.84
CA VAL C 647 26.64 -32.85 29.29
C VAL C 647 27.33 -31.52 29.52
N SER C 648 27.12 -30.61 28.59
CA SER C 648 27.65 -29.26 28.70
C SER C 648 26.83 -28.37 27.78
N ALA C 649 26.74 -27.09 28.14
CA ALA C 649 25.94 -26.16 27.35
C ALA C 649 26.25 -26.26 25.87
N ASP C 650 27.43 -26.74 25.50
CA ASP C 650 27.85 -26.84 24.12
C ASP C 650 27.42 -28.15 23.46
N TYR C 651 27.54 -29.28 24.16
CA TYR C 651 27.25 -30.56 23.54
C TYR C 651 26.95 -31.60 24.61
N ILE C 652 26.43 -32.74 24.17
CA ILE C 652 26.09 -33.86 25.04
C ILE C 652 26.69 -35.13 24.42
N THR C 653 26.93 -36.13 25.26
CA THR C 653 27.39 -37.42 24.81
C THR C 653 26.57 -38.54 25.45
N VAL C 654 26.06 -39.44 24.64
CA VAL C 654 25.33 -40.61 25.09
C VAL C 654 26.16 -41.86 24.82
N MET C 655 26.16 -42.78 25.77
CA MET C 655 26.91 -44.03 25.68
C MET C 655 25.92 -45.16 25.44
N HIS C 656 25.72 -45.51 24.16
CA HIS C 656 24.79 -46.57 23.83
C HIS C 656 25.18 -47.86 24.54
N ASP C 657 24.22 -48.77 24.67
CA ASP C 657 24.47 -50.03 25.37
C ASP C 657 25.48 -50.90 24.63
N ASN C 658 25.74 -50.62 23.36
CA ASN C 658 26.67 -51.41 22.54
C ASN C 658 27.84 -50.52 22.14
N GLY C 659 28.84 -50.42 23.02
CA GLY C 659 30.08 -49.77 22.66
C GLY C 659 29.94 -48.33 22.20
N THR C 660 30.05 -48.14 20.88
CA THR C 660 30.10 -46.82 20.27
C THR C 660 29.15 -45.84 20.94
N ARG C 661 29.68 -44.66 21.29
CA ARG C 661 28.89 -43.57 21.82
C ARG C 661 28.53 -42.60 20.70
N ARG C 662 27.75 -41.57 21.05
CA ARG C 662 27.31 -40.59 20.06
C ARG C 662 27.21 -39.25 20.73
N THR C 663 27.80 -38.23 20.10
CA THR C 663 27.85 -36.88 20.66
C THR C 663 26.94 -35.97 19.85
N TYR C 664 25.97 -35.35 20.52
CA TYR C 664 25.12 -34.36 19.90
C TYR C 664 25.68 -32.96 20.16
N ARG C 665 25.61 -32.12 19.14
CA ARG C 665 26.15 -30.76 19.19
C ARG C 665 24.99 -29.78 19.04
N MET C 666 24.56 -29.18 20.14
CA MET C 666 23.46 -28.24 20.12
C MET C 666 23.93 -26.86 19.68
N ARG C 667 23.13 -26.19 18.86
CA ARG C 667 23.48 -24.89 18.30
C ARG C 667 23.03 -23.79 19.25
N LYS C 668 23.97 -22.92 19.62
CA LYS C 668 23.73 -21.87 20.60
C LYS C 668 23.76 -20.51 19.91
N PHE C 669 22.74 -19.70 20.18
CA PHE C 669 22.67 -18.31 19.70
C PHE C 669 22.96 -18.22 18.20
N ALA C 670 22.31 -19.09 17.43
CA ALA C 670 22.36 -19.02 15.97
C ALA C 670 21.21 -18.15 15.46
N ARG C 671 21.53 -17.26 14.52
CA ARG C 671 20.51 -16.38 13.97
C ARG C 671 19.57 -17.15 13.05
N SER C 672 18.27 -16.91 13.21
CA SER C 672 17.27 -17.50 12.33
C SER C 672 17.19 -16.66 11.05
N ASN C 673 16.20 -16.94 10.21
CA ASN C 673 16.03 -16.19 8.97
C ASN C 673 15.32 -14.87 9.19
N HIS C 674 14.59 -14.72 10.29
CA HIS C 674 13.82 -13.52 10.57
C HIS C 674 14.38 -12.72 11.74
N GLY C 675 15.54 -13.11 12.27
CA GLY C 675 16.21 -12.34 13.30
C GLY C 675 16.03 -12.87 14.71
N THR C 676 15.26 -13.93 14.90
CA THR C 676 15.04 -14.49 16.24
C THR C 676 16.30 -15.24 16.67
N CYS C 677 16.21 -15.89 17.83
CA CYS C 677 17.33 -16.63 18.41
C CYS C 677 17.04 -18.12 18.37
N ALA C 678 18.02 -18.90 17.92
CA ALA C 678 17.90 -20.35 17.81
C ALA C 678 18.60 -21.08 18.94
N ASN C 679 18.48 -20.57 20.17
CA ASN C 679 19.15 -21.17 21.30
C ASN C 679 18.71 -22.61 21.49
N GLN C 680 19.44 -23.33 22.35
CA GLN C 680 19.21 -24.75 22.58
C GLN C 680 19.96 -25.16 23.83
N CYS C 681 19.30 -25.94 24.69
CA CYS C 681 19.90 -26.28 25.97
C CYS C 681 19.48 -27.67 26.43
N PRO C 682 20.41 -28.46 26.98
CA PRO C 682 20.07 -29.81 27.42
C PRO C 682 19.10 -29.79 28.59
N ILE C 683 18.40 -30.91 28.75
CA ILE C 683 17.42 -31.04 29.82
C ILE C 683 17.64 -32.34 30.60
N VAL C 684 18.89 -32.82 30.62
CA VAL C 684 19.22 -34.07 31.29
C VAL C 684 20.49 -33.91 32.10
N ASP C 685 20.68 -34.82 33.06
CA ASP C 685 21.83 -34.81 33.94
C ASP C 685 22.85 -35.85 33.46
N ALA C 686 23.94 -35.98 34.21
CA ALA C 686 25.05 -36.84 33.80
C ALA C 686 24.83 -38.31 34.13
N GLY C 687 23.68 -38.65 34.69
CA GLY C 687 23.40 -40.04 35.04
C GLY C 687 22.12 -40.57 34.44
N ASP C 688 21.24 -39.67 34.02
CA ASP C 688 19.93 -40.06 33.53
C ASP C 688 20.02 -41.14 32.46
N ARG C 689 19.06 -42.06 32.49
CA ARG C 689 18.90 -43.04 31.43
C ARG C 689 17.90 -42.53 30.40
N VAL C 690 18.23 -42.71 29.12
CA VAL C 690 17.39 -42.21 28.04
C VAL C 690 17.06 -43.37 27.09
N GLU C 691 15.92 -43.26 26.44
CA GLU C 691 15.46 -44.24 25.46
C GLU C 691 15.26 -43.56 24.11
N ALA C 692 15.32 -44.37 23.05
CA ALA C 692 15.16 -43.85 21.70
C ALA C 692 13.85 -43.08 21.59
N GLY C 693 13.95 -41.84 21.08
CA GLY C 693 12.81 -40.97 20.92
C GLY C 693 12.69 -39.90 21.98
N GLN C 694 13.17 -40.17 23.19
CA GLN C 694 13.06 -39.20 24.27
C GLN C 694 13.77 -37.90 23.90
N VAL C 695 13.31 -36.80 24.49
CA VAL C 695 13.87 -35.49 24.22
C VAL C 695 15.11 -35.29 25.08
N ILE C 696 16.13 -34.65 24.52
CA ILE C 696 17.38 -34.39 25.21
C ILE C 696 17.65 -32.91 25.38
N ALA C 697 17.36 -32.10 24.36
CA ALA C 697 17.64 -30.68 24.39
C ALA C 697 16.42 -29.90 23.93
N ASP C 698 16.05 -28.88 24.69
CA ASP C 698 14.92 -28.04 24.33
C ASP C 698 15.25 -27.20 23.11
N GLY C 699 14.24 -26.51 22.59
CA GLY C 699 14.39 -25.71 21.40
C GLY C 699 14.13 -24.24 21.66
N PRO C 700 13.86 -23.50 20.59
CA PRO C 700 13.58 -22.06 20.74
C PRO C 700 12.35 -21.78 21.60
N CYS C 701 11.21 -22.34 21.20
CA CYS C 701 9.95 -22.11 21.90
C CYS C 701 9.46 -23.33 22.66
N THR C 702 10.32 -24.33 22.85
CA THR C 702 9.91 -25.55 23.54
C THR C 702 10.26 -25.48 25.02
N ASP C 703 9.63 -26.36 25.79
CA ASP C 703 9.90 -26.47 27.22
C ASP C 703 9.64 -27.90 27.64
N ASP C 704 10.68 -28.60 28.08
CA ASP C 704 10.59 -30.02 28.41
C ASP C 704 10.14 -30.83 27.20
N GLY C 705 10.45 -30.33 26.00
CA GLY C 705 10.15 -31.05 24.78
C GLY C 705 8.71 -30.94 24.30
N GLU C 706 8.09 -29.77 24.48
CA GLU C 706 6.76 -29.54 23.94
C GLU C 706 6.55 -28.05 23.72
N MET C 707 5.73 -27.73 22.72
CA MET C 707 5.54 -26.35 22.29
C MET C 707 5.12 -25.46 23.46
N ALA C 708 5.79 -24.32 23.60
CA ALA C 708 5.44 -23.30 24.59
C ALA C 708 5.76 -21.94 23.97
N LEU C 709 4.75 -21.33 23.35
CA LEU C 709 4.95 -20.12 22.57
C LEU C 709 4.85 -18.84 23.40
N GLY C 710 4.37 -18.93 24.63
CA GLY C 710 4.17 -17.73 25.42
C GLY C 710 4.19 -18.04 26.90
N LYS C 711 3.58 -17.14 27.68
CA LYS C 711 3.61 -17.24 29.12
C LYS C 711 2.20 -17.14 29.68
N ASN C 712 2.02 -17.71 30.87
CA ASN C 712 0.75 -17.66 31.59
C ASN C 712 0.75 -16.42 32.49
N LEU C 713 -0.24 -15.56 32.30
CA LEU C 713 -0.33 -14.30 33.02
C LEU C 713 -1.69 -14.20 33.70
N LEU C 714 -1.68 -13.67 34.92
CA LEU C 714 -2.94 -13.39 35.62
C LEU C 714 -3.63 -12.22 34.96
N VAL C 715 -4.85 -12.46 34.46
CA VAL C 715 -5.58 -11.47 33.68
C VAL C 715 -6.95 -11.24 34.30
N ALA C 716 -7.36 -9.98 34.32
CA ALA C 716 -8.70 -9.56 34.69
C ALA C 716 -9.44 -9.07 33.45
N ILE C 717 -10.76 -8.96 33.55
CA ILE C 717 -11.57 -8.65 32.38
C ILE C 717 -12.35 -7.36 32.61
N MET C 718 -11.76 -6.42 33.33
CA MET C 718 -12.41 -5.15 33.56
C MET C 718 -11.78 -4.05 32.70
N PRO C 719 -12.55 -3.01 32.37
CA PRO C 719 -11.95 -1.84 31.70
C PRO C 719 -11.39 -0.87 32.71
N TRP C 720 -10.10 -0.54 32.60
CA TRP C 720 -9.40 0.21 33.64
C TRP C 720 -9.11 1.63 33.16
N GLU C 721 -10.00 2.55 33.56
CA GLU C 721 -9.78 3.99 33.43
C GLU C 721 -9.22 4.39 32.06
N GLY C 722 -9.66 3.68 31.03
CA GLY C 722 -9.46 4.16 29.68
C GLY C 722 -8.09 3.93 29.09
N HIS C 723 -7.24 3.14 29.73
CA HIS C 723 -5.93 2.85 29.15
C HIS C 723 -5.96 1.66 28.21
N ASN C 724 -6.92 0.75 28.39
CA ASN C 724 -7.15 -0.35 27.45
C ASN C 724 -8.48 -0.06 26.77
N TYR C 725 -8.43 0.75 25.72
CA TYR C 725 -9.62 1.24 25.03
C TYR C 725 -9.60 0.77 23.59
N GLU C 726 -10.56 -0.07 23.22
CA GLU C 726 -10.65 -0.61 21.86
C GLU C 726 -9.40 -1.41 21.51
N ASP C 727 -9.20 -2.52 22.23
CA ASP C 727 -8.20 -3.53 21.96
C ASP C 727 -6.83 -3.17 22.52
N ALA C 728 -6.67 -2.03 23.18
CA ALA C 728 -5.43 -1.76 23.88
C ALA C 728 -5.32 -2.65 25.12
N ILE C 729 -4.09 -2.85 25.58
CA ILE C 729 -3.80 -3.72 26.70
C ILE C 729 -2.84 -3.03 27.64
N ILE C 730 -3.05 -3.22 28.94
CA ILE C 730 -2.16 -2.69 29.97
C ILE C 730 -1.49 -3.87 30.68
N LEU C 731 -0.24 -3.66 31.09
CA LEU C 731 0.55 -4.69 31.73
C LEU C 731 1.04 -4.20 33.08
N SER C 732 1.69 -5.09 33.82
CA SER C 732 2.34 -4.75 35.07
C SER C 732 3.85 -4.70 34.88
N ASN C 733 4.51 -3.94 35.75
CA ASN C 733 5.96 -3.83 35.67
C ASN C 733 6.65 -5.14 35.99
N ARG C 734 5.95 -6.08 36.64
CA ARG C 734 6.56 -7.37 36.93
C ARG C 734 7.04 -8.06 35.65
N LEU C 735 6.26 -7.94 34.57
CA LEU C 735 6.67 -8.54 33.30
C LEU C 735 7.89 -7.89 32.70
N VAL C 736 8.32 -6.74 33.22
CA VAL C 736 9.56 -6.10 32.77
C VAL C 736 10.70 -6.36 33.74
N GLU C 737 10.42 -6.33 35.05
CA GLU C 737 11.47 -6.56 36.04
C GLU C 737 11.97 -7.99 35.99
N GLU C 738 11.06 -8.96 35.92
CA GLU C 738 11.41 -10.37 36.04
C GLU C 738 11.66 -11.03 34.69
N ASP C 739 11.93 -10.25 33.64
CA ASP C 739 12.29 -10.80 32.34
C ASP C 739 11.32 -11.89 31.90
N VAL C 740 10.03 -11.61 32.02
CA VAL C 740 9.02 -12.59 31.67
C VAL C 740 8.64 -12.55 30.20
N LEU C 741 8.93 -11.45 29.50
CA LEU C 741 8.67 -11.33 28.08
C LEU C 741 9.87 -10.74 27.34
N THR C 742 11.06 -10.90 27.91
CA THR C 742 12.28 -10.45 27.25
C THR C 742 12.63 -11.42 26.13
N SER C 743 12.97 -10.87 24.96
CA SER C 743 13.33 -11.70 23.83
C SER C 743 14.69 -11.26 23.30
N ILE C 744 15.29 -12.11 22.47
CA ILE C 744 16.59 -11.84 21.88
C ILE C 744 16.40 -11.62 20.38
N HIS C 745 17.21 -10.73 19.82
CA HIS C 745 17.18 -10.47 18.39
C HIS C 745 18.59 -10.26 17.89
N ILE C 746 18.91 -10.91 16.77
CA ILE C 746 20.26 -10.92 16.21
C ILE C 746 20.16 -10.46 14.76
N GLU C 747 20.74 -9.29 14.48
CA GLU C 747 20.73 -8.74 13.13
C GLU C 747 22.11 -8.87 12.51
N GLU C 748 22.14 -8.90 11.18
CA GLU C 748 23.37 -9.18 10.43
C GLU C 748 23.61 -8.07 9.41
N HIS C 749 24.66 -7.29 9.62
CA HIS C 749 25.07 -6.27 8.67
C HIS C 749 26.22 -6.81 7.83
N GLU C 750 26.35 -6.28 6.60
CA GLU C 750 27.30 -6.84 5.66
C GLU C 750 27.80 -5.75 4.72
N ILE C 751 29.09 -5.77 4.44
CA ILE C 751 29.71 -4.85 3.50
C ILE C 751 30.72 -5.63 2.65
N ASP C 752 31.04 -5.06 1.48
CA ASP C 752 31.95 -5.70 0.55
C ASP C 752 32.91 -4.67 -0.02
N ALA C 753 34.14 -5.09 -0.27
CA ALA C 753 35.18 -4.27 -0.84
C ALA C 753 35.57 -4.86 -2.19
N ARG C 754 35.32 -4.11 -3.26
CA ARG C 754 35.54 -4.53 -4.63
C ARG C 754 36.65 -3.69 -5.26
N ASP C 755 36.85 -3.88 -6.57
CA ASP C 755 37.80 -3.11 -7.34
C ASP C 755 37.04 -2.11 -8.21
N THR C 756 37.42 -0.84 -8.12
CA THR C 756 36.74 0.22 -8.85
C THR C 756 37.59 0.68 -10.04
N LYS C 757 37.08 1.67 -10.76
CA LYS C 757 37.79 2.16 -11.94
C LYS C 757 39.10 2.83 -11.58
N LEU C 758 39.13 3.54 -10.44
CA LEU C 758 40.36 4.20 -10.01
C LEU C 758 41.30 3.27 -9.26
N GLY C 759 40.79 2.16 -8.72
CA GLY C 759 41.61 1.22 -8.00
C GLY C 759 40.81 0.14 -7.32
N ALA C 760 41.16 -0.19 -6.07
CA ALA C 760 40.45 -1.20 -5.29
C ALA C 760 40.12 -0.62 -3.93
N GLU C 761 38.86 -0.77 -3.52
CA GLU C 761 38.45 -0.31 -2.20
C GLU C 761 39.14 -1.15 -1.13
N GLU C 762 39.55 -0.49 -0.05
CA GLU C 762 40.30 -1.13 1.02
C GLU C 762 39.58 -0.96 2.35
N ILE C 763 39.43 -2.07 3.07
CA ILE C 763 38.85 -2.05 4.41
C ILE C 763 40.01 -1.92 5.39
N THR C 764 40.22 -0.73 5.92
CA THR C 764 41.36 -0.46 6.78
C THR C 764 40.96 0.47 7.91
N ARG C 765 41.79 0.48 8.96
CA ARG C 765 41.52 1.32 10.11
C ARG C 765 41.72 2.79 9.76
N ASP C 766 42.72 3.11 8.94
CA ASP C 766 42.93 4.47 8.49
C ASP C 766 41.65 5.01 7.86
N ILE C 767 41.48 6.33 7.91
CA ILE C 767 40.26 6.97 7.46
C ILE C 767 40.56 8.43 7.12
N PRO C 768 39.77 9.05 6.23
CA PRO C 768 39.94 10.49 5.97
C PRO C 768 39.56 11.31 7.21
N ASN C 769 39.54 12.63 7.07
CA ASN C 769 39.37 13.53 8.21
C ASN C 769 38.32 12.98 9.17
N ILE C 770 38.75 12.64 10.38
CA ILE C 770 37.87 12.00 11.36
C ILE C 770 38.51 12.15 12.73
N SER C 771 37.71 12.04 13.77
CA SER C 771 38.20 12.19 15.14
C SER C 771 39.00 10.95 15.53
N ASP C 772 39.40 10.89 16.80
CA ASP C 772 40.06 9.72 17.36
C ASP C 772 39.23 9.02 18.42
N GLU C 773 38.04 9.53 18.73
CA GLU C 773 37.12 8.84 19.62
C GLU C 773 36.16 7.93 18.87
N VAL C 774 36.17 7.97 17.55
CA VAL C 774 35.36 7.07 16.74
C VAL C 774 36.19 5.89 16.23
N LEU C 775 37.29 5.58 16.92
CA LEU C 775 38.15 4.46 16.57
C LEU C 775 38.60 3.70 17.81
N ALA C 776 38.03 4.00 18.98
CA ALA C 776 38.41 3.38 20.24
C ALA C 776 37.83 1.98 20.40
N ASP C 777 37.21 1.42 19.36
CA ASP C 777 36.69 0.07 19.42
C ASP C 777 37.04 -0.78 18.20
N LEU C 778 37.66 -0.20 17.18
CA LEU C 778 38.05 -0.98 16.00
C LEU C 778 39.39 -1.64 16.27
N ASP C 779 39.49 -2.92 15.94
CA ASP C 779 40.78 -3.59 16.04
C ASP C 779 41.78 -2.96 15.07
N GLU C 780 43.05 -3.33 15.23
CA GLU C 780 44.11 -2.71 14.46
C GLU C 780 43.90 -2.84 12.95
N ARG C 781 43.00 -3.73 12.52
CA ARG C 781 42.80 -4.03 11.11
C ARG C 781 41.37 -3.75 10.67
N GLY C 782 40.76 -2.70 11.23
CA GLY C 782 39.43 -2.32 10.77
C GLY C 782 38.29 -2.81 11.64
N ILE C 783 37.66 -3.91 11.22
CA ILE C 783 36.42 -4.42 11.80
C ILE C 783 36.46 -4.36 13.32
N VAL C 784 35.30 -4.14 13.93
CA VAL C 784 35.21 -3.91 15.37
C VAL C 784 35.54 -5.20 16.12
N ARG C 785 35.75 -5.08 17.43
CA ARG C 785 36.08 -6.21 18.28
C ARG C 785 34.83 -6.78 18.94
N ILE C 786 34.76 -8.11 19.04
CA ILE C 786 33.61 -8.75 19.64
C ILE C 786 33.45 -8.28 21.08
N GLY C 787 32.22 -7.94 21.45
CA GLY C 787 31.91 -7.46 22.78
C GLY C 787 31.75 -5.97 22.89
N ALA C 788 32.02 -5.22 21.82
CA ALA C 788 31.90 -3.77 21.87
C ALA C 788 30.44 -3.35 21.88
N GLU C 789 30.06 -2.55 22.86
CA GLU C 789 28.69 -2.05 22.98
C GLU C 789 28.50 -0.90 22.01
N VAL C 790 28.08 -1.23 20.79
CA VAL C 790 27.86 -0.23 19.75
C VAL C 790 26.48 0.39 19.96
N ARG C 791 26.23 1.51 19.28
CA ARG C 791 24.93 2.17 19.35
C ARG C 791 24.67 2.83 18.00
N ASP C 792 23.67 3.70 17.97
CA ASP C 792 23.24 4.31 16.71
C ASP C 792 24.31 5.26 16.18
N GLY C 793 24.71 5.07 14.92
CA GLY C 793 25.64 5.95 14.26
C GLY C 793 27.09 5.50 14.30
N ASP C 794 27.44 4.58 15.20
CA ASP C 794 28.83 4.16 15.35
C ASP C 794 29.33 3.47 14.09
N ILE C 795 30.61 3.10 14.08
CA ILE C 795 31.26 2.49 12.93
C ILE C 795 31.47 1.00 13.21
N LEU C 796 31.20 0.17 12.22
CA LEU C 796 31.37 -1.27 12.32
C LEU C 796 32.53 -1.80 11.49
N VAL C 797 32.72 -1.28 10.28
CA VAL C 797 33.79 -1.71 9.39
C VAL C 797 34.43 -0.47 8.78
N GLY C 798 35.77 -0.43 8.79
CA GLY C 798 36.46 0.73 8.26
C GLY C 798 36.78 0.60 6.78
N LYS C 799 35.95 1.23 5.95
CA LYS C 799 36.10 1.16 4.51
C LYS C 799 36.55 2.52 3.97
N VAL C 800 37.21 2.49 2.81
CA VAL C 800 37.69 3.70 2.17
C VAL C 800 37.82 3.43 0.68
N THR C 801 37.37 4.38 -0.13
CA THR C 801 37.37 4.22 -1.58
C THR C 801 38.10 5.37 -2.23
N PRO C 802 38.78 5.10 -3.35
CA PRO C 802 39.50 6.18 -4.05
C PRO C 802 38.56 7.31 -4.44
N LYS C 803 38.98 8.54 -4.13
CA LYS C 803 38.17 9.70 -4.49
C LYS C 803 38.19 9.93 -5.99
N GLY C 804 39.37 9.89 -6.60
CA GLY C 804 39.52 10.21 -8.00
C GLY C 804 40.45 11.39 -8.23
N GLU C 805 39.90 12.50 -8.71
CA GLU C 805 40.66 13.72 -8.91
C GLU C 805 39.73 14.90 -9.12
N THR C 806 39.93 15.99 -8.38
CA THR C 806 39.07 17.16 -8.48
C THR C 806 39.95 18.41 -8.37
N GLU C 807 39.29 19.55 -8.20
CA GLU C 807 39.97 20.84 -8.08
C GLU C 807 39.23 21.68 -7.07
N LEU C 808 39.88 21.99 -5.95
CA LEU C 808 39.23 22.64 -4.83
C LEU C 808 39.26 24.15 -5.00
N THR C 809 38.13 24.79 -4.69
CA THR C 809 38.03 26.25 -4.77
C THR C 809 38.99 26.90 -3.78
N PRO C 810 39.22 28.20 -3.90
CA PRO C 810 40.16 28.88 -3.00
C PRO C 810 39.85 28.63 -1.52
N GLU C 811 38.62 28.96 -1.11
CA GLU C 811 38.25 28.87 0.29
C GLU C 811 38.70 27.58 0.95
N GLU C 812 38.77 26.48 0.19
CA GLU C 812 39.18 25.21 0.77
C GLU C 812 40.70 25.03 0.77
N ARG C 813 41.37 25.50 -0.28
CA ARG C 813 42.83 25.42 -0.31
C ARG C 813 43.44 26.30 0.78
N LEU C 814 42.88 27.49 0.98
CA LEU C 814 43.34 28.37 2.04
C LEU C 814 42.98 27.85 3.42
N LEU C 815 42.20 26.78 3.50
CA LEU C 815 41.83 26.13 4.75
C LEU C 815 42.69 24.93 5.05
N ARG C 816 43.02 24.13 4.03
CA ARG C 816 43.93 23.01 4.25
C ARG C 816 45.32 23.51 4.64
N ALA C 817 45.78 24.59 4.00
CA ALA C 817 47.08 25.15 4.33
C ALA C 817 47.14 25.57 5.79
N ILE C 818 46.07 26.22 6.28
CA ILE C 818 46.04 26.65 7.68
C ILE C 818 46.19 25.46 8.60
N PHE C 819 45.40 24.41 8.39
CA PHE C 819 45.39 23.25 9.27
C PHE C 819 46.42 22.21 8.87
N GLY C 820 47.36 22.56 8.00
CA GLY C 820 48.45 21.68 7.59
C GLY C 820 48.03 20.25 7.36
N GLU C 821 46.88 20.05 6.73
CA GLU C 821 46.38 18.72 6.39
C GLU C 821 46.14 18.67 4.89
N LYS C 822 47.19 18.32 4.14
CA LYS C 822 47.04 18.16 2.70
C LYS C 822 45.94 17.16 2.37
N ALA C 823 45.19 17.44 1.32
CA ALA C 823 44.01 16.66 1.00
C ALA C 823 44.39 15.22 0.66
N ARG C 824 43.39 14.37 0.44
CA ARG C 824 43.60 12.97 0.11
C ARG C 824 42.71 12.61 -1.07
N GLU C 825 42.94 11.41 -1.61
CA GLU C 825 42.23 10.95 -2.80
C GLU C 825 41.32 9.76 -2.49
N VAL C 826 40.77 9.71 -1.28
CA VAL C 826 39.91 8.62 -0.85
C VAL C 826 38.61 9.19 -0.31
N ARG C 827 37.53 8.42 -0.45
CA ARG C 827 36.25 8.77 0.12
C ARG C 827 35.98 7.94 1.37
N ASP C 828 35.30 8.55 2.33
CA ASP C 828 34.97 7.88 3.59
C ASP C 828 33.60 7.22 3.43
N THR C 829 33.62 6.01 2.86
CA THR C 829 32.43 5.19 2.68
C THR C 829 32.60 3.93 3.51
N SER C 830 32.24 4.02 4.79
CA SER C 830 32.39 2.91 5.72
C SER C 830 31.04 2.21 5.89
N LEU C 831 30.98 1.27 6.82
CA LEU C 831 29.75 0.57 7.16
C LEU C 831 29.37 0.97 8.59
N LYS C 832 28.37 1.84 8.71
CA LYS C 832 27.93 2.36 9.99
C LYS C 832 26.59 1.76 10.38
N VAL C 833 26.39 1.61 11.68
CA VAL C 833 25.14 1.00 12.17
C VAL C 833 23.96 1.85 11.73
N PRO C 834 22.83 1.25 11.35
CA PRO C 834 21.67 2.06 10.94
C PRO C 834 21.07 2.83 12.11
N HIS C 835 19.99 3.56 11.84
CA HIS C 835 19.33 4.34 12.89
C HIS C 835 18.57 3.42 13.83
N GLY C 836 18.62 3.75 15.12
CA GLY C 836 17.88 3.01 16.12
C GLY C 836 18.22 1.53 16.17
N GLU C 837 19.47 1.23 16.50
CA GLU C 837 19.93 -0.15 16.66
C GLU C 837 21.17 -0.15 17.53
N SER C 838 21.22 -1.10 18.46
CA SER C 838 22.30 -1.16 19.45
C SER C 838 22.55 -2.62 19.80
N GLY C 839 23.23 -2.85 20.91
CA GLY C 839 23.49 -4.19 21.40
C GLY C 839 24.87 -4.69 21.02
N LYS C 840 25.36 -5.65 21.79
CA LYS C 840 26.71 -6.15 21.64
C LYS C 840 26.95 -6.68 20.22
N VAL C 841 28.22 -6.90 19.91
CA VAL C 841 28.64 -7.52 18.66
C VAL C 841 29.00 -8.96 18.95
N ILE C 842 28.27 -9.90 18.34
CA ILE C 842 28.41 -11.31 18.67
C ILE C 842 29.47 -11.97 17.80
N GLY C 843 29.24 -11.99 16.49
CA GLY C 843 30.12 -12.69 15.58
C GLY C 843 30.58 -11.81 14.44
N ILE C 844 31.75 -12.14 13.91
CA ILE C 844 32.34 -11.41 12.80
C ILE C 844 32.86 -12.43 11.79
N ARG C 845 32.30 -12.41 10.58
CA ARG C 845 32.68 -13.32 9.52
C ARG C 845 33.37 -12.53 8.41
N VAL C 846 34.41 -13.10 7.82
CA VAL C 846 35.20 -12.40 6.82
C VAL C 846 35.64 -13.38 5.74
N PHE C 847 35.33 -13.04 4.49
CA PHE C 847 35.76 -13.80 3.32
C PHE C 847 36.61 -12.90 2.43
N SER C 848 37.58 -13.51 1.75
CA SER C 848 38.52 -12.75 0.93
C SER C 848 38.85 -13.54 -0.32
N ARG C 849 38.88 -12.84 -1.46
CA ARG C 849 39.28 -13.48 -2.71
C ARG C 849 40.72 -13.94 -2.65
N GLU C 850 41.58 -13.17 -2.00
CA GLU C 850 42.99 -13.53 -1.88
C GLU C 850 43.22 -14.77 -1.03
N ASP C 851 42.19 -15.24 -0.32
CA ASP C 851 42.30 -16.38 0.58
C ASP C 851 41.43 -17.55 0.11
N GLU C 852 41.13 -17.62 -1.18
CA GLU C 852 40.37 -18.71 -1.79
C GLU C 852 38.90 -18.66 -1.43
N ASP C 853 38.46 -17.67 -0.65
CA ASP C 853 37.06 -17.56 -0.26
C ASP C 853 36.22 -17.06 -1.44
N GLU C 854 35.77 -17.98 -2.28
CA GLU C 854 35.02 -17.63 -3.47
C GLU C 854 33.90 -16.66 -3.15
N LEU C 855 33.68 -15.71 -4.05
CA LEU C 855 32.66 -14.68 -3.90
C LEU C 855 32.26 -14.18 -5.28
N PRO C 856 31.29 -13.26 -5.38
CA PRO C 856 30.85 -12.82 -6.71
C PRO C 856 31.93 -12.11 -7.50
N ALA C 857 31.60 -11.73 -8.73
CA ALA C 857 32.58 -11.15 -9.63
C ALA C 857 32.99 -9.75 -9.16
N GLY C 858 34.29 -9.49 -9.15
CA GLY C 858 34.79 -8.18 -8.77
C GLY C 858 34.55 -7.84 -7.31
N VAL C 859 34.96 -8.74 -6.41
CA VAL C 859 34.81 -8.54 -4.98
C VAL C 859 36.05 -9.10 -4.30
N ASN C 860 36.88 -8.23 -3.75
CA ASN C 860 38.12 -8.66 -3.11
C ASN C 860 37.92 -9.07 -1.66
N GLU C 861 36.91 -8.51 -0.98
CA GLU C 861 36.67 -8.88 0.41
C GLU C 861 35.19 -8.68 0.74
N LEU C 862 34.74 -9.39 1.78
CA LEU C 862 33.34 -9.33 2.18
C LEU C 862 33.25 -9.65 3.66
N VAL C 863 32.72 -8.71 4.45
CA VAL C 863 32.66 -8.88 5.89
C VAL C 863 31.21 -8.77 6.35
N ARG C 864 30.89 -9.54 7.39
CA ARG C 864 29.58 -9.53 8.02
C ARG C 864 29.74 -9.46 9.53
N VAL C 865 28.85 -8.71 10.17
CA VAL C 865 28.89 -8.47 11.61
C VAL C 865 27.51 -8.73 12.19
N TYR C 866 27.45 -9.54 13.23
CA TYR C 866 26.20 -9.88 13.90
C TYR C 866 26.09 -9.08 15.19
N VAL C 867 24.94 -8.42 15.38
CA VAL C 867 24.69 -7.59 16.55
C VAL C 867 23.47 -8.17 17.27
N ALA C 868 23.64 -8.47 18.56
CA ALA C 868 22.58 -9.01 19.38
C ALA C 868 21.95 -7.92 20.24
N GLN C 869 20.73 -8.18 20.69
CA GLN C 869 20.00 -7.21 21.49
C GLN C 869 18.89 -7.90 22.26
N LYS C 870 18.81 -7.64 23.56
CA LYS C 870 17.74 -8.14 24.40
C LYS C 870 16.65 -7.07 24.49
N ARG C 871 15.50 -7.35 23.90
CA ARG C 871 14.37 -6.43 23.90
C ARG C 871 13.40 -6.79 25.01
N LYS C 872 13.10 -5.82 25.87
CA LYS C 872 12.06 -5.98 26.87
C LYS C 872 10.69 -5.66 26.26
N ILE C 873 9.64 -5.94 27.03
CA ILE C 873 8.30 -5.55 26.61
C ILE C 873 8.16 -4.04 26.77
N SER C 874 7.49 -3.42 25.80
CA SER C 874 7.37 -1.96 25.79
C SER C 874 6.09 -1.56 25.07
N ASP C 875 5.47 -0.48 25.55
CA ASP C 875 4.23 -0.01 24.95
C ASP C 875 4.41 0.21 23.46
N GLY C 876 3.53 -0.41 22.68
CA GLY C 876 3.66 -0.46 21.24
C GLY C 876 3.89 -1.85 20.70
N ASP C 877 4.33 -2.79 21.54
CA ASP C 877 4.53 -4.17 21.11
C ASP C 877 3.21 -4.92 21.13
N LYS C 878 2.93 -5.60 20.03
CA LYS C 878 1.68 -6.33 19.89
C LYS C 878 1.72 -7.64 20.68
N LEU C 879 0.58 -8.00 21.26
CA LEU C 879 0.42 -9.24 22.01
C LEU C 879 -0.79 -9.98 21.48
N ALA C 880 -0.91 -11.26 21.84
CA ALA C 880 -2.07 -11.99 21.37
C ALA C 880 -2.22 -13.32 22.09
N GLY C 881 -3.46 -13.71 22.32
CA GLY C 881 -3.76 -15.04 22.84
C GLY C 881 -3.97 -16.04 21.72
N ARG C 882 -4.38 -17.24 22.13
CA ARG C 882 -4.62 -18.29 21.14
C ARG C 882 -5.89 -18.03 20.34
N HIS C 883 -6.85 -17.31 20.91
CA HIS C 883 -8.19 -17.18 20.33
C HIS C 883 -8.32 -15.99 19.38
N GLY C 884 -7.22 -15.57 18.76
CA GLY C 884 -7.27 -14.50 17.79
C GLY C 884 -7.39 -13.10 18.36
N ASN C 885 -7.59 -12.96 19.67
CA ASN C 885 -7.63 -11.64 20.28
C ASN C 885 -6.23 -11.03 20.29
N LYS C 886 -6.12 -9.77 19.91
CA LYS C 886 -4.83 -9.11 19.76
C LYS C 886 -4.96 -7.68 20.26
N GLY C 887 -3.83 -6.97 20.24
CA GLY C 887 -3.80 -5.58 20.68
C GLY C 887 -2.40 -5.12 21.00
N VAL C 888 -2.16 -3.82 20.87
CA VAL C 888 -0.86 -3.24 21.22
C VAL C 888 -0.86 -2.94 22.72
N ILE C 889 0.34 -2.70 23.25
CA ILE C 889 0.51 -2.43 24.67
C ILE C 889 0.50 -0.92 24.86
N GLY C 890 -0.52 -0.42 25.54
CA GLY C 890 -0.71 1.02 25.64
C GLY C 890 -0.15 1.65 26.90
N LYS C 891 -0.17 0.92 28.01
CA LYS C 891 0.28 1.47 29.28
C LYS C 891 0.83 0.36 30.15
N ILE C 892 1.86 0.66 30.93
CA ILE C 892 2.52 -0.30 31.82
C ILE C 892 2.55 0.34 33.20
N LEU C 893 1.54 0.05 34.02
CA LEU C 893 1.48 0.63 35.35
C LEU C 893 2.57 0.03 36.25
N PRO C 894 3.08 0.81 37.20
CA PRO C 894 3.95 0.24 38.22
C PRO C 894 3.27 -0.89 38.96
N VAL C 895 4.08 -1.77 39.55
CA VAL C 895 3.56 -2.98 40.17
C VAL C 895 2.63 -2.66 41.33
N GLU C 896 2.67 -1.43 41.86
CA GLU C 896 1.94 -1.12 43.07
C GLU C 896 0.55 -0.55 42.82
N ASP C 897 0.28 0.01 41.64
CA ASP C 897 -1.05 0.49 41.30
C ASP C 897 -1.62 -0.42 40.20
N MET C 898 -2.19 -1.54 40.64
CA MET C 898 -2.79 -2.51 39.74
C MET C 898 -3.76 -3.38 40.55
N PRO C 899 -4.97 -3.62 40.05
CA PRO C 899 -5.95 -4.37 40.84
C PRO C 899 -5.36 -5.64 41.40
N PHE C 900 -5.20 -5.73 42.71
CA PHE C 900 -4.61 -6.89 43.36
C PHE C 900 -5.65 -7.67 44.14
N LEU C 901 -5.56 -9.00 44.06
CA LEU C 901 -6.47 -9.86 44.79
C LEU C 901 -6.38 -9.58 46.28
N ALA C 902 -7.33 -10.15 47.03
CA ALA C 902 -7.40 -9.91 48.46
C ALA C 902 -6.11 -10.29 49.19
N ASP C 903 -5.24 -11.07 48.56
CA ASP C 903 -4.00 -11.47 49.22
C ASP C 903 -2.88 -10.47 49.03
N GLY C 904 -2.88 -9.73 47.92
CA GLY C 904 -1.79 -8.83 47.62
C GLY C 904 -1.11 -9.13 46.31
N THR C 905 -1.69 -10.01 45.50
CA THR C 905 -1.09 -10.39 44.23
C THR C 905 -1.66 -9.52 43.11
N PRO C 906 -0.85 -8.72 42.43
CA PRO C 906 -1.38 -7.83 41.41
C PRO C 906 -1.67 -8.58 40.11
N VAL C 907 -2.81 -8.26 39.49
CA VAL C 907 -3.09 -8.79 38.17
C VAL C 907 -1.98 -8.35 37.21
N ASP C 908 -1.67 -9.22 36.25
CA ASP C 908 -0.57 -8.96 35.33
C ASP C 908 -1.03 -8.18 34.09
N ILE C 909 -2.05 -8.67 33.40
CA ILE C 909 -2.65 -7.96 32.27
C ILE C 909 -4.11 -7.70 32.59
N ILE C 910 -4.67 -6.69 31.94
CA ILE C 910 -6.04 -6.24 32.17
C ILE C 910 -6.71 -6.11 30.81
N LEU C 911 -7.40 -7.16 30.38
CA LEU C 911 -8.10 -7.13 29.12
C LEU C 911 -9.43 -6.38 29.26
N ASN C 912 -9.91 -5.84 28.15
CA ASN C 912 -11.15 -5.09 28.15
C ASN C 912 -12.33 -6.02 27.88
N THR C 913 -13.50 -5.59 28.31
CA THR C 913 -14.71 -6.41 28.19
C THR C 913 -15.39 -6.25 26.84
N HIS C 914 -15.51 -5.01 26.34
CA HIS C 914 -16.31 -4.75 25.15
C HIS C 914 -15.80 -5.48 23.92
N GLY C 915 -14.64 -6.12 23.98
CA GLY C 915 -14.13 -6.86 22.85
C GLY C 915 -14.56 -8.31 22.81
N VAL C 916 -15.05 -8.83 23.94
CA VAL C 916 -15.38 -10.25 24.07
C VAL C 916 -16.71 -10.54 23.39
N PRO C 917 -17.80 -9.85 23.75
CA PRO C 917 -19.12 -10.25 23.24
C PRO C 917 -19.25 -10.16 21.73
N ARG C 918 -18.97 -8.98 21.16
CA ARG C 918 -19.31 -8.74 19.76
C ARG C 918 -18.37 -9.42 18.78
N ARG C 919 -17.34 -10.11 19.27
CA ARG C 919 -16.44 -10.86 18.39
C ARG C 919 -16.68 -12.36 18.45
N MET C 920 -17.57 -12.82 19.32
CA MET C 920 -17.96 -14.22 19.38
C MET C 920 -16.75 -15.13 19.57
N ASN C 921 -15.87 -14.75 20.48
CA ASN C 921 -14.75 -15.61 20.84
C ASN C 921 -14.74 -15.92 22.33
N ILE C 922 -15.90 -16.28 22.88
CA ILE C 922 -16.01 -16.58 24.30
C ILE C 922 -15.10 -17.71 24.72
N GLY C 923 -14.49 -18.41 23.76
CA GLY C 923 -13.46 -19.38 24.12
C GLY C 923 -12.41 -18.81 25.03
N GLN C 924 -11.88 -17.63 24.69
CA GLN C 924 -10.85 -17.02 25.50
C GLN C 924 -11.30 -16.75 26.93
N ILE C 925 -12.59 -16.91 27.22
CA ILE C 925 -13.07 -16.79 28.59
C ILE C 925 -13.03 -18.12 29.31
N LEU C 926 -13.44 -19.19 28.63
CA LEU C 926 -13.47 -20.50 29.26
C LEU C 926 -12.09 -20.91 29.75
N GLU C 927 -11.08 -20.83 28.89
CA GLU C 927 -9.72 -21.12 29.31
C GLU C 927 -9.26 -20.19 30.42
N THR C 928 -9.83 -18.99 30.51
CA THR C 928 -9.53 -18.12 31.63
C THR C 928 -10.06 -18.72 32.94
N HIS C 929 -11.26 -19.28 32.91
CA HIS C 929 -11.78 -19.97 34.07
C HIS C 929 -10.95 -21.21 34.39
N LEU C 930 -10.88 -22.13 33.43
CA LEU C 930 -10.08 -23.35 33.63
C LEU C 930 -8.65 -23.01 34.00
N GLY C 931 -8.06 -22.01 33.34
CA GLY C 931 -6.71 -21.61 33.68
C GLY C 931 -6.50 -21.37 35.16
N TRP C 932 -7.52 -20.86 35.84
CA TRP C 932 -7.42 -20.65 37.27
C TRP C 932 -7.45 -21.98 38.03
N CYS C 933 -8.39 -22.86 37.67
CA CYS C 933 -8.47 -24.17 38.31
C CYS C 933 -7.12 -24.89 38.25
N ALA C 934 -6.64 -25.15 37.03
CA ALA C 934 -5.36 -25.82 36.87
C ALA C 934 -4.21 -25.09 37.55
N HIS C 935 -4.40 -23.82 37.92
CA HIS C 935 -3.39 -23.11 38.68
C HIS C 935 -3.55 -23.32 40.18
N SER C 936 -4.78 -23.34 40.68
CA SER C 936 -5.00 -23.59 42.10
C SER C 936 -5.00 -25.08 42.42
N GLY C 937 -5.65 -25.90 41.59
CA GLY C 937 -5.74 -27.31 41.85
C GLY C 937 -6.99 -27.63 42.64
N TRP C 938 -7.74 -28.64 42.22
CA TRP C 938 -9.03 -28.95 42.83
C TRP C 938 -8.99 -30.35 43.45
N LYS C 939 -10.10 -30.71 44.09
CA LYS C 939 -10.31 -32.06 44.60
C LYS C 939 -11.80 -32.27 44.74
N VAL C 940 -12.39 -33.04 43.82
CA VAL C 940 -13.82 -33.25 43.85
C VAL C 940 -14.23 -33.80 45.21
N ASP C 941 -15.25 -33.21 45.80
CA ASP C 941 -15.70 -33.56 47.15
C ASP C 941 -16.44 -34.87 47.18
N ALA C 942 -16.41 -35.62 46.09
CA ALA C 942 -17.12 -36.89 46.01
C ALA C 942 -16.42 -37.98 46.82
N ALA C 943 -16.45 -37.84 48.15
CA ALA C 943 -15.92 -38.87 49.03
C ALA C 943 -17.00 -39.81 49.53
N LYS C 944 -18.24 -39.65 49.04
CA LYS C 944 -19.33 -40.58 49.30
C LYS C 944 -19.96 -41.03 47.99
N GLY C 945 -19.98 -40.13 47.00
CA GLY C 945 -20.49 -40.45 45.69
C GLY C 945 -20.20 -39.39 44.65
N VAL C 946 -19.66 -39.80 43.51
CA VAL C 946 -19.27 -38.87 42.44
C VAL C 946 -20.45 -38.00 42.06
N PRO C 947 -20.34 -36.68 42.17
CA PRO C 947 -21.45 -35.80 41.78
C PRO C 947 -21.88 -36.04 40.34
N ASP C 948 -23.15 -35.74 40.07
CA ASP C 948 -23.72 -36.00 38.76
C ASP C 948 -22.90 -35.33 37.65
N TRP C 949 -22.44 -34.10 37.88
CA TRP C 949 -21.78 -33.37 36.81
C TRP C 949 -20.47 -34.02 36.39
N ALA C 950 -19.73 -34.60 37.33
CA ALA C 950 -18.40 -35.11 37.05
C ALA C 950 -18.32 -36.62 37.27
N ALA C 951 -19.41 -37.33 36.97
CA ALA C 951 -19.43 -38.79 37.05
C ALA C 951 -19.01 -39.45 35.74
N ARG C 952 -18.54 -38.67 34.78
CA ARG C 952 -18.27 -39.19 33.44
C ARG C 952 -16.84 -38.99 32.97
N LEU C 953 -16.29 -37.79 33.13
CA LEU C 953 -15.29 -37.34 32.17
C LEU C 953 -14.04 -38.22 32.12
N PRO C 954 -13.02 -38.04 32.99
CA PRO C 954 -12.12 -39.16 33.29
C PRO C 954 -12.36 -39.75 34.66
N ASP C 955 -11.63 -40.81 34.98
CA ASP C 955 -11.25 -41.09 36.35
C ASP C 955 -9.96 -40.33 36.66
N GLU C 956 -9.52 -40.40 37.92
CA GLU C 956 -8.24 -39.83 38.35
C GLU C 956 -8.09 -38.37 37.97
N LEU C 957 -9.19 -37.72 37.58
CA LEU C 957 -9.21 -36.29 37.30
C LEU C 957 -10.09 -35.52 38.27
N LEU C 958 -10.48 -36.15 39.38
CA LEU C 958 -11.28 -35.50 40.40
C LEU C 958 -10.44 -34.68 41.37
N GLU C 959 -9.11 -34.70 41.22
CA GLU C 959 -8.23 -33.90 42.05
C GLU C 959 -6.91 -33.73 41.32
N ALA C 960 -6.31 -32.55 41.46
CA ALA C 960 -5.05 -32.24 40.79
C ALA C 960 -4.25 -31.27 41.64
N GLN C 961 -2.98 -31.59 41.86
CA GLN C 961 -2.13 -30.74 42.67
C GLN C 961 -2.09 -29.33 42.09
N PRO C 962 -1.89 -28.32 42.93
CA PRO C 962 -1.86 -26.94 42.43
C PRO C 962 -0.80 -26.77 41.35
N ASN C 963 -1.12 -25.96 40.35
CA ASN C 963 -0.21 -25.70 39.23
C ASN C 963 -0.06 -26.95 38.37
N ALA C 964 -1.17 -27.64 38.12
CA ALA C 964 -1.17 -28.90 37.38
C ALA C 964 -1.50 -28.66 35.91
N ILE C 965 -0.88 -29.43 35.05
CA ILE C 965 -1.10 -29.32 33.61
C ILE C 965 -2.34 -30.11 33.23
N VAL C 966 -3.04 -29.66 32.19
CA VAL C 966 -4.23 -30.31 31.68
C VAL C 966 -4.26 -30.17 30.17
N SER C 967 -5.28 -30.75 29.54
CA SER C 967 -5.42 -30.73 28.10
C SER C 967 -6.90 -30.84 27.74
N THR C 968 -7.25 -30.30 26.58
CA THR C 968 -8.64 -30.30 26.12
C THR C 968 -8.64 -30.36 24.60
N PRO C 969 -8.71 -31.57 24.03
CA PRO C 969 -8.70 -31.70 22.57
C PRO C 969 -9.67 -30.76 21.88
N VAL C 970 -9.47 -30.55 20.58
CA VAL C 970 -10.17 -29.47 19.88
C VAL C 970 -11.68 -29.59 20.06
N PHE C 971 -12.26 -30.68 19.54
CA PHE C 971 -13.70 -30.85 19.57
C PHE C 971 -14.16 -31.86 20.62
N ASP C 972 -13.24 -32.37 21.44
CA ASP C 972 -13.59 -33.30 22.52
C ASP C 972 -12.75 -32.92 23.74
N GLY C 973 -13.29 -32.04 24.57
CA GLY C 973 -12.60 -31.59 25.76
C GLY C 973 -13.57 -31.32 26.89
N ALA C 974 -13.24 -30.32 27.70
CA ALA C 974 -14.10 -29.96 28.82
C ALA C 974 -15.49 -29.59 28.31
N GLN C 975 -16.42 -29.48 29.25
CA GLN C 975 -17.81 -29.21 28.92
C GLN C 975 -18.33 -28.06 29.78
N GLU C 976 -19.18 -27.23 29.18
CA GLU C 976 -19.74 -26.08 29.89
C GLU C 976 -20.24 -26.45 31.28
N ALA C 977 -20.70 -27.68 31.46
CA ALA C 977 -21.22 -28.14 32.73
C ALA C 977 -20.16 -28.79 33.61
N GLU C 978 -18.91 -28.84 33.17
CA GLU C 978 -17.82 -29.41 33.95
C GLU C 978 -16.96 -28.36 34.62
N LEU C 979 -16.60 -27.29 33.91
CA LEU C 979 -15.89 -26.18 34.55
C LEU C 979 -16.65 -25.70 35.78
N GLN C 980 -17.92 -25.34 35.60
CA GLN C 980 -18.77 -24.95 36.73
C GLN C 980 -18.68 -25.94 37.88
N GLY C 981 -18.40 -27.22 37.57
CA GLY C 981 -18.16 -28.19 38.61
C GLY C 981 -16.74 -28.19 39.13
N LEU C 982 -15.78 -27.82 38.28
CA LEU C 982 -14.39 -27.69 38.68
C LEU C 982 -14.08 -26.31 39.26
N LEU C 983 -15.05 -25.41 39.27
CA LEU C 983 -14.86 -24.06 39.79
C LEU C 983 -15.37 -23.91 41.21
N SER C 984 -16.07 -24.90 41.73
CA SER C 984 -16.51 -24.92 43.13
C SER C 984 -15.54 -25.68 44.03
N CYS C 985 -14.34 -25.98 43.52
CA CYS C 985 -13.28 -26.66 44.31
C CYS C 985 -11.95 -26.07 43.86
N THR C 986 -11.48 -25.06 44.59
CA THR C 986 -10.37 -24.22 44.17
C THR C 986 -9.43 -23.98 45.35
N LEU C 987 -8.93 -25.08 45.93
CA LEU C 987 -8.35 -25.15 47.26
C LEU C 987 -7.59 -23.89 47.64
N PRO C 988 -7.67 -23.47 48.90
CA PRO C 988 -7.11 -22.17 49.29
C PRO C 988 -5.61 -22.09 49.08
N ASN C 989 -5.14 -20.86 48.86
CA ASN C 989 -3.76 -20.61 48.48
C ASN C 989 -2.80 -21.02 49.59
N ARG C 990 -2.78 -20.26 50.68
CA ARG C 990 -1.97 -20.59 51.84
C ARG C 990 -2.81 -20.77 53.09
N ASP C 991 -3.62 -19.76 53.44
CA ASP C 991 -4.59 -19.86 54.51
C ASP C 991 -5.96 -20.11 53.89
N GLY C 992 -6.73 -21.01 54.48
CA GLY C 992 -7.97 -21.39 53.83
C GLY C 992 -8.82 -20.18 53.52
N ASP C 993 -8.80 -19.76 52.26
CA ASP C 993 -9.59 -18.60 51.82
C ASP C 993 -9.77 -18.72 50.30
N VAL C 994 -10.95 -19.16 49.88
CA VAL C 994 -11.22 -19.25 48.45
C VAL C 994 -11.33 -17.83 47.89
N LEU C 995 -10.52 -17.54 46.87
CA LEU C 995 -10.49 -16.21 46.28
C LEU C 995 -11.48 -16.03 45.13
N VAL C 996 -11.76 -17.10 44.38
CA VAL C 996 -12.63 -17.03 43.22
C VAL C 996 -13.91 -17.77 43.55
N ASP C 997 -15.01 -17.03 43.71
CA ASP C 997 -16.28 -17.64 44.08
C ASP C 997 -16.78 -18.55 42.97
N ALA C 998 -17.92 -19.20 43.21
CA ALA C 998 -18.44 -20.20 42.29
C ALA C 998 -18.50 -19.68 40.87
N ASP C 999 -19.03 -18.46 40.69
CA ASP C 999 -19.16 -17.91 39.34
C ASP C 999 -17.81 -17.66 38.69
N GLY C 1000 -16.73 -17.62 39.46
CA GLY C 1000 -15.42 -17.36 38.90
C GLY C 1000 -14.99 -15.92 38.93
N LYS C 1001 -15.38 -15.15 39.94
CA LYS C 1001 -15.07 -13.74 40.02
C LYS C 1001 -14.53 -13.42 41.40
N ALA C 1002 -13.46 -12.62 41.44
CA ALA C 1002 -12.82 -12.24 42.69
C ALA C 1002 -13.33 -10.88 43.14
N MET C 1003 -12.72 -10.35 44.20
CA MET C 1003 -13.05 -9.03 44.74
C MET C 1003 -11.76 -8.23 44.78
N LEU C 1004 -11.50 -7.47 43.71
CA LEU C 1004 -10.24 -6.78 43.57
C LEU C 1004 -10.26 -5.46 44.33
N PHE C 1005 -9.09 -5.08 44.84
CA PHE C 1005 -8.88 -3.77 45.45
C PHE C 1005 -8.22 -2.86 44.42
N ASP C 1006 -8.68 -1.60 44.37
CA ASP C 1006 -8.11 -0.63 43.44
C ASP C 1006 -6.78 -0.15 43.98
N GLY C 1007 -5.69 -0.56 43.34
CA GLY C 1007 -4.36 -0.22 43.82
C GLY C 1007 -4.06 1.26 43.80
N ARG C 1008 -4.82 2.04 43.04
CA ARG C 1008 -4.54 3.47 42.91
C ARG C 1008 -5.36 4.31 43.89
N SER C 1009 -6.65 4.05 43.98
CA SER C 1009 -7.50 4.78 44.91
C SER C 1009 -7.52 4.17 46.31
N GLY C 1010 -7.24 2.88 46.43
CA GLY C 1010 -7.16 2.25 47.73
C GLY C 1010 -8.36 1.39 48.08
N GLU C 1011 -9.55 1.87 47.74
CA GLU C 1011 -10.77 1.19 48.13
C GLU C 1011 -11.09 0.06 47.15
N PRO C 1012 -11.95 -0.87 47.54
CA PRO C 1012 -12.29 -1.99 46.66
C PRO C 1012 -13.31 -1.60 45.61
N PHE C 1013 -13.24 -2.28 44.48
CA PHE C 1013 -14.25 -2.10 43.44
C PHE C 1013 -15.60 -2.63 43.92
N PRO C 1014 -16.70 -2.02 43.49
CA PRO C 1014 -18.01 -2.37 44.06
C PRO C 1014 -18.59 -3.67 43.53
N TYR C 1015 -18.02 -4.26 42.49
CA TYR C 1015 -18.56 -5.48 41.92
C TYR C 1015 -17.45 -6.50 41.69
N PRO C 1016 -17.73 -7.79 41.93
CA PRO C 1016 -16.72 -8.82 41.69
C PRO C 1016 -16.32 -8.86 40.23
N VAL C 1017 -15.02 -9.03 39.99
CA VAL C 1017 -14.46 -9.00 38.65
C VAL C 1017 -13.97 -10.39 38.29
N THR C 1018 -14.02 -10.71 36.99
CA THR C 1018 -13.52 -11.99 36.49
C THR C 1018 -12.00 -11.95 36.42
N VAL C 1019 -11.35 -12.97 36.98
CA VAL C 1019 -9.91 -13.08 36.92
C VAL C 1019 -9.54 -14.54 36.64
N GLY C 1020 -8.39 -14.71 35.99
CA GLY C 1020 -7.93 -16.05 35.67
C GLY C 1020 -6.49 -16.02 35.20
N TYR C 1021 -6.06 -17.15 34.64
CA TYR C 1021 -4.72 -17.28 34.08
C TYR C 1021 -4.85 -17.53 32.59
N MET C 1022 -4.39 -16.58 31.78
CA MET C 1022 -4.47 -16.67 30.33
C MET C 1022 -3.07 -16.84 29.75
N TYR C 1023 -2.96 -17.64 28.69
CA TYR C 1023 -1.68 -17.94 28.06
C TYR C 1023 -1.53 -17.04 26.84
N ILE C 1024 -0.69 -16.02 26.95
CA ILE C 1024 -0.53 -15.03 25.90
C ILE C 1024 0.88 -15.11 25.34
N MET C 1025 1.03 -14.61 24.11
CA MET C 1025 2.28 -14.68 23.36
C MET C 1025 2.61 -13.30 22.80
N LYS C 1026 3.90 -12.99 22.78
CA LYS C 1026 4.39 -11.73 22.23
C LYS C 1026 4.70 -11.92 20.75
N LEU C 1027 3.93 -11.26 19.89
CA LEU C 1027 4.09 -11.40 18.45
C LEU C 1027 5.32 -10.62 17.97
N HIS C 1028 5.71 -10.88 16.73
CA HIS C 1028 6.85 -10.20 16.12
C HIS C 1028 6.35 -9.06 15.24
N HIS C 1029 5.87 -8.01 15.90
CA HIS C 1029 5.53 -6.75 15.24
C HIS C 1029 5.98 -5.57 16.11
N LEU C 1030 7.16 -5.68 16.71
CA LEU C 1030 7.62 -4.69 17.65
C LEU C 1030 7.72 -3.31 16.99
N VAL C 1031 7.64 -2.28 17.83
CA VAL C 1031 7.69 -0.90 17.34
C VAL C 1031 9.05 -0.57 16.74
N ASP C 1032 10.12 -1.17 17.28
CA ASP C 1032 11.45 -0.90 16.74
C ASP C 1032 11.54 -1.20 15.25
N ASP C 1033 10.70 -2.11 14.75
CA ASP C 1033 10.70 -2.40 13.32
C ASP C 1033 9.91 -1.35 12.55
N LYS C 1034 8.79 -0.88 13.12
CA LYS C 1034 7.87 -0.03 12.37
C LYS C 1034 8.33 1.43 12.37
N ILE C 1035 8.67 1.95 13.55
CA ILE C 1035 8.97 3.37 13.70
C ILE C 1035 9.94 3.83 12.63
N HIS C 1036 9.57 4.88 11.89
CA HIS C 1036 10.38 5.44 10.83
C HIS C 1036 10.30 6.96 10.90
N ALA C 1037 11.23 7.61 10.21
CA ALA C 1037 11.24 9.06 10.11
C ALA C 1037 12.28 9.47 9.08
N ARG C 1038 12.12 10.69 8.56
CA ARG C 1038 13.07 11.20 7.58
C ARG C 1038 12.96 12.71 7.51
N SER C 1039 14.05 13.41 7.83
CA SER C 1039 14.13 14.85 7.62
C SER C 1039 14.61 15.18 6.21
N THR C 1040 15.75 14.61 5.82
CA THR C 1040 16.27 14.79 4.47
C THR C 1040 17.28 13.68 4.22
N GLY C 1041 16.99 12.81 3.25
CA GLY C 1041 17.87 11.70 2.94
C GLY C 1041 18.33 11.71 1.50
N PRO C 1042 18.56 10.53 0.94
CA PRO C 1042 18.96 10.44 -0.46
C PRO C 1042 17.75 10.44 -1.38
N TYR C 1043 17.98 10.91 -2.61
CA TYR C 1043 16.96 11.00 -3.63
C TYR C 1043 17.36 10.18 -4.85
N SER C 1044 16.39 9.53 -5.47
CA SER C 1044 16.65 8.82 -6.71
C SER C 1044 17.24 9.77 -7.75
N MET C 1045 18.05 9.21 -8.65
CA MET C 1045 18.73 10.04 -9.64
C MET C 1045 17.83 10.32 -10.84
N ILE C 1046 17.17 9.29 -11.37
CA ILE C 1046 16.30 9.48 -12.52
C ILE C 1046 15.10 10.35 -12.14
N THR C 1047 14.33 9.92 -11.15
CA THR C 1047 13.23 10.71 -10.61
C THR C 1047 13.63 11.25 -9.24
N GLN C 1048 13.52 12.56 -9.07
CA GLN C 1048 14.09 13.24 -7.91
C GLN C 1048 13.28 13.04 -6.65
N GLN C 1049 12.32 12.12 -6.64
CA GLN C 1049 11.58 11.83 -5.42
C GLN C 1049 12.49 11.15 -4.40
N PRO C 1050 12.20 11.30 -3.11
CA PRO C 1050 13.05 10.69 -2.09
C PRO C 1050 13.14 9.17 -2.26
N LEU C 1051 14.21 8.61 -1.72
CA LEU C 1051 14.49 7.19 -1.88
C LEU C 1051 15.35 6.72 -0.72
N GLY C 1052 15.06 5.52 -0.21
CA GLY C 1052 15.82 4.98 0.90
C GLY C 1052 15.98 3.48 0.77
N GLY C 1053 16.84 2.94 1.63
CA GLY C 1053 17.11 1.51 1.63
C GLY C 1053 17.35 0.95 3.02
N LYS C 1054 18.43 0.18 3.18
CA LYS C 1054 18.74 -0.42 4.47
C LYS C 1054 18.97 0.65 5.53
N ALA C 1055 20.00 1.47 5.35
CA ALA C 1055 20.33 2.54 6.28
C ALA C 1055 19.81 3.90 5.82
N GLN C 1056 18.79 3.91 4.98
CA GLN C 1056 18.22 5.14 4.45
C GLN C 1056 16.77 5.28 4.92
N PHE C 1057 16.42 6.50 5.32
CA PHE C 1057 15.09 6.76 5.88
C PHE C 1057 13.99 6.21 4.98
N GLY C 1058 13.91 6.70 3.75
CA GLY C 1058 12.96 6.16 2.78
C GLY C 1058 11.91 7.15 2.31
N GLY C 1059 11.38 7.96 3.23
CA GLY C 1059 10.37 8.94 2.88
C GLY C 1059 8.98 8.35 2.76
N GLN C 1060 8.00 9.00 3.38
CA GLN C 1060 6.63 8.52 3.35
C GLN C 1060 5.94 8.95 2.06
N ARG C 1061 4.87 8.22 1.71
CA ARG C 1061 4.17 8.39 0.45
C ARG C 1061 2.85 9.11 0.69
N PHE C 1062 2.77 10.35 0.21
CA PHE C 1062 1.54 11.14 0.27
C PHE C 1062 0.72 10.79 -0.96
N GLY C 1063 -0.24 9.89 -0.79
CA GLY C 1063 -0.95 9.31 -1.93
C GLY C 1063 -1.94 10.25 -2.59
N GLU C 1064 -3.01 9.68 -3.13
CA GLU C 1064 -4.01 10.45 -3.89
C GLU C 1064 -5.17 10.92 -3.00
N MET C 1065 -5.85 9.97 -2.35
CA MET C 1065 -6.95 10.33 -1.47
C MET C 1065 -6.52 11.35 -0.43
N GLU C 1066 -5.24 11.36 -0.05
CA GLU C 1066 -4.75 12.42 0.83
C GLU C 1066 -4.81 13.78 0.15
N CYS C 1067 -4.46 13.83 -1.14
CA CYS C 1067 -4.61 15.08 -1.89
C CYS C 1067 -6.07 15.48 -1.99
N TRP C 1068 -6.96 14.50 -2.19
CA TRP C 1068 -8.39 14.81 -2.21
C TRP C 1068 -8.84 15.42 -0.89
N ALA C 1069 -8.39 14.85 0.23
CA ALA C 1069 -8.74 15.42 1.53
C ALA C 1069 -8.19 16.83 1.68
N MET C 1070 -6.92 17.02 1.35
CA MET C 1070 -6.31 18.35 1.42
C MET C 1070 -7.14 19.37 0.63
N GLN C 1071 -7.55 19.00 -0.59
CA GLN C 1071 -8.37 19.90 -1.39
C GLN C 1071 -9.73 20.13 -0.73
N ALA C 1072 -10.30 19.09 -0.14
CA ALA C 1072 -11.58 19.25 0.55
C ALA C 1072 -11.48 20.23 1.71
N TYR C 1073 -10.30 20.32 2.33
CA TYR C 1073 -10.09 21.34 3.35
C TYR C 1073 -9.95 22.73 2.76
N GLY C 1074 -9.61 22.84 1.48
CA GLY C 1074 -9.30 24.12 0.89
C GLY C 1074 -7.89 24.61 1.17
N ALA C 1075 -7.02 23.74 1.68
CA ALA C 1075 -5.65 24.11 2.01
C ALA C 1075 -4.78 23.94 0.77
N ALA C 1076 -4.60 25.05 0.03
CA ALA C 1076 -3.84 25.00 -1.20
C ALA C 1076 -2.34 25.03 -0.94
N TYR C 1077 -1.89 25.87 0.00
CA TYR C 1077 -0.46 26.01 0.25
C TYR C 1077 0.13 24.71 0.79
N THR C 1078 -0.56 24.05 1.71
CA THR C 1078 -0.04 22.79 2.25
C THR C 1078 0.05 21.74 1.17
N LEU C 1079 -0.98 21.63 0.33
CA LEU C 1079 -0.95 20.66 -0.76
C LEU C 1079 0.22 20.93 -1.70
N GLN C 1080 0.35 22.18 -2.16
CA GLN C 1080 1.44 22.50 -3.07
C GLN C 1080 2.81 22.22 -2.43
N GLU C 1081 2.95 22.54 -1.15
CA GLU C 1081 4.21 22.26 -0.47
C GLU C 1081 4.49 20.76 -0.45
N LEU C 1082 3.47 19.94 -0.17
CA LEU C 1082 3.66 18.50 -0.20
C LEU C 1082 3.91 17.98 -1.61
N LEU C 1083 3.55 18.76 -2.63
CA LEU C 1083 3.72 18.32 -4.01
C LEU C 1083 4.98 18.84 -4.69
N THR C 1084 5.52 19.98 -4.25
CA THR C 1084 6.60 20.63 -4.99
C THR C 1084 7.92 20.65 -4.23
N ILE C 1085 7.96 21.21 -3.03
CA ILE C 1085 9.24 21.41 -2.34
C ILE C 1085 9.54 20.26 -1.40
N LYS C 1086 8.79 19.16 -1.52
CA LYS C 1086 9.09 17.97 -0.75
C LYS C 1086 9.26 16.71 -1.59
N SER C 1087 9.01 16.76 -2.89
CA SER C 1087 9.13 15.58 -3.75
C SER C 1087 10.16 15.75 -4.85
N ASP C 1088 10.06 16.79 -5.66
CA ASP C 1088 10.81 16.85 -6.90
C ASP C 1088 11.64 18.12 -7.05
N ASP C 1089 11.14 19.27 -6.63
CA ASP C 1089 11.75 20.54 -7.01
C ASP C 1089 13.11 20.69 -6.36
N THR C 1090 14.17 20.30 -7.09
CA THR C 1090 15.51 20.31 -6.51
C THR C 1090 15.96 21.72 -6.12
N VAL C 1091 15.63 22.72 -6.94
CA VAL C 1091 15.95 24.09 -6.59
C VAL C 1091 15.09 24.63 -5.46
N GLY C 1092 14.06 23.89 -5.05
CA GLY C 1092 13.19 24.33 -3.98
C GLY C 1092 13.57 23.73 -2.65
N ARG C 1093 13.93 22.44 -2.66
CA ARG C 1093 14.30 21.77 -1.42
C ARG C 1093 15.50 22.45 -0.77
N VAL C 1094 16.55 22.70 -1.55
CA VAL C 1094 17.74 23.33 -0.99
C VAL C 1094 17.46 24.77 -0.60
N LYS C 1095 16.66 25.48 -1.40
CA LYS C 1095 16.36 26.87 -1.10
C LYS C 1095 15.47 27.02 0.13
N VAL C 1096 14.74 25.98 0.49
CA VAL C 1096 13.96 26.01 1.74
C VAL C 1096 14.81 25.54 2.92
N TYR C 1097 15.67 24.55 2.70
CA TYR C 1097 16.56 24.10 3.77
C TYR C 1097 17.49 25.22 4.21
N GLU C 1098 18.07 25.94 3.25
CA GLU C 1098 18.91 27.09 3.59
C GLU C 1098 18.13 28.13 4.38
N ALA C 1099 16.91 28.43 3.97
CA ALA C 1099 16.11 29.40 4.70
C ALA C 1099 15.87 28.94 6.12
N ILE C 1100 15.41 27.69 6.29
CA ILE C 1100 15.15 27.14 7.62
C ILE C 1100 16.39 27.28 8.49
N VAL C 1101 17.52 26.74 8.01
CA VAL C 1101 18.72 26.72 8.83
C VAL C 1101 19.21 28.13 9.15
N LYS C 1102 19.03 29.07 8.21
CA LYS C 1102 19.39 30.46 8.47
C LYS C 1102 18.34 31.22 9.27
N GLY C 1103 17.16 30.65 9.45
CA GLY C 1103 16.12 31.31 10.23
C GLY C 1103 15.33 32.36 9.50
N GLU C 1104 15.39 32.38 8.17
CA GLU C 1104 14.62 33.32 7.37
C GLU C 1104 13.24 32.75 7.08
N ASN C 1105 12.45 33.49 6.30
CA ASN C 1105 11.13 33.02 5.92
C ASN C 1105 11.21 32.05 4.76
N ILE C 1106 10.40 31.00 4.83
CA ILE C 1106 10.32 30.01 3.76
C ILE C 1106 9.79 30.71 2.51
N PRO C 1107 10.52 30.68 1.40
CA PRO C 1107 10.05 31.39 0.21
C PRO C 1107 8.69 30.89 -0.24
N GLU C 1108 7.83 31.82 -0.62
CA GLU C 1108 6.50 31.46 -1.06
C GLU C 1108 6.59 30.51 -2.25
N PRO C 1109 5.86 29.39 -2.24
CA PRO C 1109 5.94 28.46 -3.36
C PRO C 1109 5.47 29.08 -4.67
N GLY C 1110 6.38 29.24 -5.62
CA GLY C 1110 6.05 29.71 -6.95
C GLY C 1110 5.62 28.58 -7.85
N ILE C 1111 5.81 28.76 -9.15
CA ILE C 1111 5.54 27.69 -10.10
C ILE C 1111 6.74 26.76 -10.14
N PRO C 1112 6.55 25.46 -9.98
CA PRO C 1112 7.70 24.55 -9.90
C PRO C 1112 8.44 24.47 -11.22
N GLU C 1113 9.62 23.86 -11.17
CA GLU C 1113 10.41 23.67 -12.36
C GLU C 1113 9.97 22.45 -13.16
N SER C 1114 9.06 21.65 -12.61
CA SER C 1114 8.47 20.53 -13.33
C SER C 1114 7.41 20.98 -14.32
N PHE C 1115 7.31 22.29 -14.56
CA PHE C 1115 6.43 22.84 -15.57
C PHE C 1115 7.19 23.41 -16.77
N LYS C 1116 8.47 23.73 -16.60
CA LYS C 1116 9.30 24.13 -17.73
C LYS C 1116 9.91 22.91 -18.41
N VAL C 1117 9.45 21.72 -18.07
CA VAL C 1117 9.84 20.50 -18.75
C VAL C 1117 8.70 19.92 -19.57
N LEU C 1118 7.45 20.15 -19.14
CA LEU C 1118 6.30 19.78 -19.96
C LEU C 1118 6.29 20.56 -21.26
N LEU C 1119 6.64 21.85 -21.20
CA LEU C 1119 6.70 22.66 -22.41
C LEU C 1119 7.74 22.12 -23.39
N LYS C 1120 8.91 21.71 -22.88
CA LYS C 1120 9.92 21.14 -23.77
C LYS C 1120 9.48 19.80 -24.32
N GLU C 1121 8.90 18.95 -23.48
CA GLU C 1121 8.41 17.66 -23.96
C GLU C 1121 7.29 17.82 -24.99
N LEU C 1122 6.54 18.92 -24.92
CA LEU C 1122 5.56 19.20 -25.96
C LEU C 1122 6.22 19.72 -27.23
N GLN C 1123 7.03 20.77 -27.11
CA GLN C 1123 7.72 21.32 -28.26
C GLN C 1123 8.52 20.26 -29.00
N SER C 1124 8.91 19.18 -28.32
CA SER C 1124 9.54 18.07 -29.02
C SER C 1124 8.59 17.37 -29.97
N LEU C 1125 7.29 17.69 -29.92
CA LEU C 1125 6.29 17.15 -30.84
C LEU C 1125 5.84 18.18 -31.86
N CYS C 1126 6.53 19.30 -31.98
CA CYS C 1126 6.13 20.39 -32.87
C CYS C 1126 4.85 21.06 -32.39
N LEU C 1127 4.63 21.10 -31.09
CA LEU C 1127 3.48 21.76 -30.47
C LEU C 1127 3.96 23.04 -29.81
N ASN C 1128 3.43 24.18 -30.25
CA ASN C 1128 3.85 25.49 -29.76
C ASN C 1128 2.84 25.95 -28.71
N VAL C 1129 3.18 25.72 -27.44
CA VAL C 1129 2.32 26.10 -26.32
C VAL C 1129 2.90 27.35 -25.67
N GLU C 1130 2.07 28.38 -25.54
CA GLU C 1130 2.48 29.66 -25.00
C GLU C 1130 1.59 30.04 -23.84
N VAL C 1131 2.19 30.61 -22.80
CA VAL C 1131 1.46 31.03 -21.61
C VAL C 1131 1.01 32.47 -21.79
N LEU C 1132 -0.30 32.70 -21.72
CA LEU C 1132 -0.89 34.01 -21.95
C LEU C 1132 -1.33 34.61 -20.62
N SER C 1133 -1.07 35.91 -20.47
CA SER C 1133 -1.51 36.64 -19.29
C SER C 1133 -2.97 37.07 -19.47
N SER C 1134 -3.44 37.94 -18.59
CA SER C 1134 -4.81 38.44 -18.66
C SER C 1134 -5.04 39.28 -19.91
N VAL D 4 6.66 33.52 -14.29
CA VAL D 4 6.24 34.88 -14.01
C VAL D 4 5.25 34.90 -12.85
N ASN D 5 4.67 33.74 -12.57
CA ASN D 5 3.74 33.51 -11.46
C ASN D 5 2.37 34.11 -11.71
N PHE D 6 2.07 34.54 -12.93
CA PHE D 6 0.76 35.05 -13.30
C PHE D 6 0.34 34.39 -14.60
N PHE D 7 -0.58 33.42 -14.48
CA PHE D 7 -1.13 32.71 -15.63
C PHE D 7 -2.60 33.07 -15.81
N ASP D 8 -3.04 33.05 -17.05
CA ASP D 8 -4.45 33.19 -17.38
C ASP D 8 -4.95 32.06 -18.27
N GLU D 9 -4.12 31.56 -19.18
CA GLU D 9 -4.51 30.51 -20.10
C GLU D 9 -3.27 29.70 -20.45
N LEU D 10 -3.47 28.71 -21.33
CA LEU D 10 -2.35 27.90 -21.82
C LEU D 10 -2.74 27.43 -23.22
N ARG D 11 -2.24 28.11 -24.24
CA ARG D 11 -2.69 27.92 -25.61
C ARG D 11 -1.76 26.96 -26.34
N ILE D 12 -2.34 26.10 -27.17
CA ILE D 12 -1.59 25.14 -27.96
C ILE D 12 -1.79 25.46 -29.43
N GLY D 13 -0.76 25.19 -30.23
CA GLY D 13 -0.87 25.34 -31.66
C GLY D 13 0.28 24.65 -32.35
N LEU D 14 0.11 24.43 -33.66
CA LEU D 14 1.14 23.78 -34.44
C LEU D 14 2.38 24.66 -34.52
N ALA D 15 3.54 24.03 -34.64
CA ALA D 15 4.81 24.74 -34.75
C ALA D 15 5.21 24.78 -36.21
N THR D 16 5.19 25.97 -36.80
CA THR D 16 5.63 26.14 -38.17
C THR D 16 7.11 25.84 -38.31
N ALA D 17 7.51 25.34 -39.48
CA ALA D 17 8.91 24.99 -39.71
C ALA D 17 9.84 26.17 -39.48
N GLU D 18 9.31 27.40 -39.47
CA GLU D 18 10.12 28.58 -39.24
C GLU D 18 10.33 28.86 -37.76
N ASP D 19 9.57 28.23 -36.87
CA ASP D 19 9.80 28.34 -35.44
C ASP D 19 10.80 27.30 -34.96
N ILE D 20 10.63 26.04 -35.37
CA ILE D 20 11.48 24.96 -34.89
C ILE D 20 12.95 25.35 -34.97
N ARG D 21 13.31 26.07 -36.02
CA ARG D 21 14.66 26.59 -36.18
C ARG D 21 14.85 27.95 -35.53
N GLN D 22 13.87 28.41 -34.75
CA GLN D 22 13.99 29.62 -33.96
C GLN D 22 13.95 29.33 -32.47
N TRP D 23 13.95 28.05 -32.09
CA TRP D 23 14.13 27.63 -30.71
C TRP D 23 15.49 27.03 -30.44
N SER D 24 16.09 26.39 -31.44
CA SER D 24 17.31 25.63 -31.24
C SER D 24 18.47 26.55 -30.90
N TYR D 25 19.57 25.95 -30.46
CA TYR D 25 20.84 26.63 -30.29
C TYR D 25 21.92 26.03 -31.17
N GLY D 26 21.53 25.25 -32.16
CA GLY D 26 22.45 24.60 -33.06
C GLY D 26 21.83 23.39 -33.71
N GLU D 27 22.41 22.97 -34.81
CA GLU D 27 21.94 21.82 -35.56
C GLU D 27 22.91 20.66 -35.37
N VAL D 28 22.37 19.49 -35.05
CA VAL D 28 23.19 18.29 -34.86
C VAL D 28 23.38 17.61 -36.21
N LYS D 29 24.59 17.12 -36.46
CA LYS D 29 24.88 16.46 -37.73
C LYS D 29 25.76 15.23 -37.57
N LYS D 30 25.82 14.64 -36.38
CA LYS D 30 26.57 13.42 -36.17
C LYS D 30 25.88 12.59 -35.11
N PRO D 31 25.56 11.33 -35.38
CA PRO D 31 24.86 10.47 -34.42
C PRO D 31 25.78 9.90 -33.34
N GLU D 32 26.62 10.76 -32.78
CA GLU D 32 27.58 10.38 -31.76
C GLU D 32 27.16 10.96 -30.43
N THR D 33 27.22 10.14 -29.37
CA THR D 33 26.84 10.57 -28.03
C THR D 33 28.05 11.01 -27.23
N ILE D 34 29.01 10.12 -27.01
CA ILE D 34 30.20 10.43 -26.23
C ILE D 34 31.35 9.56 -26.72
N ASN D 35 32.56 10.09 -26.61
CA ASN D 35 33.74 9.29 -26.91
C ASN D 35 33.80 8.08 -25.98
N TYR D 36 34.28 6.96 -26.51
CA TYR D 36 34.23 5.71 -25.76
C TYR D 36 35.30 5.64 -24.69
N ARG D 37 36.44 6.30 -24.89
CA ARG D 37 37.57 6.19 -23.98
C ARG D 37 37.65 7.35 -22.99
N THR D 38 37.34 8.57 -23.43
CA THR D 38 37.45 9.74 -22.57
C THR D 38 36.12 10.18 -21.99
N LEU D 39 35.01 9.60 -22.44
CA LEU D 39 33.68 9.85 -21.87
C LEU D 39 33.37 11.35 -21.85
N LYS D 40 33.43 11.96 -23.02
CA LYS D 40 33.04 13.36 -23.16
C LYS D 40 32.20 13.56 -24.42
N PRO D 41 31.19 14.42 -24.36
CA PRO D 41 30.31 14.62 -25.51
C PRO D 41 31.10 14.95 -26.77
N GLU D 42 30.67 14.36 -27.89
CA GLU D 42 31.33 14.59 -29.16
C GLU D 42 30.95 15.96 -29.71
N LYS D 43 31.65 16.38 -30.76
CA LYS D 43 31.39 17.65 -31.41
C LYS D 43 30.28 17.50 -32.45
N ASP D 44 29.28 18.38 -32.37
CA ASP D 44 28.21 18.47 -33.35
C ASP D 44 27.21 17.32 -33.21
N GLY D 45 27.51 16.34 -32.36
CA GLY D 45 26.63 15.22 -32.13
C GLY D 45 25.73 15.44 -30.92
N LEU D 46 24.87 14.45 -30.68
CA LEU D 46 24.04 14.49 -29.49
C LEU D 46 24.91 14.68 -28.27
N PHE D 47 24.35 15.34 -27.25
CA PHE D 47 25.06 15.68 -26.02
C PHE D 47 26.12 16.75 -26.23
N CYS D 48 26.29 17.26 -27.46
CA CYS D 48 27.30 18.26 -27.73
C CYS D 48 27.20 19.41 -26.74
N GLU D 49 28.36 19.94 -26.34
CA GLU D 49 28.41 21.00 -25.35
C GLU D 49 28.36 22.39 -25.96
N LYS D 50 28.59 22.52 -27.27
CA LYS D 50 28.56 23.84 -27.89
C LYS D 50 27.13 24.28 -28.21
N ILE D 51 26.21 23.34 -28.41
CA ILE D 51 24.84 23.66 -28.81
C ILE D 51 23.84 23.39 -27.71
N PHE D 52 24.22 22.71 -26.64
CA PHE D 52 23.30 22.41 -25.55
C PHE D 52 23.72 23.00 -24.21
N GLY D 53 25.02 23.09 -23.92
CA GLY D 53 25.47 23.70 -22.69
C GLY D 53 26.66 22.96 -22.10
N PRO D 54 27.25 23.56 -21.07
CA PRO D 54 28.44 22.95 -20.45
C PRO D 54 28.05 21.77 -19.57
N THR D 55 28.94 20.78 -19.54
CA THR D 55 28.76 19.62 -18.68
C THR D 55 29.27 19.82 -17.27
N ARG D 56 30.09 20.85 -17.04
CA ARG D 56 30.64 21.15 -15.74
C ARG D 56 30.36 22.61 -15.41
N ASP D 57 29.89 22.86 -14.19
CA ASP D 57 29.44 24.19 -13.81
C ASP D 57 30.53 25.22 -14.06
N TRP D 58 30.25 26.14 -14.98
CA TRP D 58 31.15 27.26 -15.27
C TRP D 58 32.48 26.77 -15.86
N GLU D 59 32.41 25.82 -16.78
CA GLU D 59 33.62 25.29 -17.40
C GLU D 59 33.36 25.01 -18.88
N CYS D 60 34.29 25.44 -19.73
CA CYS D 60 34.18 25.22 -21.16
C CYS D 60 34.58 23.77 -21.47
N TYR D 61 34.72 23.46 -22.76
CA TYR D 61 35.11 22.12 -23.17
C TYR D 61 36.62 21.94 -23.09
N CYS D 62 37.38 22.85 -23.68
CA CYS D 62 38.84 22.74 -23.63
C CYS D 62 39.35 22.96 -22.22
N GLY D 63 38.98 24.08 -21.60
CA GLY D 63 39.36 24.33 -20.22
C GLY D 63 40.13 25.61 -20.02
N LYS D 64 40.01 26.55 -20.96
CA LYS D 64 40.68 27.84 -20.81
C LYS D 64 39.94 28.77 -19.86
N TYR D 65 38.71 28.45 -19.49
CA TYR D 65 37.94 29.24 -18.53
C TYR D 65 37.28 28.27 -17.55
N LYS D 66 37.56 28.43 -16.27
CA LYS D 66 37.14 27.46 -15.27
C LYS D 66 36.26 28.03 -14.17
N ARG D 67 36.57 29.23 -13.68
CA ARG D 67 35.91 29.72 -12.47
C ARG D 67 34.67 30.53 -12.84
N VAL D 68 34.00 31.05 -11.79
CA VAL D 68 32.77 31.81 -12.00
C VAL D 68 33.03 33.17 -12.63
N ARG D 69 34.27 33.65 -12.59
CA ARG D 69 34.57 34.98 -13.11
C ARG D 69 34.23 35.11 -14.59
N PHE D 70 34.15 34.01 -15.31
CA PHE D 70 33.85 34.01 -16.75
C PHE D 70 32.46 33.40 -16.92
N LYS D 71 31.43 34.24 -16.83
CA LYS D 71 30.06 33.83 -17.14
C LYS D 71 29.55 34.66 -18.30
N GLY D 72 28.73 34.02 -19.15
CA GLY D 72 28.18 34.67 -20.32
C GLY D 72 29.13 34.81 -21.48
N ILE D 73 30.41 34.46 -21.32
CA ILE D 73 31.37 34.53 -22.39
C ILE D 73 31.49 33.16 -23.03
N ILE D 74 32.00 33.14 -24.27
CA ILE D 74 32.07 31.93 -25.08
C ILE D 74 33.53 31.68 -25.43
N CYS D 75 34.02 30.50 -25.08
CA CYS D 75 35.40 30.12 -25.43
C CYS D 75 35.59 30.18 -26.94
N GLU D 76 36.58 30.95 -27.37
CA GLU D 76 36.84 31.11 -28.79
C GLU D 76 37.43 29.86 -29.43
N ARG D 77 37.76 28.84 -28.64
CA ARG D 77 38.30 27.59 -29.18
C ARG D 77 37.23 26.51 -29.33
N CYS D 78 36.50 26.21 -28.26
CA CYS D 78 35.46 25.20 -28.29
C CYS D 78 34.05 25.79 -28.32
N GLY D 79 33.93 27.10 -28.47
CA GLY D 79 32.64 27.74 -28.60
C GLY D 79 31.62 27.40 -27.53
N VAL D 80 32.06 26.75 -26.46
CA VAL D 80 31.16 26.31 -25.40
C VAL D 80 30.98 27.45 -24.40
N GLU D 81 29.79 28.03 -24.38
CA GLU D 81 29.48 29.04 -23.38
C GLU D 81 29.66 28.47 -21.98
N VAL D 82 30.09 29.31 -21.05
CA VAL D 82 30.35 28.92 -19.67
C VAL D 82 29.21 29.41 -18.80
N THR D 83 28.51 28.48 -18.16
CA THR D 83 27.39 28.83 -17.27
C THR D 83 27.01 27.58 -16.49
N ARG D 84 25.95 27.68 -15.71
CA ARG D 84 25.48 26.57 -14.89
C ARG D 84 25.17 25.35 -15.75
N ALA D 85 25.64 24.18 -15.32
CA ALA D 85 25.42 22.94 -16.06
C ALA D 85 23.95 22.54 -16.09
N LYS D 86 23.06 23.32 -15.47
CA LYS D 86 21.63 23.04 -15.50
C LYS D 86 20.96 23.57 -16.76
N VAL D 87 21.72 24.18 -17.67
CA VAL D 87 21.15 24.64 -18.94
C VAL D 87 21.06 23.53 -19.97
N ARG D 88 21.72 22.40 -19.74
CA ARG D 88 21.52 21.23 -20.59
C ARG D 88 20.17 20.58 -20.38
N ARG D 89 19.29 21.23 -19.62
CA ARG D 89 17.94 20.75 -19.39
C ARG D 89 16.90 21.72 -19.95
N GLU D 90 17.33 22.76 -20.65
CA GLU D 90 16.42 23.76 -21.19
C GLU D 90 16.69 24.12 -22.65
N ARG D 91 17.83 23.73 -23.21
CA ARG D 91 18.21 24.06 -24.56
C ARG D 91 17.82 22.92 -25.49
N MET D 92 17.27 23.27 -26.66
CA MET D 92 16.91 22.31 -27.69
C MET D 92 17.75 22.54 -28.93
N GLY D 93 17.87 21.50 -29.74
CA GLY D 93 18.54 21.62 -31.02
C GLY D 93 17.59 21.32 -32.16
N HIS D 94 18.10 21.18 -33.38
CA HIS D 94 17.24 20.80 -34.48
C HIS D 94 18.04 20.03 -35.53
N ILE D 95 17.31 19.42 -36.45
CA ILE D 95 17.88 18.66 -37.56
C ILE D 95 17.22 19.15 -38.84
N GLU D 96 18.04 19.56 -39.81
CA GLU D 96 17.55 20.02 -41.11
C GLU D 96 17.42 18.81 -42.04
N LEU D 97 16.19 18.35 -42.22
CA LEU D 97 15.96 17.14 -43.01
C LEU D 97 16.33 17.39 -44.47
N ALA D 98 16.83 16.34 -45.12
CA ALA D 98 17.18 16.39 -46.53
C ALA D 98 15.96 16.38 -47.43
N ALA D 99 14.77 16.12 -46.89
CA ALA D 99 13.55 16.08 -47.68
C ALA D 99 12.36 16.14 -46.72
N PRO D 100 11.26 16.76 -47.13
CA PRO D 100 10.13 16.93 -46.20
C PRO D 100 9.65 15.62 -45.60
N VAL D 101 8.93 15.71 -44.48
CA VAL D 101 8.41 14.55 -43.78
C VAL D 101 7.16 14.97 -43.03
N THR D 102 6.09 14.21 -43.18
CA THR D 102 4.79 14.59 -42.65
C THR D 102 4.65 14.12 -41.20
N HIS D 103 4.16 15.02 -40.35
CA HIS D 103 3.83 14.66 -38.97
C HIS D 103 2.82 13.52 -38.97
N ILE D 104 3.09 12.49 -38.19
CA ILE D 104 2.23 11.30 -38.21
C ILE D 104 0.95 11.52 -37.41
N TRP D 105 0.99 12.38 -36.39
CA TRP D 105 -0.21 12.59 -35.57
C TRP D 105 -1.41 13.03 -36.40
N TYR D 106 -1.20 13.57 -37.59
CA TYR D 106 -2.28 14.10 -38.39
C TYR D 106 -2.64 13.25 -39.59
N PHE D 107 -1.74 12.38 -40.05
CA PHE D 107 -2.04 11.51 -41.18
C PHE D 107 -2.60 10.16 -40.74
N LYS D 108 -1.96 9.52 -39.76
CA LYS D 108 -2.35 8.19 -39.31
C LYS D 108 -3.28 8.23 -38.11
N GLY D 109 -4.06 9.30 -37.95
CA GLY D 109 -5.09 9.37 -36.93
C GLY D 109 -6.46 8.99 -37.46
N VAL D 110 -7.45 9.20 -36.61
CA VAL D 110 -8.85 8.95 -36.98
C VAL D 110 -9.73 10.03 -36.36
N PRO D 111 -10.31 10.92 -37.16
CA PRO D 111 -10.17 10.92 -38.62
C PRO D 111 -8.88 11.60 -39.09
N SER D 112 -8.25 11.04 -40.12
CA SER D 112 -7.03 11.63 -40.67
C SER D 112 -7.27 13.09 -41.02
N ARG D 113 -6.57 13.99 -40.33
CA ARG D 113 -6.81 15.41 -40.53
C ARG D 113 -6.58 15.82 -41.98
N LEU D 114 -5.51 15.32 -42.60
CA LEU D 114 -5.27 15.64 -44.00
C LEU D 114 -6.39 15.10 -44.88
N GLY D 115 -6.88 13.89 -44.58
CA GLY D 115 -7.97 13.33 -45.36
C GLY D 115 -9.12 14.29 -45.58
N TYR D 116 -9.37 15.17 -44.61
CA TYR D 116 -10.41 16.19 -44.71
C TYR D 116 -9.86 17.53 -45.20
N LEU D 117 -8.67 17.92 -44.76
CA LEU D 117 -8.10 19.18 -45.22
C LEU D 117 -7.87 19.17 -46.73
N LEU D 118 -7.56 18.00 -47.30
CA LEU D 118 -7.32 17.86 -48.73
C LEU D 118 -8.38 17.04 -49.44
N ASP D 119 -9.22 16.31 -48.70
CA ASP D 119 -10.25 15.46 -49.27
C ASP D 119 -9.63 14.35 -50.12
N LEU D 120 -8.83 13.51 -49.45
CA LEU D 120 -8.26 12.32 -50.04
C LEU D 120 -8.53 11.12 -49.13
N ALA D 121 -8.85 10.00 -49.74
CA ALA D 121 -9.10 8.78 -48.97
C ALA D 121 -7.84 8.39 -48.21
N PRO D 122 -7.92 8.12 -46.91
CA PRO D 122 -6.71 7.79 -46.14
C PRO D 122 -5.86 6.72 -46.79
N LYS D 123 -6.48 5.64 -47.29
CA LYS D 123 -5.72 4.62 -47.99
C LYS D 123 -5.19 5.09 -49.34
N ASP D 124 -5.62 6.27 -49.79
CA ASP D 124 -5.03 6.90 -50.97
C ASP D 124 -3.95 7.91 -50.62
N LEU D 125 -4.03 8.51 -49.43
CA LEU D 125 -2.98 9.41 -48.98
C LEU D 125 -1.75 8.63 -48.51
N GLU D 126 -1.97 7.48 -47.87
CA GLU D 126 -0.85 6.66 -47.45
C GLU D 126 0.00 6.22 -48.65
N LYS D 127 -0.66 5.83 -49.74
CA LYS D 127 0.07 5.47 -50.95
C LYS D 127 0.96 6.61 -51.40
N ILE D 128 0.49 7.84 -51.28
CA ILE D 128 1.24 8.99 -51.78
C ILE D 128 2.42 9.30 -50.87
N ILE D 129 2.18 9.35 -49.55
CA ILE D 129 3.23 9.79 -48.63
C ILE D 129 4.22 8.69 -48.29
N TYR D 130 4.01 7.46 -48.77
CA TYR D 130 4.96 6.38 -48.56
C TYR D 130 5.56 5.88 -49.87
N PHE D 131 5.52 6.70 -50.92
CA PHE D 131 6.19 6.41 -52.17
C PHE D 131 5.71 5.08 -52.76
N ALA D 132 4.39 4.97 -52.91
CA ALA D 132 3.77 3.83 -53.56
C ALA D 132 2.98 4.20 -54.81
N ALA D 133 2.74 5.49 -55.04
CA ALA D 133 2.01 5.93 -56.22
C ALA D 133 2.28 7.41 -56.43
N TYR D 134 2.14 7.85 -57.68
CA TYR D 134 2.34 9.24 -58.01
C TYR D 134 1.07 10.04 -57.77
N VAL D 135 1.21 11.37 -57.78
CA VAL D 135 0.07 12.26 -57.58
C VAL D 135 0.26 13.50 -58.44
N ILE D 136 -0.83 13.97 -59.04
CA ILE D 136 -0.81 15.17 -59.87
C ILE D 136 -0.91 16.39 -58.96
N THR D 137 0.03 17.32 -59.11
CA THR D 137 0.09 18.49 -58.24
C THR D 137 -0.28 19.79 -58.93
N SER D 138 -0.33 19.82 -60.26
CA SER D 138 -0.70 21.04 -60.97
C SER D 138 -0.88 20.70 -62.45
N VAL D 139 -1.87 21.34 -63.08
CA VAL D 139 -2.16 21.14 -64.49
C VAL D 139 -2.40 22.49 -65.14
N ASP D 140 -1.76 22.75 -66.29
CA ASP D 140 -1.85 24.05 -66.93
C ASP D 140 -2.97 24.25 -67.92
N GLU D 141 -4.18 24.20 -67.41
CA GLU D 141 -5.40 24.15 -68.21
C GLU D 141 -5.32 25.08 -69.43
N GLU D 142 -4.64 26.22 -69.30
CA GLU D 142 -4.54 27.15 -70.43
C GLU D 142 -3.93 26.45 -71.64
N MET D 143 -2.68 26.00 -71.51
CA MET D 143 -2.05 25.29 -72.62
C MET D 143 -2.79 24.00 -72.93
N ARG D 144 -3.21 23.26 -71.91
CA ARG D 144 -3.88 22.00 -72.20
C ARG D 144 -5.17 22.21 -72.97
N HIS D 145 -5.64 23.46 -73.03
CA HIS D 145 -6.82 23.88 -73.77
C HIS D 145 -6.44 24.26 -75.19
N ASN D 146 -5.55 25.23 -75.34
CA ASN D 146 -5.21 25.72 -76.67
C ASN D 146 -4.37 24.70 -77.45
N GLU D 147 -3.24 24.28 -76.89
CA GLU D 147 -2.37 23.31 -77.56
C GLU D 147 -3.06 21.98 -77.83
N LEU D 148 -4.26 21.76 -77.29
CA LEU D 148 -4.97 20.52 -77.51
C LEU D 148 -5.15 20.20 -78.99
N SER D 149 -5.23 21.23 -79.84
CA SER D 149 -5.35 20.98 -81.28
C SER D 149 -4.16 20.18 -81.78
N THR D 150 -2.95 20.73 -81.64
CA THR D 150 -1.76 20.02 -82.09
C THR D 150 -1.57 18.72 -81.32
N LEU D 151 -2.02 18.68 -80.05
CA LEU D 151 -1.93 17.45 -79.28
C LEU D 151 -2.71 16.32 -79.96
N GLU D 152 -4.00 16.55 -80.20
CA GLU D 152 -4.81 15.54 -80.88
C GLU D 152 -4.28 15.26 -82.28
N ALA D 153 -3.70 16.26 -82.94
CA ALA D 153 -3.14 16.03 -84.26
C ALA D 153 -2.00 15.02 -84.20
N GLU D 154 -1.07 15.21 -83.25
CA GLU D 154 0.04 14.26 -83.10
C GLU D 154 -0.46 12.90 -82.63
N MET D 155 -1.51 12.87 -81.81
CA MET D 155 -2.10 11.60 -81.42
C MET D 155 -2.60 10.84 -82.63
N ALA D 156 -3.35 11.51 -83.51
CA ALA D 156 -3.80 10.90 -84.74
C ALA D 156 -2.62 10.42 -85.59
N VAL D 157 -1.61 11.28 -85.74
CA VAL D 157 -0.44 10.87 -86.53
C VAL D 157 0.16 9.59 -85.97
N GLU D 158 0.26 9.47 -84.64
CA GLU D 158 0.79 8.22 -84.12
C GLU D 158 -0.18 7.07 -84.37
N ARG D 159 -1.48 7.34 -84.33
CA ARG D 159 -2.42 6.28 -84.70
C ARG D 159 -2.13 5.81 -86.10
N LYS D 160 -1.47 6.65 -86.91
CA LYS D 160 -1.12 6.24 -88.26
C LYS D 160 -0.06 5.15 -88.23
N ALA D 161 0.95 5.33 -87.37
CA ALA D 161 1.97 4.30 -87.19
C ALA D 161 1.34 3.03 -86.63
N VAL D 162 0.26 3.19 -85.86
CA VAL D 162 -0.46 2.03 -85.32
C VAL D 162 -1.17 1.27 -86.43
N GLU D 163 -1.84 1.99 -87.32
CA GLU D 163 -2.73 1.37 -88.30
C GLU D 163 -1.92 0.82 -89.47
N ASP D 164 -1.04 1.62 -90.05
CA ASP D 164 -0.33 1.16 -91.23
C ASP D 164 0.44 -0.11 -90.90
N GLN D 165 1.19 -0.08 -89.80
CA GLN D 165 2.01 -1.24 -89.45
C GLN D 165 1.14 -2.42 -89.00
N ARG D 166 0.01 -2.17 -88.32
CA ARG D 166 -0.90 -3.26 -88.02
C ARG D 166 -1.32 -3.98 -89.28
N ASP D 167 -1.70 -3.22 -90.31
CA ASP D 167 -2.09 -3.82 -91.58
C ASP D 167 -0.90 -4.50 -92.26
N GLY D 168 0.29 -3.93 -92.14
CA GLY D 168 1.42 -4.40 -92.91
C GLY D 168 1.99 -5.70 -92.39
N GLU D 169 2.11 -5.83 -91.07
CA GLU D 169 2.63 -7.08 -90.52
C GLU D 169 1.72 -8.25 -90.86
N LEU D 170 0.41 -8.05 -90.69
CA LEU D 170 -0.56 -9.05 -91.08
C LEU D 170 -0.47 -9.37 -92.58
N GLU D 171 -0.31 -8.34 -93.41
CA GLU D 171 -0.17 -8.57 -94.85
C GLU D 171 1.04 -9.44 -95.15
N ALA D 172 2.17 -9.14 -94.51
CA ALA D 172 3.39 -9.90 -94.77
C ALA D 172 3.22 -11.35 -94.33
N ARG D 173 2.75 -11.57 -93.10
CA ARG D 173 2.56 -12.93 -92.62
C ARG D 173 1.56 -13.69 -93.50
N ALA D 174 0.51 -13.02 -93.97
CA ALA D 174 -0.48 -13.68 -94.81
C ALA D 174 0.12 -14.04 -96.16
N GLN D 175 0.93 -13.15 -96.73
CA GLN D 175 1.60 -13.46 -98.00
C GLN D 175 2.50 -14.68 -97.84
N LYS D 176 3.27 -14.72 -96.75
CA LYS D 176 4.13 -15.87 -96.49
C LYS D 176 3.30 -17.15 -96.36
N LEU D 177 2.21 -17.09 -95.59
CA LEU D 177 1.38 -18.28 -95.42
C LEU D 177 0.78 -18.73 -96.74
N GLU D 178 0.33 -17.79 -97.57
CA GLU D 178 -0.31 -18.16 -98.82
C GLU D 178 0.69 -18.74 -99.80
N ALA D 179 1.93 -18.22 -99.82
CA ALA D 179 2.97 -18.84 -100.62
C ALA D 179 3.27 -20.25 -100.14
N ASP D 180 3.39 -20.43 -98.82
CA ASP D 180 3.66 -21.77 -98.29
C ASP D 180 2.52 -22.72 -98.60
N LEU D 181 1.28 -22.22 -98.64
CA LEU D 181 0.14 -23.09 -98.94
C LEU D 181 0.09 -23.45 -100.41
N ALA D 182 0.35 -22.48 -101.29
CA ALA D 182 0.44 -22.78 -102.72
C ALA D 182 1.58 -23.74 -103.01
N GLU D 183 2.62 -23.73 -102.18
CA GLU D 183 3.68 -24.74 -102.32
C GLU D 183 3.21 -26.10 -101.82
N LEU D 184 2.59 -26.14 -100.64
CA LEU D 184 2.13 -27.41 -100.09
C LEU D 184 1.11 -28.07 -101.01
N GLU D 185 0.24 -27.27 -101.64
CA GLU D 185 -0.73 -27.80 -102.59
C GLU D 185 -0.12 -28.06 -103.96
N ALA D 186 1.10 -27.60 -104.22
CA ALA D 186 1.77 -27.91 -105.48
C ALA D 186 2.11 -29.40 -105.56
N GLU D 187 2.71 -29.94 -104.50
CA GLU D 187 2.98 -31.36 -104.41
C GLU D 187 1.76 -32.11 -103.87
N GLY D 188 1.89 -33.43 -103.79
CA GLY D 188 0.86 -34.26 -103.18
C GLY D 188 1.02 -34.35 -101.68
N ALA D 189 0.16 -33.67 -100.94
CA ALA D 189 0.22 -33.64 -99.48
C ALA D 189 -1.12 -34.03 -98.89
N LYS D 190 -1.07 -34.70 -97.75
CA LYS D 190 -2.29 -35.11 -97.06
C LYS D 190 -3.14 -33.90 -96.69
N ALA D 191 -4.46 -34.06 -96.83
CA ALA D 191 -5.37 -32.96 -96.53
C ALA D 191 -5.29 -32.54 -95.06
N ASP D 192 -4.99 -33.48 -94.16
CA ASP D 192 -4.82 -33.12 -92.76
C ASP D 192 -3.66 -32.16 -92.56
N ALA D 193 -2.57 -32.37 -93.31
CA ALA D 193 -1.44 -31.44 -93.22
C ALA D 193 -1.84 -30.04 -93.65
N ARG D 194 -2.60 -29.92 -94.75
CA ARG D 194 -3.04 -28.62 -95.20
C ARG D 194 -4.01 -27.98 -94.20
N ARG D 195 -4.88 -28.78 -93.60
CA ARG D 195 -5.79 -28.26 -92.57
C ARG D 195 -5.01 -27.72 -91.38
N LYS D 196 -3.97 -28.42 -90.95
CA LYS D 196 -3.18 -27.95 -89.83
C LYS D 196 -2.36 -26.72 -90.19
N VAL D 197 -1.85 -26.67 -91.43
CA VAL D 197 -1.16 -25.47 -91.90
C VAL D 197 -2.10 -24.27 -91.86
N ARG D 198 -3.34 -24.45 -92.34
CA ARG D 198 -4.29 -23.35 -92.32
C ARG D 198 -4.65 -22.95 -90.89
N ASP D 199 -4.76 -23.92 -89.98
CA ASP D 199 -5.05 -23.61 -88.59
C ASP D 199 -3.93 -22.77 -87.99
N GLY D 200 -2.67 -23.19 -88.20
CA GLY D 200 -1.56 -22.41 -87.70
C GLY D 200 -1.49 -21.02 -88.31
N GLY D 201 -1.80 -20.91 -89.61
CA GLY D 201 -1.79 -19.61 -90.24
C GLY D 201 -2.85 -18.69 -89.69
N GLU D 202 -4.05 -19.22 -89.42
CA GLU D 202 -5.09 -18.40 -88.80
C GLU D 202 -4.67 -17.99 -87.40
N ARG D 203 -4.05 -18.91 -86.65
CA ARG D 203 -3.50 -18.56 -85.34
C ARG D 203 -2.54 -17.39 -85.43
N GLU D 204 -1.59 -17.46 -86.37
CA GLU D 204 -0.63 -16.38 -86.53
C GLU D 204 -1.31 -15.07 -86.93
N MET D 205 -2.26 -15.13 -87.86
CA MET D 205 -2.97 -13.92 -88.27
C MET D 205 -3.67 -13.27 -87.09
N ARG D 206 -4.46 -14.04 -86.35
CA ARG D 206 -5.17 -13.48 -85.21
C ARG D 206 -4.21 -13.01 -84.13
N GLN D 207 -3.07 -13.68 -83.97
CA GLN D 207 -2.11 -13.25 -82.96
C GLN D 207 -1.50 -11.92 -83.34
N ILE D 208 -1.22 -11.70 -84.62
CA ILE D 208 -0.71 -10.41 -85.07
C ILE D 208 -1.76 -9.32 -84.88
N ARG D 209 -3.00 -9.62 -85.27
CA ARG D 209 -4.07 -8.64 -85.09
C ARG D 209 -4.26 -8.29 -83.61
N ASP D 210 -4.06 -9.26 -82.71
CA ASP D 210 -4.21 -9.00 -81.29
C ASP D 210 -3.04 -8.19 -80.75
N ARG D 211 -1.81 -8.55 -81.15
CA ARG D 211 -0.65 -7.75 -80.78
C ARG D 211 -0.84 -6.30 -81.21
N ALA D 212 -1.46 -6.07 -82.36
CA ALA D 212 -1.78 -4.71 -82.78
C ALA D 212 -2.84 -4.11 -81.86
N GLN D 213 -4.04 -4.70 -81.85
CA GLN D 213 -5.18 -4.15 -81.11
C GLN D 213 -4.81 -3.78 -79.68
N ARG D 214 -4.06 -4.64 -78.99
CA ARG D 214 -3.70 -4.37 -77.60
C ARG D 214 -2.96 -3.04 -77.49
N GLU D 215 -1.90 -2.85 -78.29
CA GLU D 215 -1.14 -1.62 -78.22
C GLU D 215 -1.97 -0.43 -78.67
N LEU D 216 -2.83 -0.63 -79.68
CA LEU D 216 -3.68 0.45 -80.16
C LEU D 216 -4.57 0.97 -79.04
N ASP D 217 -5.24 0.06 -78.32
CA ASP D 217 -6.09 0.47 -77.21
C ASP D 217 -5.29 1.02 -76.04
N ARG D 218 -4.09 0.48 -75.78
CA ARG D 218 -3.23 1.07 -74.76
C ARG D 218 -2.92 2.52 -75.07
N LEU D 219 -2.63 2.82 -76.34
CA LEU D 219 -2.35 4.20 -76.72
C LEU D 219 -3.60 5.05 -76.65
N GLU D 220 -4.76 4.49 -77.01
CA GLU D 220 -6.01 5.21 -76.76
C GLU D 220 -6.13 5.55 -75.28
N ASP D 221 -5.77 4.61 -74.41
CA ASP D 221 -5.95 4.79 -72.97
C ASP D 221 -5.07 5.90 -72.44
N ILE D 222 -3.83 5.97 -72.92
CA ILE D 222 -2.93 7.01 -72.43
C ILE D 222 -3.50 8.39 -72.75
N TRP D 223 -4.03 8.56 -73.96
CA TRP D 223 -4.66 9.83 -74.32
C TRP D 223 -5.89 10.09 -73.47
N SER D 224 -6.75 9.08 -73.32
CA SER D 224 -7.94 9.22 -72.50
C SER D 224 -7.58 9.72 -71.11
N THR D 225 -6.52 9.17 -70.52
CA THR D 225 -6.09 9.60 -69.19
C THR D 225 -5.57 11.03 -69.24
N PHE D 226 -4.71 11.34 -70.21
CA PHE D 226 -4.17 12.69 -70.31
C PHE D 226 -5.28 13.72 -70.40
N THR D 227 -6.39 13.38 -71.04
CA THR D 227 -7.47 14.35 -71.23
C THR D 227 -8.05 14.82 -69.89
N LYS D 228 -8.24 13.90 -68.95
CA LYS D 228 -8.92 14.19 -67.69
C LYS D 228 -7.95 14.55 -66.57
N LEU D 229 -6.79 15.12 -66.90
CA LEU D 229 -5.77 15.40 -65.90
C LEU D 229 -6.12 16.67 -65.14
N ALA D 230 -6.32 16.54 -63.83
CA ALA D 230 -6.62 17.66 -62.95
C ALA D 230 -5.99 17.38 -61.60
N PRO D 231 -5.66 18.41 -60.83
CA PRO D 231 -4.92 18.19 -59.58
C PRO D 231 -5.64 17.22 -58.67
N LYS D 232 -4.87 16.66 -57.73
CA LYS D 232 -5.31 15.69 -56.74
C LYS D 232 -5.61 14.32 -57.35
N GLN D 233 -5.45 14.15 -58.66
CA GLN D 233 -5.63 12.84 -59.26
C GLN D 233 -4.45 11.94 -58.95
N LEU D 234 -4.74 10.71 -58.52
CA LEU D 234 -3.73 9.76 -58.11
C LEU D 234 -3.45 8.80 -59.27
N ILE D 235 -2.17 8.69 -59.65
CA ILE D 235 -1.73 7.80 -60.71
C ILE D 235 -0.94 6.66 -60.07
N VAL D 236 -1.27 5.43 -60.44
CA VAL D 236 -0.67 4.24 -59.84
C VAL D 236 0.13 3.42 -60.83
N ASP D 237 0.01 3.68 -62.14
CA ASP D 237 0.68 2.83 -63.13
C ASP D 237 2.18 2.79 -62.90
N GLU D 238 2.81 3.95 -62.75
CA GLU D 238 4.24 4.14 -62.60
C GLU D 238 4.95 3.99 -63.94
N ASN D 239 4.26 3.57 -65.01
CA ASN D 239 4.77 3.63 -66.37
C ASN D 239 4.02 4.66 -67.20
N LEU D 240 2.69 4.64 -67.15
CA LEU D 240 1.90 5.71 -67.78
C LEU D 240 2.41 7.08 -67.34
N TYR D 241 2.85 7.18 -66.09
CA TYR D 241 3.38 8.45 -65.59
C TYR D 241 4.58 8.90 -66.42
N ARG D 242 5.49 7.98 -66.74
CA ARG D 242 6.64 8.34 -67.55
C ARG D 242 6.22 8.80 -68.94
N GLU D 243 5.25 8.09 -69.54
CA GLU D 243 4.76 8.50 -70.85
C GLU D 243 4.19 9.91 -70.80
N LEU D 244 3.42 10.22 -69.76
CA LEU D 244 2.87 11.56 -69.64
C LEU D 244 3.96 12.59 -69.39
N VAL D 245 5.00 12.21 -68.66
CA VAL D 245 6.08 13.15 -68.37
C VAL D 245 6.84 13.50 -69.64
N ASP D 246 7.48 12.50 -70.26
CA ASP D 246 8.24 12.76 -71.47
C ASP D 246 7.33 13.21 -72.61
N ARG D 247 6.11 12.66 -72.67
CA ARG D 247 5.13 13.01 -73.69
C ARG D 247 3.94 13.67 -73.00
N TYR D 248 3.71 14.95 -73.30
CA TYR D 248 2.69 15.80 -72.69
C TYR D 248 3.13 16.34 -71.34
N GLY D 249 4.33 16.01 -70.86
CA GLY D 249 4.72 16.42 -69.53
C GLY D 249 4.79 17.93 -69.34
N GLU D 250 5.18 18.65 -70.39
CA GLU D 250 5.36 20.10 -70.28
C GLU D 250 4.10 20.81 -69.82
N TYR D 251 2.94 20.15 -69.83
CA TYR D 251 1.67 20.80 -69.55
C TYR D 251 1.25 20.68 -68.10
N PHE D 252 1.70 19.63 -67.41
CA PHE D 252 1.26 19.37 -66.04
C PHE D 252 2.45 19.13 -65.13
N THR D 253 2.19 18.71 -63.89
CA THR D 253 3.26 18.39 -62.96
C THR D 253 2.79 17.31 -62.00
N GLY D 254 3.67 16.35 -61.72
CA GLY D 254 3.38 15.30 -60.76
C GLY D 254 4.52 15.17 -59.76
N ALA D 255 4.25 14.41 -58.71
CA ALA D 255 5.23 14.24 -57.64
C ALA D 255 4.81 13.07 -56.77
N MET D 256 5.58 12.83 -55.71
CA MET D 256 5.30 11.80 -54.75
C MET D 256 5.77 12.25 -53.37
N GLY D 257 5.06 11.80 -52.34
CA GLY D 257 5.54 11.96 -50.98
C GLY D 257 5.29 13.33 -50.38
N ALA D 258 5.99 13.54 -49.26
CA ALA D 258 5.75 14.73 -48.45
C ALA D 258 5.96 16.01 -49.25
N GLU D 259 6.91 16.02 -50.18
CA GLU D 259 7.08 17.22 -51.00
C GLU D 259 5.87 17.47 -51.88
N SER D 260 5.29 16.40 -52.44
CA SER D 260 4.07 16.55 -53.22
C SER D 260 2.93 17.06 -52.37
N ILE D 261 2.80 16.54 -51.15
CA ILE D 261 1.71 17.00 -50.28
C ILE D 261 1.93 18.46 -49.88
N GLN D 262 3.18 18.84 -49.63
CA GLN D 262 3.47 20.24 -49.32
C GLN D 262 3.11 21.14 -50.48
N LYS D 263 3.46 20.73 -51.71
CA LYS D 263 3.04 21.49 -52.88
C LYS D 263 1.53 21.63 -52.92
N LEU D 264 0.81 20.52 -52.79
CA LEU D 264 -0.66 20.57 -52.79
C LEU D 264 -1.17 21.56 -51.77
N ILE D 265 -0.59 21.56 -50.56
CA ILE D 265 -1.06 22.46 -49.52
C ILE D 265 -0.72 23.89 -49.86
N GLU D 266 0.35 24.12 -50.63
CA GLU D 266 0.70 25.48 -51.04
C GLU D 266 -0.36 26.05 -51.98
N ASN D 267 -0.76 25.28 -52.99
CA ASN D 267 -1.81 25.69 -53.92
C ASN D 267 -3.19 25.35 -53.37
N PHE D 268 -3.44 25.77 -52.13
CA PHE D 268 -4.69 25.46 -51.43
C PHE D 268 -5.28 26.76 -50.88
N ASP D 269 -6.47 27.11 -51.36
CA ASP D 269 -7.16 28.31 -50.90
C ASP D 269 -8.21 27.89 -49.89
N ILE D 270 -8.05 28.33 -48.64
CA ILE D 270 -8.91 27.86 -47.56
C ILE D 270 -10.26 28.55 -47.61
N ASP D 271 -10.29 29.86 -47.87
CA ASP D 271 -11.56 30.58 -47.90
C ASP D 271 -12.49 30.02 -48.97
N ALA D 272 -11.94 29.68 -50.14
CA ALA D 272 -12.78 29.10 -51.19
C ALA D 272 -13.37 27.76 -50.76
N GLU D 273 -12.56 26.92 -50.11
CA GLU D 273 -13.08 25.63 -49.65
C GLU D 273 -14.13 25.83 -48.58
N ALA D 274 -13.93 26.78 -47.68
CA ALA D 274 -14.92 27.06 -46.65
C ALA D 274 -16.24 27.52 -47.26
N GLU D 275 -16.18 28.43 -48.24
CA GLU D 275 -17.39 28.87 -48.92
C GLU D 275 -18.07 27.72 -49.65
N SER D 276 -17.29 26.83 -50.27
CA SER D 276 -17.88 25.70 -50.98
C SER D 276 -18.56 24.74 -50.02
N LEU D 277 -17.97 24.52 -48.84
CA LEU D 277 -18.59 23.66 -47.85
C LEU D 277 -19.84 24.31 -47.27
N ARG D 278 -19.80 25.62 -47.05
CA ARG D 278 -21.01 26.34 -46.66
C ARG D 278 -22.13 26.11 -47.67
N ASP D 279 -21.81 26.25 -48.96
CA ASP D 279 -22.83 26.03 -49.99
C ASP D 279 -23.35 24.60 -49.97
N VAL D 280 -22.44 23.63 -49.84
CA VAL D 280 -22.85 22.22 -49.87
C VAL D 280 -23.74 21.89 -48.68
N ILE D 281 -23.45 22.47 -47.52
CA ILE D 281 -24.32 22.21 -46.38
C ILE D 281 -25.60 23.00 -46.50
N ARG D 282 -25.56 24.12 -47.24
CA ARG D 282 -26.76 24.92 -47.45
C ARG D 282 -27.79 24.11 -48.23
N ASN D 283 -27.38 23.53 -49.36
CA ASN D 283 -28.31 22.88 -50.26
C ASN D 283 -28.41 21.37 -50.02
N GLY D 284 -27.28 20.67 -50.12
CA GLY D 284 -27.29 19.22 -50.03
C GLY D 284 -27.90 18.66 -48.76
N LYS D 285 -28.02 17.34 -48.69
CA LYS D 285 -28.57 16.66 -47.53
C LYS D 285 -28.33 15.17 -47.70
N GLY D 286 -28.53 14.43 -46.60
CA GLY D 286 -28.21 13.01 -46.60
C GLY D 286 -26.78 12.74 -46.19
N GLN D 287 -26.21 11.63 -46.66
CA GLN D 287 -24.79 11.37 -46.42
C GLN D 287 -23.99 12.11 -47.48
N LYS D 288 -24.32 13.39 -47.67
CA LYS D 288 -23.51 14.33 -48.42
C LYS D 288 -23.35 15.67 -47.71
N LYS D 289 -24.17 15.96 -46.70
CA LYS D 289 -23.99 17.11 -45.83
C LYS D 289 -23.33 16.75 -44.51
N LEU D 290 -23.41 15.49 -44.09
CA LEU D 290 -22.65 15.05 -42.93
C LEU D 290 -21.15 15.06 -43.22
N ARG D 291 -20.76 14.49 -44.36
CA ARG D 291 -19.36 14.56 -44.76
C ARG D 291 -18.93 16.01 -44.95
N ALA D 292 -19.77 16.80 -45.61
CA ALA D 292 -19.45 18.21 -45.82
C ALA D 292 -19.25 18.93 -44.50
N LEU D 293 -20.14 18.68 -43.53
CA LEU D 293 -20.04 19.35 -42.24
C LEU D 293 -18.81 18.90 -41.47
N LYS D 294 -18.53 17.59 -41.47
CA LYS D 294 -17.31 17.10 -40.84
C LYS D 294 -16.09 17.80 -41.43
N ARG D 295 -15.91 17.70 -42.75
CA ARG D 295 -14.77 18.35 -43.39
C ARG D 295 -14.70 19.83 -43.04
N LEU D 296 -15.83 20.52 -43.11
CA LEU D 296 -15.87 21.94 -42.72
C LEU D 296 -15.41 22.14 -41.29
N LYS D 297 -15.62 21.16 -40.42
CA LYS D 297 -15.12 21.28 -39.06
C LYS D 297 -13.64 21.65 -39.04
N VAL D 298 -12.81 20.80 -39.62
CA VAL D 298 -11.37 21.05 -39.62
C VAL D 298 -11.01 22.21 -40.54
N VAL D 299 -11.75 22.39 -41.64
CA VAL D 299 -11.44 23.51 -42.53
C VAL D 299 -11.60 24.84 -41.79
N ALA D 300 -12.70 24.99 -41.04
CA ALA D 300 -12.89 26.19 -40.25
C ALA D 300 -11.91 26.26 -39.09
N ALA D 301 -11.58 25.12 -38.47
CA ALA D 301 -10.56 25.12 -37.44
C ALA D 301 -9.26 25.74 -37.96
N PHE D 302 -8.89 25.43 -39.21
CA PHE D 302 -7.71 26.04 -39.81
C PHE D 302 -7.96 27.48 -40.23
N GLN D 303 -9.18 27.82 -40.62
CA GLN D 303 -9.45 29.13 -41.20
C GLN D 303 -9.56 30.22 -40.15
N GLN D 304 -10.18 29.92 -39.00
CA GLN D 304 -10.47 30.97 -38.03
C GLN D 304 -9.20 31.52 -37.41
N SER D 305 -8.43 30.66 -36.74
CA SER D 305 -7.25 31.12 -36.03
C SER D 305 -6.16 31.53 -37.02
N GLY D 306 -5.01 31.91 -36.48
CA GLY D 306 -3.89 32.30 -37.32
C GLY D 306 -2.95 31.14 -37.59
N ASN D 307 -3.51 29.97 -37.83
CA ASN D 307 -2.72 28.78 -38.11
C ASN D 307 -2.35 28.74 -39.59
N SER D 308 -1.80 27.60 -40.02
CA SER D 308 -1.41 27.37 -41.40
C SER D 308 -1.20 25.88 -41.62
N PRO D 309 -1.77 25.28 -42.66
CA PRO D 309 -1.58 23.84 -42.86
C PRO D 309 -0.14 23.46 -43.11
N MET D 310 0.72 24.42 -43.47
CA MET D 310 2.13 24.10 -43.67
C MET D 310 2.76 23.48 -42.43
N GLY D 311 2.18 23.73 -41.26
CA GLY D 311 2.70 23.16 -40.03
C GLY D 311 2.53 21.66 -39.92
N MET D 312 1.80 21.03 -40.84
CA MET D 312 1.60 19.59 -40.78
C MET D 312 2.67 18.81 -41.52
N VAL D 313 3.49 19.47 -42.32
CA VAL D 313 4.59 18.84 -43.04
C VAL D 313 5.89 19.39 -42.47
N LEU D 314 6.67 18.52 -41.85
CA LEU D 314 7.90 18.94 -41.19
C LEU D 314 9.02 19.18 -42.20
N ASP D 315 9.85 20.17 -41.92
CA ASP D 315 11.09 20.39 -42.63
C ASP D 315 12.28 20.63 -41.71
N ALA D 316 12.06 20.73 -40.41
CA ALA D 316 13.14 20.84 -39.44
C ALA D 316 12.67 20.20 -38.14
N VAL D 317 13.33 19.13 -37.73
CA VAL D 317 12.86 18.29 -36.63
C VAL D 317 13.55 18.74 -35.35
N PRO D 318 12.81 19.14 -34.31
CA PRO D 318 13.45 19.57 -33.07
C PRO D 318 14.06 18.39 -32.33
N VAL D 319 14.99 18.71 -31.44
CA VAL D 319 15.74 17.72 -30.66
C VAL D 319 15.71 18.15 -29.20
N ILE D 320 15.14 17.29 -28.36
CA ILE D 320 14.87 17.60 -26.95
C ILE D 320 16.18 17.70 -26.18
N PRO D 321 16.25 18.52 -25.13
CA PRO D 321 17.50 18.71 -24.40
C PRO D 321 18.11 17.38 -24.00
N PRO D 322 19.42 17.35 -23.73
CA PRO D 322 20.06 16.06 -23.40
C PRO D 322 19.67 15.51 -22.05
N GLU D 323 19.40 16.37 -21.06
CA GLU D 323 19.10 15.90 -19.72
C GLU D 323 17.67 15.38 -19.59
N LEU D 324 16.86 15.44 -20.64
CA LEU D 324 15.57 14.78 -20.65
C LEU D 324 15.64 13.39 -21.28
N ARG D 325 16.81 13.01 -21.79
CA ARG D 325 17.10 11.64 -22.22
C ARG D 325 18.45 11.22 -21.65
N PRO D 326 18.56 11.17 -20.32
CA PRO D 326 19.88 11.15 -19.67
C PRO D 326 20.70 9.92 -20.08
N MET D 327 21.97 9.97 -19.71
CA MET D 327 22.90 8.86 -19.93
C MET D 327 23.80 8.77 -18.69
N VAL D 328 23.58 7.75 -17.87
CA VAL D 328 24.21 7.66 -16.56
C VAL D 328 25.05 6.39 -16.49
N GLN D 329 26.17 6.49 -15.78
CA GLN D 329 27.16 5.42 -15.73
C GLN D 329 27.02 4.66 -14.41
N LEU D 330 26.33 3.52 -14.45
CA LEU D 330 26.26 2.64 -13.30
C LEU D 330 27.63 2.08 -12.98
N ASP D 331 27.92 1.97 -11.68
CA ASP D 331 29.19 1.44 -11.21
C ASP D 331 29.53 0.16 -11.95
N GLY D 332 30.84 -0.08 -12.10
CA GLY D 332 31.31 -1.08 -13.02
C GLY D 332 31.45 -0.61 -14.44
N GLY D 333 31.36 0.70 -14.68
CA GLY D 333 31.50 1.24 -16.01
C GLY D 333 30.46 0.73 -16.97
N ARG D 334 29.19 0.71 -16.57
CA ARG D 334 28.12 0.24 -17.43
C ARG D 334 27.16 1.38 -17.70
N PHE D 335 27.05 1.79 -18.96
CA PHE D 335 26.21 2.93 -19.30
C PHE D 335 24.75 2.51 -19.45
N ALA D 336 23.86 3.35 -18.94
CA ALA D 336 22.42 3.15 -19.08
C ALA D 336 21.81 4.45 -19.57
N THR D 337 20.95 4.36 -20.58
CA THR D 337 20.41 5.53 -21.24
C THR D 337 18.94 5.30 -21.57
N SER D 338 18.29 6.36 -22.03
CA SER D 338 16.94 6.25 -22.55
C SER D 338 16.96 5.55 -23.90
N ASP D 339 15.78 5.46 -24.53
CA ASP D 339 15.68 4.85 -25.85
C ASP D 339 15.53 5.87 -26.96
N LEU D 340 15.23 7.14 -26.62
CA LEU D 340 15.13 8.16 -27.65
C LEU D 340 16.45 8.37 -28.37
N ASN D 341 17.57 8.04 -27.72
CA ASN D 341 18.87 8.19 -28.37
C ASN D 341 18.95 7.34 -29.63
N ASP D 342 18.46 6.10 -29.57
CA ASP D 342 18.54 5.22 -30.73
C ASP D 342 17.64 5.72 -31.85
N LEU D 343 16.47 6.24 -31.51
CA LEU D 343 15.57 6.77 -32.53
C LEU D 343 16.18 8.00 -33.21
N TYR D 344 16.72 8.93 -32.41
CA TYR D 344 17.41 10.08 -32.98
C TYR D 344 18.58 9.64 -33.85
N ARG D 345 19.32 8.60 -33.42
CA ARG D 345 20.46 8.14 -34.19
C ARG D 345 20.02 7.55 -35.51
N ARG D 346 18.94 6.77 -35.51
CA ARG D 346 18.40 6.24 -36.77
C ARG D 346 18.00 7.37 -37.71
N VAL D 347 17.25 8.35 -37.17
CA VAL D 347 16.82 9.48 -37.99
C VAL D 347 18.02 10.17 -38.61
N ILE D 348 19.01 10.52 -37.79
CA ILE D 348 20.15 11.29 -38.27
C ILE D 348 20.98 10.48 -39.27
N ASN D 349 21.16 9.18 -38.99
CA ASN D 349 21.91 8.35 -39.92
C ASN D 349 21.23 8.28 -41.28
N ARG D 350 19.93 8.01 -41.30
CA ARG D 350 19.24 7.91 -42.58
C ARG D 350 19.21 9.25 -43.29
N ASN D 351 19.08 10.34 -42.55
CA ASN D 351 19.11 11.67 -43.17
C ASN D 351 20.47 11.93 -43.82
N ASN D 352 21.55 11.67 -43.09
CA ASN D 352 22.88 11.89 -43.66
C ASN D 352 23.12 10.97 -44.85
N ARG D 353 22.63 9.73 -44.78
CA ARG D 353 22.81 8.82 -45.90
C ARG D 353 22.10 9.31 -47.15
N LEU D 354 20.86 9.80 -46.99
CA LEU D 354 20.16 10.37 -48.14
C LEU D 354 20.89 11.62 -48.65
N LYS D 355 21.41 12.43 -47.74
CA LYS D 355 22.11 13.65 -48.15
C LYS D 355 23.35 13.32 -48.96
N ARG D 356 24.07 12.26 -48.57
CA ARG D 356 25.24 11.86 -49.34
C ARG D 356 24.84 11.21 -50.66
N LEU D 357 23.78 10.39 -50.64
CA LEU D 357 23.36 9.69 -51.85
C LEU D 357 22.88 10.65 -52.91
N ILE D 358 22.26 11.77 -52.51
CA ILE D 358 21.83 12.76 -53.49
C ILE D 358 23.02 13.37 -54.20
N ASP D 359 24.12 13.58 -53.47
CA ASP D 359 25.30 14.20 -54.06
C ASP D 359 25.77 13.44 -55.29
N LEU D 360 26.13 12.17 -55.11
CA LEU D 360 26.58 11.34 -56.23
C LEU D 360 25.53 11.31 -57.35
N GLY D 361 24.25 11.29 -56.98
CA GLY D 361 23.20 11.08 -57.95
C GLY D 361 23.06 9.60 -58.23
N ALA D 362 21.84 9.08 -58.19
CA ALA D 362 21.62 7.65 -58.31
C ALA D 362 20.26 7.42 -58.93
N PRO D 363 19.94 6.18 -59.30
CA PRO D 363 18.63 5.89 -59.87
C PRO D 363 17.52 6.24 -58.88
N GLU D 364 16.41 6.75 -59.43
CA GLU D 364 15.27 7.12 -58.60
C GLU D 364 14.85 5.98 -57.67
N ILE D 365 15.10 4.73 -58.08
CA ILE D 365 14.63 3.59 -57.31
C ILE D 365 15.24 3.59 -55.93
N ILE D 366 16.45 4.13 -55.80
CA ILE D 366 17.16 4.08 -54.53
C ILE D 366 16.77 5.28 -53.68
N VAL D 367 16.71 6.45 -54.30
CA VAL D 367 16.41 7.67 -53.56
C VAL D 367 15.02 7.60 -52.96
N ASN D 368 14.07 7.01 -53.71
CA ASN D 368 12.71 6.89 -53.18
C ASN D 368 12.67 5.94 -51.98
N ASN D 369 13.34 4.80 -52.08
CA ASN D 369 13.42 3.90 -50.93
C ASN D 369 14.06 4.60 -49.74
N GLU D 370 15.07 5.42 -49.98
CA GLU D 370 15.72 6.15 -48.89
C GLU D 370 14.76 7.14 -48.25
N LYS D 371 14.01 7.89 -49.05
CA LYS D 371 13.06 8.83 -48.49
C LYS D 371 11.96 8.11 -47.71
N ARG D 372 11.52 6.95 -48.20
CA ARG D 372 10.54 6.18 -47.44
C ARG D 372 11.12 5.71 -46.11
N MET D 373 12.37 5.27 -46.11
CA MET D 373 13.01 4.87 -44.87
C MET D 373 13.08 6.04 -43.89
N LEU D 374 13.42 7.23 -44.40
CA LEU D 374 13.48 8.41 -43.52
C LEU D 374 12.11 8.74 -42.96
N GLN D 375 11.07 8.67 -43.79
CA GLN D 375 9.71 8.91 -43.32
C GLN D 375 9.34 7.93 -42.22
N GLU D 376 9.61 6.65 -42.44
CA GLU D 376 9.30 5.65 -41.42
C GLU D 376 10.10 5.87 -40.15
N SER D 377 11.34 6.34 -40.27
CA SER D 377 12.15 6.63 -39.09
C SER D 377 11.54 7.76 -38.28
N VAL D 378 11.16 8.85 -38.95
CA VAL D 378 10.53 9.96 -38.23
C VAL D 378 9.23 9.51 -37.59
N ASP D 379 8.44 8.71 -38.30
CA ASP D 379 7.19 8.20 -37.73
C ASP D 379 7.45 7.36 -36.48
N ALA D 380 8.47 6.49 -36.54
CA ALA D 380 8.82 5.71 -35.35
C ALA D 380 9.33 6.60 -34.23
N LEU D 381 9.90 7.75 -34.58
CA LEU D 381 10.36 8.68 -33.56
C LEU D 381 9.18 9.32 -32.83
N PHE D 382 8.30 10.00 -33.57
CA PHE D 382 7.26 10.78 -32.91
C PHE D 382 6.24 9.87 -32.22
N ASP D 383 5.89 8.74 -32.84
CA ASP D 383 4.89 7.85 -32.24
C ASP D 383 5.20 6.43 -32.72
N ASN D 384 5.90 5.67 -31.87
CA ASN D 384 6.29 4.32 -32.25
C ASN D 384 5.07 3.39 -32.20
N GLY D 385 4.99 2.49 -33.18
CA GLY D 385 3.94 1.51 -33.23
C GLY D 385 2.66 1.97 -33.89
N ARG D 386 2.60 3.19 -34.40
CA ARG D 386 1.39 3.67 -35.06
C ARG D 386 1.24 3.08 -36.45
N ARG D 387 2.25 3.23 -37.29
CA ARG D 387 2.21 2.74 -38.67
C ARG D 387 3.24 1.63 -38.80
N GLY D 388 2.77 0.40 -39.03
CA GLY D 388 3.65 -0.73 -39.17
C GLY D 388 3.85 -1.50 -37.88
N ARG D 389 5.04 -2.10 -37.74
CA ARG D 389 5.40 -2.82 -36.52
C ARG D 389 6.46 -2.03 -35.76
N PRO D 390 6.31 -1.85 -34.46
CA PRO D 390 7.17 -0.90 -33.75
C PRO D 390 8.62 -1.35 -33.74
N VAL D 391 9.52 -0.39 -33.92
CA VAL D 391 10.95 -0.67 -33.80
C VAL D 391 11.22 -1.23 -32.40
N THR D 392 12.03 -2.28 -32.34
CA THR D 392 12.31 -2.97 -31.09
C THR D 392 13.83 -3.16 -30.94
N GLY D 393 14.27 -3.07 -29.69
CA GLY D 393 15.67 -3.26 -29.37
C GLY D 393 15.94 -4.64 -28.82
N PRO D 394 17.09 -4.84 -28.20
CA PRO D 394 17.44 -6.15 -27.66
C PRO D 394 16.35 -6.67 -26.73
N GLY D 395 15.87 -7.88 -27.01
CA GLY D 395 14.77 -8.46 -26.28
C GLY D 395 13.45 -8.45 -27.02
N ASN D 396 13.41 -7.92 -28.23
CA ASN D 396 12.18 -7.80 -29.02
C ASN D 396 11.08 -7.12 -28.21
N ARG D 397 11.39 -5.91 -27.75
CA ARG D 397 10.45 -5.06 -27.06
C ARG D 397 10.36 -3.71 -27.74
N PRO D 398 9.21 -3.06 -27.70
CA PRO D 398 9.09 -1.76 -28.37
C PRO D 398 9.78 -0.66 -27.58
N LEU D 399 10.52 0.18 -28.29
CA LEU D 399 11.20 1.31 -27.66
C LEU D 399 10.20 2.41 -27.36
N LYS D 400 10.42 3.10 -26.24
CA LYS D 400 9.53 4.17 -25.80
C LYS D 400 9.81 5.42 -26.62
N SER D 401 8.84 5.84 -27.43
CA SER D 401 9.01 6.98 -28.31
C SER D 401 8.74 8.27 -27.55
N LEU D 402 8.68 9.39 -28.27
CA LEU D 402 8.43 10.67 -27.63
C LEU D 402 7.05 10.73 -27.00
N SER D 403 6.04 10.23 -27.73
CA SER D 403 4.68 10.28 -27.21
C SER D 403 4.56 9.58 -25.86
N ASP D 404 5.38 8.56 -25.62
CA ASP D 404 5.32 7.84 -24.36
C ASP D 404 5.75 8.69 -23.17
N LEU D 405 6.27 9.89 -23.41
CA LEU D 405 6.56 10.82 -22.32
C LEU D 405 5.31 11.49 -21.78
N LEU D 406 4.20 11.43 -22.50
CA LEU D 406 2.94 12.06 -22.11
C LEU D 406 1.83 11.06 -21.85
N LYS D 407 1.76 9.99 -22.64
CA LYS D 407 0.66 9.04 -22.55
C LYS D 407 0.83 8.17 -21.30
N GLY D 408 -0.05 7.18 -21.16
CA GLY D 408 0.06 6.21 -20.09
C GLY D 408 0.08 6.79 -18.69
N LYS D 409 0.22 5.92 -17.69
CA LYS D 409 0.34 6.35 -16.29
C LYS D 409 1.76 6.76 -15.94
N GLN D 410 2.65 6.90 -16.92
CA GLN D 410 4.00 7.35 -16.71
C GLN D 410 4.28 8.73 -17.28
N GLY D 411 3.34 9.31 -18.02
CA GLY D 411 3.57 10.57 -18.68
C GLY D 411 3.59 11.74 -17.72
N ARG D 412 3.87 12.92 -18.27
CA ARG D 412 3.90 14.13 -17.46
C ARG D 412 2.51 14.51 -16.96
N PHE D 413 1.48 14.32 -17.80
CA PHE D 413 0.14 14.74 -17.42
C PHE D 413 -0.34 13.98 -16.20
N ARG D 414 -0.13 12.66 -16.16
CA ARG D 414 -0.58 11.81 -15.07
C ARG D 414 0.42 11.78 -13.91
N GLN D 415 1.30 12.75 -13.81
CA GLN D 415 2.38 12.70 -12.82
C GLN D 415 1.90 13.14 -11.44
N ASN D 416 1.50 14.41 -11.31
CA ASN D 416 1.10 14.95 -10.02
C ASN D 416 -0.18 14.34 -9.48
N LEU D 417 -0.87 13.53 -10.26
CA LEU D 417 -2.14 12.96 -9.82
C LEU D 417 -1.96 11.64 -9.08
N LEU D 418 -0.97 10.84 -9.45
CA LEU D 418 -0.78 9.51 -8.88
C LEU D 418 -0.15 9.53 -7.49
N GLY D 419 0.07 10.71 -6.92
CA GLY D 419 0.68 10.79 -5.60
C GLY D 419 2.18 10.55 -5.64
N LYS D 420 2.89 11.09 -4.65
CA LYS D 420 4.34 11.01 -4.63
C LYS D 420 4.82 11.13 -3.19
N ARG D 421 5.81 10.31 -2.82
CA ARG D 421 6.31 10.33 -1.47
C ARG D 421 7.07 11.62 -1.19
N VAL D 422 7.03 12.06 0.07
CA VAL D 422 7.54 13.38 0.45
C VAL D 422 8.54 13.23 1.59
N ASP D 423 9.19 14.34 1.92
CA ASP D 423 10.14 14.41 3.02
C ASP D 423 9.43 14.79 4.31
N TYR D 424 10.20 15.11 5.34
CA TYR D 424 9.68 15.51 6.64
C TYR D 424 8.46 14.69 7.04
N SER D 425 8.57 13.38 6.88
CA SER D 425 7.45 12.50 7.16
C SER D 425 7.95 11.26 7.90
N GLY D 426 7.03 10.61 8.59
CA GLY D 426 7.30 9.38 9.26
C GLY D 426 6.02 8.60 9.47
N ARG D 427 6.14 7.50 10.22
CA ARG D 427 4.96 6.73 10.55
C ARG D 427 5.28 5.86 11.75
N SER D 428 4.24 5.34 12.39
CA SER D 428 4.44 4.48 13.54
C SER D 428 3.10 3.93 14.01
N VAL D 429 3.17 2.93 14.90
CA VAL D 429 1.97 2.35 15.48
C VAL D 429 1.39 3.31 16.53
N ILE D 430 0.10 3.15 16.80
CA ILE D 430 -0.64 4.10 17.62
C ILE D 430 -1.17 3.40 18.86
N VAL D 431 -1.34 4.18 19.92
CA VAL D 431 -1.94 3.73 21.17
C VAL D 431 -2.92 4.80 21.64
N VAL D 432 -3.49 4.59 22.82
CA VAL D 432 -4.52 5.47 23.36
C VAL D 432 -3.88 6.42 24.37
N GLY D 433 -4.32 7.68 24.33
CA GLY D 433 -3.74 8.74 25.13
C GLY D 433 -4.75 9.34 26.09
N PRO D 434 -5.50 8.49 26.79
CA PRO D 434 -6.71 8.97 27.48
C PRO D 434 -6.53 10.20 28.36
N GLN D 435 -5.29 10.63 28.60
CA GLN D 435 -5.05 11.84 29.35
C GLN D 435 -4.80 13.06 28.47
N LEU D 436 -4.68 12.87 27.16
CA LEU D 436 -4.44 13.98 26.25
C LEU D 436 -5.71 14.80 26.07
N LYS D 437 -5.52 16.09 25.78
CA LYS D 437 -6.65 16.93 25.40
C LYS D 437 -7.06 16.62 23.97
N LEU D 438 -8.16 17.24 23.53
CA LEU D 438 -8.67 16.97 22.19
C LEU D 438 -7.77 17.55 21.10
N HIS D 439 -6.88 18.47 21.46
CA HIS D 439 -6.02 19.15 20.49
C HIS D 439 -4.56 18.74 20.62
N GLN D 440 -4.27 17.59 21.22
CA GLN D 440 -2.91 17.14 21.43
C GLN D 440 -2.74 15.72 20.92
N CYS D 441 -1.48 15.29 20.85
CA CYS D 441 -1.16 13.93 20.46
C CYS D 441 0.24 13.60 20.95
N GLY D 442 0.46 12.32 21.26
CA GLY D 442 1.78 11.88 21.63
C GLY D 442 2.71 11.81 20.43
N LEU D 443 4.01 11.84 20.73
CA LEU D 443 5.01 11.79 19.67
C LEU D 443 6.35 11.29 20.23
N PRO D 444 6.87 10.18 19.72
CA PRO D 444 8.12 9.64 20.27
C PRO D 444 9.26 10.63 20.08
N LYS D 445 10.02 10.84 21.15
CA LYS D 445 11.08 11.85 21.12
C LYS D 445 12.09 11.57 20.00
N LEU D 446 12.29 10.30 19.65
CA LEU D 446 13.19 9.98 18.54
C LEU D 446 12.63 10.49 17.21
N MET D 447 11.36 10.20 16.93
CA MET D 447 10.76 10.68 15.70
C MET D 447 10.67 12.21 15.69
N ALA D 448 10.37 12.81 16.84
CA ALA D 448 10.35 14.27 16.90
C ALA D 448 11.72 14.86 16.63
N LEU D 449 12.77 14.21 17.15
CA LEU D 449 14.13 14.70 16.93
C LEU D 449 14.60 14.46 15.50
N GLU D 450 14.00 13.49 14.81
CA GLU D 450 14.36 13.28 13.41
C GLU D 450 13.63 14.26 12.50
N LEU D 451 12.33 14.46 12.72
CA LEU D 451 11.56 15.38 11.89
C LEU D 451 12.10 16.80 12.00
N PHE D 452 12.34 17.27 13.23
CA PHE D 452 12.72 18.64 13.49
C PHE D 452 14.23 18.85 13.47
N LYS D 453 14.99 17.99 12.78
CA LYS D 453 16.44 18.11 12.82
C LYS D 453 16.92 19.48 12.36
N PRO D 454 16.45 20.05 11.26
CA PRO D 454 16.93 21.39 10.87
C PRO D 454 16.58 22.46 11.88
N PHE D 455 15.33 22.47 12.36
CA PHE D 455 14.92 23.50 13.31
C PHE D 455 15.77 23.45 14.58
N VAL D 456 15.98 22.27 15.13
CA VAL D 456 16.81 22.17 16.33
C VAL D 456 18.26 22.52 16.01
N MET D 457 18.74 22.11 14.84
CA MET D 457 20.09 22.45 14.42
C MET D 457 20.30 23.96 14.47
N LYS D 458 19.32 24.72 14.00
CA LYS D 458 19.40 26.18 14.10
C LYS D 458 19.28 26.63 15.55
N ARG D 459 18.19 26.23 16.22
CA ARG D 459 17.88 26.79 17.52
C ARG D 459 18.91 26.44 18.58
N LEU D 460 19.81 25.51 18.32
CA LEU D 460 20.92 25.25 19.23
C LEU D 460 22.21 25.91 18.77
N VAL D 461 22.12 26.87 17.85
CA VAL D 461 23.27 27.68 17.47
C VAL D 461 23.23 29.04 18.16
N ASP D 462 22.04 29.63 18.31
CA ASP D 462 21.93 30.89 19.05
C ASP D 462 22.51 30.75 20.44
N LEU D 463 21.90 29.90 21.26
CA LEU D 463 22.56 29.41 22.47
C LEU D 463 23.80 28.63 22.06
N ASN D 464 24.97 29.13 22.44
CA ASN D 464 26.20 28.63 21.85
C ASN D 464 26.51 27.22 22.32
N HIS D 465 25.67 26.27 21.91
CA HIS D 465 25.92 24.85 22.15
C HIS D 465 26.73 24.19 21.05
N ALA D 466 26.92 24.87 19.93
CA ALA D 466 27.74 24.36 18.83
C ALA D 466 28.42 25.53 18.13
N GLN D 467 29.65 25.29 17.68
CA GLN D 467 30.41 26.34 17.01
C GLN D 467 29.72 26.79 15.74
N ASN D 468 29.19 25.86 14.96
CA ASN D 468 28.57 26.19 13.68
C ASN D 468 27.60 25.08 13.30
N ILE D 469 26.84 25.34 12.23
CA ILE D 469 25.76 24.44 11.83
C ILE D 469 26.29 23.02 11.63
N LYS D 470 27.52 22.87 11.17
CA LYS D 470 28.06 21.53 10.98
C LYS D 470 28.24 20.81 12.31
N SER D 471 28.87 21.47 13.28
CA SER D 471 28.97 20.90 14.62
C SER D 471 27.60 20.60 15.19
N ALA D 472 26.61 21.46 14.91
CA ALA D 472 25.26 21.22 15.40
C ALA D 472 24.68 19.94 14.80
N LYS D 473 24.81 19.78 13.49
CA LYS D 473 24.32 18.57 12.84
C LYS D 473 25.00 17.34 13.42
N ARG D 474 26.32 17.40 13.63
CA ARG D 474 27.02 16.25 14.19
C ARG D 474 26.52 15.94 15.60
N MET D 475 26.38 16.98 16.43
CA MET D 475 25.90 16.78 17.80
C MET D 475 24.50 16.16 17.79
N VAL D 476 23.65 16.59 16.87
CA VAL D 476 22.29 16.05 16.81
C VAL D 476 22.32 14.59 16.36
N GLU D 477 23.15 14.28 15.36
CA GLU D 477 23.25 12.90 14.91
C GLU D 477 23.92 12.00 15.94
N ARG D 478 24.62 12.59 16.91
CA ARG D 478 25.19 11.82 18.01
C ARG D 478 24.26 11.70 19.20
N GLN D 479 23.19 12.48 19.24
CA GLN D 479 22.21 12.45 20.34
C GLN D 479 22.87 12.85 21.67
N ARG D 480 23.45 14.04 21.67
CA ARG D 480 24.02 14.58 22.89
C ARG D 480 22.93 15.06 23.83
N PRO D 481 23.24 15.21 25.12
CA PRO D 481 22.20 15.61 26.08
C PRO D 481 21.70 17.03 25.88
N GLN D 482 22.45 17.89 25.20
CA GLN D 482 22.03 19.29 25.07
C GLN D 482 20.76 19.42 24.24
N VAL D 483 20.54 18.52 23.27
CA VAL D 483 19.48 18.73 22.30
C VAL D 483 18.12 18.61 22.95
N TRP D 484 17.94 17.64 23.86
CA TRP D 484 16.63 17.39 24.43
C TRP D 484 16.02 18.63 25.07
N ASP D 485 16.87 19.58 25.49
CA ASP D 485 16.34 20.83 26.02
C ASP D 485 15.85 21.75 24.92
N VAL D 486 16.48 21.71 23.75
CA VAL D 486 16.09 22.59 22.65
C VAL D 486 14.86 22.06 21.95
N LEU D 487 14.75 20.73 21.85
CA LEU D 487 13.63 20.15 21.10
C LEU D 487 12.30 20.55 21.72
N GLU D 488 12.23 20.64 23.04
CA GLU D 488 10.98 21.06 23.67
C GLU D 488 10.66 22.52 23.36
N GLU D 489 11.68 23.33 23.09
CA GLU D 489 11.46 24.73 22.76
C GLU D 489 11.06 24.91 21.31
N VAL D 490 11.48 23.99 20.44
CA VAL D 490 11.15 24.12 19.03
C VAL D 490 9.84 23.40 18.67
N ILE D 491 9.48 22.35 19.42
CA ILE D 491 8.23 21.65 19.15
C ILE D 491 7.03 22.50 19.55
N ALA D 492 7.21 23.42 20.50
CA ALA D 492 6.09 24.18 21.04
C ALA D 492 5.29 24.85 19.92
N GLU D 493 3.99 24.58 19.92
CA GLU D 493 3.04 25.24 19.02
C GLU D 493 3.45 25.08 17.56
N HIS D 494 3.78 23.84 17.18
CA HIS D 494 4.16 23.50 15.82
C HIS D 494 3.31 22.32 15.37
N PRO D 495 2.10 22.60 14.87
CA PRO D 495 1.16 21.51 14.57
C PRO D 495 1.70 20.55 13.52
N VAL D 496 1.42 19.27 13.72
CA VAL D 496 1.79 18.22 12.78
C VAL D 496 0.52 17.58 12.25
N LEU D 497 0.58 17.09 11.01
CA LEU D 497 -0.58 16.51 10.35
C LEU D 497 -0.51 14.98 10.46
N LEU D 498 -1.47 14.39 11.15
CA LEU D 498 -1.57 12.94 11.25
C LEU D 498 -2.60 12.43 10.26
N ASN D 499 -2.30 11.28 9.64
CA ASN D 499 -3.13 10.69 8.62
C ASN D 499 -3.10 9.18 8.75
N ARG D 500 -4.20 8.54 8.36
CA ARG D 500 -4.30 7.08 8.38
C ARG D 500 -4.85 6.59 7.05
N ALA D 501 -4.15 5.66 6.43
CA ALA D 501 -4.64 5.15 5.14
C ALA D 501 -5.51 3.92 5.37
N PRO D 502 -6.61 3.78 4.60
CA PRO D 502 -7.00 4.71 3.55
C PRO D 502 -7.66 5.97 4.09
N THR D 503 -7.56 7.07 3.32
CA THR D 503 -8.14 8.35 3.71
C THR D 503 -9.43 8.54 2.91
N LEU D 504 -10.53 8.09 3.48
CA LEU D 504 -11.81 8.11 2.77
C LEU D 504 -12.35 9.53 2.68
N HIS D 505 -12.61 10.16 3.83
CA HIS D 505 -13.23 11.48 3.87
C HIS D 505 -12.27 12.50 4.45
N ARG D 506 -12.67 13.77 4.35
CA ARG D 506 -11.77 14.88 4.66
C ARG D 506 -11.38 14.95 6.13
N LEU D 507 -11.94 14.09 6.98
CA LEU D 507 -11.51 14.00 8.37
C LEU D 507 -10.46 12.92 8.59
N GLY D 508 -9.85 12.42 7.53
CA GLY D 508 -8.80 11.42 7.65
C GLY D 508 -7.43 12.01 7.91
N ILE D 509 -7.28 13.31 7.66
CA ILE D 509 -6.04 14.03 7.92
C ILE D 509 -6.36 15.16 8.88
N GLN D 510 -5.73 15.15 10.05
CA GLN D 510 -6.03 16.14 11.07
C GLN D 510 -4.75 16.69 11.68
N ALA D 511 -4.75 17.99 11.97
CA ALA D 511 -3.62 18.64 12.60
C ALA D 511 -3.72 18.52 14.12
N PHE D 512 -2.57 18.34 14.76
CA PHE D 512 -2.49 18.22 16.20
C PHE D 512 -1.34 19.07 16.73
N GLU D 513 -1.43 19.42 18.01
CA GLU D 513 -0.35 20.12 18.69
C GLU D 513 0.50 19.08 19.41
N PRO D 514 1.69 18.75 18.90
CA PRO D 514 2.44 17.63 19.47
C PRO D 514 3.04 17.96 20.83
N MET D 515 3.43 16.91 21.54
CA MET D 515 4.14 17.04 22.80
C MET D 515 4.95 15.77 23.02
N LEU D 516 6.24 15.95 23.31
CA LEU D 516 7.14 14.80 23.40
C LEU D 516 6.60 13.74 24.35
N VAL D 517 6.98 12.50 24.11
CA VAL D 517 6.50 11.37 24.90
C VAL D 517 7.53 10.26 24.80
N GLU D 518 7.77 9.59 25.93
CA GLU D 518 8.68 8.45 25.94
C GLU D 518 8.05 7.26 25.22
N GLY D 519 8.90 6.39 24.70
CA GLY D 519 8.45 5.20 24.02
C GLY D 519 8.59 5.31 22.52
N LYS D 520 7.79 4.49 21.82
CA LYS D 520 7.82 4.45 20.37
C LYS D 520 6.43 4.31 19.78
N ALA D 521 5.41 4.83 20.46
CA ALA D 521 4.05 4.81 19.97
C ALA D 521 3.51 6.22 19.87
N ILE D 522 2.71 6.47 18.84
CA ILE D 522 2.11 7.79 18.61
C ILE D 522 0.80 7.81 19.41
N GLN D 523 0.89 8.24 20.67
CA GLN D 523 -0.28 8.26 21.53
C GLN D 523 -1.37 9.13 20.90
N LEU D 524 -2.50 8.51 20.58
CA LEU D 524 -3.62 9.21 19.96
C LEU D 524 -4.73 9.44 20.99
N HIS D 525 -5.53 10.47 20.74
CA HIS D 525 -6.68 10.74 21.59
C HIS D 525 -7.81 9.76 21.27
N PRO D 526 -8.57 9.32 22.27
CA PRO D 526 -9.58 8.28 22.02
C PRO D 526 -10.79 8.78 21.25
N LEU D 527 -11.05 10.09 21.23
CA LEU D 527 -12.21 10.61 20.52
C LEU D 527 -12.00 10.72 19.02
N VAL D 528 -10.76 10.80 18.57
CA VAL D 528 -10.48 10.95 17.14
C VAL D 528 -10.33 9.57 16.51
N CYS D 529 -10.59 8.52 17.30
CA CYS D 529 -10.57 7.18 16.74
C CYS D 529 -11.75 6.91 15.81
N GLU D 530 -12.85 7.62 15.98
CA GLU D 530 -14.00 7.43 15.11
C GLU D 530 -13.80 8.10 13.76
N ALA D 531 -13.37 9.37 13.77
CA ALA D 531 -13.13 10.07 12.51
C ALA D 531 -12.10 9.34 11.66
N PHE D 532 -11.06 8.80 12.29
CA PHE D 532 -10.05 8.05 11.56
C PHE D 532 -10.46 6.62 11.26
N ASN D 533 -11.37 6.06 12.04
CA ASN D 533 -11.78 4.66 11.96
C ASN D 533 -10.69 3.72 12.45
N ALA D 534 -9.67 4.24 13.12
CA ALA D 534 -8.53 3.44 13.52
C ALA D 534 -8.82 2.69 14.82
N ASP D 535 -8.25 1.50 14.93
CA ASP D 535 -8.29 0.71 16.15
C ASP D 535 -6.87 0.36 16.53
N PHE D 536 -6.67 -0.02 17.79
CA PHE D 536 -5.34 -0.21 18.35
C PHE D 536 -4.90 -1.67 18.34
N ASP D 537 -5.33 -2.45 17.34
CA ASP D 537 -4.88 -3.82 17.19
C ASP D 537 -3.70 -3.96 16.24
N GLY D 538 -2.88 -2.92 16.13
CA GLY D 538 -1.72 -2.97 15.25
C GLY D 538 -1.76 -2.02 14.08
N ASP D 539 -2.62 -1.00 14.14
CA ASP D 539 -2.68 -0.02 13.06
C ASP D 539 -1.46 0.90 13.10
N GLN D 540 -1.25 1.61 12.01
CA GLN D 540 -0.13 2.54 11.88
C GLN D 540 -0.62 3.82 11.25
N MET D 541 -0.10 4.95 11.73
CA MET D 541 -0.45 6.27 11.24
C MET D 541 0.80 6.98 10.77
N ALA D 542 0.63 7.83 9.76
CA ALA D 542 1.71 8.62 9.19
C ALA D 542 1.64 10.06 9.68
N VAL D 543 2.80 10.66 9.89
CA VAL D 543 2.94 12.00 10.44
C VAL D 543 3.72 12.85 9.45
N HIS D 544 3.14 13.98 9.06
CA HIS D 544 3.79 14.96 8.19
C HIS D 544 3.93 16.27 8.94
N LEU D 545 4.86 17.10 8.46
CA LEU D 545 5.18 18.36 9.11
C LEU D 545 5.05 19.51 8.12
N PRO D 546 4.29 20.55 8.45
CA PRO D 546 4.23 21.73 7.59
C PRO D 546 5.38 22.68 7.89
N LEU D 547 5.83 23.38 6.85
CA LEU D 547 7.03 24.20 6.92
C LEU D 547 6.74 25.69 6.81
N SER D 548 6.09 26.12 5.73
CA SER D 548 5.91 27.54 5.50
C SER D 548 4.99 28.15 6.56
N ALA D 549 4.82 29.46 6.50
CA ALA D 549 3.91 30.13 7.43
C ALA D 549 2.46 29.87 7.07
N GLU D 550 2.13 29.94 5.78
CA GLU D 550 0.78 29.60 5.35
C GLU D 550 0.41 28.18 5.76
N ALA D 551 1.37 27.25 5.66
CA ALA D 551 1.09 25.87 6.03
C ALA D 551 0.73 25.76 7.51
N GLN D 552 1.51 26.39 8.38
CA GLN D 552 1.20 26.34 9.80
C GLN D 552 -0.10 27.04 10.13
N ALA D 553 -0.38 28.17 9.47
CA ALA D 553 -1.66 28.84 9.67
C ALA D 553 -2.82 27.95 9.30
N GLU D 554 -2.71 27.24 8.17
CA GLU D 554 -3.77 26.33 7.76
C GLU D 554 -3.90 25.16 8.72
N ALA D 555 -2.78 24.65 9.24
CA ALA D 555 -2.85 23.55 10.19
C ALA D 555 -3.47 23.99 11.50
N ARG D 556 -3.29 25.25 11.88
CA ARG D 556 -3.85 25.75 13.13
C ARG D 556 -5.31 26.21 13.00
N ILE D 557 -5.74 26.59 11.81
CA ILE D 557 -7.06 27.20 11.61
C ILE D 557 -8.03 26.22 10.94
N LEU D 558 -7.57 25.54 9.88
CA LEU D 558 -8.45 24.67 9.12
C LEU D 558 -8.45 23.23 9.62
N MET D 559 -7.28 22.62 9.75
CA MET D 559 -7.16 21.19 9.99
C MET D 559 -6.98 20.84 11.46
N LEU D 560 -7.15 21.79 12.37
CA LEU D 560 -6.99 21.49 13.78
C LEU D 560 -7.99 20.42 14.21
N SER D 561 -7.64 19.70 15.27
CA SER D 561 -8.45 18.56 15.69
C SER D 561 -9.74 19.01 16.36
N SER D 562 -9.68 20.07 17.16
CA SER D 562 -10.81 20.50 17.96
C SER D 562 -11.73 21.45 17.21
N ASN D 563 -11.50 21.65 15.91
CA ASN D 563 -12.39 22.46 15.09
C ASN D 563 -13.29 21.64 14.19
N ASN D 564 -13.10 20.32 14.14
CA ASN D 564 -13.90 19.43 13.31
C ASN D 564 -14.56 18.40 14.24
N ILE D 565 -15.70 18.77 14.80
CA ILE D 565 -16.50 17.86 15.61
C ILE D 565 -17.64 17.26 14.81
N LEU D 566 -18.26 18.05 13.94
CA LEU D 566 -19.41 17.62 13.16
C LEU D 566 -18.98 17.12 11.80
N SER D 567 -19.56 16.00 11.37
CA SER D 567 -19.20 15.42 10.09
C SER D 567 -19.67 16.32 8.95
N PRO D 568 -18.91 16.43 7.87
CA PRO D 568 -19.34 17.24 6.73
C PRO D 568 -20.44 16.61 5.90
N ALA D 569 -20.82 15.36 6.19
CA ALA D 569 -21.81 14.65 5.39
C ALA D 569 -23.21 14.79 5.95
N SER D 570 -23.39 14.67 7.27
CA SER D 570 -24.71 14.70 7.87
C SER D 570 -24.89 15.81 8.90
N GLY D 571 -23.80 16.39 9.41
CA GLY D 571 -23.89 17.44 10.41
C GLY D 571 -23.82 16.95 11.84
N ARG D 572 -24.05 15.66 12.08
CA ARG D 572 -23.95 15.12 13.42
C ARG D 572 -22.51 15.19 13.92
N PRO D 573 -22.29 14.98 15.21
CA PRO D 573 -20.93 15.05 15.75
C PRO D 573 -20.20 13.72 15.60
N LEU D 574 -18.87 13.82 15.57
CA LEU D 574 -18.00 12.67 15.48
C LEU D 574 -17.10 12.48 16.69
N ALA D 575 -16.94 13.50 17.54
CA ALA D 575 -16.23 13.37 18.80
C ALA D 575 -17.12 12.86 19.92
N MET D 576 -18.35 12.48 19.61
CA MET D 576 -19.27 12.03 20.64
C MET D 576 -18.72 10.79 21.34
N PRO D 577 -19.00 10.61 22.63
CA PRO D 577 -18.55 9.41 23.34
C PRO D 577 -18.92 8.12 22.63
N ARG D 578 -18.23 7.03 22.97
CA ARG D 578 -18.44 5.73 22.34
C ARG D 578 -18.12 4.65 23.37
N LEU D 579 -17.77 3.46 22.89
CA LEU D 579 -17.91 2.20 23.61
C LEU D 579 -17.73 2.30 25.12
N ASP D 580 -16.62 2.85 25.59
CA ASP D 580 -16.42 2.88 27.03
C ASP D 580 -17.07 4.09 27.70
N MET D 581 -16.88 5.28 27.15
CA MET D 581 -17.47 6.47 27.75
C MET D 581 -18.98 6.41 27.76
N VAL D 582 -19.57 5.62 26.86
CA VAL D 582 -21.02 5.54 26.79
C VAL D 582 -21.56 4.69 27.93
N THR D 583 -20.99 3.51 28.14
CA THR D 583 -21.47 2.72 29.26
C THR D 583 -21.05 3.33 30.59
N GLY D 584 -20.00 4.16 30.58
CA GLY D 584 -19.66 4.91 31.77
C GLY D 584 -20.74 5.90 32.15
N LEU D 585 -21.18 6.72 31.19
CA LEU D 585 -22.21 7.69 31.51
C LEU D 585 -23.55 7.00 31.75
N TYR D 586 -23.82 5.93 30.99
CA TYR D 586 -25.05 5.17 31.18
C TYR D 586 -25.16 4.64 32.60
N TYR D 587 -24.04 4.19 33.19
CA TYR D 587 -24.09 3.72 34.56
C TYR D 587 -24.04 4.87 35.56
N LEU D 588 -23.39 5.99 35.19
CA LEU D 588 -23.34 7.14 36.08
C LEU D 588 -24.69 7.82 36.23
N THR D 589 -25.58 7.68 35.24
CA THR D 589 -26.84 8.40 35.25
C THR D 589 -28.06 7.50 35.34
N THR D 590 -27.90 6.18 35.33
CA THR D 590 -29.06 5.31 35.42
C THR D 590 -29.68 5.38 36.81
N GLU D 591 -30.99 5.18 36.86
CA GLU D 591 -31.74 5.23 38.10
C GLU D 591 -32.12 3.83 38.56
N VAL D 592 -31.95 3.57 39.86
CA VAL D 592 -32.22 2.25 40.42
C VAL D 592 -33.19 2.39 41.58
N PRO D 593 -34.41 1.84 41.46
CA PRO D 593 -35.36 1.93 42.58
C PRO D 593 -34.94 1.02 43.73
N GLY D 594 -35.17 1.50 44.95
CA GLY D 594 -34.93 0.71 46.14
C GLY D 594 -33.50 0.69 46.61
N ASP D 595 -32.60 1.43 45.98
CA ASP D 595 -31.21 1.40 46.38
C ASP D 595 -31.01 2.12 47.71
N THR D 596 -29.80 2.03 48.25
CA THR D 596 -29.50 2.60 49.55
C THR D 596 -29.86 4.08 49.59
N GLY D 597 -30.19 4.56 50.79
CA GLY D 597 -30.45 5.97 50.99
C GLY D 597 -31.52 6.57 50.10
N GLU D 598 -32.35 5.72 49.47
CA GLU D 598 -33.37 6.22 48.57
C GLU D 598 -34.28 7.22 49.29
N TYR D 599 -35.13 7.88 48.51
CA TYR D 599 -36.06 8.87 49.05
C TYR D 599 -37.10 8.14 49.90
N GLN D 600 -36.91 8.17 51.21
CA GLN D 600 -37.69 7.38 52.16
C GLN D 600 -39.09 7.90 52.41
N PRO D 601 -39.36 9.21 52.23
CA PRO D 601 -40.24 9.92 53.18
C PRO D 601 -41.40 9.10 53.69
N ALA D 602 -41.45 8.92 55.01
CA ALA D 602 -42.48 8.15 55.69
C ALA D 602 -43.11 8.99 56.80
N SER D 603 -43.53 10.21 56.45
CA SER D 603 -44.10 11.13 57.43
C SER D 603 -45.12 10.42 58.30
N GLY D 604 -45.19 10.82 59.57
CA GLY D 604 -46.06 10.16 60.53
C GLY D 604 -45.31 9.78 61.78
N ASP D 605 -44.03 9.45 61.62
CA ASP D 605 -43.16 9.12 62.74
C ASP D 605 -41.82 9.83 62.69
N HIS D 606 -41.43 10.42 61.56
CA HIS D 606 -40.18 11.17 61.44
C HIS D 606 -40.18 11.93 60.12
N PRO D 607 -39.16 12.76 59.87
CA PRO D 607 -39.15 13.53 58.61
C PRO D 607 -38.82 12.67 57.40
N GLU D 608 -38.66 13.32 56.24
CA GLU D 608 -38.51 12.58 54.99
C GLU D 608 -37.27 11.70 55.03
N THR D 609 -36.12 12.27 55.38
CA THR D 609 -34.86 11.55 55.50
C THR D 609 -34.28 11.16 54.15
N GLY D 610 -34.54 11.97 53.12
CA GLY D 610 -33.95 11.71 51.82
C GLY D 610 -33.57 12.98 51.09
N VAL D 611 -33.67 14.11 51.76
CA VAL D 611 -33.35 15.41 51.19
C VAL D 611 -31.99 15.86 51.72
N TYR D 612 -31.22 16.54 50.87
CA TYR D 612 -29.88 16.99 51.23
C TYR D 612 -29.76 18.49 51.02
N SER D 613 -28.82 19.10 51.75
CA SER D 613 -28.63 20.53 51.67
C SER D 613 -28.15 20.96 50.29
N SER D 614 -27.21 20.20 49.71
CA SER D 614 -26.66 20.52 48.41
C SER D 614 -25.73 19.39 47.96
N PRO D 615 -25.30 19.39 46.69
CA PRO D 615 -24.45 18.29 46.21
C PRO D 615 -23.22 18.04 47.08
N ALA D 616 -22.72 19.05 47.79
CA ALA D 616 -21.57 18.83 48.67
C ALA D 616 -21.90 17.85 49.77
N GLU D 617 -23.01 18.07 50.48
CA GLU D 617 -23.42 17.13 51.52
C GLU D 617 -23.74 15.77 50.94
N ALA D 618 -24.31 15.74 49.73
CA ALA D 618 -24.60 14.46 49.10
C ALA D 618 -23.31 13.67 48.84
N ILE D 619 -22.28 14.35 48.34
CA ILE D 619 -21.00 13.67 48.12
C ILE D 619 -20.40 13.22 49.44
N MET D 620 -20.49 14.07 50.47
CA MET D 620 -19.96 13.68 51.78
C MET D 620 -20.65 12.44 52.32
N ALA D 621 -21.96 12.34 52.13
CA ALA D 621 -22.69 11.15 52.57
C ALA D 621 -22.52 9.97 51.64
N ALA D 622 -22.08 10.21 50.41
CA ALA D 622 -21.81 9.12 49.47
C ALA D 622 -20.43 8.52 49.69
N ASP D 623 -19.46 9.30 50.17
CA ASP D 623 -18.17 8.73 50.54
C ASP D 623 -18.34 7.65 51.60
N ARG D 624 -19.15 7.92 52.61
CA ARG D 624 -19.59 6.86 53.52
C ARG D 624 -20.45 5.86 52.77
N GLY D 625 -20.86 4.80 53.48
CA GLY D 625 -21.75 3.83 52.88
C GLY D 625 -23.20 4.22 52.87
N VAL D 626 -23.52 5.44 53.29
CA VAL D 626 -24.91 5.81 53.55
C VAL D 626 -25.71 5.89 52.25
N LEU D 627 -25.18 6.58 51.25
CA LEU D 627 -25.92 6.90 50.04
C LEU D 627 -25.31 6.20 48.83
N SER D 628 -26.16 5.70 47.95
CA SER D 628 -25.76 5.10 46.70
C SER D 628 -25.85 6.13 45.58
N VAL D 629 -24.92 6.05 44.63
CA VAL D 629 -24.81 7.05 43.58
C VAL D 629 -25.99 7.02 42.61
N ARG D 630 -26.77 5.94 42.61
CA ARG D 630 -27.85 5.75 41.65
C ARG D 630 -29.20 5.65 42.34
N ALA D 631 -29.38 6.35 43.46
CA ALA D 631 -30.61 6.27 44.24
C ALA D 631 -31.33 7.62 44.22
N LYS D 632 -32.64 7.58 43.96
CA LYS D 632 -33.44 8.79 43.89
C LYS D 632 -33.37 9.55 45.20
N ILE D 633 -33.04 10.84 45.12
CA ILE D 633 -32.99 11.73 46.29
C ILE D 633 -33.61 13.07 45.90
N LYS D 634 -33.60 14.00 46.86
CA LYS D 634 -34.09 15.37 46.65
C LYS D 634 -33.02 16.34 47.10
N VAL D 635 -32.10 16.68 46.20
CA VAL D 635 -31.07 17.66 46.49
C VAL D 635 -31.62 19.07 46.30
N ARG D 636 -30.88 20.08 46.75
CA ARG D 636 -31.23 21.48 46.55
C ARG D 636 -30.11 22.13 45.76
N LEU D 637 -30.32 22.30 44.46
CA LEU D 637 -29.28 22.85 43.59
C LEU D 637 -29.29 24.37 43.64
N THR D 638 -28.09 24.96 43.58
CA THR D 638 -27.94 26.41 43.52
C THR D 638 -26.99 26.84 42.40
N GLN D 639 -26.53 25.92 41.57
CA GLN D 639 -25.60 26.27 40.50
C GLN D 639 -25.91 25.56 39.19
N LEU D 640 -27.09 24.94 39.05
CA LEU D 640 -27.51 24.31 37.81
C LEU D 640 -28.86 24.87 37.42
N ARG D 641 -28.96 25.39 36.20
CA ARG D 641 -30.18 26.03 35.74
C ARG D 641 -31.30 25.00 35.63
N PRO D 642 -32.43 25.19 36.29
CA PRO D 642 -33.50 24.19 36.27
C PRO D 642 -34.07 24.05 34.87
N PRO D 643 -34.77 22.96 34.58
CA PRO D 643 -35.35 22.79 33.26
C PRO D 643 -36.36 23.90 32.97
N VAL D 644 -36.64 24.08 31.68
CA VAL D 644 -37.54 25.15 31.26
C VAL D 644 -38.86 25.06 32.01
N GLU D 645 -39.43 23.84 32.09
CA GLU D 645 -40.72 23.65 32.73
C GLU D 645 -40.74 24.25 34.14
N ILE D 646 -39.80 23.83 34.98
CA ILE D 646 -39.79 24.29 36.37
C ILE D 646 -39.54 25.79 36.43
N GLU D 647 -38.41 26.24 35.87
CA GLU D 647 -38.03 27.64 35.99
C GLU D 647 -39.14 28.56 35.50
N ALA D 648 -39.89 28.13 34.48
CA ALA D 648 -40.98 28.95 33.97
C ALA D 648 -41.87 29.46 35.09
N GLU D 649 -42.34 28.55 35.94
CA GLU D 649 -43.24 28.94 37.02
C GLU D 649 -42.49 29.43 38.24
N LEU D 650 -41.34 28.81 38.56
CA LEU D 650 -40.65 29.17 39.79
C LEU D 650 -40.12 30.60 39.75
N PHE D 651 -39.68 31.06 38.57
CA PHE D 651 -39.14 32.41 38.43
C PHE D 651 -39.92 33.25 37.44
N GLY D 652 -40.20 32.72 36.25
CA GLY D 652 -41.02 33.42 35.28
C GLY D 652 -40.33 34.56 34.56
N HIS D 653 -40.04 35.65 35.28
CA HIS D 653 -39.42 36.81 34.65
C HIS D 653 -38.05 36.46 34.07
N SER D 654 -37.11 36.05 34.92
CA SER D 654 -35.80 35.60 34.46
C SER D 654 -35.27 34.61 35.49
N GLY D 655 -35.49 33.33 35.25
CA GLY D 655 -35.10 32.32 36.21
C GLY D 655 -33.66 31.86 36.09
N TRP D 656 -32.74 32.81 35.96
CA TRP D 656 -31.34 32.47 35.85
C TRP D 656 -30.91 31.62 37.04
N GLN D 657 -29.77 30.93 36.89
CA GLN D 657 -29.27 30.05 37.95
C GLN D 657 -27.83 30.36 38.31
N PRO D 658 -27.49 31.63 38.58
CA PRO D 658 -26.17 31.93 39.14
C PRO D 658 -26.09 31.69 40.64
N GLY D 659 -27.13 32.08 41.37
CA GLY D 659 -27.10 31.97 42.82
C GLY D 659 -28.41 31.68 43.52
N ASP D 660 -29.40 31.15 42.81
CA ASP D 660 -30.74 30.98 43.35
C ASP D 660 -31.10 29.50 43.39
N ALA D 661 -31.55 29.04 44.56
CA ALA D 661 -31.78 27.63 44.80
C ALA D 661 -33.12 27.18 44.22
N TRP D 662 -33.20 25.88 43.91
CA TRP D 662 -34.44 25.29 43.41
C TRP D 662 -34.37 23.80 43.70
N MET D 663 -35.10 23.35 44.73
CA MET D 663 -35.06 21.94 45.10
C MET D 663 -35.59 21.08 43.97
N ALA D 664 -34.83 20.04 43.62
CA ALA D 664 -35.18 19.14 42.53
C ALA D 664 -34.96 17.71 42.98
N GLU D 665 -35.89 16.83 42.62
CA GLU D 665 -35.82 15.41 42.98
C GLU D 665 -35.21 14.65 41.82
N THR D 666 -33.99 14.16 41.99
CA THR D 666 -33.30 13.36 40.99
C THR D 666 -32.38 12.39 41.71
N THR D 667 -31.48 11.76 40.96
CA THR D 667 -30.41 11.00 41.56
C THR D 667 -29.21 11.90 41.84
N LEU D 668 -28.20 11.35 42.51
CA LEU D 668 -26.95 12.08 42.66
C LEU D 668 -26.10 12.00 41.40
N GLY D 669 -26.16 10.86 40.69
CA GLY D 669 -25.36 10.72 39.49
C GLY D 669 -25.63 11.80 38.46
N ARG D 670 -26.91 12.17 38.30
CA ARG D 670 -27.26 13.17 37.29
C ARG D 670 -26.77 14.55 37.67
N VAL D 671 -26.68 14.85 38.97
CA VAL D 671 -26.06 16.11 39.39
C VAL D 671 -24.58 16.12 39.01
N MET D 672 -23.88 15.03 39.30
CA MET D 672 -22.48 14.93 38.92
C MET D 672 -22.30 14.98 37.40
N PHE D 673 -23.31 14.55 36.66
CA PHE D 673 -23.22 14.61 35.20
C PHE D 673 -23.43 16.04 34.70
N ASN D 674 -24.52 16.68 35.11
CA ASN D 674 -24.78 18.05 34.68
C ASN D 674 -23.75 19.02 35.21
N GLU D 675 -22.96 18.63 36.20
CA GLU D 675 -21.79 19.43 36.55
C GLU D 675 -20.85 19.58 35.36
N LEU D 676 -20.91 18.66 34.39
CA LEU D 676 -19.98 18.67 33.27
C LEU D 676 -20.38 19.71 32.23
N LEU D 677 -21.65 19.71 31.82
CA LEU D 677 -22.13 20.62 30.79
C LEU D 677 -21.93 22.07 31.21
N PRO D 678 -22.04 23.02 30.29
CA PRO D 678 -21.80 24.42 30.64
C PRO D 678 -22.70 24.89 31.77
N LEU D 679 -22.41 26.10 32.25
CA LEU D 679 -23.15 26.63 33.39
C LEU D 679 -24.57 26.99 32.99
N GLY D 680 -24.74 27.65 31.84
CA GLY D 680 -26.06 28.11 31.44
C GLY D 680 -26.97 27.00 30.98
N TYR D 681 -26.41 25.96 30.35
CA TYR D 681 -27.23 24.91 29.77
C TYR D 681 -28.21 24.36 30.81
N PRO D 682 -29.47 24.15 30.45
CA PRO D 682 -30.46 23.70 31.45
C PRO D 682 -30.16 22.32 32.02
N PHE D 683 -30.97 21.91 32.99
CA PHE D 683 -30.86 20.58 33.56
C PHE D 683 -31.52 19.56 32.63
N VAL D 684 -31.05 18.32 32.69
CA VAL D 684 -31.52 17.26 31.80
C VAL D 684 -32.39 16.25 32.54
N ASN D 685 -31.82 15.54 33.51
CA ASN D 685 -32.57 14.57 34.31
C ASN D 685 -33.14 13.46 33.42
N LYS D 686 -32.25 12.80 32.69
CA LYS D 686 -32.62 11.64 31.90
C LYS D 686 -31.45 10.69 31.82
N GLN D 687 -31.73 9.39 31.97
CA GLN D 687 -30.68 8.39 31.81
C GLN D 687 -30.05 8.50 30.43
N MET D 688 -28.72 8.55 30.39
CA MET D 688 -27.99 8.99 29.21
C MET D 688 -27.69 7.80 28.30
N HIS D 689 -28.68 7.44 27.49
CA HIS D 689 -28.43 6.54 26.38
C HIS D 689 -27.51 7.24 25.37
N LYS D 690 -27.12 6.52 24.32
CA LYS D 690 -26.23 7.12 23.34
C LYS D 690 -26.95 8.18 22.50
N LYS D 691 -28.23 7.92 22.16
CA LYS D 691 -28.98 8.90 21.38
C LYS D 691 -29.15 10.21 22.15
N VAL D 692 -29.39 10.13 23.45
CA VAL D 692 -29.53 11.34 24.26
C VAL D 692 -28.23 12.14 24.25
N GLN D 693 -27.09 11.45 24.35
CA GLN D 693 -25.81 12.14 24.29
C GLN D 693 -25.59 12.78 22.93
N ALA D 694 -25.93 12.07 21.86
CA ALA D 694 -25.83 12.66 20.53
C ALA D 694 -26.66 13.93 20.43
N ALA D 695 -27.90 13.88 20.91
CA ALA D 695 -28.77 15.06 20.86
C ALA D 695 -28.17 16.20 21.67
N ILE D 696 -27.67 15.92 22.86
CA ILE D 696 -27.12 16.96 23.72
C ILE D 696 -25.90 17.59 23.07
N ILE D 697 -25.00 16.78 22.51
CA ILE D 697 -23.80 17.33 21.89
C ILE D 697 -24.16 18.13 20.65
N ASN D 698 -25.15 17.69 19.88
CA ASN D 698 -25.56 18.46 18.71
C ASN D 698 -26.18 19.79 19.13
N ASP D 699 -26.93 19.79 20.23
CA ASP D 699 -27.51 21.02 20.73
C ASP D 699 -26.41 21.99 21.17
N LEU D 700 -25.42 21.49 21.91
CA LEU D 700 -24.30 22.36 22.28
C LEU D 700 -23.58 22.86 21.04
N ALA D 701 -23.42 22.00 20.03
CA ALA D 701 -22.75 22.40 18.80
C ALA D 701 -23.56 23.44 18.02
N GLU D 702 -24.85 23.57 18.31
CA GLU D 702 -25.63 24.60 17.64
C GLU D 702 -25.68 25.89 18.43
N ARG D 703 -26.05 25.82 19.71
CA ARG D 703 -26.34 27.02 20.47
C ARG D 703 -25.08 27.69 21.02
N TYR D 704 -23.98 26.96 21.17
CA TYR D 704 -22.78 27.46 21.82
C TYR D 704 -21.62 27.56 20.83
N PRO D 705 -20.57 28.30 21.19
CA PRO D 705 -19.41 28.42 20.31
C PRO D 705 -18.67 27.09 20.15
N MET D 706 -17.59 27.10 19.36
CA MET D 706 -16.86 25.87 19.09
C MET D 706 -15.87 25.52 20.19
N ILE D 707 -15.42 26.50 20.99
CA ILE D 707 -14.42 26.20 22.01
C ILE D 707 -15.02 25.63 23.29
N VAL D 708 -16.35 25.65 23.42
CA VAL D 708 -16.98 25.05 24.59
C VAL D 708 -17.30 23.58 24.36
N VAL D 709 -17.64 23.20 23.12
CA VAL D 709 -17.99 21.81 22.82
C VAL D 709 -16.81 20.90 23.07
N ALA D 710 -15.60 21.33 22.69
CA ALA D 710 -14.42 20.49 22.87
C ALA D 710 -14.16 20.24 24.35
N GLN D 711 -14.20 21.29 25.17
CA GLN D 711 -13.96 21.11 26.60
C GLN D 711 -15.05 20.26 27.23
N THR D 712 -16.30 20.44 26.81
CA THR D 712 -17.38 19.60 27.31
C THR D 712 -17.14 18.14 26.95
N VAL D 713 -16.68 17.88 25.72
CA VAL D 713 -16.45 16.50 25.29
C VAL D 713 -15.29 15.89 26.08
N ASP D 714 -14.26 16.68 26.38
CA ASP D 714 -13.16 16.16 27.19
C ASP D 714 -13.63 15.82 28.59
N LYS D 715 -14.37 16.72 29.23
CA LYS D 715 -14.93 16.41 30.54
C LYS D 715 -15.78 15.16 30.49
N LEU D 716 -16.58 15.01 29.44
CA LEU D 716 -17.46 13.84 29.34
C LEU D 716 -16.66 12.56 29.17
N LYS D 717 -15.60 12.58 28.35
CA LYS D 717 -14.77 11.39 28.21
C LYS D 717 -14.11 11.02 29.53
N ASP D 718 -13.63 12.03 30.27
CA ASP D 718 -13.01 11.76 31.56
C ASP D 718 -13.99 11.08 32.50
N ALA D 719 -15.16 11.70 32.71
CA ALA D 719 -16.17 11.10 33.58
C ALA D 719 -16.56 9.71 33.09
N GLY D 720 -16.68 9.54 31.76
CA GLY D 720 -17.13 8.27 31.22
C GLY D 720 -16.17 7.15 31.52
N PHE D 721 -14.87 7.38 31.28
CA PHE D 721 -13.87 6.37 31.63
C PHE D 721 -13.89 6.10 33.13
N TYR D 722 -13.85 7.16 33.94
CA TYR D 722 -13.74 6.98 35.38
C TYR D 722 -14.91 6.18 35.93
N TRP D 723 -16.10 6.33 35.36
CA TRP D 723 -17.25 5.57 35.83
C TRP D 723 -17.38 4.22 35.15
N ALA D 724 -16.86 4.07 33.93
CA ALA D 724 -16.85 2.77 33.30
C ALA D 724 -15.99 1.79 34.08
N THR D 725 -14.89 2.28 34.66
CA THR D 725 -14.07 1.38 35.48
C THR D 725 -14.86 0.89 36.70
N ARG D 726 -15.54 1.80 37.39
CA ARG D 726 -16.36 1.45 38.54
C ARG D 726 -17.70 0.82 38.16
N SER D 727 -17.97 0.64 36.87
CA SER D 727 -19.26 0.13 36.45
C SER D 727 -19.44 -1.35 36.75
N GLY D 728 -18.35 -2.09 36.93
CA GLY D 728 -18.44 -3.52 37.19
C GLY D 728 -19.02 -4.29 36.02
N VAL D 729 -18.48 -4.07 34.83
CA VAL D 729 -18.95 -4.76 33.63
C VAL D 729 -17.92 -5.80 33.22
N THR D 730 -18.09 -7.02 33.71
CA THR D 730 -17.22 -8.14 33.39
C THR D 730 -17.97 -9.16 32.54
N VAL D 731 -17.25 -10.19 32.12
CA VAL D 731 -17.82 -11.24 31.28
C VAL D 731 -17.26 -12.58 31.77
N SER D 732 -18.14 -13.40 32.35
CA SER D 732 -17.79 -14.74 32.77
C SER D 732 -18.83 -15.71 32.25
N MET D 733 -18.40 -16.91 31.86
CA MET D 733 -19.33 -17.86 31.26
C MET D 733 -20.47 -18.24 32.21
N ALA D 734 -20.42 -17.80 33.46
CA ALA D 734 -21.54 -17.91 34.38
C ALA D 734 -22.52 -16.75 34.25
N ASP D 735 -22.20 -15.78 33.39
CA ASP D 735 -23.09 -14.66 33.11
C ASP D 735 -23.69 -14.72 31.71
N VAL D 736 -23.32 -15.72 30.91
CA VAL D 736 -23.92 -15.94 29.60
C VAL D 736 -25.03 -16.97 29.83
N LEU D 737 -26.21 -16.49 30.18
CA LEU D 737 -27.32 -17.38 30.49
C LEU D 737 -27.88 -18.01 29.23
N VAL D 738 -28.37 -19.24 29.38
CA VAL D 738 -29.02 -19.97 28.28
C VAL D 738 -30.52 -19.96 28.51
N PRO D 739 -31.33 -19.80 27.47
CA PRO D 739 -32.79 -19.81 27.66
C PRO D 739 -33.24 -21.03 28.44
N PRO D 740 -34.22 -20.89 29.32
CA PRO D 740 -34.58 -22.01 30.20
C PRO D 740 -35.33 -23.12 29.51
N ARG D 741 -36.10 -22.82 28.47
CA ARG D 741 -36.97 -23.79 27.82
C ARG D 741 -36.76 -23.76 26.31
N LYS D 742 -35.51 -23.80 25.89
CA LYS D 742 -35.21 -23.80 24.46
C LYS D 742 -35.53 -25.16 23.84
N LYS D 743 -35.28 -26.24 24.58
CA LYS D 743 -35.41 -27.57 24.00
C LYS D 743 -36.85 -27.86 23.58
N GLU D 744 -37.83 -27.32 24.29
CA GLU D 744 -39.22 -27.57 23.92
C GLU D 744 -39.55 -26.92 22.59
N ILE D 745 -39.13 -25.67 22.40
CA ILE D 745 -39.33 -25.01 21.11
C ILE D 745 -38.61 -25.76 20.01
N LEU D 746 -37.38 -26.22 20.29
CA LEU D 746 -36.63 -26.97 19.29
C LEU D 746 -37.34 -28.25 18.92
N ASP D 747 -37.93 -28.94 19.90
CA ASP D 747 -38.64 -30.18 19.61
C ASP D 747 -39.91 -29.92 18.81
N HIS D 748 -40.63 -28.85 19.14
CA HIS D 748 -41.80 -28.48 18.35
C HIS D 748 -41.42 -28.24 16.89
N TYR D 749 -40.46 -27.36 16.65
CA TYR D 749 -40.06 -27.10 15.28
C TYR D 749 -39.42 -28.32 14.64
N GLU D 750 -38.89 -29.25 15.44
CA GLU D 750 -38.38 -30.51 14.89
C GLU D 750 -39.52 -31.36 14.36
N GLU D 751 -40.59 -31.50 15.15
CA GLU D 751 -41.78 -32.18 14.65
C GLU D 751 -42.24 -31.54 13.35
N ARG D 752 -42.29 -30.21 13.31
CA ARG D 752 -42.74 -29.52 12.09
C ARG D 752 -41.84 -29.87 10.90
N ALA D 753 -40.53 -29.68 11.06
CA ALA D 753 -39.62 -29.90 9.94
C ALA D 753 -39.60 -31.37 9.52
N ASP D 754 -39.75 -32.29 10.48
CA ASP D 754 -39.76 -33.71 10.14
C ASP D 754 -41.01 -34.07 9.36
N LYS D 755 -42.17 -33.52 9.76
CA LYS D 755 -43.37 -33.74 8.97
C LYS D 755 -43.21 -33.17 7.57
N VAL D 756 -42.55 -32.01 7.44
CA VAL D 756 -42.32 -31.43 6.12
C VAL D 756 -41.44 -32.35 5.28
N GLU D 757 -40.34 -32.82 5.85
CA GLU D 757 -39.43 -33.69 5.10
C GLU D 757 -40.09 -35.01 4.75
N LYS D 758 -41.00 -35.51 5.60
CA LYS D 758 -41.71 -36.73 5.28
C LYS D 758 -42.70 -36.50 4.15
N GLN D 759 -43.40 -35.37 4.16
CA GLN D 759 -44.24 -34.99 3.03
C GLN D 759 -43.43 -34.98 1.75
N PHE D 760 -42.24 -34.37 1.79
CA PHE D 760 -41.38 -34.35 0.61
C PHE D 760 -41.03 -35.76 0.15
N GLN D 761 -40.45 -36.56 1.06
CA GLN D 761 -40.07 -37.93 0.72
C GLN D 761 -41.24 -38.70 0.12
N ARG D 762 -42.46 -38.43 0.60
CA ARG D 762 -43.63 -39.12 0.06
C ARG D 762 -43.83 -38.80 -1.42
N GLY D 763 -43.62 -37.54 -1.80
CA GLY D 763 -43.80 -37.13 -3.18
C GLY D 763 -44.79 -36.00 -3.35
N ALA D 764 -45.19 -35.37 -2.25
CA ALA D 764 -46.17 -34.29 -2.33
C ALA D 764 -45.55 -33.02 -2.88
N LEU D 765 -44.37 -32.64 -2.39
CA LEU D 765 -43.69 -31.42 -2.80
C LEU D 765 -42.29 -31.74 -3.30
N ASN D 766 -41.89 -31.08 -4.38
CA ASN D 766 -40.58 -31.32 -4.96
C ASN D 766 -39.49 -30.78 -4.05
N HIS D 767 -38.24 -30.91 -4.52
CA HIS D 767 -37.08 -30.56 -3.69
C HIS D 767 -37.16 -29.11 -3.21
N ASP D 768 -37.11 -28.17 -4.15
CA ASP D 768 -37.10 -26.75 -3.80
C ASP D 768 -38.23 -26.40 -2.83
N GLU D 769 -39.41 -26.99 -3.03
CA GLU D 769 -40.53 -26.71 -2.14
C GLU D 769 -40.18 -27.05 -0.69
N ARG D 770 -39.70 -28.27 -0.46
CA ARG D 770 -39.36 -28.68 0.90
C ARG D 770 -38.19 -27.88 1.45
N ASN D 771 -37.23 -27.56 0.60
CA ASN D 771 -36.11 -26.73 1.03
C ASN D 771 -36.60 -25.39 1.57
N GLU D 772 -37.45 -24.70 0.79
CA GLU D 772 -37.94 -23.40 1.23
C GLU D 772 -38.83 -23.53 2.46
N ALA D 773 -39.63 -24.59 2.54
CA ALA D 773 -40.48 -24.77 3.72
C ALA D 773 -39.63 -24.96 4.96
N LEU D 774 -38.55 -25.74 4.85
CA LEU D 774 -37.65 -25.94 5.99
C LEU D 774 -36.96 -24.64 6.37
N VAL D 775 -36.49 -23.87 5.39
CA VAL D 775 -35.91 -22.57 5.68
C VAL D 775 -36.90 -21.70 6.46
N GLU D 776 -38.14 -21.65 6.01
CA GLU D 776 -39.14 -20.83 6.69
C GLU D 776 -39.37 -21.31 8.12
N ILE D 777 -39.51 -22.62 8.30
CA ILE D 777 -39.74 -23.16 9.64
C ILE D 777 -38.58 -22.80 10.55
N TRP D 778 -37.36 -22.93 10.06
CA TRP D 778 -36.22 -22.72 10.95
C TRP D 778 -36.04 -21.24 11.22
N LYS D 779 -36.42 -20.37 10.28
CA LYS D 779 -36.40 -18.94 10.57
C LYS D 779 -37.37 -18.63 11.70
N GLU D 780 -38.57 -19.24 11.65
CA GLU D 780 -39.52 -19.05 12.75
C GLU D 780 -38.95 -19.53 14.07
N ALA D 781 -38.29 -20.69 14.06
CA ALA D 781 -37.72 -21.21 15.29
C ALA D 781 -36.62 -20.30 15.83
N THR D 782 -35.76 -19.82 14.94
CA THR D 782 -34.71 -18.88 15.35
C THR D 782 -35.32 -17.65 16.00
N ASP D 783 -36.33 -17.05 15.36
CA ASP D 783 -36.90 -15.84 15.93
C ASP D 783 -37.57 -16.11 17.28
N GLU D 784 -38.26 -17.24 17.41
CA GLU D 784 -38.95 -17.53 18.66
C GLU D 784 -37.96 -17.80 19.79
N VAL D 785 -36.83 -18.45 19.47
CA VAL D 785 -35.82 -18.69 20.49
C VAL D 785 -35.13 -17.39 20.87
N GLY D 786 -34.92 -16.50 19.89
CA GLY D 786 -34.35 -15.20 20.21
C GLY D 786 -35.26 -14.41 21.14
N GLN D 787 -36.58 -14.43 20.86
CA GLN D 787 -37.51 -13.74 21.74
C GLN D 787 -37.51 -14.34 23.13
N ALA D 788 -37.46 -15.67 23.23
CA ALA D 788 -37.40 -16.29 24.56
C ALA D 788 -36.12 -15.88 25.30
N LEU D 789 -34.99 -15.90 24.61
CA LEU D 789 -33.74 -15.45 25.21
C LEU D 789 -33.88 -14.02 25.74
N ARG D 790 -34.32 -13.10 24.89
CA ARG D 790 -34.45 -11.72 25.31
C ARG D 790 -35.39 -11.58 26.51
N GLU D 791 -36.43 -12.42 26.56
CA GLU D 791 -37.33 -12.37 27.70
C GLU D 791 -36.65 -12.86 28.97
N HIS D 792 -35.75 -13.84 28.85
CA HIS D 792 -35.17 -14.45 30.05
C HIS D 792 -34.15 -13.53 30.72
N TYR D 793 -33.40 -12.75 29.92
CA TYR D 793 -32.29 -12.00 30.48
C TYR D 793 -32.78 -10.90 31.43
N PRO D 794 -32.09 -10.68 32.55
CA PRO D 794 -32.37 -9.51 33.37
C PRO D 794 -31.83 -8.24 32.72
N ASP D 795 -32.36 -7.11 33.16
CA ASP D 795 -32.00 -5.83 32.57
C ASP D 795 -30.65 -5.31 33.04
N ASP D 796 -30.02 -5.95 34.02
CA ASP D 796 -28.72 -5.52 34.52
C ASP D 796 -27.60 -6.49 34.16
N ASN D 797 -27.89 -7.54 33.40
CA ASN D 797 -26.86 -8.48 33.02
C ASN D 797 -25.80 -7.78 32.17
N PRO D 798 -24.51 -7.92 32.49
CA PRO D 798 -23.49 -7.17 31.73
C PRO D 798 -23.56 -7.40 30.23
N ILE D 799 -23.71 -8.65 29.80
CA ILE D 799 -23.72 -8.94 28.36
C ILE D 799 -24.90 -8.28 27.67
N ILE D 800 -25.93 -7.90 28.42
CA ILE D 800 -27.12 -7.29 27.84
C ILE D 800 -27.15 -5.78 28.07
N THR D 801 -26.40 -5.26 29.05
CA THR D 801 -26.32 -3.83 29.26
C THR D 801 -25.32 -3.17 28.33
N ILE D 802 -24.26 -3.90 27.93
CA ILE D 802 -23.30 -3.34 26.98
C ILE D 802 -23.98 -3.00 25.66
N VAL D 803 -25.09 -3.68 25.36
CA VAL D 803 -25.81 -3.43 24.11
C VAL D 803 -26.93 -2.43 24.30
N ASP D 804 -27.69 -2.57 25.40
CA ASP D 804 -28.84 -1.70 25.61
C ASP D 804 -28.44 -0.22 25.59
N SER D 805 -27.22 0.09 26.02
CA SER D 805 -26.75 1.48 26.08
C SER D 805 -26.05 1.91 24.79
N GLY D 806 -26.39 1.28 23.66
CA GLY D 806 -25.84 1.67 22.37
C GLY D 806 -24.33 1.70 22.31
N ALA D 807 -23.68 1.20 23.37
CA ALA D 807 -22.22 1.23 23.41
C ALA D 807 -21.61 0.53 22.21
N THR D 808 -22.10 -0.67 21.90
CA THR D 808 -21.53 -1.46 20.81
C THR D 808 -22.38 -2.71 20.62
N GLY D 809 -22.17 -3.35 19.47
CA GLY D 809 -22.86 -4.59 19.16
C GLY D 809 -24.36 -4.42 19.02
N ASN D 810 -25.03 -5.55 18.80
CA ASN D 810 -26.47 -5.58 18.62
C ASN D 810 -27.01 -6.90 19.15
N PHE D 811 -28.33 -7.03 19.16
CA PHE D 811 -28.95 -8.18 19.80
C PHE D 811 -28.65 -9.48 19.05
N THR D 812 -28.65 -9.43 17.72
CA THR D 812 -28.44 -10.64 16.93
C THR D 812 -27.19 -11.38 17.40
N GLN D 813 -26.08 -10.67 17.54
CA GLN D 813 -24.85 -11.29 18.04
C GLN D 813 -25.11 -12.06 19.33
N THR D 814 -25.74 -11.40 20.31
CA THR D 814 -26.07 -12.09 21.55
C THR D 814 -26.90 -13.34 21.30
N ARG D 815 -27.89 -13.23 20.39
CA ARG D 815 -28.72 -14.40 20.08
C ARG D 815 -27.88 -15.53 19.52
N THR D 816 -26.80 -15.22 18.81
CA THR D 816 -25.92 -16.26 18.29
C THR D 816 -24.93 -16.75 19.33
N LEU D 817 -24.71 -15.99 20.41
CA LEU D 817 -23.83 -16.46 21.47
C LEU D 817 -24.54 -17.49 22.34
N ALA D 818 -25.62 -17.08 22.98
CA ALA D 818 -26.52 -17.99 23.69
C ALA D 818 -27.80 -18.17 22.88
N GLY D 819 -28.28 -19.40 22.81
CA GLY D 819 -29.47 -19.68 22.02
C GLY D 819 -29.20 -20.55 20.82
N MET D 820 -29.25 -19.95 19.63
CA MET D 820 -29.12 -20.71 18.39
C MET D 820 -28.39 -19.84 17.37
N LYS D 821 -27.53 -20.49 16.57
CA LYS D 821 -26.82 -19.76 15.52
C LYS D 821 -27.73 -19.40 14.37
N GLY D 822 -28.69 -20.26 14.04
CA GLY D 822 -29.65 -19.97 12.99
C GLY D 822 -29.37 -20.75 11.72
N LEU D 823 -29.48 -20.09 10.57
CA LEU D 823 -29.20 -20.69 9.28
C LEU D 823 -27.87 -20.18 8.75
N VAL D 824 -27.08 -21.08 8.17
CA VAL D 824 -25.76 -20.75 7.65
C VAL D 824 -25.84 -20.66 6.13
N THR D 825 -25.37 -19.56 5.57
CA THR D 825 -25.37 -19.38 4.13
C THR D 825 -24.40 -20.36 3.47
N ASN D 826 -24.66 -20.64 2.20
CA ASN D 826 -23.81 -21.52 1.40
C ASN D 826 -22.71 -20.70 0.74
N PRO D 827 -21.79 -21.33 0.00
CA PRO D 827 -20.78 -20.53 -0.70
C PRO D 827 -21.38 -19.72 -1.83
N LYS D 828 -22.35 -20.29 -2.55
CA LYS D 828 -22.99 -19.56 -3.64
C LYS D 828 -23.89 -18.45 -3.10
N GLY D 829 -24.62 -18.71 -2.03
CA GLY D 829 -25.48 -17.70 -1.44
C GLY D 829 -26.78 -18.25 -0.89
N GLU D 830 -27.10 -19.50 -1.21
CA GLU D 830 -28.33 -20.11 -0.72
C GLU D 830 -28.16 -20.61 0.71
N PHE D 831 -29.26 -20.60 1.45
CA PHE D 831 -29.25 -21.06 2.83
C PHE D 831 -29.11 -22.57 2.90
N ILE D 832 -28.71 -23.05 4.07
CA ILE D 832 -28.59 -24.49 4.34
C ILE D 832 -29.78 -24.91 5.17
N PRO D 833 -30.49 -25.98 4.80
CA PRO D 833 -31.69 -26.39 5.54
C PRO D 833 -31.41 -27.20 6.79
N ARG D 834 -30.18 -27.17 7.31
CA ARG D 834 -29.85 -28.06 8.41
C ARG D 834 -30.78 -27.81 9.61
N PRO D 835 -30.67 -26.67 10.30
CA PRO D 835 -29.64 -25.65 10.33
C PRO D 835 -28.75 -25.80 11.56
N VAL D 836 -27.85 -24.85 11.78
CA VAL D 836 -26.98 -24.89 12.97
C VAL D 836 -27.83 -24.58 14.20
N LYS D 837 -27.89 -25.54 15.12
CA LYS D 837 -28.74 -25.42 16.30
C LYS D 837 -28.00 -24.89 17.51
N SER D 838 -26.88 -25.50 17.88
CA SER D 838 -26.19 -25.11 19.10
C SER D 838 -25.73 -23.66 19.02
N SER D 839 -25.29 -23.13 20.15
CA SER D 839 -24.83 -21.76 20.26
C SER D 839 -23.38 -21.74 20.71
N PHE D 840 -22.69 -20.64 20.38
CA PHE D 840 -21.26 -20.55 20.65
C PHE D 840 -20.92 -20.65 22.13
N ARG D 841 -21.92 -20.68 23.02
CA ARG D 841 -21.67 -20.87 24.44
C ARG D 841 -21.89 -22.31 24.89
N GLU D 842 -22.51 -23.14 24.04
CA GLU D 842 -22.62 -24.57 24.30
C GLU D 842 -21.60 -25.39 23.53
N GLY D 843 -20.97 -24.80 22.52
CA GLY D 843 -19.99 -25.51 21.71
C GLY D 843 -20.64 -26.22 20.55
N LEU D 844 -20.25 -25.85 19.32
CA LEU D 844 -20.82 -26.49 18.15
C LEU D 844 -20.21 -27.88 17.94
N THR D 845 -20.84 -28.65 17.07
CA THR D 845 -20.33 -29.94 16.69
C THR D 845 -19.31 -29.78 15.55
N VAL D 846 -18.91 -30.89 14.94
CA VAL D 846 -17.94 -30.84 13.86
C VAL D 846 -18.59 -30.38 12.57
N LEU D 847 -19.67 -31.05 12.16
CA LEU D 847 -20.34 -30.71 10.91
C LEU D 847 -20.91 -29.30 10.94
N GLU D 848 -21.46 -28.87 12.08
CA GLU D 848 -21.96 -27.50 12.19
C GLU D 848 -20.84 -26.49 11.95
N TYR D 849 -19.68 -26.73 12.54
CA TYR D 849 -18.55 -25.82 12.39
C TYR D 849 -18.06 -25.80 10.95
N PHE D 850 -17.95 -26.98 10.34
CA PHE D 850 -17.50 -27.05 8.95
C PHE D 850 -18.49 -26.37 8.02
N ILE D 851 -19.78 -26.43 8.31
CA ILE D 851 -20.75 -25.74 7.48
C ILE D 851 -20.67 -24.24 7.70
N ASN D 852 -20.38 -23.81 8.94
CA ASN D 852 -20.34 -22.39 9.23
C ASN D 852 -19.14 -21.73 8.56
N THR D 853 -18.01 -22.46 8.47
CA THR D 853 -16.82 -21.87 7.87
C THR D 853 -17.13 -21.30 6.49
N HIS D 854 -18.12 -21.85 5.79
CA HIS D 854 -18.44 -21.37 4.45
C HIS D 854 -18.72 -19.88 4.49
N GLY D 855 -19.80 -19.51 5.19
CA GLY D 855 -20.17 -18.12 5.30
C GLY D 855 -19.08 -17.30 5.97
N ALA D 856 -18.39 -17.90 6.94
CA ALA D 856 -17.34 -17.16 7.64
C ALA D 856 -16.26 -16.67 6.68
N ARG D 857 -15.88 -17.51 5.71
CA ARG D 857 -14.86 -17.11 4.75
C ARG D 857 -15.44 -16.24 3.64
N LYS D 858 -16.66 -16.55 3.20
CA LYS D 858 -17.29 -15.77 2.14
C LYS D 858 -17.46 -14.32 2.57
N GLY D 859 -17.83 -14.09 3.83
CA GLY D 859 -17.96 -12.72 4.30
C GLY D 859 -16.65 -11.95 4.27
N LEU D 860 -15.55 -12.61 4.66
CA LEU D 860 -14.25 -11.97 4.59
C LEU D 860 -13.89 -11.60 3.15
N ALA D 861 -14.06 -12.56 2.23
CA ALA D 861 -13.75 -12.28 0.83
C ALA D 861 -14.60 -11.13 0.30
N ASP D 862 -15.89 -11.13 0.62
CA ASP D 862 -16.77 -10.08 0.11
C ASP D 862 -16.42 -8.73 0.71
N THR D 863 -16.02 -8.71 1.99
CA THR D 863 -15.60 -7.45 2.60
C THR D 863 -14.37 -6.90 1.91
N ALA D 864 -13.39 -7.77 1.65
CA ALA D 864 -12.21 -7.34 0.89
C ALA D 864 -12.62 -6.74 -0.44
N LEU D 865 -13.42 -7.47 -1.22
CA LEU D 865 -13.80 -7.01 -2.54
C LEU D 865 -14.53 -5.68 -2.48
N ARG D 866 -15.47 -5.55 -1.53
CA ARG D 866 -16.30 -4.34 -1.45
C ARG D 866 -15.46 -3.13 -1.03
N THR D 867 -14.60 -3.30 -0.03
CA THR D 867 -13.73 -2.19 0.35
C THR D 867 -12.80 -1.81 -0.78
N ALA D 868 -12.39 -2.79 -1.61
CA ALA D 868 -11.52 -2.46 -2.73
C ALA D 868 -12.27 -1.74 -3.83
N ASP D 869 -13.55 -2.07 -4.04
CA ASP D 869 -14.32 -1.51 -5.15
C ASP D 869 -15.04 -0.22 -4.82
N SER D 870 -15.17 0.15 -3.54
CA SER D 870 -15.74 1.44 -3.20
C SER D 870 -14.81 2.58 -3.60
N GLY D 871 -13.50 2.32 -3.59
CA GLY D 871 -12.54 3.33 -4.01
C GLY D 871 -12.78 3.82 -5.42
N TYR D 872 -13.11 2.90 -6.33
CA TYR D 872 -13.36 3.30 -7.72
C TYR D 872 -14.56 4.21 -7.84
N LEU D 873 -15.64 3.89 -7.12
CA LEU D 873 -16.81 4.76 -7.12
C LEU D 873 -16.45 6.14 -6.59
N THR D 874 -15.76 6.20 -5.46
CA THR D 874 -15.34 7.50 -4.93
C THR D 874 -14.47 8.24 -5.94
N ARG D 875 -13.62 7.51 -6.65
CA ARG D 875 -12.71 8.12 -7.61
C ARG D 875 -13.47 8.77 -8.75
N ARG D 876 -14.43 8.05 -9.32
CA ARG D 876 -15.23 8.63 -10.40
C ARG D 876 -16.06 9.80 -9.90
N LEU D 877 -16.65 9.68 -8.71
CA LEU D 877 -17.42 10.79 -8.16
C LEU D 877 -16.56 12.04 -8.03
N VAL D 878 -15.32 11.88 -7.55
CA VAL D 878 -14.45 13.04 -7.39
C VAL D 878 -14.01 13.56 -8.75
N ASP D 879 -13.82 12.68 -9.73
CA ASP D 879 -13.36 13.11 -11.04
C ASP D 879 -14.45 13.82 -11.82
N VAL D 880 -15.72 13.57 -11.51
CA VAL D 880 -16.81 14.22 -12.24
C VAL D 880 -17.17 15.58 -11.66
N SER D 881 -17.03 15.75 -10.35
CA SER D 881 -17.57 16.93 -9.67
C SER D 881 -16.47 17.74 -8.99
N GLN D 882 -15.37 17.98 -9.68
CA GLN D 882 -14.27 18.75 -9.13
C GLN D 882 -14.36 20.23 -9.48
N ASP D 883 -15.17 20.60 -10.47
CA ASP D 883 -15.29 21.99 -10.89
C ASP D 883 -16.35 22.77 -10.12
N VAL D 884 -17.01 22.13 -9.16
CA VAL D 884 -18.09 22.76 -8.39
C VAL D 884 -17.46 23.37 -7.15
N ILE D 885 -17.26 24.69 -7.16
CA ILE D 885 -16.76 25.42 -6.01
C ILE D 885 -17.56 26.71 -5.86
N VAL D 886 -17.84 27.08 -4.61
CA VAL D 886 -18.60 28.30 -4.36
C VAL D 886 -17.90 29.49 -5.00
N ARG D 887 -18.65 30.28 -5.75
CA ARG D 887 -18.09 31.36 -6.56
C ARG D 887 -18.52 32.74 -6.07
N GLU D 888 -19.83 32.97 -5.98
CA GLU D 888 -20.35 34.27 -5.57
C GLU D 888 -21.25 34.09 -4.36
N HIS D 889 -21.55 35.22 -3.69
CA HIS D 889 -22.32 35.15 -2.45
C HIS D 889 -23.76 34.78 -2.69
N ASP D 890 -24.35 35.20 -3.82
CA ASP D 890 -25.74 34.90 -4.10
C ASP D 890 -26.01 35.14 -5.58
N CYS D 891 -26.46 34.10 -6.29
CA CYS D 891 -26.86 34.28 -7.68
C CYS D 891 -28.13 35.11 -7.81
N GLN D 892 -28.88 35.27 -6.72
CA GLN D 892 -30.04 36.17 -6.70
C GLN D 892 -31.11 35.72 -7.69
N THR D 893 -31.31 34.41 -7.81
CA THR D 893 -32.34 33.87 -8.68
C THR D 893 -33.64 33.67 -7.88
N GLU D 894 -34.61 33.00 -8.47
CA GLU D 894 -35.88 32.75 -7.79
C GLU D 894 -36.30 31.29 -7.88
N ARG D 895 -35.90 30.61 -8.95
CA ARG D 895 -36.24 29.21 -9.12
C ARG D 895 -35.84 28.41 -7.89
N GLY D 896 -36.60 27.35 -7.60
CA GLY D 896 -36.32 26.53 -6.44
C GLY D 896 -37.19 25.30 -6.34
N ILE D 897 -36.66 24.26 -5.69
CA ILE D 897 -37.38 23.01 -5.47
C ILE D 897 -38.29 23.15 -4.26
N VAL D 898 -39.18 22.18 -4.06
CA VAL D 898 -40.10 22.17 -2.92
C VAL D 898 -39.93 20.85 -2.18
N VAL D 899 -40.19 20.89 -0.87
CA VAL D 899 -40.03 19.74 0.00
C VAL D 899 -41.37 19.47 0.70
N GLU D 900 -41.44 18.31 1.36
CA GLU D 900 -42.70 17.86 1.94
C GLU D 900 -42.94 18.53 3.29
N LEU D 901 -42.06 18.28 4.27
CA LEU D 901 -42.20 18.85 5.60
C LEU D 901 -43.51 18.40 6.26
N ALA D 902 -43.56 17.11 6.60
CA ALA D 902 -44.65 16.56 7.39
C ALA D 902 -45.99 16.66 6.66
N GLU D 903 -46.11 15.85 5.60
CA GLU D 903 -47.37 15.68 4.91
C GLU D 903 -48.52 15.63 5.90
N ARG D 904 -49.61 16.33 5.58
CA ARG D 904 -50.78 16.38 6.44
C ARG D 904 -51.25 14.98 6.82
N ALA D 905 -52.32 14.90 7.60
CA ALA D 905 -52.87 13.62 8.02
C ALA D 905 -54.35 13.76 8.41
N PRO D 906 -55.09 12.65 8.33
CA PRO D 906 -56.52 12.63 8.68
C PRO D 906 -56.78 13.22 10.05
N ASP D 907 -56.28 12.56 11.09
CA ASP D 907 -56.47 13.02 12.45
C ASP D 907 -55.16 13.54 13.05
N GLY D 908 -54.08 13.41 12.28
CA GLY D 908 -52.77 13.86 12.72
C GLY D 908 -52.50 15.31 12.36
N THR D 909 -53.38 15.88 11.53
CA THR D 909 -53.26 17.27 11.09
C THR D 909 -51.87 17.59 10.56
N LEU D 910 -50.88 16.79 10.98
CA LEU D 910 -49.50 16.99 10.55
C LEU D 910 -48.45 16.33 11.38
N ILE D 911 -47.94 15.25 10.86
CA ILE D 911 -46.87 14.43 11.43
C ILE D 911 -45.62 14.64 10.60
N ARG D 912 -44.49 14.86 11.27
CA ARG D 912 -43.25 15.18 10.58
C ARG D 912 -42.92 14.11 9.54
N ASP D 913 -42.49 14.56 8.37
CA ASP D 913 -41.93 13.65 7.40
C ASP D 913 -40.74 12.91 8.04
N PRO D 914 -40.63 11.59 7.85
CA PRO D 914 -39.57 10.85 8.56
C PRO D 914 -38.18 11.40 8.26
N TYR D 915 -37.84 11.57 6.98
CA TYR D 915 -36.53 12.06 6.59
C TYR D 915 -36.61 13.56 6.26
N ILE D 916 -36.74 14.36 7.31
CA ILE D 916 -36.76 15.81 7.17
C ILE D 916 -35.37 16.36 7.48
N GLU D 917 -34.67 15.74 8.42
CA GLU D 917 -33.36 16.26 8.80
C GLU D 917 -32.32 16.14 7.69
N THR D 918 -32.63 15.40 6.62
CA THR D 918 -31.72 15.25 5.50
C THR D 918 -32.26 15.89 4.21
N SER D 919 -33.40 16.56 4.28
CA SER D 919 -34.00 17.15 3.08
C SER D 919 -34.34 18.62 3.24
N ALA D 920 -34.73 19.05 4.44
CA ALA D 920 -35.19 20.41 4.66
C ALA D 920 -34.37 21.17 5.69
N TYR D 921 -33.31 20.57 6.22
CA TYR D 921 -32.40 21.26 7.13
C TYR D 921 -31.22 21.84 6.37
N ALA D 922 -30.65 22.91 6.93
CA ALA D 922 -29.53 23.60 6.30
C ALA D 922 -29.88 24.01 4.87
N ARG D 923 -31.05 24.62 4.72
CA ARG D 923 -31.49 25.19 3.45
C ARG D 923 -31.89 26.63 3.67
N THR D 924 -32.01 27.37 2.56
CA THR D 924 -32.43 28.77 2.61
C THR D 924 -33.69 28.94 1.75
N LEU D 925 -34.75 29.44 2.37
CA LEU D 925 -36.01 29.61 1.66
C LEU D 925 -35.83 30.51 0.45
N GLY D 926 -36.51 30.15 -0.64
CA GLY D 926 -36.42 30.92 -1.87
C GLY D 926 -37.54 31.93 -1.99
N THR D 927 -38.74 31.55 -1.58
CA THR D 927 -39.91 32.41 -1.61
C THR D 927 -40.52 32.46 -0.21
N ASP D 928 -40.90 33.65 0.23
CA ASP D 928 -41.47 33.81 1.57
C ASP D 928 -42.57 32.78 1.80
N ALA D 929 -42.52 32.14 2.96
CA ALA D 929 -43.48 31.10 3.33
C ALA D 929 -44.57 31.71 4.20
N VAL D 930 -45.83 31.39 3.88
CA VAL D 930 -46.96 31.90 4.64
C VAL D 930 -47.98 30.78 4.82
N ASP D 931 -48.68 30.83 5.95
CA ASP D 931 -49.78 29.93 6.26
C ASP D 931 -51.04 30.41 5.53
N GLU D 932 -52.20 29.91 5.94
CA GLU D 932 -53.44 30.50 5.46
C GLU D 932 -53.35 32.01 5.56
N ALA D 933 -54.12 32.71 4.71
CA ALA D 933 -53.75 34.04 4.24
C ALA D 933 -52.99 34.83 5.29
N GLY D 934 -53.56 34.99 6.47
CA GLY D 934 -52.82 35.48 7.62
C GLY D 934 -51.82 36.57 7.29
N ASN D 935 -50.55 36.30 7.54
CA ASN D 935 -49.46 37.19 7.18
C ASN D 935 -48.18 36.35 7.08
N VAL D 936 -47.04 37.04 6.97
CA VAL D 936 -45.77 36.33 6.86
C VAL D 936 -45.51 35.49 8.10
N ILE D 937 -45.03 34.26 7.89
CA ILE D 937 -44.62 33.38 8.97
C ILE D 937 -43.11 33.24 9.02
N VAL D 938 -42.46 33.12 7.86
CA VAL D 938 -41.00 33.09 7.74
C VAL D 938 -40.64 33.66 6.38
N GLU D 939 -39.71 34.61 6.36
CA GLU D 939 -39.41 35.38 5.16
C GLU D 939 -38.23 34.77 4.41
N ARG D 940 -38.15 35.12 3.13
CA ARG D 940 -37.08 34.63 2.27
C ARG D 940 -35.72 34.95 2.86
N GLY D 941 -34.82 33.98 2.82
CA GLY D 941 -33.45 34.18 3.28
C GLY D 941 -33.12 33.64 4.65
N GLN D 942 -33.94 32.73 5.20
CA GLN D 942 -33.65 32.11 6.48
C GLN D 942 -33.07 30.72 6.29
N ASP D 943 -32.43 30.21 7.35
CA ASP D 943 -31.63 28.99 7.28
C ASP D 943 -32.46 27.74 7.54
N LEU D 944 -33.74 27.86 7.88
CA LEU D 944 -34.59 26.72 8.15
C LEU D 944 -33.94 25.76 9.15
N GLY D 945 -33.62 26.30 10.32
CA GLY D 945 -33.11 25.50 11.42
C GLY D 945 -34.22 24.76 12.15
N ASP D 946 -34.03 24.60 13.45
CA ASP D 946 -35.03 23.95 14.30
C ASP D 946 -36.18 24.90 14.65
N PRO D 947 -35.88 26.10 15.15
CA PRO D 947 -36.98 27.01 15.52
C PRO D 947 -37.88 27.38 14.36
N GLU D 948 -37.30 27.73 13.21
CA GLU D 948 -38.12 28.07 12.05
C GLU D 948 -38.94 26.86 11.59
N ILE D 949 -38.36 25.67 11.65
CA ILE D 949 -39.11 24.46 11.30
C ILE D 949 -40.31 24.29 12.22
N ASP D 950 -40.08 24.45 13.52
CA ASP D 950 -41.16 24.32 14.49
C ASP D 950 -42.25 25.34 14.23
N ALA D 951 -41.87 26.59 13.98
CA ALA D 951 -42.85 27.64 13.72
C ALA D 951 -43.66 27.33 12.46
N LEU D 952 -42.98 26.95 11.38
CA LEU D 952 -43.68 26.60 10.15
C LEU D 952 -44.66 25.45 10.39
N LEU D 953 -44.21 24.40 11.06
CA LEU D 953 -45.09 23.26 11.32
C LEU D 953 -46.29 23.68 12.15
N ALA D 954 -46.09 24.58 13.12
CA ALA D 954 -47.21 25.12 13.87
C ALA D 954 -48.18 25.86 12.96
N ALA D 955 -47.65 26.63 12.01
CA ALA D 955 -48.51 27.33 11.05
C ALA D 955 -49.34 26.35 10.23
N GLY D 956 -48.86 25.11 10.07
CA GLY D 956 -49.63 24.11 9.35
C GLY D 956 -49.41 24.07 7.86
N ILE D 957 -48.22 24.43 7.38
CA ILE D 957 -47.90 24.37 5.96
C ILE D 957 -47.10 23.11 5.68
N THR D 958 -47.44 22.44 4.57
CA THR D 958 -46.78 21.20 4.18
C THR D 958 -46.01 21.34 2.87
N GLN D 959 -45.68 22.56 2.48
CA GLN D 959 -44.86 22.77 1.28
C GLN D 959 -44.13 24.10 1.42
N VAL D 960 -42.81 24.04 1.40
CA VAL D 960 -41.96 25.22 1.52
C VAL D 960 -40.94 25.17 0.39
N LYS D 961 -40.95 26.19 -0.47
CA LYS D 961 -40.04 26.23 -1.60
C LYS D 961 -38.65 26.66 -1.12
N VAL D 962 -37.66 25.80 -1.34
CA VAL D 962 -36.33 25.97 -0.80
C VAL D 962 -35.35 26.10 -1.95
N ARG D 963 -34.48 27.10 -1.87
CA ARG D 963 -33.44 27.28 -2.87
C ARG D 963 -32.42 26.14 -2.78
N SER D 964 -31.94 25.69 -3.94
CA SER D 964 -31.06 24.54 -3.99
C SER D 964 -30.09 24.70 -5.14
N VAL D 965 -28.98 23.95 -5.07
CA VAL D 965 -27.95 24.02 -6.11
C VAL D 965 -28.41 23.39 -7.42
N LEU D 966 -29.58 22.77 -7.45
CA LEU D 966 -30.10 22.23 -8.70
C LEU D 966 -30.51 23.32 -9.68
N THR D 967 -30.62 24.57 -9.23
CA THR D 967 -31.08 25.66 -10.07
C THR D 967 -30.21 26.91 -9.90
N CYS D 968 -28.98 26.75 -9.40
CA CYS D 968 -28.10 27.90 -9.24
C CYS D 968 -27.87 28.57 -10.59
N ALA D 969 -27.70 29.89 -10.56
CA ALA D 969 -27.66 30.70 -11.75
C ALA D 969 -26.25 31.09 -12.17
N THR D 970 -25.24 30.73 -11.39
CA THR D 970 -23.87 31.07 -11.75
C THR D 970 -23.39 30.21 -12.91
N SER D 971 -22.55 30.80 -13.77
CA SER D 971 -22.06 30.09 -14.94
C SER D 971 -21.25 28.87 -14.55
N THR D 972 -20.16 29.08 -13.81
CA THR D 972 -19.28 28.01 -13.37
C THR D 972 -19.20 28.02 -11.85
N GLY D 973 -19.69 26.95 -11.23
CA GLY D 973 -19.77 26.89 -9.79
C GLY D 973 -21.13 27.38 -9.27
N VAL D 974 -21.34 27.15 -7.99
CA VAL D 974 -22.60 27.51 -7.34
C VAL D 974 -22.33 28.65 -6.37
N CYS D 975 -23.41 29.31 -5.96
CA CYS D 975 -23.34 30.44 -5.03
C CYS D 975 -23.66 29.96 -3.62
N ALA D 976 -23.13 30.68 -2.64
CA ALA D 976 -23.26 30.26 -1.25
C ALA D 976 -24.72 30.21 -0.81
N THR D 977 -25.53 31.18 -1.24
CA THR D 977 -26.92 31.19 -0.84
C THR D 977 -27.69 30.02 -1.44
N CYS D 978 -27.37 29.63 -2.67
CA CYS D 978 -28.02 28.46 -3.26
C CYS D 978 -27.56 27.17 -2.58
N TYR D 979 -26.25 27.06 -2.31
CA TYR D 979 -25.74 25.84 -1.69
C TYR D 979 -26.34 25.62 -0.31
N GLY D 980 -26.71 26.69 0.39
CA GLY D 980 -27.30 26.57 1.70
C GLY D 980 -26.26 26.64 2.81
N ARG D 981 -26.55 26.01 3.94
CA ARG D 981 -25.66 26.05 5.08
C ARG D 981 -24.61 24.96 4.99
N SER D 982 -23.38 25.27 5.43
CA SER D 982 -22.35 24.25 5.55
C SER D 982 -22.71 23.25 6.63
N MET D 983 -22.23 22.03 6.46
CA MET D 983 -22.53 20.97 7.44
C MET D 983 -21.50 20.89 8.55
N ALA D 984 -20.25 21.23 8.26
CA ALA D 984 -19.20 21.14 9.27
C ALA D 984 -19.22 22.35 10.20
N THR D 985 -19.21 23.56 9.63
CA THR D 985 -19.12 24.76 10.45
C THR D 985 -20.45 25.07 11.14
N GLY D 986 -21.56 24.62 10.59
CA GLY D 986 -22.86 24.96 11.14
C GLY D 986 -23.42 26.29 10.69
N LYS D 987 -22.67 27.06 9.91
CA LYS D 987 -23.12 28.34 9.37
C LYS D 987 -23.02 28.32 7.85
N LEU D 988 -23.34 29.45 7.24
CA LEU D 988 -23.32 29.53 5.78
C LEU D 988 -21.94 29.18 5.25
N VAL D 989 -21.93 28.54 4.08
CA VAL D 989 -20.66 28.13 3.48
C VAL D 989 -19.87 29.36 3.04
N ASP D 990 -18.57 29.15 2.83
CA ASP D 990 -17.67 30.22 2.47
C ASP D 990 -17.66 30.42 0.96
N ILE D 991 -16.81 31.34 0.49
CA ILE D 991 -16.75 31.68 -0.92
C ILE D 991 -15.51 31.08 -1.59
N GLY D 992 -14.94 30.04 -0.99
CA GLY D 992 -13.81 29.35 -1.59
C GLY D 992 -13.92 27.85 -1.46
N GLU D 993 -14.93 27.37 -0.76
CA GLU D 993 -15.06 25.96 -0.48
C GLU D 993 -15.20 25.15 -1.76
N ALA D 994 -14.40 24.08 -1.87
CA ALA D 994 -14.53 23.12 -2.96
C ALA D 994 -15.62 22.13 -2.59
N VAL D 995 -16.87 22.59 -2.74
CA VAL D 995 -18.02 21.79 -2.28
C VAL D 995 -18.34 20.62 -3.19
N GLY D 996 -17.55 20.39 -4.23
CA GLY D 996 -17.76 19.23 -5.06
C GLY D 996 -17.08 17.99 -4.51
N ILE D 997 -15.82 18.15 -4.09
CA ILE D 997 -15.10 17.02 -3.54
C ILE D 997 -15.70 16.59 -2.20
N VAL D 998 -16.21 17.54 -1.42
CA VAL D 998 -16.88 17.20 -0.17
C VAL D 998 -18.10 16.33 -0.44
N ALA D 999 -18.92 16.73 -1.42
CA ALA D 999 -20.11 15.96 -1.75
C ALA D 999 -19.79 14.64 -2.43
N ALA D 1000 -18.62 14.53 -3.08
CA ALA D 1000 -18.21 13.24 -3.61
C ALA D 1000 -17.74 12.30 -2.51
N GLN D 1001 -16.92 12.81 -1.59
CA GLN D 1001 -16.40 11.97 -0.51
C GLN D 1001 -17.51 11.55 0.45
N SER D 1002 -18.47 12.44 0.71
CA SER D 1002 -19.57 12.06 1.59
C SER D 1002 -20.38 10.91 1.01
N ILE D 1003 -20.47 10.84 -0.32
CA ILE D 1003 -21.22 9.75 -0.95
C ILE D 1003 -20.36 8.49 -1.08
N GLY D 1004 -19.05 8.65 -1.23
CA GLY D 1004 -18.20 7.50 -1.44
C GLY D 1004 -17.64 6.85 -0.19
N GLU D 1005 -17.66 7.56 0.94
CA GLU D 1005 -17.03 7.01 2.14
C GLU D 1005 -17.84 5.88 2.75
N PRO D 1006 -19.13 6.02 3.02
CA PRO D 1006 -19.86 4.93 3.69
C PRO D 1006 -20.11 3.75 2.77
N GLY D 1007 -19.51 3.76 1.58
CA GLY D 1007 -19.69 2.67 0.65
C GLY D 1007 -19.30 1.32 1.20
N THR D 1008 -18.37 1.30 2.16
CA THR D 1008 -17.92 0.03 2.73
C THR D 1008 -18.99 -0.66 3.56
N GLN D 1009 -20.08 0.04 3.87
CA GLN D 1009 -21.16 -0.52 4.66
C GLN D 1009 -22.25 -1.10 3.76
N LEU D 1010 -22.12 -0.88 2.47
CA LEU D 1010 -23.10 -1.37 1.50
C LEU D 1010 -23.01 -2.90 1.36
N THR D 1011 -24.04 -3.59 1.81
CA THR D 1011 -24.07 -5.05 1.73
C THR D 1011 -24.60 -5.51 0.37
N MET D 1012 -25.85 -5.95 0.35
CA MET D 1012 -26.47 -6.44 -0.89
C MET D 1012 -26.36 -5.39 -1.99
N ILE D 1024 -32.44 -6.23 -10.91
CA ILE D 1024 -32.57 -5.62 -9.59
C ILE D 1024 -31.33 -5.90 -8.76
N THR D 1025 -30.78 -4.85 -8.15
CA THR D 1025 -29.59 -4.96 -7.32
C THR D 1025 -29.81 -4.16 -6.04
N GLY D 1026 -29.33 -4.70 -4.93
CA GLY D 1026 -29.64 -4.14 -3.63
C GLY D 1026 -28.67 -3.09 -3.11
N GLY D 1027 -27.38 -3.40 -3.14
CA GLY D 1027 -26.39 -2.58 -2.46
C GLY D 1027 -25.61 -1.68 -3.39
N LEU D 1028 -24.30 -1.60 -3.15
CA LEU D 1028 -23.44 -0.68 -3.90
C LEU D 1028 -23.64 -0.76 -5.40
N PRO D 1029 -23.73 -1.94 -6.02
CA PRO D 1029 -24.04 -1.99 -7.45
C PRO D 1029 -25.25 -1.17 -7.84
N ARG D 1030 -26.25 -1.07 -6.96
CA ARG D 1030 -27.42 -0.24 -7.26
C ARG D 1030 -27.03 1.23 -7.36
N VAL D 1031 -26.22 1.72 -6.42
CA VAL D 1031 -25.77 3.11 -6.48
C VAL D 1031 -24.93 3.34 -7.74
N GLN D 1032 -24.05 2.40 -8.06
CA GLN D 1032 -23.20 2.57 -9.24
C GLN D 1032 -24.03 2.55 -10.52
N GLU D 1033 -25.10 1.77 -10.56
CA GLU D 1033 -25.98 1.76 -11.71
C GLU D 1033 -26.84 3.02 -11.77
N LEU D 1034 -27.13 3.62 -10.62
CA LEU D 1034 -27.89 4.87 -10.62
C LEU D 1034 -27.04 6.03 -11.11
N PHE D 1035 -25.79 6.11 -10.64
CA PHE D 1035 -24.93 7.20 -11.07
C PHE D 1035 -24.39 7.01 -12.48
N GLU D 1036 -24.16 5.76 -12.88
CA GLU D 1036 -23.70 5.48 -14.24
C GLU D 1036 -24.80 5.68 -15.27
N ALA D 1037 -26.05 5.89 -14.85
CA ALA D 1037 -27.15 6.16 -15.76
C ALA D 1037 -27.35 5.01 -16.76
N ARG D 1038 -27.10 3.78 -16.33
CA ARG D 1038 -27.36 2.62 -17.16
C ARG D 1038 -28.87 2.36 -17.20
N VAL D 1039 -29.25 1.26 -17.84
CA VAL D 1039 -30.63 0.79 -17.85
C VAL D 1039 -30.75 -0.34 -16.83
N PRO D 1040 -31.58 -0.20 -15.81
CA PRO D 1040 -31.63 -1.24 -14.76
C PRO D 1040 -32.06 -2.58 -15.33
N ARG D 1041 -31.29 -3.62 -15.03
CA ARG D 1041 -31.59 -4.95 -15.55
C ARG D 1041 -33.02 -5.35 -15.19
N GLY D 1042 -33.45 -5.06 -13.97
CA GLY D 1042 -34.83 -5.26 -13.59
C GLY D 1042 -35.72 -4.17 -14.15
N LYS D 1043 -35.73 -4.03 -15.48
CA LYS D 1043 -36.44 -2.94 -16.12
C LYS D 1043 -37.92 -2.98 -15.77
N ALA D 1044 -38.49 -1.80 -15.49
CA ALA D 1044 -39.92 -1.68 -15.21
C ALA D 1044 -40.50 -0.65 -16.17
N PRO D 1045 -41.53 -1.00 -16.93
CA PRO D 1045 -42.11 -0.02 -17.86
C PRO D 1045 -42.93 1.03 -17.14
N ILE D 1046 -42.76 2.28 -17.56
CA ILE D 1046 -43.47 3.41 -16.98
C ILE D 1046 -44.57 3.85 -17.93
N ALA D 1047 -45.67 4.32 -17.37
CA ALA D 1047 -46.78 4.83 -18.18
C ALA D 1047 -46.31 6.01 -19.02
N ASP D 1048 -46.92 6.16 -20.19
CA ASP D 1048 -46.59 7.24 -21.11
C ASP D 1048 -47.68 8.28 -21.28
N VAL D 1049 -48.95 7.89 -21.15
CA VAL D 1049 -50.07 8.80 -21.35
C VAL D 1049 -51.15 8.47 -20.34
N THR D 1050 -51.84 9.50 -19.85
CA THR D 1050 -52.92 9.30 -18.90
C THR D 1050 -54.13 8.72 -19.58
N GLY D 1051 -54.90 7.94 -18.82
CA GLY D 1051 -56.11 7.33 -19.33
C GLY D 1051 -56.50 6.08 -18.58
N ARG D 1052 -56.93 5.07 -19.32
CA ARG D 1052 -57.26 3.77 -18.75
C ARG D 1052 -56.18 2.76 -19.10
N VAL D 1053 -56.30 1.55 -18.55
CA VAL D 1053 -55.33 0.49 -18.79
C VAL D 1053 -56.09 -0.79 -19.09
N ARG D 1054 -55.58 -1.55 -20.06
CA ARG D 1054 -56.14 -2.84 -20.45
C ARG D 1054 -55.05 -3.89 -20.26
N LEU D 1055 -55.31 -4.87 -19.41
CA LEU D 1055 -54.36 -5.93 -19.11
C LEU D 1055 -54.84 -7.21 -19.77
N GLU D 1056 -53.94 -7.87 -20.49
CA GLU D 1056 -54.23 -9.15 -21.13
C GLU D 1056 -53.13 -10.13 -20.75
N ASP D 1057 -53.53 -11.31 -20.29
CA ASP D 1057 -52.56 -12.38 -20.06
C ASP D 1057 -52.10 -12.92 -21.41
N GLY D 1058 -51.20 -13.90 -21.36
CA GLY D 1058 -50.65 -14.45 -22.58
C GLY D 1058 -49.69 -15.59 -22.34
N GLU D 1059 -48.57 -15.60 -23.05
CA GLU D 1059 -47.60 -16.69 -22.93
C GLU D 1059 -46.44 -16.24 -22.05
N ARG D 1060 -46.65 -16.35 -20.74
CA ARG D 1060 -45.66 -16.36 -19.68
C ARG D 1060 -45.09 -14.98 -19.32
N PHE D 1061 -45.38 -13.90 -20.03
CA PHE D 1061 -44.99 -12.59 -19.53
C PHE D 1061 -46.18 -11.65 -19.26
N TYR D 1062 -46.83 -11.11 -20.29
CA TYR D 1062 -47.89 -10.13 -20.07
C TYR D 1062 -48.35 -9.48 -21.36
N LYS D 1063 -49.34 -8.59 -21.25
CA LYS D 1063 -49.65 -7.62 -22.29
C LYS D 1063 -50.39 -6.45 -21.65
N ILE D 1064 -49.92 -5.23 -21.90
CA ILE D 1064 -50.48 -4.04 -21.25
C ILE D 1064 -50.67 -2.94 -22.28
N THR D 1065 -51.91 -2.53 -22.51
CA THR D 1065 -52.20 -1.45 -23.46
C THR D 1065 -52.88 -0.31 -22.70
N ILE D 1066 -52.20 0.82 -22.63
CA ILE D 1066 -52.74 2.02 -22.01
C ILE D 1066 -53.56 2.78 -23.05
N VAL D 1067 -54.81 3.08 -22.71
CA VAL D 1067 -55.70 3.83 -23.58
C VAL D 1067 -55.62 5.30 -23.17
N PRO D 1068 -55.27 6.21 -24.07
CA PRO D 1068 -55.04 7.60 -23.66
C PRO D 1068 -56.31 8.27 -23.18
N ASP D 1069 -56.18 9.03 -22.09
CA ASP D 1069 -57.31 9.81 -21.57
C ASP D 1069 -57.71 10.93 -22.52
N ASP D 1070 -56.95 11.17 -23.59
CA ASP D 1070 -57.23 12.27 -24.50
C ASP D 1070 -58.63 12.15 -25.08
N GLY D 1071 -58.92 11.04 -25.75
CA GLY D 1071 -57.98 9.95 -25.95
C GLY D 1071 -57.39 9.86 -27.34
N GLY D 1072 -57.23 8.63 -27.82
CA GLY D 1072 -56.67 8.40 -29.14
C GLY D 1072 -55.67 7.26 -29.18
N GLU D 1073 -54.46 7.55 -29.64
CA GLU D 1073 -53.43 6.52 -29.77
C GLU D 1073 -53.08 5.93 -28.41
N GLU D 1074 -53.15 4.61 -28.31
CA GLU D 1074 -52.78 3.89 -27.10
C GLU D 1074 -51.31 3.49 -27.16
N VAL D 1075 -50.76 3.18 -25.99
CA VAL D 1075 -49.37 2.74 -25.85
C VAL D 1075 -49.34 1.29 -25.43
N VAL D 1076 -48.55 0.47 -26.13
CA VAL D 1076 -48.61 -0.98 -25.99
C VAL D 1076 -47.27 -1.48 -25.48
N TYR D 1077 -47.31 -2.27 -24.41
CA TYR D 1077 -46.16 -2.99 -23.87
C TYR D 1077 -46.41 -4.47 -24.03
N ASP D 1078 -45.50 -5.16 -24.73
CA ASP D 1078 -45.77 -6.50 -25.22
C ASP D 1078 -45.52 -7.57 -24.17
N LYS D 1079 -44.28 -7.68 -23.69
CA LYS D 1079 -43.86 -8.81 -22.85
C LYS D 1079 -43.32 -8.30 -21.52
N ILE D 1080 -44.12 -8.42 -20.47
CA ILE D 1080 -43.68 -8.11 -19.11
C ILE D 1080 -43.60 -9.43 -18.35
N SER D 1081 -42.42 -10.05 -18.37
CA SER D 1081 -42.25 -11.41 -17.86
C SER D 1081 -42.98 -11.61 -16.54
N LYS D 1082 -43.62 -12.78 -16.41
CA LYS D 1082 -44.39 -13.08 -15.20
C LYS D 1082 -43.53 -12.94 -13.95
N ARG D 1083 -42.22 -13.19 -14.07
CA ARG D 1083 -41.33 -12.97 -12.93
C ARG D 1083 -41.43 -11.53 -12.43
N GLN D 1084 -41.71 -10.59 -13.32
CA GLN D 1084 -41.89 -9.19 -12.95
C GLN D 1084 -43.38 -8.95 -12.71
N ARG D 1085 -43.79 -9.01 -11.45
CA ARG D 1085 -45.20 -8.90 -11.11
C ARG D 1085 -45.69 -7.47 -11.31
N LEU D 1086 -46.97 -7.26 -11.01
CA LEU D 1086 -47.55 -5.93 -11.16
C LEU D 1086 -47.07 -5.01 -10.03
N ARG D 1087 -47.21 -3.71 -10.26
CA ARG D 1087 -46.83 -2.72 -9.27
C ARG D 1087 -47.97 -2.52 -8.27
N VAL D 1088 -47.95 -1.39 -7.58
CA VAL D 1088 -49.04 -1.00 -6.69
C VAL D 1088 -49.27 0.51 -6.81
N PHE D 1089 -50.45 0.99 -6.50
CA PHE D 1089 -50.69 2.42 -6.65
C PHE D 1089 -51.81 2.98 -5.78
N LYS D 1090 -51.70 4.25 -5.41
CA LYS D 1090 -52.70 4.90 -4.58
C LYS D 1090 -53.36 6.07 -5.29
N GLU D 1096 -55.19 3.04 -5.53
CA GLU D 1096 -56.21 2.33 -4.79
C GLU D 1096 -55.57 1.12 -4.10
N ARG D 1097 -55.04 0.20 -4.90
CA ARG D 1097 -54.47 -1.01 -4.38
C ARG D 1097 -53.50 -1.64 -5.37
N VAL D 1098 -53.39 -2.96 -5.39
CA VAL D 1098 -52.51 -3.55 -6.37
C VAL D 1098 -53.15 -3.28 -7.70
N LEU D 1099 -52.63 -2.29 -8.42
CA LEU D 1099 -53.16 -1.88 -9.73
C LEU D 1099 -53.48 -3.04 -10.65
N SER D 1100 -54.71 -3.03 -11.20
CA SER D 1100 -55.28 -4.12 -11.98
C SER D 1100 -55.81 -3.58 -13.30
N ASP D 1101 -56.50 -4.45 -14.05
CA ASP D 1101 -57.00 -4.08 -15.36
C ASP D 1101 -58.10 -3.03 -15.24
N GLY D 1102 -58.14 -2.13 -16.22
CA GLY D 1102 -59.17 -1.12 -16.28
C GLY D 1102 -58.94 0.08 -15.38
N ASP D 1103 -57.74 0.26 -14.86
CA ASP D 1103 -57.46 1.31 -13.90
C ASP D 1103 -56.94 2.57 -14.60
N HIS D 1104 -57.19 3.71 -13.99
CA HIS D 1104 -56.77 5.00 -14.52
C HIS D 1104 -55.35 5.29 -14.06
N VAL D 1105 -54.39 5.17 -14.97
CA VAL D 1105 -52.99 5.44 -14.69
C VAL D 1105 -52.62 6.81 -15.24
N GLU D 1106 -51.81 7.55 -14.48
CA GLU D 1106 -51.45 8.92 -14.84
C GLU D 1106 -50.27 8.89 -15.83
N VAL D 1107 -49.66 10.06 -16.05
CA VAL D 1107 -48.64 10.19 -17.08
C VAL D 1107 -47.47 9.26 -16.80
N GLY D 1108 -46.80 9.45 -15.66
CA GLY D 1108 -45.59 8.73 -15.37
C GLY D 1108 -45.71 7.72 -14.25
N GLN D 1109 -46.91 7.24 -13.99
CA GLN D 1109 -47.10 6.24 -12.96
C GLN D 1109 -46.45 4.92 -13.38
N GLN D 1110 -45.57 4.39 -12.53
CA GLN D 1110 -44.91 3.14 -12.84
C GLN D 1110 -45.93 2.01 -12.94
N LEU D 1111 -45.66 1.07 -13.85
CA LEU D 1111 -46.57 -0.03 -14.12
C LEU D 1111 -46.20 -1.30 -13.36
N MET D 1112 -44.96 -1.75 -13.48
CA MET D 1112 -44.48 -2.95 -12.81
C MET D 1112 -43.49 -2.59 -11.71
N GLU D 1113 -43.29 -3.53 -10.79
CA GLU D 1113 -42.27 -3.34 -9.77
C GLU D 1113 -40.88 -3.54 -10.37
N GLY D 1114 -39.88 -3.01 -9.68
CA GLY D 1114 -38.51 -3.10 -10.15
C GLY D 1114 -37.80 -1.77 -10.13
N SER D 1115 -37.07 -1.47 -11.22
CA SER D 1115 -36.32 -0.22 -11.34
C SER D 1115 -36.59 0.38 -12.70
N ALA D 1116 -37.06 1.62 -12.72
CA ALA D 1116 -37.30 2.34 -13.97
C ALA D 1116 -36.03 3.02 -14.43
N ASP D 1117 -35.83 3.06 -15.74
CA ASP D 1117 -34.61 3.67 -16.27
C ASP D 1117 -34.76 5.19 -16.28
N PRO D 1118 -33.71 5.92 -15.88
CA PRO D 1118 -33.84 7.39 -15.82
C PRO D 1118 -34.08 8.02 -17.18
N HIS D 1119 -33.53 7.45 -18.26
CA HIS D 1119 -33.69 8.05 -19.58
C HIS D 1119 -35.17 8.19 -19.95
N GLU D 1120 -35.96 7.15 -19.72
CA GLU D 1120 -37.36 7.18 -20.10
C GLU D 1120 -38.13 8.19 -19.25
N VAL D 1121 -37.89 8.22 -17.94
CA VAL D 1121 -38.57 9.19 -17.09
C VAL D 1121 -38.21 10.60 -17.49
N LEU D 1122 -36.95 10.82 -17.88
CA LEU D 1122 -36.55 12.14 -18.36
C LEU D 1122 -37.30 12.50 -19.62
N ARG D 1123 -37.30 11.60 -20.61
CA ARG D 1123 -37.97 11.89 -21.87
C ARG D 1123 -39.45 12.15 -21.66
N VAL D 1124 -40.08 11.49 -20.68
CA VAL D 1124 -41.53 11.55 -20.58
C VAL D 1124 -42.03 12.64 -19.64
N GLN D 1125 -41.32 12.92 -18.55
CA GLN D 1125 -41.87 13.81 -17.52
C GLN D 1125 -40.99 15.02 -17.24
N GLY D 1126 -39.93 15.25 -18.03
CA GLY D 1126 -39.12 16.42 -17.85
C GLY D 1126 -37.91 16.20 -16.97
N PRO D 1127 -36.97 17.14 -16.98
CA PRO D 1127 -35.76 17.00 -16.16
C PRO D 1127 -36.05 17.04 -14.68
N ARG D 1128 -36.82 18.06 -14.27
CA ARG D 1128 -37.04 18.29 -12.86
C ARG D 1128 -37.60 17.06 -12.17
N GLU D 1129 -38.18 16.13 -12.92
CA GLU D 1129 -38.72 14.92 -12.31
C GLU D 1129 -37.63 13.87 -12.19
N VAL D 1130 -36.69 13.87 -13.15
CA VAL D 1130 -35.60 12.91 -13.12
C VAL D 1130 -34.69 13.22 -11.96
N GLN D 1131 -34.56 14.51 -11.61
CA GLN D 1131 -33.71 14.85 -10.48
C GLN D 1131 -34.27 14.24 -9.19
N ILE D 1132 -35.56 14.43 -8.94
CA ILE D 1132 -36.20 13.82 -7.78
C ILE D 1132 -36.09 12.30 -7.84
N HIS D 1133 -36.27 11.72 -9.04
CA HIS D 1133 -36.17 10.27 -9.16
C HIS D 1133 -34.79 9.77 -8.72
N LEU D 1134 -33.73 10.34 -9.28
CA LEU D 1134 -32.38 9.91 -8.93
C LEU D 1134 -32.11 10.13 -7.44
N VAL D 1135 -32.46 11.31 -6.92
CA VAL D 1135 -32.17 11.61 -5.53
C VAL D 1135 -32.87 10.64 -4.61
N ARG D 1136 -34.14 10.32 -4.89
CA ARG D 1136 -34.87 9.40 -4.03
C ARG D 1136 -34.32 7.99 -4.16
N GLU D 1137 -34.02 7.56 -5.39
CA GLU D 1137 -33.51 6.20 -5.58
C GLU D 1137 -32.18 6.00 -4.87
N VAL D 1138 -31.36 7.05 -4.77
CA VAL D 1138 -30.09 6.91 -4.08
C VAL D 1138 -30.27 7.02 -2.56
N GLN D 1139 -31.04 8.02 -2.11
CA GLN D 1139 -31.22 8.22 -0.69
C GLN D 1139 -31.95 7.04 -0.04
N GLU D 1140 -32.79 6.33 -0.80
CA GLU D 1140 -33.46 5.16 -0.21
C GLU D 1140 -32.49 4.01 -0.03
N VAL D 1141 -31.65 3.76 -1.05
CA VAL D 1141 -30.61 2.74 -0.92
C VAL D 1141 -29.69 3.07 0.26
N TYR D 1142 -29.48 4.35 0.53
CA TYR D 1142 -28.63 4.72 1.66
C TYR D 1142 -29.36 4.58 3.00
N ARG D 1143 -30.62 5.02 3.06
CA ARG D 1143 -31.39 4.85 4.28
C ARG D 1143 -31.51 3.39 4.68
N ALA D 1144 -31.62 2.50 3.69
CA ALA D 1144 -31.77 1.08 4.00
C ALA D 1144 -30.65 0.54 4.87
N GLN D 1145 -29.55 1.26 5.02
CA GLN D 1145 -28.42 0.82 5.82
C GLN D 1145 -28.17 1.68 7.05
N GLY D 1146 -29.03 2.66 7.30
CA GLY D 1146 -28.85 3.52 8.46
C GLY D 1146 -27.77 4.56 8.32
N VAL D 1147 -27.57 5.07 7.10
CA VAL D 1147 -26.56 6.10 6.84
C VAL D 1147 -27.27 7.39 6.47
N SER D 1148 -26.67 8.50 6.85
CA SER D 1148 -27.25 9.83 6.64
C SER D 1148 -26.34 10.61 5.70
N ILE D 1149 -26.91 11.10 4.60
CA ILE D 1149 -26.21 11.92 3.63
C ILE D 1149 -27.18 13.02 3.19
N HIS D 1150 -26.91 14.26 3.61
CA HIS D 1150 -27.81 15.34 3.27
C HIS D 1150 -27.95 15.48 1.76
N ASP D 1151 -29.15 15.86 1.32
CA ASP D 1151 -29.47 15.84 -0.10
C ASP D 1151 -28.62 16.80 -0.92
N LYS D 1152 -28.02 17.82 -0.30
CA LYS D 1152 -27.25 18.77 -1.10
C LYS D 1152 -26.04 18.12 -1.77
N HIS D 1153 -25.49 17.07 -1.16
CA HIS D 1153 -24.38 16.36 -1.80
C HIS D 1153 -24.85 15.66 -3.06
N ILE D 1154 -25.88 14.82 -2.95
CA ILE D 1154 -26.41 14.14 -4.12
C ILE D 1154 -26.86 15.13 -5.17
N GLU D 1155 -27.34 16.30 -4.76
CA GLU D 1155 -27.76 17.32 -5.72
C GLU D 1155 -26.55 17.92 -6.43
N VAL D 1156 -25.48 18.20 -5.70
CA VAL D 1156 -24.25 18.68 -6.33
C VAL D 1156 -23.76 17.67 -7.35
N ILE D 1157 -23.92 16.38 -7.05
CA ILE D 1157 -23.44 15.36 -7.97
C ILE D 1157 -24.35 15.25 -9.19
N VAL D 1158 -25.67 15.35 -8.99
CA VAL D 1158 -26.61 15.19 -10.10
C VAL D 1158 -26.54 16.38 -11.04
N ARG D 1159 -26.39 17.60 -10.48
CA ARG D 1159 -26.35 18.80 -11.31
C ARG D 1159 -25.35 18.68 -12.45
N GLN D 1160 -24.31 17.85 -12.27
CA GLN D 1160 -23.31 17.66 -13.31
C GLN D 1160 -23.75 16.67 -14.39
N MET D 1161 -24.93 16.08 -14.26
CA MET D 1161 -25.42 15.13 -15.24
C MET D 1161 -26.39 15.74 -16.25
N LEU D 1162 -27.12 16.78 -15.86
CA LEU D 1162 -28.14 17.39 -16.70
C LEU D 1162 -27.66 18.71 -17.30
N ARG D 1163 -26.39 18.80 -17.68
CA ARG D 1163 -25.84 20.03 -18.20
C ARG D 1163 -25.89 20.14 -19.71
N ARG D 1164 -25.97 19.03 -20.43
CA ARG D 1164 -25.77 19.04 -21.87
C ARG D 1164 -27.06 18.68 -22.62
N VAL D 1165 -27.10 19.09 -23.87
CA VAL D 1165 -28.20 18.81 -24.78
C VAL D 1165 -27.66 18.13 -26.02
N THR D 1166 -28.46 17.21 -26.56
CA THR D 1166 -28.12 16.46 -27.75
C THR D 1166 -28.74 17.16 -28.96
N ILE D 1167 -27.88 17.45 -29.95
CA ILE D 1167 -28.29 18.19 -31.15
C ILE D 1167 -28.92 17.18 -32.11
N ILE D 1168 -30.25 17.11 -32.10
CA ILE D 1168 -30.94 16.21 -33.02
C ILE D 1168 -31.08 16.87 -34.39
N ASP D 1169 -31.40 18.15 -34.42
CA ASP D 1169 -31.55 18.93 -35.64
C ASP D 1169 -30.41 19.94 -35.69
N SER D 1170 -29.44 19.70 -36.58
CA SER D 1170 -28.28 20.59 -36.67
C SER D 1170 -28.70 22.04 -36.84
N GLY D 1171 -29.87 22.29 -37.41
CA GLY D 1171 -30.31 23.66 -37.59
C GLY D 1171 -29.41 24.39 -38.57
N SER D 1172 -29.11 25.64 -38.23
CA SER D 1172 -28.30 26.50 -39.10
C SER D 1172 -26.86 26.66 -38.64
N THR D 1173 -26.52 26.25 -37.42
CA THR D 1173 -25.23 26.61 -36.83
C THR D 1173 -24.41 25.37 -36.50
N GLU D 1174 -23.76 24.80 -37.52
CA GLU D 1174 -22.52 24.05 -37.37
C GLU D 1174 -22.55 22.94 -36.34
N PHE D 1175 -23.72 22.61 -35.79
CA PHE D 1175 -23.82 21.61 -34.73
C PHE D 1175 -24.18 20.27 -35.34
N LEU D 1176 -23.25 19.31 -35.25
CA LEU D 1176 -23.46 18.01 -35.87
C LEU D 1176 -24.62 17.28 -35.18
N PRO D 1177 -25.38 16.49 -35.93
CA PRO D 1177 -26.45 15.71 -35.30
C PRO D 1177 -25.90 14.67 -34.35
N GLY D 1178 -26.57 14.50 -33.21
CA GLY D 1178 -26.19 13.48 -32.25
C GLY D 1178 -25.08 13.86 -31.31
N SER D 1179 -24.51 15.06 -31.42
CA SER D 1179 -23.45 15.50 -30.52
C SER D 1179 -24.06 16.12 -29.27
N LEU D 1180 -23.27 16.09 -28.19
CA LEU D 1180 -23.66 16.68 -26.92
C LEU D 1180 -22.95 18.03 -26.77
N ILE D 1181 -23.72 19.06 -26.46
CA ILE D 1181 -23.19 20.41 -26.30
C ILE D 1181 -23.70 20.98 -24.98
N ASP D 1182 -22.83 21.72 -24.29
CA ASP D 1182 -23.22 22.30 -23.00
C ASP D 1182 -24.45 23.19 -23.17
N ARG D 1183 -25.34 23.13 -22.18
CA ARG D 1183 -26.57 23.89 -22.27
C ARG D 1183 -26.30 25.38 -22.35
N ALA D 1184 -25.43 25.89 -21.49
CA ALA D 1184 -25.11 27.32 -21.50
C ALA D 1184 -24.64 27.74 -22.88
N GLU D 1185 -23.69 27.01 -23.46
CA GLU D 1185 -23.16 27.37 -24.77
C GLU D 1185 -24.20 27.16 -25.87
N PHE D 1186 -24.92 26.04 -25.81
CA PHE D 1186 -25.95 25.78 -26.82
C PHE D 1186 -27.01 26.87 -26.83
N GLU D 1187 -27.27 27.49 -25.68
CA GLU D 1187 -28.29 28.53 -25.60
C GLU D 1187 -27.74 29.90 -25.93
N ALA D 1188 -26.47 30.17 -25.56
CA ALA D 1188 -25.86 31.44 -25.89
C ALA D 1188 -25.50 31.54 -27.37
N GLU D 1189 -25.36 30.40 -28.06
CA GLU D 1189 -25.09 30.44 -29.49
C GLU D 1189 -26.37 30.72 -30.27
N ASN D 1190 -27.47 30.05 -29.93
CA ASN D 1190 -28.76 30.40 -30.52
C ASN D 1190 -29.24 31.77 -30.06
N ARG D 1191 -28.73 32.26 -28.92
CA ARG D 1191 -28.90 33.67 -28.60
C ARG D 1191 -28.29 34.56 -29.66
N ARG D 1192 -27.28 34.05 -30.37
CA ARG D 1192 -26.70 34.70 -31.53
C ARG D 1192 -27.59 34.39 -32.73
N VAL D 1193 -28.88 34.65 -32.58
CA VAL D 1193 -29.86 34.41 -33.63
C VAL D 1193 -30.37 35.73 -34.21
N VAL D 1194 -29.60 36.81 -34.07
CA VAL D 1194 -29.92 38.03 -34.80
C VAL D 1194 -30.22 37.63 -36.23
N ALA D 1195 -31.29 38.20 -36.79
CA ALA D 1195 -32.10 37.48 -37.77
C ALA D 1195 -31.25 36.66 -38.73
N GLU D 1196 -30.46 37.33 -39.58
CA GLU D 1196 -29.38 36.67 -40.32
C GLU D 1196 -29.79 35.32 -40.88
N GLY D 1197 -31.09 35.09 -41.04
CA GLY D 1197 -31.57 33.76 -41.33
C GLY D 1197 -31.85 33.00 -40.05
N GLY D 1198 -33.11 32.62 -39.82
CA GLY D 1198 -33.46 31.95 -38.58
C GLY D 1198 -32.74 30.64 -38.35
N GLU D 1199 -31.81 30.63 -37.40
CA GLU D 1199 -31.05 29.44 -37.08
C GLU D 1199 -31.74 28.65 -35.97
N PRO D 1200 -32.52 27.63 -36.31
CA PRO D 1200 -33.26 26.84 -35.30
C PRO D 1200 -32.50 25.60 -34.85
N ALA D 1201 -31.46 25.80 -34.05
CA ALA D 1201 -30.70 24.68 -33.49
C ALA D 1201 -31.56 23.98 -32.43
N ALA D 1202 -32.12 22.82 -32.78
CA ALA D 1202 -33.02 22.09 -31.91
C ALA D 1202 -32.28 20.94 -31.24
N GLY D 1203 -32.37 20.88 -29.92
CA GLY D 1203 -31.73 19.82 -29.17
C GLY D 1203 -32.50 19.51 -27.91
N ARG D 1204 -32.33 18.28 -27.42
CA ARG D 1204 -33.05 17.88 -26.22
C ARG D 1204 -32.09 17.64 -25.06
N PRO D 1205 -32.49 17.90 -23.82
CA PRO D 1205 -31.59 17.64 -22.70
C PRO D 1205 -31.17 16.17 -22.68
N VAL D 1206 -29.99 15.91 -22.12
CA VAL D 1206 -29.43 14.57 -22.11
C VAL D 1206 -28.97 14.22 -20.70
N LEU D 1207 -29.43 13.09 -20.19
CA LEU D 1207 -28.94 12.54 -18.93
C LEU D 1207 -27.81 11.57 -19.25
N MET D 1208 -26.65 11.80 -18.66
CA MET D 1208 -25.46 10.99 -18.95
C MET D 1208 -24.75 10.63 -17.67
N GLY D 1209 -24.22 9.42 -17.61
CA GLY D 1209 -23.50 8.95 -16.45
C GLY D 1209 -22.32 9.82 -16.09
N ILE D 1210 -21.65 9.50 -14.98
CA ILE D 1210 -20.54 10.32 -14.53
C ILE D 1210 -19.32 10.13 -15.43
N THR D 1211 -19.05 8.90 -15.84
CA THR D 1211 -17.89 8.63 -16.70
C THR D 1211 -18.03 9.35 -18.03
N LYS D 1212 -19.12 9.08 -18.75
CA LYS D 1212 -19.31 9.70 -20.06
C LYS D 1212 -19.38 11.22 -19.95
N ALA D 1213 -19.95 11.73 -18.85
CA ALA D 1213 -20.06 13.18 -18.68
C ALA D 1213 -18.73 13.81 -18.33
N SER D 1214 -17.81 13.06 -17.74
CA SER D 1214 -16.49 13.58 -17.40
C SER D 1214 -15.50 13.43 -18.54
N LEU D 1215 -15.73 12.49 -19.46
CA LEU D 1215 -14.85 12.33 -20.61
C LEU D 1215 -14.73 13.63 -21.40
N ALA D 1216 -15.85 14.29 -21.64
CA ALA D 1216 -15.89 15.51 -22.44
C ALA D 1216 -15.88 16.71 -21.50
N THR D 1217 -14.75 17.41 -21.45
CA THR D 1217 -14.57 18.58 -20.61
C THR D 1217 -14.26 19.80 -21.49
N ASP D 1218 -13.92 20.91 -20.85
CA ASP D 1218 -13.64 22.16 -21.54
C ASP D 1218 -12.17 22.54 -21.54
N SER D 1219 -11.34 21.86 -20.75
CA SER D 1219 -9.90 22.12 -20.69
C SER D 1219 -9.18 20.97 -21.37
N TRP D 1220 -8.35 21.29 -22.35
CA TRP D 1220 -7.76 20.26 -23.21
C TRP D 1220 -6.83 19.34 -22.43
N LEU D 1221 -6.05 19.89 -21.50
CA LEU D 1221 -5.13 19.04 -20.75
C LEU D 1221 -5.85 18.20 -19.71
N SER D 1222 -6.84 18.77 -19.02
CA SER D 1222 -7.65 17.99 -18.09
C SER D 1222 -8.16 16.71 -18.76
N ALA D 1223 -8.69 16.83 -19.97
CA ALA D 1223 -9.13 15.64 -20.69
C ALA D 1223 -7.96 14.81 -21.17
N ALA D 1224 -6.86 15.46 -21.57
CA ALA D 1224 -5.65 14.73 -21.95
C ALA D 1224 -5.12 13.87 -20.83
N SER D 1225 -5.57 14.09 -19.59
CA SER D 1225 -5.12 13.32 -18.44
C SER D 1225 -6.01 12.11 -18.16
N PHE D 1226 -6.78 11.64 -19.14
CA PHE D 1226 -7.63 10.48 -18.97
C PHE D 1226 -7.20 9.31 -19.85
N GLN D 1227 -7.14 9.50 -21.16
CA GLN D 1227 -6.74 8.46 -22.09
C GLN D 1227 -6.74 9.05 -23.50
N GLU D 1228 -6.18 8.29 -24.44
CA GLU D 1228 -5.99 8.74 -25.81
C GLU D 1228 -5.56 10.20 -25.86
N THR D 1229 -4.49 10.50 -25.12
CA THR D 1229 -3.94 11.85 -25.12
C THR D 1229 -3.52 12.28 -26.52
N THR D 1230 -3.07 11.33 -27.34
CA THR D 1230 -2.62 11.67 -28.69
C THR D 1230 -3.72 12.41 -29.46
N ARG D 1231 -4.90 11.80 -29.54
CA ARG D 1231 -6.00 12.39 -30.30
C ARG D 1231 -6.72 13.49 -29.53
N VAL D 1232 -6.35 13.71 -28.27
CA VAL D 1232 -6.88 14.85 -27.54
C VAL D 1232 -6.01 16.09 -27.74
N LEU D 1233 -4.72 15.88 -28.02
CA LEU D 1233 -3.81 16.97 -28.32
C LEU D 1233 -3.81 17.32 -29.80
N THR D 1234 -3.83 16.31 -30.68
CA THR D 1234 -3.71 16.58 -32.12
C THR D 1234 -4.88 17.37 -32.66
N ASP D 1235 -5.94 17.57 -31.88
CA ASP D 1235 -7.07 18.40 -32.30
C ASP D 1235 -7.13 19.72 -31.58
N ALA D 1236 -6.82 19.75 -30.28
CA ALA D 1236 -6.70 21.02 -29.59
C ALA D 1236 -5.70 21.94 -30.28
N ALA D 1237 -4.57 21.39 -30.71
CA ALA D 1237 -3.56 22.19 -31.40
C ALA D 1237 -4.12 22.80 -32.67
N ILE D 1238 -4.85 22.00 -33.46
CA ILE D 1238 -5.43 22.51 -34.70
C ILE D 1238 -6.34 23.70 -34.42
N ASN D 1239 -7.34 23.50 -33.55
CA ASN D 1239 -8.29 24.57 -33.23
C ASN D 1239 -7.60 25.74 -32.55
N CYS D 1240 -6.29 25.63 -32.29
CA CYS D 1240 -5.57 26.64 -31.54
C CYS D 1240 -6.29 26.96 -30.23
N ARG D 1241 -6.92 25.94 -29.64
CA ARG D 1241 -7.76 26.14 -28.48
C ARG D 1241 -6.94 26.62 -27.28
N SER D 1242 -7.64 27.30 -26.37
CA SER D 1242 -7.04 27.84 -25.16
C SER D 1242 -7.69 27.21 -23.94
N ASP D 1243 -6.96 27.24 -22.82
CA ASP D 1243 -7.47 26.75 -21.55
C ASP D 1243 -7.61 27.90 -20.57
N LYS D 1244 -8.59 27.77 -19.66
CA LYS D 1244 -8.90 28.80 -18.69
C LYS D 1244 -8.33 28.53 -17.31
N LEU D 1245 -7.78 27.34 -17.08
CA LEU D 1245 -7.31 26.95 -15.75
C LEU D 1245 -8.38 27.22 -14.70
N ASN D 1246 -9.62 26.86 -15.02
CA ASN D 1246 -10.76 27.17 -14.16
C ASN D 1246 -11.02 26.08 -13.13
N GLY D 1247 -10.90 24.82 -13.52
CA GLY D 1247 -11.06 23.72 -12.58
C GLY D 1247 -9.91 23.65 -11.60
N LEU D 1248 -9.98 22.66 -10.72
CA LEU D 1248 -8.92 22.43 -9.74
C LEU D 1248 -8.15 21.15 -10.02
N LYS D 1249 -8.17 20.67 -11.27
CA LYS D 1249 -7.25 19.61 -11.70
C LYS D 1249 -6.28 20.06 -12.77
N GLU D 1250 -6.56 21.14 -13.49
CA GLU D 1250 -5.57 21.71 -14.38
C GLU D 1250 -4.39 22.26 -13.60
N ASN D 1251 -4.67 23.00 -12.53
CA ASN D 1251 -3.58 23.56 -11.71
C ASN D 1251 -2.73 22.44 -11.11
N VAL D 1252 -3.36 21.40 -10.58
CA VAL D 1252 -2.61 20.29 -10.00
C VAL D 1252 -1.81 19.57 -11.08
N ILE D 1253 -2.28 19.61 -12.32
CA ILE D 1253 -1.54 18.96 -13.41
C ILE D 1253 -0.31 19.77 -13.78
N ILE D 1254 -0.47 21.09 -13.92
CA ILE D 1254 0.64 21.95 -14.29
C ILE D 1254 1.35 22.44 -13.04
N GLY D 1255 0.95 21.92 -11.89
CA GLY D 1255 1.60 22.25 -10.64
C GLY D 1255 1.29 23.61 -10.07
N LYS D 1256 0.41 24.39 -10.72
CA LYS D 1256 0.06 25.69 -10.21
C LYS D 1256 -0.84 25.56 -8.98
N LEU D 1257 -0.92 26.65 -8.21
CA LEU D 1257 -1.72 26.64 -6.99
C LEU D 1257 -3.20 26.48 -7.30
N ILE D 1258 -3.83 25.50 -6.66
CA ILE D 1258 -5.22 25.19 -6.96
C ILE D 1258 -6.09 26.40 -6.69
N PRO D 1259 -7.06 26.73 -7.54
CA PRO D 1259 -7.89 27.93 -7.32
C PRO D 1259 -9.13 27.63 -6.49
N ALA D 1260 -8.90 27.14 -5.27
CA ALA D 1260 -9.98 26.82 -4.34
C ALA D 1260 -9.48 27.04 -2.93
N GLY D 1261 -10.40 27.43 -2.04
CA GLY D 1261 -10.04 27.69 -0.67
C GLY D 1261 -9.14 28.90 -0.53
N THR D 1262 -7.97 28.72 0.08
CA THR D 1262 -7.04 29.82 0.31
C THR D 1262 -6.21 30.17 -0.92
N GLY D 1263 -6.61 29.71 -2.10
CA GLY D 1263 -5.91 30.07 -3.31
C GLY D 1263 -6.61 31.15 -4.10
N ILE D 1264 -7.87 31.42 -3.76
CA ILE D 1264 -8.63 32.45 -4.44
C ILE D 1264 -7.88 33.78 -4.34
N ASN D 1265 -8.08 34.63 -5.35
CA ASN D 1265 -7.36 35.91 -5.39
C ASN D 1265 -7.80 36.81 -4.24
N ARG D 1266 -9.12 36.90 -4.00
CA ARG D 1266 -9.61 37.78 -2.94
C ARG D 1266 -8.93 37.48 -1.62
N TYR D 1267 -8.45 36.25 -1.45
CA TYR D 1267 -7.86 35.83 -0.18
C TYR D 1267 -6.35 35.96 -0.22
N ARG D 1268 -5.72 35.42 -1.27
CA ARG D 1268 -4.27 35.38 -1.34
C ARG D 1268 -3.69 36.72 -1.79
N ASN D 1269 -4.51 37.76 -1.88
CA ASN D 1269 -4.01 39.11 -2.18
C ASN D 1269 -4.44 40.10 -1.11
N ILE D 1270 -4.35 39.69 0.16
CA ILE D 1270 -4.74 40.55 1.26
C ILE D 1270 -3.60 41.49 1.61
N ALA D 1271 -3.94 42.73 1.95
CA ALA D 1271 -2.98 43.71 2.44
C ALA D 1271 -3.10 43.80 3.96
N VAL D 1272 -2.00 43.54 4.66
CA VAL D 1272 -1.98 43.47 6.11
C VAL D 1272 -0.94 44.46 6.63
N GLN D 1273 -1.40 45.53 7.27
CA GLN D 1273 -0.50 46.52 7.84
C GLN D 1273 -1.13 47.11 9.09
N PRO D 1274 -0.35 47.39 10.12
CA PRO D 1274 -0.94 47.87 11.38
C PRO D 1274 -1.71 49.17 11.18
N THR D 1275 -2.77 49.33 11.96
CA THR D 1275 -3.52 50.57 11.95
C THR D 1275 -2.69 51.70 12.56
N GLU D 1276 -2.98 52.93 12.13
CA GLU D 1276 -2.20 54.07 12.59
C GLU D 1276 -2.30 54.23 14.11
N GLU D 1277 -3.50 54.05 14.66
CA GLU D 1277 -3.67 54.18 16.11
C GLU D 1277 -2.72 53.26 16.86
N ALA D 1278 -2.75 51.97 16.55
CA ALA D 1278 -1.87 51.03 17.25
C ALA D 1278 -0.40 51.31 16.95
N ARG D 1279 -0.08 51.60 15.69
CA ARG D 1279 1.31 51.87 15.32
C ARG D 1279 1.87 53.06 16.07
N ALA D 1280 1.01 54.00 16.48
CA ALA D 1280 1.46 55.15 17.25
C ALA D 1280 2.23 54.71 18.50
N ALA D 1281 1.67 53.74 19.23
CA ALA D 1281 2.36 53.22 20.40
C ALA D 1281 3.72 52.63 20.05
N ALA D 1282 3.79 51.92 18.92
CA ALA D 1282 5.04 51.32 18.47
C ALA D 1282 5.56 50.31 19.48
N GLY E 27 -18.78 34.73 26.09
CA GLY E 27 -19.08 34.57 27.50
C GLY E 27 -17.94 33.95 28.29
N GLY E 28 -18.30 33.19 29.32
CA GLY E 28 -17.32 32.53 30.15
C GLY E 28 -17.31 31.02 29.98
N TYR E 29 -16.26 30.49 29.37
CA TYR E 29 -16.14 29.06 29.12
C TYR E 29 -15.00 28.42 29.89
N ASP E 30 -13.77 28.86 29.67
CA ASP E 30 -12.60 28.30 30.34
C ASP E 30 -11.37 29.03 29.83
N THR E 31 -10.23 28.73 30.43
CA THR E 31 -8.95 29.26 29.97
C THR E 31 -8.38 28.33 28.90
N PRO E 32 -8.19 28.80 27.67
CA PRO E 32 -7.67 27.92 26.62
C PRO E 32 -6.19 27.59 26.85
N LEU E 33 -5.76 26.47 26.28
CA LEU E 33 -4.41 25.97 26.46
C LEU E 33 -3.68 25.95 25.12
N GLY E 34 -2.54 26.61 25.06
CA GLY E 34 -1.65 26.49 23.92
C GLY E 34 -2.31 26.83 22.61
N ILE E 35 -2.26 25.87 21.67
CA ILE E 35 -2.71 26.12 20.31
C ILE E 35 -4.14 26.64 20.27
N THR E 36 -4.99 26.21 21.20
CA THR E 36 -6.38 26.62 21.16
C THR E 36 -6.59 28.06 21.61
N ASN E 37 -5.53 28.76 22.01
CA ASN E 37 -5.63 30.15 22.45
C ASN E 37 -4.89 31.06 21.49
N PRO E 38 -5.51 32.16 21.03
CA PRO E 38 -6.88 32.56 21.37
C PRO E 38 -7.94 31.75 20.62
N PRO E 39 -9.16 31.72 21.14
CA PRO E 39 -10.22 30.95 20.49
C PRO E 39 -10.49 31.46 19.08
N ILE E 40 -11.00 30.57 18.24
CA ILE E 40 -11.34 30.97 16.88
C ILE E 40 -12.70 31.69 16.86
N ASP E 41 -13.61 31.32 17.75
CA ASP E 41 -14.91 31.97 17.78
C ASP E 41 -14.76 33.46 18.05
N GLU E 42 -13.79 33.84 18.88
CA GLU E 42 -13.47 35.26 19.07
C GLU E 42 -12.54 35.81 18.00
N LEU E 43 -12.12 34.99 17.05
CA LEU E 43 -11.30 35.45 15.93
C LEU E 43 -12.10 35.64 14.64
N LEU E 44 -13.05 34.76 14.37
CA LEU E 44 -13.82 34.83 13.13
C LEU E 44 -14.68 36.08 13.04
N ASP E 45 -14.72 36.91 14.09
CA ASP E 45 -15.43 38.19 14.00
C ASP E 45 -14.57 39.29 13.41
N ARG E 46 -13.25 39.14 13.44
CA ARG E 46 -12.34 40.09 12.80
C ARG E 46 -12.16 39.81 11.32
N VAL E 47 -12.78 38.75 10.79
CA VAL E 47 -12.60 38.35 9.40
C VAL E 47 -13.95 37.86 8.87
N SER E 48 -14.05 37.85 7.53
CA SER E 48 -15.28 37.37 6.90
C SER E 48 -15.39 35.86 6.98
N SER E 49 -14.34 35.15 6.58
CA SER E 49 -14.29 33.69 6.63
C SER E 49 -12.96 33.25 7.23
N LYS E 50 -12.76 31.94 7.30
CA LYS E 50 -11.54 31.42 7.91
C LYS E 50 -10.33 31.51 6.99
N TYR E 51 -10.54 31.44 5.67
CA TYR E 51 -9.41 31.53 4.75
C TYR E 51 -8.76 32.91 4.82
N ALA E 52 -9.57 33.97 4.86
CA ALA E 52 -9.03 35.31 4.97
C ALA E 52 -8.21 35.46 6.24
N LEU E 53 -8.70 34.89 7.36
CA LEU E 53 -7.94 34.94 8.60
C LEU E 53 -6.65 34.15 8.50
N VAL E 54 -6.69 33.02 7.80
CA VAL E 54 -5.48 32.23 7.58
C VAL E 54 -4.41 33.08 6.89
N ILE E 55 -4.77 33.70 5.76
CA ILE E 55 -3.79 34.49 5.03
C ILE E 55 -3.36 35.71 5.83
N TYR E 56 -4.31 36.31 6.57
CA TYR E 56 -4.00 37.41 7.47
C TYR E 56 -2.88 37.04 8.43
N ALA E 57 -3.08 35.97 9.19
CA ALA E 57 -2.08 35.54 10.15
C ALA E 57 -0.77 35.16 9.47
N ALA E 58 -0.84 34.51 8.31
CA ALA E 58 0.37 34.13 7.61
C ALA E 58 1.21 35.34 7.25
N LYS E 59 0.57 36.37 6.68
CA LYS E 59 1.31 37.56 6.27
C LYS E 59 1.83 38.34 7.48
N ARG E 60 1.03 38.44 8.55
CA ARG E 60 1.53 39.11 9.73
C ARG E 60 2.72 38.38 10.34
N ALA E 61 2.69 37.05 10.33
CA ALA E 61 3.81 36.29 10.86
C ALA E 61 5.05 36.46 9.98
N ARG E 62 4.86 36.50 8.66
CA ARG E 62 5.99 36.73 7.77
C ARG E 62 6.60 38.11 8.03
N GLN E 63 5.76 39.12 8.24
CA GLN E 63 6.27 40.45 8.57
C GLN E 63 7.06 40.43 9.87
N ILE E 64 6.50 39.83 10.92
CA ILE E 64 7.19 39.77 12.20
C ILE E 64 8.54 39.07 12.06
N ASN E 65 8.56 37.96 11.33
CA ASN E 65 9.81 37.23 11.17
C ASN E 65 10.83 38.04 10.40
N ASP E 66 10.40 38.75 9.35
CA ASP E 66 11.34 39.66 8.70
C ASP E 66 11.84 40.69 9.70
N TYR E 67 10.95 41.15 10.59
CA TYR E 67 11.35 42.14 11.58
C TYR E 67 12.53 41.64 12.39
N TYR E 68 12.47 40.38 12.83
CA TYR E 68 13.51 39.88 13.71
C TYR E 68 14.84 39.81 13.00
N ASN E 69 14.84 39.42 11.72
CA ASN E 69 16.08 39.28 10.99
C ASN E 69 16.84 40.60 10.92
N GLN E 70 16.18 41.66 10.43
CA GLN E 70 16.90 42.82 9.94
C GLN E 70 17.30 43.78 11.05
N LEU E 71 17.09 43.40 12.32
CA LEU E 71 17.36 44.31 13.43
C LEU E 71 18.85 44.55 13.61
N GLY E 72 19.69 43.66 13.08
CA GLY E 72 21.13 43.78 13.16
C GLY E 72 21.71 45.01 12.51
N GLU E 73 21.53 45.15 11.21
CA GLU E 73 22.03 46.30 10.48
C GLU E 73 21.01 47.44 10.55
N GLY E 74 21.20 48.46 9.71
CA GLY E 74 20.35 49.64 9.69
C GLY E 74 18.86 49.37 9.81
N ILE E 75 18.18 50.29 10.52
CA ILE E 75 16.77 50.09 10.82
C ILE E 75 15.97 50.02 9.53
N LEU E 76 14.83 49.33 9.60
CA LEU E 76 13.92 49.19 8.47
C LEU E 76 12.53 49.65 8.88
N GLU E 77 11.62 49.71 7.91
CA GLU E 77 10.27 50.18 8.15
C GLU E 77 9.35 49.12 8.72
N TYR E 78 9.74 47.85 8.70
CA TYR E 78 8.88 46.81 9.24
C TYR E 78 8.66 47.03 10.73
N VAL E 79 7.41 46.89 11.16
CA VAL E 79 7.02 47.20 12.53
C VAL E 79 6.48 45.94 13.19
N GLY E 80 6.59 45.88 14.51
CA GLY E 80 6.14 44.72 15.26
C GLY E 80 7.29 44.01 15.95
N PRO E 81 6.97 43.10 16.87
CA PRO E 81 5.61 42.75 17.26
C PRO E 81 4.94 43.84 18.09
N LEU E 82 3.69 44.16 17.78
CA LEU E 82 2.99 45.20 18.52
C LEU E 82 2.74 44.78 19.96
N VAL E 83 2.56 43.49 20.20
CA VAL E 83 2.29 42.96 21.54
C VAL E 83 3.57 42.37 22.10
N GLU E 84 3.85 42.66 23.37
CA GLU E 84 5.06 42.15 24.01
C GLU E 84 5.06 40.63 23.99
N PRO E 85 5.99 40.01 23.27
CA PRO E 85 5.99 38.55 23.17
C PRO E 85 6.47 37.87 24.45
N GLY E 86 6.48 36.54 24.46
CA GLY E 86 6.97 35.77 25.58
C GLY E 86 8.44 35.45 25.45
N LEU E 87 8.90 34.54 26.31
CA LEU E 87 10.30 34.15 26.29
C LEU E 87 10.71 33.63 24.92
N GLN E 88 10.13 32.50 24.51
CA GLN E 88 10.35 31.93 23.18
C GLN E 88 8.99 31.59 22.59
N GLU E 89 8.51 32.45 21.70
CA GLU E 89 7.17 32.33 21.15
C GLU E 89 7.22 32.46 19.63
N LYS E 90 6.59 31.53 18.93
CA LYS E 90 6.59 31.56 17.48
C LYS E 90 5.91 32.83 16.98
N PRO E 91 6.27 33.29 15.78
CA PRO E 91 5.65 34.52 15.26
C PRO E 91 4.18 34.35 14.92
N LEU E 92 3.74 33.15 14.55
CA LEU E 92 2.35 32.95 14.19
C LEU E 92 1.43 33.18 15.39
N SER E 93 1.84 32.71 16.56
CA SER E 93 1.02 32.94 17.76
C SER E 93 0.97 34.42 18.12
N ILE E 94 2.08 35.14 17.95
CA ILE E 94 2.06 36.57 18.18
C ILE E 94 1.13 37.26 17.19
N ALA E 95 1.14 36.82 15.93
CA ALA E 95 0.24 37.39 14.94
C ALA E 95 -1.21 37.16 15.31
N LEU E 96 -1.54 35.95 15.78
CA LEU E 96 -2.91 35.65 16.16
C LEU E 96 -3.33 36.46 17.38
N ARG E 97 -2.44 36.61 18.36
CA ARG E 97 -2.75 37.45 19.52
C ARG E 97 -2.97 38.90 19.11
N GLU E 98 -2.18 39.39 18.16
CA GLU E 98 -2.38 40.76 17.69
C GLU E 98 -3.71 40.89 16.95
N ILE E 99 -4.05 39.92 16.10
CA ILE E 99 -5.32 39.97 15.37
C ILE E 99 -6.48 39.98 16.35
N HIS E 100 -6.43 39.11 17.37
CA HIS E 100 -7.54 39.04 18.31
C HIS E 100 -7.73 40.33 19.09
N ALA E 101 -6.68 41.15 19.21
CA ALA E 101 -6.73 42.37 19.98
C ALA E 101 -7.14 43.60 19.16
N ASP E 102 -7.40 43.43 17.87
CA ASP E 102 -7.79 44.54 16.99
C ASP E 102 -6.71 45.62 16.97
N LEU E 103 -5.54 45.25 16.45
CA LEU E 103 -4.42 46.17 16.31
C LEU E 103 -3.95 46.35 14.87
N LEU E 104 -4.59 45.70 13.91
CA LEU E 104 -4.21 45.86 12.52
C LEU E 104 -5.37 45.43 11.63
N GLU E 105 -5.58 46.17 10.54
CA GLU E 105 -6.68 45.93 9.61
C GLU E 105 -6.12 45.45 8.28
N HIS E 106 -7.03 44.99 7.41
CA HIS E 106 -6.65 44.48 6.10
C HIS E 106 -7.72 44.88 5.10
N THR E 107 -7.49 44.52 3.84
CA THR E 107 -8.45 44.77 2.77
C THR E 107 -8.33 43.64 1.76
N GLU E 108 -9.41 42.89 1.58
CA GLU E 108 -9.39 41.75 0.68
C GLU E 108 -9.23 42.21 -0.77
N GLY E 109 -8.85 41.26 -1.62
CA GLY E 109 -8.67 41.54 -3.04
C GLY E 109 -9.98 41.66 -3.80
N PHE F 205 -23.84 -29.81 -42.78
CA PHE F 205 -24.24 -28.56 -42.15
C PHE F 205 -23.62 -28.43 -40.76
N VAL F 206 -22.45 -29.04 -40.58
CA VAL F 206 -21.74 -28.98 -39.32
C VAL F 206 -20.86 -27.74 -39.26
N TRP F 207 -21.00 -26.86 -40.25
CA TRP F 207 -20.30 -25.58 -40.21
C TRP F 207 -20.72 -24.82 -38.96
N ASP F 208 -19.77 -24.63 -38.04
CA ASP F 208 -20.11 -24.19 -36.70
C ASP F 208 -20.73 -22.80 -36.66
N GLU F 209 -19.91 -21.77 -36.85
CA GLU F 209 -20.35 -20.38 -36.83
C GLU F 209 -19.14 -19.48 -36.97
N ASP F 210 -19.35 -18.21 -37.31
CA ASP F 210 -18.36 -17.15 -37.08
C ASP F 210 -17.03 -17.43 -37.77
N GLU F 211 -16.93 -18.55 -38.50
CA GLU F 211 -15.69 -18.86 -39.20
C GLU F 211 -15.45 -17.86 -40.33
N SER F 212 -16.48 -17.59 -41.13
CA SER F 212 -16.34 -16.61 -42.19
C SER F 212 -16.16 -15.19 -41.62
N GLU F 213 -17.00 -14.84 -40.64
CA GLU F 213 -16.94 -13.48 -40.09
C GLU F 213 -15.61 -13.21 -39.40
N ALA F 214 -14.95 -14.25 -38.89
CA ALA F 214 -13.65 -14.09 -38.26
C ALA F 214 -12.51 -14.14 -39.27
N LEU F 215 -12.62 -15.03 -40.27
CA LEU F 215 -11.56 -15.17 -41.26
C LEU F 215 -11.48 -13.93 -42.15
N ARG F 216 -12.62 -13.31 -42.47
CA ARG F 216 -12.56 -12.13 -43.31
C ARG F 216 -11.85 -10.98 -42.61
N GLN F 217 -11.98 -10.90 -41.29
CA GLN F 217 -11.27 -9.87 -40.53
C GLN F 217 -9.81 -10.24 -40.36
N ALA F 218 -9.51 -11.52 -40.15
CA ALA F 218 -8.13 -11.91 -39.98
C ALA F 218 -7.36 -11.64 -41.27
N ARG F 219 -7.92 -12.09 -42.40
CA ARG F 219 -7.27 -11.84 -43.68
C ARG F 219 -7.15 -10.34 -43.97
N LYS F 220 -8.17 -9.56 -43.61
CA LYS F 220 -8.08 -8.12 -43.87
C LYS F 220 -6.96 -7.49 -43.04
N ASP F 221 -6.84 -7.87 -41.77
CA ASP F 221 -5.78 -7.31 -40.94
C ASP F 221 -4.41 -7.77 -41.41
N ALA F 222 -4.31 -9.02 -41.87
CA ALA F 222 -3.04 -9.50 -42.41
C ALA F 222 -2.67 -8.73 -43.69
N GLU F 223 -3.65 -8.46 -44.55
CA GLU F 223 -3.38 -7.67 -45.75
C GLU F 223 -2.92 -6.26 -45.37
N LEU F 224 -3.56 -5.66 -44.36
CA LEU F 224 -3.12 -4.34 -43.90
C LEU F 224 -1.68 -4.38 -43.41
N THR F 225 -1.36 -5.35 -42.56
CA THR F 225 0.01 -5.45 -42.04
C THR F 225 1.01 -5.66 -43.17
N ALA F 226 0.65 -6.47 -44.18
CA ALA F 226 1.57 -6.65 -45.30
C ALA F 226 1.67 -5.37 -46.12
N SER F 227 0.60 -4.57 -46.14
CA SER F 227 0.66 -3.28 -46.82
C SER F 227 1.55 -2.31 -46.09
N ALA F 228 1.77 -2.52 -44.79
CA ALA F 228 2.62 -1.62 -44.03
C ALA F 228 4.10 -1.88 -44.29
N ASP F 229 4.50 -3.15 -44.29
CA ASP F 229 5.89 -3.52 -44.47
C ASP F 229 6.41 -2.98 -45.80
N SER F 230 7.58 -2.33 -45.76
CA SER F 230 8.16 -1.76 -46.96
C SER F 230 9.23 -2.63 -47.61
N VAL F 231 9.79 -3.60 -46.87
CA VAL F 231 10.77 -4.51 -47.46
C VAL F 231 10.16 -5.23 -48.65
N ARG F 232 8.85 -5.48 -48.60
CA ARG F 232 8.17 -6.15 -49.70
C ARG F 232 7.94 -5.20 -50.86
N ALA F 233 7.56 -3.96 -50.59
CA ALA F 233 7.41 -3.01 -51.68
C ALA F 233 8.74 -2.82 -52.39
N TYR F 234 9.83 -2.79 -51.63
CA TYR F 234 11.15 -2.62 -52.22
C TYR F 234 11.54 -3.83 -53.07
N LEU F 235 11.27 -5.04 -52.56
CA LEU F 235 11.55 -6.23 -53.36
C LEU F 235 10.74 -6.21 -54.65
N LYS F 236 9.45 -5.91 -54.56
CA LYS F 236 8.62 -5.78 -55.75
C LYS F 236 9.23 -4.79 -56.74
N GLN F 237 9.61 -3.61 -56.24
CA GLN F 237 10.11 -2.57 -57.13
C GLN F 237 11.39 -3.01 -57.82
N ILE F 238 12.30 -3.64 -57.08
CA ILE F 238 13.56 -4.07 -57.69
C ILE F 238 13.31 -5.19 -58.69
N GLY F 239 12.32 -6.04 -58.42
CA GLY F 239 12.08 -7.20 -59.29
C GLY F 239 11.83 -6.79 -60.74
N LYS F 240 11.05 -5.71 -60.94
CA LYS F 240 10.63 -5.32 -62.27
C LYS F 240 11.80 -5.10 -63.23
N VAL F 241 13.01 -4.97 -62.71
CA VAL F 241 14.17 -4.69 -63.57
C VAL F 241 14.64 -5.99 -64.21
N ALA F 242 15.13 -5.88 -65.44
CA ALA F 242 15.56 -7.03 -66.22
C ALA F 242 17.04 -7.29 -66.00
N LEU F 243 17.38 -8.54 -65.70
CA LEU F 243 18.76 -8.91 -65.42
C LEU F 243 19.61 -8.77 -66.68
N LEU F 244 20.92 -8.87 -66.50
CA LEU F 244 21.88 -8.77 -67.59
C LEU F 244 22.65 -10.07 -67.73
N ASN F 245 23.38 -10.20 -68.84
CA ASN F 245 24.13 -11.41 -69.12
C ASN F 245 25.59 -11.12 -69.40
N ALA F 246 26.32 -12.15 -69.85
CA ALA F 246 27.78 -12.11 -69.97
C ALA F 246 28.32 -10.79 -70.49
N GLU F 247 27.89 -10.38 -71.69
CA GLU F 247 28.54 -9.30 -72.41
C GLU F 247 27.75 -8.00 -72.43
N GLU F 248 26.55 -7.96 -71.85
CA GLU F 248 25.76 -6.73 -71.85
C GLU F 248 26.46 -5.65 -71.03
N GLU F 249 26.86 -5.97 -69.81
CA GLU F 249 27.63 -5.02 -69.01
C GLU F 249 28.95 -4.68 -69.67
N VAL F 250 29.51 -5.61 -70.46
CA VAL F 250 30.69 -5.30 -71.26
C VAL F 250 30.44 -4.05 -72.10
N GLU F 251 29.25 -3.95 -72.71
CA GLU F 251 28.91 -2.78 -73.51
C GLU F 251 28.53 -1.60 -72.63
N LEU F 252 27.84 -1.85 -71.51
CA LEU F 252 27.43 -0.75 -70.65
C LEU F 252 28.65 0.00 -70.12
N ALA F 253 29.71 -0.72 -69.77
CA ALA F 253 30.91 -0.06 -69.26
C ALA F 253 31.51 0.83 -70.34
N LYS F 254 31.53 0.34 -71.57
CA LYS F 254 32.05 1.14 -72.69
C LYS F 254 31.24 2.42 -72.83
N ARG F 255 29.91 2.31 -72.79
CA ARG F 255 29.07 3.50 -72.89
C ARG F 255 29.32 4.46 -71.74
N ILE F 256 29.48 3.93 -70.53
CA ILE F 256 29.77 4.76 -69.36
C ILE F 256 31.05 5.56 -69.59
N GLU F 257 32.13 4.86 -69.96
CA GLU F 257 33.41 5.53 -70.14
C GLU F 257 33.36 6.54 -71.29
N ALA F 258 32.64 6.21 -72.37
CA ALA F 258 32.50 7.15 -73.46
C ALA F 258 31.77 8.41 -73.02
N GLY F 259 30.70 8.25 -72.25
CA GLY F 259 30.00 9.41 -71.74
C GLY F 259 30.87 10.26 -70.82
N LEU F 260 31.62 9.60 -69.93
CA LEU F 260 32.55 10.34 -69.08
C LEU F 260 33.56 11.13 -69.91
N TYR F 261 34.11 10.49 -70.96
CA TYR F 261 35.12 11.16 -71.78
C TYR F 261 34.52 12.34 -72.53
N ALA F 262 33.30 12.19 -73.03
CA ALA F 262 32.64 13.29 -73.71
C ALA F 262 32.36 14.44 -72.75
N THR F 263 31.92 14.12 -71.53
CA THR F 263 31.74 15.15 -70.52
C THR F 263 33.04 15.90 -70.25
N GLN F 264 34.15 15.17 -70.11
CA GLN F 264 35.44 15.82 -69.90
C GLN F 264 35.79 16.72 -71.08
N LEU F 265 35.67 16.20 -72.31
CA LEU F 265 35.90 17.01 -73.50
C LEU F 265 35.04 18.26 -73.52
N MET F 266 33.86 18.19 -72.91
CA MET F 266 33.01 19.38 -72.83
C MET F 266 33.79 20.60 -72.34
N THR F 267 34.51 20.44 -71.22
CA THR F 267 35.31 21.55 -70.70
C THR F 267 36.37 22.02 -71.69
N GLU F 268 37.00 21.08 -72.40
CA GLU F 268 37.95 21.44 -73.45
C GLU F 268 37.31 22.29 -74.52
N LEU F 269 36.07 21.98 -74.90
CA LEU F 269 35.37 22.78 -75.89
C LEU F 269 34.95 24.13 -75.31
N SER F 270 34.57 24.14 -74.02
CA SER F 270 34.21 25.39 -73.36
C SER F 270 35.38 26.36 -73.39
N GLU F 271 36.57 25.88 -73.07
CA GLU F 271 37.75 26.74 -73.09
C GLU F 271 38.14 27.10 -74.51
N ARG F 272 38.28 26.09 -75.38
CA ARG F 272 38.53 26.32 -76.80
C ARG F 272 37.32 26.88 -77.52
N GLY F 273 36.21 27.09 -76.84
CA GLY F 273 35.01 27.62 -77.46
C GLY F 273 34.67 26.88 -78.73
N GLU F 274 34.21 27.63 -79.74
CA GLU F 274 33.91 27.07 -81.06
C GLU F 274 32.92 25.91 -80.95
N LYS F 275 31.71 26.25 -80.49
CA LYS F 275 30.63 25.27 -80.44
C LYS F 275 30.47 24.59 -81.80
N LEU F 276 30.65 23.28 -81.82
CA LEU F 276 30.65 22.53 -83.08
C LEU F 276 29.26 22.61 -83.73
N PRO F 277 29.12 22.10 -84.95
CA PRO F 277 27.81 22.14 -85.62
C PRO F 277 26.69 21.56 -84.76
N ALA F 278 25.45 21.89 -85.11
CA ALA F 278 24.30 21.41 -84.33
C ALA F 278 24.41 19.92 -84.05
N ALA F 279 24.64 19.13 -85.10
CA ALA F 279 24.74 17.68 -84.91
C ALA F 279 26.02 17.29 -84.18
N GLN F 280 27.11 17.99 -84.47
CA GLN F 280 28.38 17.65 -83.83
C GLN F 280 28.29 17.76 -82.31
N ARG F 281 27.41 18.62 -81.81
CA ARG F 281 27.17 18.76 -80.39
C ARG F 281 26.05 17.83 -79.92
N ARG F 282 24.99 17.72 -80.71
CA ARG F 282 23.84 16.93 -80.30
C ARG F 282 24.20 15.46 -80.14
N ASP F 283 25.00 14.92 -81.06
CA ASP F 283 25.36 13.51 -80.96
C ASP F 283 26.19 13.23 -79.71
N MET F 284 27.13 14.12 -79.39
CA MET F 284 27.95 13.92 -78.20
C MET F 284 27.10 14.04 -76.94
N MET F 285 26.16 14.99 -76.91
CA MET F 285 25.31 15.12 -75.75
C MET F 285 24.40 13.91 -75.59
N TRP F 286 23.92 13.37 -76.70
CA TRP F 286 23.12 12.14 -76.65
C TRP F 286 23.95 10.97 -76.14
N ILE F 287 25.22 10.89 -76.55
CA ILE F 287 26.07 9.82 -76.04
C ILE F 287 26.30 9.99 -74.54
N CYS F 288 26.41 11.24 -74.09
CA CYS F 288 26.56 11.44 -72.66
C CYS F 288 25.31 10.97 -71.93
N ARG F 289 24.13 11.41 -72.38
CA ARG F 289 22.90 10.94 -71.74
C ARG F 289 22.88 9.42 -71.70
N ASP F 290 23.33 8.78 -72.78
CA ASP F 290 23.39 7.32 -72.82
C ASP F 290 24.29 6.80 -71.72
N GLY F 291 25.32 7.56 -71.37
CA GLY F 291 26.20 7.14 -70.28
C GLY F 291 25.45 7.00 -68.98
N ASP F 292 24.75 8.05 -68.57
CA ASP F 292 23.95 8.01 -67.34
C ASP F 292 22.89 6.92 -67.41
N ARG F 293 22.23 6.79 -68.57
CA ARG F 293 21.20 5.77 -68.69
C ARG F 293 21.77 4.38 -68.46
N ALA F 294 22.92 4.08 -69.06
CA ALA F 294 23.52 2.76 -68.88
C ALA F 294 23.98 2.56 -67.45
N LYS F 295 24.52 3.61 -66.82
CA LYS F 295 24.93 3.50 -65.43
C LYS F 295 23.76 3.14 -64.54
N ASN F 296 22.65 3.87 -64.68
CA ASN F 296 21.45 3.56 -63.90
C ASN F 296 20.94 2.15 -64.23
N HIS F 297 21.02 1.74 -65.49
CA HIS F 297 20.57 0.40 -65.86
C HIS F 297 21.38 -0.66 -65.12
N LEU F 298 22.70 -0.50 -65.09
CA LEU F 298 23.53 -1.48 -64.39
C LEU F 298 23.26 -1.47 -62.89
N LEU F 299 23.12 -0.29 -62.30
CA LEU F 299 22.79 -0.22 -60.88
C LEU F 299 21.49 -0.97 -60.58
N GLU F 300 20.47 -0.75 -61.41
CA GLU F 300 19.19 -1.44 -61.21
C GLU F 300 19.34 -2.94 -61.43
N ALA F 301 20.20 -3.34 -62.37
CA ALA F 301 20.39 -4.76 -62.63
C ALA F 301 21.08 -5.46 -61.46
N ASN F 302 21.92 -4.74 -60.73
CA ASN F 302 22.69 -5.35 -59.65
C ASN F 302 22.08 -5.14 -58.27
N LEU F 303 21.06 -4.28 -58.16
CA LEU F 303 20.36 -4.15 -56.89
C LEU F 303 19.96 -5.49 -56.31
N ARG F 304 19.53 -6.43 -57.17
CA ARG F 304 19.09 -7.72 -56.67
C ARG F 304 20.25 -8.49 -56.06
N LEU F 305 21.42 -8.47 -56.69
CA LEU F 305 22.60 -9.10 -56.09
C LEU F 305 22.92 -8.45 -54.75
N VAL F 306 22.81 -7.12 -54.69
CA VAL F 306 23.09 -6.42 -53.43
C VAL F 306 22.19 -6.95 -52.33
N VAL F 307 20.88 -7.02 -52.60
CA VAL F 307 19.94 -7.51 -51.60
C VAL F 307 20.25 -8.94 -51.23
N SER F 308 20.55 -9.78 -52.23
CA SER F 308 20.83 -11.19 -51.97
C SER F 308 22.03 -11.34 -51.05
N LEU F 309 23.05 -10.52 -51.24
CA LEU F 309 24.25 -10.62 -50.41
C LEU F 309 24.02 -10.04 -49.02
N ALA F 310 23.24 -8.96 -48.92
CA ALA F 310 23.01 -8.31 -47.64
C ALA F 310 21.94 -9.00 -46.81
N LYS F 311 21.20 -9.95 -47.37
CA LYS F 311 20.15 -10.63 -46.62
C LYS F 311 20.68 -11.66 -45.64
N ARG F 312 21.98 -11.67 -45.36
CA ARG F 312 22.57 -12.59 -44.39
C ARG F 312 23.52 -11.86 -43.47
N TYR F 313 23.13 -10.65 -43.07
CA TYR F 313 23.87 -9.85 -42.09
C TYR F 313 22.92 -9.20 -41.09
N THR F 314 21.79 -9.83 -40.82
CA THR F 314 20.72 -9.25 -40.03
C THR F 314 20.67 -9.84 -38.63
N GLY F 315 19.92 -9.17 -37.76
CA GLY F 315 19.74 -9.62 -36.39
C GLY F 315 20.74 -9.08 -35.41
N ARG F 316 21.78 -8.39 -35.86
CA ARG F 316 22.85 -7.91 -34.98
C ARG F 316 23.23 -6.49 -35.38
N GLY F 317 22.60 -5.50 -34.74
CA GLY F 317 23.08 -4.13 -34.74
C GLY F 317 22.42 -3.20 -35.73
N MET F 318 21.78 -3.71 -36.77
CA MET F 318 21.24 -2.83 -37.80
C MET F 318 19.97 -3.41 -38.39
N ALA F 319 19.21 -2.55 -39.06
CA ALA F 319 17.98 -2.92 -39.73
C ALA F 319 18.25 -3.35 -41.17
N PHE F 320 17.40 -4.24 -41.67
CA PHE F 320 17.59 -4.81 -43.00
C PHE F 320 17.76 -3.70 -44.05
N LEU F 321 16.89 -2.69 -44.00
CA LEU F 321 16.93 -1.65 -45.02
C LEU F 321 18.24 -0.85 -44.96
N ASP F 322 18.76 -0.60 -43.76
CA ASP F 322 20.03 0.10 -43.67
C ASP F 322 21.16 -0.70 -44.32
N LEU F 323 21.14 -2.02 -44.12
CA LEU F 323 22.12 -2.88 -44.78
C LEU F 323 21.96 -2.82 -46.29
N ILE F 324 20.71 -2.86 -46.77
CA ILE F 324 20.48 -2.77 -48.21
C ILE F 324 21.03 -1.47 -48.76
N GLN F 325 20.84 -0.37 -48.04
CA GLN F 325 21.28 0.93 -48.54
C GLN F 325 22.80 1.03 -48.53
N GLU F 326 23.45 0.53 -47.47
CA GLU F 326 24.90 0.49 -47.47
C GLU F 326 25.43 -0.37 -48.61
N GLY F 327 24.77 -1.50 -48.88
CA GLY F 327 25.15 -2.30 -50.02
C GLY F 327 24.98 -1.57 -51.34
N ASN F 328 23.93 -0.75 -51.45
CA ASN F 328 23.73 0.04 -52.66
C ASN F 328 24.86 1.05 -52.84
N LEU F 329 25.27 1.70 -51.74
CA LEU F 329 26.42 2.60 -51.82
C LEU F 329 27.68 1.84 -52.26
N GLY F 330 27.91 0.67 -51.67
CA GLY F 330 29.05 -0.14 -52.07
C GLY F 330 29.00 -0.51 -53.53
N LEU F 331 27.80 -0.80 -54.04
CA LEU F 331 27.66 -1.16 -55.45
C LEU F 331 27.93 0.04 -56.35
N ILE F 332 27.49 1.22 -55.94
CA ILE F 332 27.83 2.43 -56.69
C ILE F 332 29.34 2.59 -56.76
N ARG F 333 30.01 2.41 -55.61
CA ARG F 333 31.47 2.49 -55.59
C ARG F 333 32.08 1.47 -56.56
N ALA F 334 31.61 0.22 -56.50
CA ALA F 334 32.14 -0.82 -57.37
C ALA F 334 31.98 -0.45 -58.84
N VAL F 335 30.76 -0.08 -59.24
CA VAL F 335 30.51 0.29 -60.62
C VAL F 335 31.42 1.45 -61.02
N GLU F 336 31.69 2.37 -60.10
CA GLU F 336 32.61 3.45 -60.42
C GLU F 336 34.04 2.95 -60.58
N LYS F 337 34.39 1.87 -59.89
CA LYS F 337 35.73 1.30 -59.92
C LYS F 337 35.76 -0.08 -60.57
N PHE F 338 35.03 -0.24 -61.67
CA PHE F 338 35.00 -1.50 -62.40
C PHE F 338 35.76 -1.37 -63.71
N ASP F 339 36.28 -2.50 -64.18
CA ASP F 339 37.00 -2.58 -65.45
C ASP F 339 36.39 -3.68 -66.30
N TYR F 340 36.26 -3.42 -67.59
CA TYR F 340 35.66 -4.37 -68.52
C TYR F 340 36.67 -5.07 -69.41
N THR F 341 37.95 -4.68 -69.36
CA THR F 341 38.96 -5.33 -70.19
C THR F 341 39.49 -6.61 -69.55
N LYS F 342 39.50 -6.69 -68.23
CA LYS F 342 40.05 -7.88 -67.58
C LYS F 342 39.23 -9.13 -67.86
N GLY F 343 37.97 -8.98 -68.26
CA GLY F 343 37.17 -10.13 -68.63
C GLY F 343 36.79 -11.00 -67.46
N TYR F 344 36.11 -10.42 -66.46
CA TYR F 344 35.63 -11.16 -65.30
C TYR F 344 34.15 -10.89 -65.11
N LYS F 345 33.49 -11.82 -64.42
CA LYS F 345 32.08 -11.63 -64.08
C LYS F 345 31.92 -10.49 -63.09
N PHE F 346 31.06 -9.53 -63.44
CA PHE F 346 30.92 -8.32 -62.64
C PHE F 346 30.65 -8.63 -61.17
N SER F 347 29.77 -9.60 -60.90
CA SER F 347 29.43 -9.92 -59.52
C SER F 347 30.66 -10.32 -58.71
N THR F 348 31.60 -11.05 -59.35
CA THR F 348 32.80 -11.48 -58.64
C THR F 348 33.51 -10.30 -58.00
N TYR F 349 33.69 -9.21 -58.75
CA TYR F 349 34.37 -8.05 -58.22
C TYR F 349 33.47 -7.18 -57.37
N ALA F 350 32.18 -7.11 -57.68
CA ALA F 350 31.26 -6.28 -56.92
C ALA F 350 31.05 -6.81 -55.50
N THR F 351 31.16 -8.13 -55.31
CA THR F 351 30.90 -8.70 -54.00
C THR F 351 31.85 -8.15 -52.94
N TRP F 352 33.12 -7.93 -53.32
CA TRP F 352 34.08 -7.40 -52.36
C TRP F 352 33.59 -6.08 -51.78
N TRP F 353 33.26 -5.13 -52.65
CA TRP F 353 32.79 -3.82 -52.18
C TRP F 353 31.46 -3.97 -51.43
N ILE F 354 30.54 -4.78 -51.96
CA ILE F 354 29.23 -4.85 -51.35
C ILE F 354 29.30 -5.47 -49.96
N ARG F 355 30.35 -6.25 -49.68
CA ARG F 355 30.52 -6.80 -48.34
C ARG F 355 31.31 -5.86 -47.45
N GLN F 356 32.33 -5.18 -48.01
CA GLN F 356 33.13 -4.28 -47.21
C GLN F 356 32.30 -3.11 -46.72
N ALA F 357 31.44 -2.57 -47.58
CA ALA F 357 30.65 -1.40 -47.18
C ALA F 357 29.71 -1.77 -46.05
N ILE F 358 29.06 -2.93 -46.15
CA ILE F 358 28.14 -3.38 -45.13
C ILE F 358 28.88 -3.61 -43.81
N THR F 359 30.09 -4.16 -43.88
CA THR F 359 30.85 -4.39 -42.66
C THR F 359 31.28 -3.09 -42.00
N ARG F 360 31.81 -2.16 -42.81
CA ARG F 360 32.18 -0.86 -42.27
C ARG F 360 30.97 -0.14 -41.66
N ALA F 361 29.81 -0.25 -42.30
CA ALA F 361 28.59 0.29 -41.71
C ALA F 361 28.34 -0.35 -40.35
N MET F 362 28.14 -1.67 -40.31
CA MET F 362 27.88 -2.35 -39.06
C MET F 362 28.90 -1.97 -37.99
N ALA F 363 30.12 -1.59 -38.39
CA ALA F 363 31.11 -1.16 -37.42
C ALA F 363 30.87 0.26 -36.94
N ASP F 364 30.46 1.16 -37.84
CA ASP F 364 30.34 2.57 -37.48
C ASP F 364 29.01 2.90 -36.82
N GLN F 365 27.91 2.41 -37.37
CA GLN F 365 26.57 2.85 -37.00
C GLN F 365 25.78 1.77 -36.26
N ALA F 366 26.45 0.93 -35.48
CA ALA F 366 25.78 -0.15 -34.77
C ALA F 366 25.78 0.01 -33.26
N ARG F 367 26.50 0.99 -32.72
CA ARG F 367 26.64 1.15 -31.28
C ARG F 367 26.30 2.57 -30.88
N THR F 368 25.54 2.70 -29.79
CA THR F 368 25.20 4.03 -29.27
C THR F 368 26.46 4.84 -29.00
N ILE F 369 27.38 4.28 -28.23
CA ILE F 369 28.69 4.89 -28.01
C ILE F 369 29.63 4.36 -29.09
N ARG F 370 29.98 5.22 -30.04
CA ARG F 370 30.74 4.77 -31.20
C ARG F 370 32.09 4.23 -30.79
N ILE F 371 32.55 3.22 -31.53
CA ILE F 371 33.86 2.62 -31.32
C ILE F 371 34.59 2.58 -32.65
N PRO F 372 35.79 3.14 -32.75
CA PRO F 372 36.50 3.16 -34.05
C PRO F 372 36.64 1.77 -34.64
N VAL F 373 36.93 1.71 -35.95
CA VAL F 373 36.95 0.43 -36.66
C VAL F 373 38.03 -0.48 -36.11
N HIS F 374 39.24 0.06 -35.94
CA HIS F 374 40.36 -0.79 -35.52
C HIS F 374 40.07 -1.47 -34.19
N MET F 375 39.29 -0.82 -33.33
CA MET F 375 38.91 -1.47 -32.08
C MET F 375 37.84 -2.53 -32.29
N VAL F 376 36.92 -2.28 -33.22
CA VAL F 376 35.90 -3.27 -33.52
C VAL F 376 36.53 -4.53 -34.07
N GLU F 377 37.61 -4.39 -34.84
CA GLU F 377 38.31 -5.56 -35.34
C GLU F 377 38.79 -6.45 -34.20
N VAL F 378 39.48 -5.85 -33.24
CA VAL F 378 40.00 -6.63 -32.11
C VAL F 378 38.86 -7.18 -31.27
N ILE F 379 37.76 -6.43 -31.16
CA ILE F 379 36.63 -6.90 -30.36
C ILE F 379 36.03 -8.16 -30.99
N ASN F 380 35.81 -8.12 -32.31
CA ASN F 380 35.26 -9.29 -32.99
C ASN F 380 36.23 -10.47 -32.94
N LYS F 381 37.53 -10.20 -33.14
CA LYS F 381 38.51 -11.26 -33.05
C LYS F 381 38.49 -11.92 -31.69
N LEU F 382 38.45 -11.12 -30.62
CA LEU F 382 38.43 -11.69 -29.27
C LEU F 382 37.13 -12.43 -29.01
N GLY F 383 36.00 -11.92 -29.53
CA GLY F 383 34.76 -12.65 -29.39
C GLY F 383 34.82 -14.03 -30.03
N ARG F 384 35.34 -14.10 -31.25
CA ARG F 384 35.45 -15.38 -31.93
C ARG F 384 36.42 -16.30 -31.21
N ILE F 385 37.55 -15.75 -30.73
CA ILE F 385 38.52 -16.57 -30.01
C ILE F 385 37.90 -17.15 -28.75
N GLN F 386 37.17 -16.32 -28.00
CA GLN F 386 36.53 -16.82 -26.78
C GLN F 386 35.47 -17.85 -27.10
N ARG F 387 34.72 -17.65 -28.17
CA ARG F 387 33.74 -18.64 -28.59
C ARG F 387 34.40 -19.99 -28.87
N GLU F 388 35.47 -19.98 -29.68
CA GLU F 388 36.16 -21.22 -30.01
C GLU F 388 36.77 -21.85 -28.76
N LEU F 389 37.30 -21.02 -27.85
CA LEU F 389 37.93 -21.55 -26.65
C LEU F 389 36.90 -22.22 -25.75
N LEU F 390 35.74 -21.59 -25.55
CA LEU F 390 34.69 -22.21 -24.76
C LEU F 390 34.14 -23.45 -25.44
N GLN F 391 34.10 -23.46 -26.78
CA GLN F 391 33.66 -24.65 -27.49
C GLN F 391 34.61 -25.82 -27.24
N ASP F 392 35.91 -25.59 -27.38
CA ASP F 392 36.89 -26.65 -27.16
C ASP F 392 36.89 -27.09 -25.70
N LEU F 393 37.12 -26.15 -24.78
CA LEU F 393 37.13 -26.47 -23.36
C LEU F 393 35.74 -26.79 -22.82
N GLY F 394 34.69 -26.48 -23.56
CA GLY F 394 33.34 -26.78 -23.11
C GLY F 394 32.87 -25.96 -21.92
N ARG F 395 33.54 -24.85 -21.61
CA ARG F 395 33.17 -24.03 -20.47
C ARG F 395 33.70 -22.62 -20.67
N GLU F 396 33.35 -21.74 -19.76
CA GLU F 396 33.74 -20.33 -19.84
C GLU F 396 35.26 -20.19 -19.69
N PRO F 397 35.96 -19.67 -20.69
CA PRO F 397 37.40 -19.40 -20.53
C PRO F 397 37.64 -18.30 -19.51
N THR F 398 38.92 -17.98 -19.28
CA THR F 398 39.33 -16.98 -18.30
C THR F 398 40.05 -15.84 -19.00
N PRO F 399 40.10 -14.66 -18.37
CA PRO F 399 40.77 -13.51 -19.00
C PRO F 399 42.24 -13.76 -19.24
N GLU F 400 42.99 -14.09 -18.19
CA GLU F 400 44.41 -14.38 -18.34
C GLU F 400 44.65 -15.45 -19.40
N GLU F 401 43.75 -16.43 -19.49
CA GLU F 401 43.89 -17.49 -20.48
C GLU F 401 43.96 -16.90 -21.88
N LEU F 402 42.95 -16.10 -22.26
CA LEU F 402 42.94 -15.51 -23.59
C LEU F 402 44.09 -14.52 -23.77
N ALA F 403 44.39 -13.74 -22.74
CA ALA F 403 45.53 -12.82 -22.80
C ALA F 403 46.79 -13.56 -23.24
N LYS F 404 47.10 -14.66 -22.56
CA LYS F 404 48.15 -15.56 -23.05
C LYS F 404 47.86 -16.01 -24.46
N GLU F 405 46.58 -16.21 -24.80
CA GLU F 405 46.21 -16.71 -26.11
C GLU F 405 46.28 -15.61 -27.17
N MET F 406 45.70 -14.45 -26.87
CA MET F 406 45.57 -13.38 -27.86
C MET F 406 46.79 -12.45 -27.87
N ASP F 407 47.94 -12.92 -27.40
CA ASP F 407 49.19 -12.17 -27.50
C ASP F 407 49.06 -10.78 -26.91
N ILE F 408 48.43 -10.68 -25.74
CA ILE F 408 48.28 -9.42 -25.02
C ILE F 408 48.26 -9.72 -23.52
N THR F 409 48.31 -8.66 -22.72
CA THR F 409 48.30 -8.80 -21.28
C THR F 409 46.87 -8.98 -20.77
N PRO F 410 46.71 -9.60 -19.60
CA PRO F 410 45.36 -9.76 -19.05
C PRO F 410 44.63 -8.44 -18.86
N GLU F 411 45.34 -7.36 -18.52
CA GLU F 411 44.71 -6.07 -18.38
C GLU F 411 44.12 -5.58 -19.69
N LYS F 412 44.84 -5.77 -20.80
CA LYS F 412 44.32 -5.32 -22.10
C LYS F 412 43.08 -6.11 -22.49
N VAL F 413 43.08 -7.43 -22.24
CA VAL F 413 41.91 -8.23 -22.58
C VAL F 413 40.73 -7.86 -21.69
N LEU F 414 41.00 -7.54 -20.43
CA LEU F 414 39.92 -7.08 -19.54
C LEU F 414 39.36 -5.74 -20.02
N GLU F 415 40.23 -4.84 -20.47
CA GLU F 415 39.77 -3.57 -21.03
C GLU F 415 38.88 -3.79 -22.25
N ILE F 416 39.35 -4.61 -23.19
CA ILE F 416 38.54 -4.90 -24.38
C ILE F 416 37.20 -5.53 -23.97
N GLN F 417 37.22 -6.43 -22.98
CA GLN F 417 35.97 -6.97 -22.47
C GLN F 417 35.06 -5.86 -21.97
N GLN F 418 35.63 -4.89 -21.24
CA GLN F 418 34.84 -3.79 -20.73
C GLN F 418 34.18 -3.05 -21.88
N TYR F 419 34.95 -2.74 -22.92
CA TYR F 419 34.40 -2.03 -24.06
C TYR F 419 33.32 -2.84 -24.76
N ALA F 420 33.41 -4.17 -24.67
CA ALA F 420 32.47 -5.03 -25.39
C ALA F 420 31.03 -4.72 -25.00
N ARG F 421 30.73 -4.76 -23.70
CA ARG F 421 29.35 -4.62 -23.23
C ARG F 421 28.70 -3.36 -23.78
N GLU F 422 27.38 -3.45 -24.02
CA GLU F 422 26.53 -2.41 -24.56
C GLU F 422 25.71 -1.75 -23.47
N PRO F 423 25.34 -0.48 -23.64
CA PRO F 423 24.60 0.22 -22.59
C PRO F 423 23.29 -0.47 -22.25
N ILE F 424 22.87 -0.32 -21.00
CA ILE F 424 21.63 -0.92 -20.51
C ILE F 424 20.48 0.03 -20.74
N SER F 425 19.37 -0.49 -21.27
CA SER F 425 18.18 0.32 -21.46
C SER F 425 17.56 0.69 -20.12
N LEU F 426 17.06 1.92 -20.03
CA LEU F 426 16.54 2.49 -18.79
C LEU F 426 15.02 2.56 -18.78
N ASP F 427 14.34 1.69 -19.53
CA ASP F 427 12.89 1.73 -19.66
C ASP F 427 12.20 0.47 -19.17
N GLN F 428 12.69 -0.70 -19.55
CA GLN F 428 11.98 -1.93 -19.26
C GLN F 428 11.70 -2.07 -17.76
N THR F 429 10.47 -2.49 -17.44
CA THR F 429 10.11 -2.75 -16.05
C THR F 429 11.13 -3.69 -15.42
N ILE F 430 11.25 -3.62 -14.10
CA ILE F 430 12.34 -4.31 -13.38
C ILE F 430 11.80 -5.71 -13.04
N GLY F 431 11.83 -6.59 -14.03
CA GLY F 431 11.72 -8.02 -13.80
C GLY F 431 10.43 -8.55 -13.20
N ASP F 432 9.49 -7.67 -12.85
CA ASP F 432 8.25 -8.11 -12.23
C ASP F 432 7.22 -6.99 -12.37
N GLU F 433 6.13 -7.10 -11.63
CA GLU F 433 5.13 -6.05 -11.56
C GLU F 433 5.76 -4.84 -10.91
N GLY F 434 6.04 -3.81 -11.69
CA GLY F 434 5.68 -3.82 -13.11
C GLY F 434 5.39 -2.41 -13.57
N ASP F 435 5.31 -1.49 -12.61
CA ASP F 435 5.20 -0.07 -12.88
C ASP F 435 6.51 0.65 -12.63
N SER F 436 7.21 0.31 -11.54
CA SER F 436 8.51 0.90 -11.29
C SER F 436 9.48 0.51 -12.40
N GLN F 437 10.41 1.39 -12.70
CA GLN F 437 11.41 1.15 -13.73
C GLN F 437 12.80 1.16 -13.11
N LEU F 438 13.79 0.78 -13.92
CA LEU F 438 15.17 0.74 -13.46
C LEU F 438 15.67 2.11 -13.03
N GLY F 439 14.91 3.17 -13.29
CA GLY F 439 15.36 4.53 -13.05
C GLY F 439 15.19 4.98 -11.60
N ASP F 440 14.11 4.54 -10.95
CA ASP F 440 13.80 5.03 -9.61
C ASP F 440 14.63 4.36 -8.53
N PHE F 441 15.62 3.54 -8.89
CA PHE F 441 16.48 2.87 -7.93
C PHE F 441 17.93 3.29 -8.08
N ILE F 442 18.21 4.31 -8.89
CA ILE F 442 19.56 4.81 -9.09
C ILE F 442 19.78 5.96 -8.11
N GLU F 443 20.64 5.74 -7.12
CA GLU F 443 20.99 6.77 -6.15
C GLU F 443 22.32 7.39 -6.56
N ASP F 444 22.30 8.69 -6.82
CA ASP F 444 23.51 9.38 -7.24
C ASP F 444 24.57 9.33 -6.14
N SER F 445 25.80 9.02 -6.53
CA SER F 445 26.93 8.99 -5.60
C SER F 445 27.55 10.36 -5.39
N GLU F 446 27.25 11.33 -6.25
CA GLU F 446 27.73 12.70 -6.11
C GLU F 446 26.58 13.69 -5.98
N ALA F 447 25.50 13.29 -5.33
CA ALA F 447 24.33 14.15 -5.24
C ALA F 447 24.69 15.48 -4.59
N VAL F 448 23.79 16.45 -4.74
CA VAL F 448 24.01 17.80 -4.23
C VAL F 448 23.40 17.87 -2.82
N VAL F 449 24.20 17.50 -1.82
CA VAL F 449 23.74 17.57 -0.44
C VAL F 449 23.40 19.02 -0.12
N ALA F 450 22.25 19.23 0.54
CA ALA F 450 21.84 20.58 0.87
C ALA F 450 22.66 21.17 2.01
N VAL F 451 23.07 20.34 2.98
CA VAL F 451 23.82 20.86 4.11
C VAL F 451 25.14 21.45 3.64
N ASP F 452 25.79 20.81 2.67
CA ASP F 452 27.05 21.35 2.15
C ASP F 452 26.83 22.65 1.39
N ALA F 453 25.77 22.72 0.59
CA ALA F 453 25.45 23.96 -0.12
C ALA F 453 25.25 25.10 0.85
N VAL F 454 24.53 24.86 1.95
CA VAL F 454 24.33 25.91 2.94
C VAL F 454 25.64 26.22 3.65
N SER F 455 26.46 25.20 3.90
CA SER F 455 27.68 25.38 4.67
C SER F 455 28.72 26.21 3.91
N PHE F 456 28.74 26.10 2.59
CA PHE F 456 29.77 26.80 1.82
C PHE F 456 29.67 28.31 1.98
N THR F 457 28.44 28.85 1.95
CA THR F 457 28.28 30.29 2.09
C THR F 457 28.70 30.75 3.49
N LEU F 458 28.26 30.02 4.52
CA LEU F 458 28.68 30.36 5.88
C LEU F 458 30.20 30.29 6.01
N LEU F 459 30.83 29.35 5.31
CA LEU F 459 32.28 29.24 5.35
C LEU F 459 32.93 30.46 4.72
N GLN F 460 32.43 30.89 3.57
CA GLN F 460 32.93 32.11 2.96
C GLN F 460 32.81 33.30 3.91
N ASP F 461 31.64 33.45 4.52
CA ASP F 461 31.42 34.59 5.42
C ASP F 461 32.33 34.52 6.65
N GLN F 462 32.57 33.31 7.16
CA GLN F 462 33.44 33.17 8.33
C GLN F 462 34.89 33.46 7.96
N LEU F 463 35.32 33.01 6.79
CA LEU F 463 36.65 33.38 6.30
C LEU F 463 36.78 34.90 6.22
N GLN F 464 35.77 35.56 5.66
CA GLN F 464 35.80 37.02 5.56
C GLN F 464 35.92 37.65 6.94
N SER F 465 35.09 37.21 7.89
CA SER F 465 35.12 37.76 9.23
C SER F 465 36.50 37.57 9.87
N VAL F 466 37.04 36.36 9.79
CA VAL F 466 38.34 36.09 10.40
C VAL F 466 39.42 36.96 9.80
N LEU F 467 39.44 37.07 8.46
CA LEU F 467 40.47 37.86 7.81
C LEU F 467 40.27 39.36 8.02
N ASP F 468 39.08 39.78 8.41
CA ASP F 468 38.86 41.20 8.71
C ASP F 468 39.50 41.64 10.01
N THR F 469 40.00 40.70 10.81
CA THR F 469 40.60 41.03 12.10
C THR F 469 42.12 41.21 12.03
N LEU F 470 42.74 40.98 10.87
CA LEU F 470 44.18 41.11 10.73
C LEU F 470 44.53 42.54 10.30
N SER F 471 45.78 42.75 9.93
CA SER F 471 46.22 44.06 9.48
C SER F 471 45.44 44.48 8.24
N GLU F 472 45.58 45.76 7.89
CA GLU F 472 44.94 46.26 6.68
C GLU F 472 45.54 45.62 5.44
N ARG F 473 46.86 45.39 5.44
CA ARG F 473 47.50 44.79 4.27
C ARG F 473 47.37 43.27 4.26
N GLU F 474 47.70 42.63 5.38
CA GLU F 474 47.77 41.17 5.41
C GLU F 474 46.51 40.51 4.85
N ALA F 475 45.34 41.12 5.08
CA ALA F 475 44.10 40.55 4.55
C ALA F 475 44.17 40.45 3.02
N GLY F 476 44.41 41.58 2.36
CA GLY F 476 44.50 41.56 0.91
C GLY F 476 45.67 40.73 0.41
N VAL F 477 46.76 40.70 1.17
CA VAL F 477 47.90 39.87 0.81
C VAL F 477 47.48 38.41 0.72
N VAL F 478 46.88 37.89 1.79
CA VAL F 478 46.44 36.50 1.81
C VAL F 478 45.39 36.25 0.74
N ARG F 479 44.47 37.20 0.56
CA ARG F 479 43.44 37.04 -0.48
C ARG F 479 44.07 36.87 -1.85
N LEU F 480 44.84 37.87 -2.29
CA LEU F 480 45.49 37.79 -3.59
C LEU F 480 46.40 36.58 -3.71
N ARG F 481 46.94 36.09 -2.59
CA ARG F 481 47.75 34.87 -2.65
C ARG F 481 46.89 33.65 -2.97
N PHE F 482 45.80 33.46 -2.23
CA PHE F 482 44.89 32.35 -2.46
C PHE F 482 43.74 32.70 -3.40
N GLY F 483 43.73 33.92 -3.94
CA GLY F 483 42.71 34.31 -4.90
C GLY F 483 41.30 34.12 -4.40
N LEU F 484 40.92 34.87 -3.36
CA LEU F 484 39.59 34.77 -2.79
C LEU F 484 38.62 35.74 -3.46
N THR F 485 38.92 37.04 -3.42
CA THR F 485 38.00 38.03 -3.94
C THR F 485 37.98 38.03 -5.46
N ASP F 486 39.15 38.18 -6.09
CA ASP F 486 39.21 38.23 -7.55
C ASP F 486 38.87 36.88 -8.16
N GLY F 487 39.57 35.83 -7.72
CA GLY F 487 39.32 34.48 -8.21
C GLY F 487 40.52 33.80 -8.84
N GLN F 488 41.66 34.48 -8.98
CA GLN F 488 42.84 33.89 -9.57
C GLN F 488 44.03 34.09 -8.63
N PRO F 489 44.79 33.05 -8.32
CA PRO F 489 45.95 33.21 -7.44
C PRO F 489 46.98 34.17 -8.04
N ARG F 490 47.97 34.50 -7.23
CA ARG F 490 49.06 35.37 -7.63
C ARG F 490 50.38 34.79 -7.13
N THR F 491 51.43 34.96 -7.94
CA THR F 491 52.75 34.51 -7.52
C THR F 491 53.24 35.37 -6.35
N LEU F 492 54.36 34.94 -5.75
CA LEU F 492 54.92 35.68 -4.63
C LEU F 492 55.24 37.11 -5.02
N ASP F 493 55.96 37.29 -6.13
CA ASP F 493 56.32 38.64 -6.56
C ASP F 493 55.13 39.39 -7.13
N GLU F 494 54.14 38.67 -7.68
CA GLU F 494 53.00 39.33 -8.31
C GLU F 494 52.26 40.20 -7.31
N ILE F 495 52.01 39.69 -6.11
CA ILE F 495 51.28 40.46 -5.11
C ILE F 495 52.07 41.70 -4.71
N GLY F 496 53.32 41.52 -4.30
CA GLY F 496 54.18 42.64 -4.00
C GLY F 496 54.29 43.66 -5.11
N GLN F 497 54.04 43.22 -6.35
CA GLN F 497 54.00 44.16 -7.47
C GLN F 497 53.20 45.41 -7.13
N VAL F 498 52.07 45.23 -6.45
CA VAL F 498 51.26 46.38 -6.00
C VAL F 498 51.71 46.90 -4.65
N TYR F 499 52.53 46.15 -3.92
CA TYR F 499 53.07 46.59 -2.65
C TYR F 499 54.53 47.02 -2.74
N GLY F 500 55.07 47.15 -3.95
CA GLY F 500 56.41 47.67 -4.13
C GLY F 500 57.50 46.87 -3.45
N VAL F 501 57.26 45.58 -3.18
CA VAL F 501 58.26 44.75 -2.52
C VAL F 501 58.59 43.56 -3.40
N THR F 502 59.46 42.68 -2.92
CA THR F 502 59.97 41.57 -3.72
C THR F 502 59.61 40.24 -3.06
N ARG F 503 60.16 39.16 -3.60
CA ARG F 503 59.84 37.80 -3.15
C ARG F 503 59.84 37.71 -1.62
N GLU F 504 60.93 38.15 -0.99
CA GLU F 504 61.06 37.95 0.45
C GLU F 504 60.12 38.85 1.24
N ARG F 505 60.04 40.13 0.86
CA ARG F 505 59.17 41.05 1.60
C ARG F 505 57.72 40.59 1.58
N ILE F 506 57.35 39.74 0.62
CA ILE F 506 56.00 39.21 0.56
C ILE F 506 55.91 37.88 1.28
N ARG F 507 56.90 37.00 1.08
CA ARG F 507 56.83 35.66 1.63
C ARG F 507 56.94 35.67 3.15
N GLN F 508 57.80 36.53 3.69
CA GLN F 508 57.92 36.65 5.15
C GLN F 508 56.58 37.05 5.76
N ILE F 509 55.95 38.09 5.20
CA ILE F 509 54.67 38.56 5.72
C ILE F 509 53.63 37.45 5.60
N GLU F 510 53.57 36.78 4.46
CA GLU F 510 52.57 35.74 4.26
C GLU F 510 52.75 34.62 5.28
N SER F 511 53.98 34.17 5.47
CA SER F 511 54.26 33.12 6.44
C SER F 511 53.86 33.56 7.84
N LYS F 512 54.26 34.76 8.24
CA LYS F 512 53.93 35.21 9.59
C LYS F 512 52.42 35.31 9.78
N THR F 513 51.70 35.75 8.75
CA THR F 513 50.24 35.81 8.84
C THR F 513 49.66 34.41 8.98
N MET F 514 50.22 33.44 8.27
CA MET F 514 49.75 32.06 8.39
C MET F 514 49.98 31.54 9.81
N SER F 515 51.15 31.81 10.37
CA SER F 515 51.41 31.45 11.75
C SER F 515 50.42 32.12 12.69
N LYS F 516 50.07 33.37 12.39
CA LYS F 516 49.04 34.06 13.18
C LYS F 516 47.72 33.30 13.14
N LEU F 517 47.27 32.91 11.94
CA LEU F 517 46.00 32.22 11.81
C LEU F 517 46.00 30.90 12.57
N ARG F 518 47.12 30.16 12.50
CA ARG F 518 47.22 28.89 13.20
C ARG F 518 46.94 29.01 14.70
N HIS F 519 46.97 30.23 15.25
CA HIS F 519 46.64 30.46 16.65
C HIS F 519 45.31 29.81 16.99
N PRO F 520 45.15 29.28 18.20
CA PRO F 520 43.89 28.56 18.52
C PRO F 520 42.64 29.41 18.34
N SER F 521 42.70 30.69 18.69
CA SER F 521 41.52 31.54 18.57
C SER F 521 41.01 31.57 17.13
N ARG F 522 41.92 31.72 16.17
CA ARG F 522 41.51 31.79 14.77
C ARG F 522 40.95 30.47 14.29
N SER F 523 41.63 29.36 14.59
CA SER F 523 41.22 28.06 14.08
C SER F 523 40.04 27.45 14.84
N GLN F 524 39.62 28.06 15.95
CA GLN F 524 38.50 27.49 16.70
C GLN F 524 37.23 27.52 15.86
N VAL F 525 37.01 28.60 15.12
CA VAL F 525 35.75 28.76 14.41
C VAL F 525 35.76 28.03 13.08
N LEU F 526 36.95 27.75 12.53
CA LEU F 526 37.09 27.18 11.21
C LEU F 526 37.36 25.68 11.22
N ARG F 527 37.80 25.12 12.36
CA ARG F 527 38.26 23.75 12.35
C ARG F 527 37.17 22.78 11.94
N ASP F 528 35.90 23.15 12.13
CA ASP F 528 34.81 22.22 11.88
C ASP F 528 34.45 22.13 10.40
N TYR F 529 34.56 23.25 9.67
CA TYR F 529 34.21 23.23 8.25
C TYR F 529 35.07 22.25 7.47
N LEU F 530 36.30 22.03 7.90
CA LEU F 530 37.21 21.12 7.21
C LEU F 530 36.63 19.71 7.19
N ALA G 2 17.17 -6.44 -11.18
CA ALA G 2 17.38 -6.66 -9.75
C ALA G 2 17.00 -5.42 -8.94
N ASP G 3 15.79 -5.42 -8.41
CA ASP G 3 15.33 -4.30 -7.60
C ASP G 3 16.19 -4.17 -6.35
N ARG G 4 16.93 -3.07 -6.27
CA ARG G 4 17.84 -2.81 -5.15
C ARG G 4 18.22 -1.33 -5.21
N VAL G 5 19.21 -0.94 -4.41
CA VAL G 5 19.75 0.42 -4.46
C VAL G 5 21.13 0.33 -5.06
N LEU G 6 21.22 0.46 -6.39
CA LEU G 6 22.49 0.52 -7.09
C LEU G 6 22.83 1.97 -7.39
N ARG G 7 23.99 2.40 -6.93
CA ARG G 7 24.40 3.79 -7.01
C ARG G 7 25.22 4.00 -8.27
N GLY G 8 24.84 4.99 -9.08
CA GLY G 8 25.58 5.28 -10.29
C GLY G 8 26.20 6.65 -10.21
N SER G 9 26.60 7.22 -11.35
CA SER G 9 27.15 8.57 -11.31
C SER G 9 26.91 9.29 -12.63
N ARG G 10 26.87 10.58 -12.60
CA ARG G 10 26.59 11.39 -13.76
C ARG G 10 27.79 11.57 -14.54
N LEU G 11 27.78 12.42 -15.56
CA LEU G 11 28.95 12.78 -16.35
C LEU G 11 29.00 14.29 -16.32
N GLY G 12 30.02 14.84 -15.68
CA GLY G 12 30.07 16.27 -15.46
C GLY G 12 30.56 16.55 -14.06
N ALA G 13 30.15 17.69 -13.50
CA ALA G 13 30.55 18.06 -12.15
C ALA G 13 29.64 19.17 -11.67
N VAL G 14 29.56 19.30 -10.34
CA VAL G 14 28.75 20.34 -9.70
C VAL G 14 29.63 21.08 -8.71
N SER G 15 29.53 22.41 -8.72
CA SER G 15 30.30 23.26 -7.82
C SER G 15 29.35 24.11 -6.99
N TYR G 16 29.59 24.18 -5.69
CA TYR G 16 28.74 24.95 -4.79
C TYR G 16 29.06 26.43 -4.82
N GLU G 17 29.78 26.90 -5.84
CA GLU G 17 30.09 28.31 -5.98
C GLU G 17 28.82 29.15 -5.97
N THR G 18 28.96 30.44 -5.69
CA THR G 18 27.83 31.35 -5.53
C THR G 18 27.74 32.27 -6.73
N ASP G 19 26.56 32.33 -7.35
CA ASP G 19 26.34 33.26 -8.45
C ASP G 19 26.57 34.69 -8.00
N ARG G 20 27.19 35.48 -8.88
CA ARG G 20 27.46 36.89 -8.58
C ARG G 20 27.40 37.67 -9.88
N ASN G 21 26.66 38.77 -9.88
CA ASN G 21 26.43 39.58 -11.06
C ASN G 21 27.30 40.83 -11.11
N HIS G 22 28.31 40.92 -10.25
CA HIS G 22 29.19 42.07 -10.22
C HIS G 22 30.64 41.60 -10.09
N ASP G 23 31.55 42.38 -10.64
CA ASP G 23 32.99 42.08 -10.56
C ASP G 23 33.32 40.80 -11.33
N LEU G 24 32.89 40.74 -12.59
CA LEU G 24 33.20 39.63 -13.47
C LEU G 24 34.00 40.13 -14.66
N ALA G 25 34.75 39.20 -15.27
CA ALA G 25 35.66 39.56 -16.34
C ALA G 25 34.93 40.34 -17.44
N PRO G 26 35.58 41.33 -18.04
CA PRO G 26 34.93 42.10 -19.11
C PRO G 26 34.97 41.35 -20.43
N ARG G 27 33.94 41.57 -21.23
CA ARG G 27 33.77 40.83 -22.48
C ARG G 27 33.58 41.81 -23.63
N GLN G 28 33.69 41.27 -24.85
CA GLN G 28 33.55 42.04 -26.07
C GLN G 28 32.69 41.25 -27.05
N ILE G 29 31.78 41.94 -27.74
CA ILE G 29 30.81 41.30 -28.60
C ILE G 29 31.27 41.43 -30.05
N ALA G 30 31.14 40.34 -30.80
CA ALA G 30 31.35 40.34 -32.24
C ALA G 30 30.04 40.00 -32.95
N ARG G 31 29.97 40.33 -34.23
CA ARG G 31 28.75 40.13 -35.02
C ARG G 31 29.10 39.41 -36.31
N TYR G 32 29.08 38.08 -36.26
CA TYR G 32 29.27 37.28 -37.45
C TYR G 32 28.00 37.26 -38.29
N ARG G 33 28.15 36.87 -39.56
CA ARG G 33 27.03 36.83 -40.48
C ARG G 33 27.16 35.60 -41.38
N THR G 34 26.06 34.87 -41.54
CA THR G 34 26.06 33.61 -42.27
C THR G 34 26.01 33.88 -43.77
N ASP G 35 25.75 32.84 -44.55
CA ASP G 35 25.74 32.99 -46.00
C ASP G 35 24.40 33.52 -46.51
N ASN G 36 23.31 33.09 -45.89
CA ASN G 36 21.99 33.57 -46.29
C ASN G 36 21.57 34.80 -45.48
N GLY G 37 22.47 35.79 -45.45
CA GLY G 37 22.18 37.07 -44.83
C GLY G 37 21.56 37.00 -43.45
N GLU G 38 22.33 36.55 -42.46
CA GLU G 38 21.86 36.48 -41.09
C GLU G 38 22.81 37.25 -40.16
N GLU G 39 22.26 37.75 -39.07
CA GLU G 39 23.01 38.51 -38.08
C GLU G 39 23.04 37.74 -36.77
N PHE G 40 24.23 37.36 -36.33
CA PHE G 40 24.41 36.61 -35.09
C PHE G 40 25.45 37.30 -34.22
N GLU G 41 25.07 37.60 -32.98
CA GLU G 41 25.96 38.25 -32.03
C GLU G 41 26.56 37.22 -31.09
N VAL G 42 27.88 37.25 -30.94
CA VAL G 42 28.60 36.28 -30.12
C VAL G 42 29.51 37.01 -29.14
N PRO G 43 29.41 36.72 -27.84
CA PRO G 43 30.36 37.30 -26.90
C PRO G 43 31.72 36.60 -26.95
N PHE G 44 32.72 37.28 -26.41
CA PHE G 44 34.07 36.73 -26.33
C PHE G 44 34.77 37.36 -25.15
N ALA G 45 35.77 36.64 -24.63
CA ALA G 45 36.62 37.20 -23.59
C ALA G 45 37.26 38.49 -24.07
N ASP G 46 37.49 39.42 -23.13
CA ASP G 46 38.03 40.71 -23.51
C ASP G 46 39.39 40.57 -24.18
N ASP G 47 40.29 39.79 -23.58
CA ASP G 47 41.59 39.52 -24.16
C ASP G 47 41.54 38.15 -24.84
N ALA G 48 40.95 38.12 -26.03
CA ALA G 48 40.76 36.88 -26.77
C ALA G 48 40.98 37.14 -28.26
N GLU G 49 41.52 36.13 -28.94
CA GLU G 49 41.80 36.22 -30.37
C GLU G 49 40.53 35.92 -31.15
N ILE G 50 39.89 36.97 -31.67
CA ILE G 50 38.61 36.78 -32.36
C ILE G 50 38.83 35.90 -33.59
N PRO G 51 38.00 34.89 -33.83
CA PRO G 51 38.19 34.02 -34.99
C PRO G 51 37.64 34.66 -36.26
N GLY G 52 37.92 34.01 -37.39
CA GLY G 52 37.52 34.52 -38.69
C GLY G 52 36.22 33.97 -39.19
N THR G 53 35.92 32.72 -38.85
CA THR G 53 34.67 32.07 -39.23
C THR G 53 34.07 31.40 -38.00
N TRP G 54 32.74 31.41 -37.93
CA TRP G 54 32.04 30.92 -36.75
C TRP G 54 30.87 30.05 -37.17
N LEU G 55 30.79 28.85 -36.60
CA LEU G 55 29.65 27.98 -36.83
C LEU G 55 28.47 28.53 -36.04
N CYS G 56 27.58 29.24 -36.73
CA CYS G 56 26.60 30.08 -36.07
C CYS G 56 25.42 29.27 -35.56
N ARG G 57 24.57 29.93 -34.77
CA ARG G 57 23.35 29.31 -34.28
C ARG G 57 22.50 28.78 -35.42
N ASN G 58 22.63 29.35 -36.61
CA ASN G 58 21.81 28.94 -37.74
C ASN G 58 22.15 27.52 -38.18
N GLY G 59 23.42 27.13 -38.09
CA GLY G 59 23.86 25.84 -38.54
C GLY G 59 24.82 25.84 -39.70
N MET G 60 25.29 27.02 -40.13
CA MET G 60 26.22 27.13 -41.24
C MET G 60 27.23 28.22 -40.93
N GLU G 61 28.46 28.03 -41.42
CA GLU G 61 29.55 28.93 -41.07
C GLU G 61 29.27 30.35 -41.56
N GLY G 62 29.58 31.32 -40.72
CA GLY G 62 29.43 32.72 -41.08
C GLY G 62 30.69 33.50 -40.82
N THR G 63 30.87 34.55 -41.59
CA THR G 63 32.05 35.40 -41.52
C THR G 63 31.81 36.55 -40.54
N LEU G 64 32.84 37.38 -40.35
CA LEU G 64 32.75 38.47 -39.40
C LEU G 64 31.96 39.65 -39.96
N ILE G 65 31.73 40.64 -39.11
CA ILE G 65 31.14 41.90 -39.55
C ILE G 65 32.17 42.82 -40.19
N GLU G 66 33.44 42.63 -39.89
CA GLU G 66 34.49 43.49 -40.44
C GLU G 66 34.82 43.05 -41.87
N GLY G 67 35.91 43.58 -42.40
CA GLY G 67 36.32 43.28 -43.77
C GLY G 67 37.65 42.57 -43.90
N ASP G 68 37.96 41.67 -42.97
CA ASP G 68 39.23 40.94 -43.07
C ASP G 68 39.29 40.10 -44.33
N LEU G 69 38.41 39.11 -44.44
CA LEU G 69 38.39 38.24 -45.62
C LEU G 69 39.75 37.58 -45.80
N PRO G 70 40.26 36.86 -44.80
CA PRO G 70 41.66 36.42 -44.86
C PRO G 70 41.94 35.44 -46.00
N GLU G 71 41.32 34.26 -45.98
CA GLU G 71 41.64 33.27 -47.01
C GLU G 71 40.51 32.26 -47.21
N PRO G 72 39.86 32.26 -48.36
CA PRO G 72 39.00 31.13 -48.76
C PRO G 72 39.76 30.12 -49.61
N LYS G 73 40.70 29.41 -49.01
CA LYS G 73 41.62 28.55 -49.76
C LYS G 73 41.80 27.24 -49.02
N LYS G 74 42.72 26.41 -49.53
CA LYS G 74 43.13 25.11 -49.02
C LYS G 74 42.14 24.00 -49.39
N VAL G 75 41.01 24.32 -50.01
CA VAL G 75 40.04 23.28 -50.34
C VAL G 75 40.68 22.23 -51.24
N LYS G 76 40.21 20.99 -51.10
CA LYS G 76 40.67 19.88 -51.93
C LYS G 76 39.48 19.27 -52.67
N PRO G 77 39.53 19.16 -53.99
CA PRO G 77 38.38 18.64 -54.73
C PRO G 77 38.13 17.19 -54.40
N PRO G 78 36.86 16.78 -54.25
CA PRO G 78 36.57 15.38 -53.90
C PRO G 78 36.84 14.45 -55.07
N ARG G 79 37.51 13.34 -54.78
CA ARG G 79 37.76 12.32 -55.81
C ARG G 79 36.47 11.99 -56.54
N THR G 80 36.45 12.29 -57.84
CA THR G 80 35.26 12.08 -58.65
C THR G 80 35.42 10.80 -59.48
N HIS G 81 34.44 10.57 -60.37
CA HIS G 81 34.50 9.41 -61.25
C HIS G 81 35.55 9.58 -62.35
N TRP G 82 35.77 10.82 -62.79
CA TRP G 82 36.78 11.05 -63.83
C TRP G 82 38.17 10.67 -63.35
N ASP G 83 38.52 11.01 -62.10
CA ASP G 83 39.82 10.64 -61.58
C ASP G 83 39.98 9.12 -61.50
N MET G 84 38.91 8.43 -61.11
CA MET G 84 38.99 6.98 -61.04
C MET G 84 39.09 6.35 -62.42
N LEU G 85 38.48 6.99 -63.43
CA LEU G 85 38.63 6.43 -64.77
C LEU G 85 40.04 6.69 -65.29
N LEU G 86 40.53 7.92 -65.11
CA LEU G 86 41.88 8.25 -65.52
C LEU G 86 42.90 7.30 -64.92
N GLU G 87 42.60 6.80 -63.71
CA GLU G 87 43.54 5.89 -63.05
C GLU G 87 43.77 4.65 -63.90
N ARG G 88 42.72 3.90 -64.18
CA ARG G 88 42.82 2.59 -64.82
C ARG G 88 42.72 2.67 -66.34
N ARG G 89 42.80 3.86 -66.92
CA ARG G 89 42.66 4.02 -68.37
C ARG G 89 43.63 5.06 -68.89
N SER G 90 44.03 4.89 -70.14
CA SER G 90 44.87 5.85 -70.85
C SER G 90 44.01 6.68 -71.78
N ILE G 91 44.30 7.98 -71.87
CA ILE G 91 43.49 8.90 -72.67
C ILE G 91 43.24 8.32 -74.05
N GLU G 92 44.32 7.92 -74.74
CA GLU G 92 44.20 7.42 -76.11
C GLU G 92 43.04 6.45 -76.27
N GLU G 93 43.07 5.35 -75.51
CA GLU G 93 41.99 4.37 -75.54
C GLU G 93 40.64 5.07 -75.48
N LEU G 94 40.40 5.82 -74.40
CA LEU G 94 39.15 6.57 -74.28
C LEU G 94 38.85 7.34 -75.55
N GLU G 95 39.80 8.16 -76.01
CA GLU G 95 39.63 8.88 -77.26
C GLU G 95 39.15 7.94 -78.36
N GLU G 96 39.92 6.88 -78.62
CA GLU G 96 39.52 5.92 -79.63
C GLU G 96 38.09 5.45 -79.39
N LEU G 97 37.77 5.07 -78.16
CA LEU G 97 36.41 4.67 -77.84
C LEU G 97 35.42 5.76 -78.22
N LEU G 98 35.69 7.00 -77.78
CA LEU G 98 34.81 8.11 -78.13
C LEU G 98 34.52 8.14 -79.62
N LYS G 99 35.52 7.80 -80.44
CA LYS G 99 35.31 7.76 -81.88
C LYS G 99 34.35 6.64 -82.26
N GLU G 100 34.67 5.41 -81.85
CA GLU G 100 33.88 4.25 -82.30
C GLU G 100 32.40 4.44 -82.00
N ARG G 101 32.05 4.56 -80.72
CA ARG G 101 30.67 4.80 -80.35
C ARG G 101 30.11 5.99 -81.11
N LEU G 102 30.90 7.05 -81.26
CA LEU G 102 30.46 8.22 -82.02
C LEU G 102 29.94 7.80 -83.39
N GLU G 103 30.74 7.03 -84.13
CA GLU G 103 30.30 6.53 -85.43
C GLU G 103 28.91 5.91 -85.33
N LEU G 104 28.70 5.06 -84.32
CA LEU G 104 27.42 4.39 -84.17
C LEU G 104 26.27 5.40 -84.14
N ILE G 105 26.46 6.51 -83.44
CA ILE G 105 25.40 7.53 -83.40
C ILE G 105 25.41 8.35 -84.68
N ARG G 106 26.58 8.60 -85.26
CA ARG G 106 26.65 9.34 -86.52
C ARG G 106 26.09 8.51 -87.67
N SER G 107 26.32 7.20 -87.65
CA SER G 107 25.79 6.30 -88.66
C SER G 107 24.44 5.71 -88.28
N ARG G 108 23.93 6.03 -87.09
CA ARG G 108 22.63 5.54 -86.65
C ARG G 108 22.60 4.02 -86.65
#